data_6ZIV
#
_entry.id   6ZIV
#
_cell.length_a   62.654
_cell.length_b   91.644
_cell.length_c   159.342
_cell.angle_alpha   91.616
_cell.angle_beta   90.422
_cell.angle_gamma   89.988
#
_symmetry.space_group_name_H-M   'P 1'
#
loop_
_entity.id
_entity.type
_entity.pdbx_description
1 polymer Beta-glucosidase
2 non-polymer 2-[3-(2-HYDROXY-1,1-DIHYDROXYMETHYL-ETHYLAMINO)-PROPYLAMINO]-2-HYDROXYMETHYL-PROPANE-1,3-DIOL
3 non-polymer 1,2-ETHANEDIOL
4 non-polymer 'SODIUM ION'
5 non-polymer 'IODIDE ION'
6 water water
#
_entity_poly.entity_id   1
_entity_poly.type   'polypeptide(L)'
_entity_poly.pdbx_seq_one_letter_code
;MDIGINSDMTGKRQFPDDFIWGAATASYQIEGAANEGGRGPSIWDTFSKTPGKVLLGHTGDVACDHFHRYESDVKLMADL
GIKSYRFSLAWPRVMPEKGRYLESGFDFYKRLIEQLHKHGITPAATIYHWDLPQWIEDEGGWSNRAVVDYYKEFAEQAFK
ALGDDVPFWITHNEPWCASLLSYGIGEHAPGLKDWRRAYRAAHHILLSHGEAVKLYRELGLKGQIGITLNLTPAYPASDS
PEDIAAQQRQDAFSNRWFLDPIFKGEYPADFMPRVERFCGDLNVIQPGDMETISVPQDFLGINFYTRSVVKDDPADDSLI
SVHGVPTDNPVTDMGWEIYPDALYDLLHRLKNEYTDLPIYITENGAANADAIVNGEVEDTPRIDYVRQHLDAAHRFIQEG
GNLKGYYLWSLMDNFEWAFGYTKRFGIIYVDYETQVRTPKASFHWYRQVIENNGLTDKLAAAENLYFQGLEHHHHHH
;
_entity_poly.pdbx_strand_id   AAA,BBB,CCC,DDD,EEE,FFF,GGG,HHH
#
# COMPACT_ATOMS: atom_id res chain seq x y z
N GLY A 11 24.21 6.42 -8.40
CA GLY A 11 23.82 5.28 -9.27
C GLY A 11 22.47 5.53 -9.95
N LYS A 12 21.64 4.48 -9.98
CA LYS A 12 20.32 4.53 -10.60
C LYS A 12 19.30 5.11 -9.62
N ARG A 13 18.45 6.01 -10.11
CA ARG A 13 17.31 6.45 -9.33
C ARG A 13 16.06 5.76 -9.88
N GLN A 14 15.67 4.66 -9.20
CA GLN A 14 14.57 3.82 -9.63
C GLN A 14 13.26 4.27 -8.98
N PHE A 15 12.23 4.42 -9.82
CA PHE A 15 10.91 4.83 -9.41
C PHE A 15 10.14 3.62 -8.92
N PRO A 16 9.00 3.80 -8.20
CA PRO A 16 8.14 2.69 -7.77
C PRO A 16 7.70 1.79 -8.92
N ASP A 17 7.46 0.52 -8.61
CA ASP A 17 7.15 -0.49 -9.61
C ASP A 17 5.93 -0.12 -10.42
N ASP A 18 5.01 0.63 -9.81
CA ASP A 18 3.72 0.85 -10.47
C ASP A 18 3.65 2.27 -11.03
N PHE A 19 4.78 2.98 -11.05
CA PHE A 19 4.80 4.41 -11.40
C PHE A 19 4.30 4.61 -12.83
N ILE A 20 3.51 5.67 -13.03
CA ILE A 20 2.85 5.89 -14.32
C ILE A 20 3.64 6.96 -15.09
N TRP A 21 4.22 6.54 -16.24
CA TRP A 21 4.99 7.44 -17.08
C TRP A 21 4.09 7.89 -18.24
N GLY A 22 4.03 9.19 -18.48
CA GLY A 22 3.11 9.69 -19.48
C GLY A 22 3.69 10.83 -20.32
N ALA A 23 2.87 11.30 -21.24
CA ALA A 23 3.11 12.50 -22.02
C ALA A 23 1.75 13.17 -22.21
N ALA A 24 1.76 14.49 -22.41
CA ALA A 24 0.52 15.24 -22.41
C ALA A 24 0.42 16.15 -23.63
N THR A 25 -0.82 16.35 -24.08
CA THR A 25 -1.19 17.36 -25.08
C THR A 25 -2.51 18.01 -24.68
N ALA A 26 -2.99 18.91 -25.54
CA ALA A 26 -4.32 19.50 -25.42
C ALA A 26 -4.93 19.71 -26.81
N SER A 27 -6.27 19.61 -26.86
CA SER A 27 -7.04 19.49 -28.09
CA SER A 27 -7.04 19.49 -28.09
C SER A 27 -6.72 20.61 -29.10
N TYR A 28 -6.89 21.87 -28.70
CA TYR A 28 -6.76 22.95 -29.66
C TYR A 28 -5.30 23.07 -30.12
N GLN A 29 -4.39 22.54 -29.31
CA GLN A 29 -2.98 22.75 -29.55
C GLN A 29 -2.44 21.80 -30.64
N ILE A 30 -3.09 20.65 -30.85
CA ILE A 30 -2.57 19.66 -31.80
C ILE A 30 -3.59 19.23 -32.86
N GLU A 31 -4.89 19.29 -32.54
CA GLU A 31 -5.87 18.53 -33.33
C GLU A 31 -5.99 19.05 -34.76
N GLY A 32 -6.08 20.37 -34.93
CA GLY A 32 -6.53 20.95 -36.18
C GLY A 32 -7.94 20.46 -36.52
N ALA A 33 -8.20 20.21 -37.82
CA ALA A 33 -9.57 19.87 -38.25
C ALA A 33 -10.60 20.76 -37.55
N ALA A 34 -10.30 22.06 -37.50
CA ALA A 34 -11.10 23.04 -36.77
C ALA A 34 -12.49 23.24 -37.40
N ASN A 35 -12.60 22.99 -38.71
CA ASN A 35 -13.86 23.30 -39.40
C ASN A 35 -14.48 22.04 -40.02
N GLU A 36 -14.20 20.89 -39.41
CA GLU A 36 -14.70 19.63 -39.94
C GLU A 36 -15.64 18.98 -38.94
N GLY A 37 -16.57 18.16 -39.45
CA GLY A 37 -17.43 17.31 -38.65
C GLY A 37 -18.41 18.10 -37.80
N GLY A 38 -18.65 19.36 -38.16
CA GLY A 38 -19.61 20.21 -37.48
C GLY A 38 -19.05 20.96 -36.26
N ARG A 39 -17.73 20.96 -36.08
CA ARG A 39 -17.12 21.64 -34.93
C ARG A 39 -17.44 23.14 -34.99
N GLY A 40 -17.91 23.70 -33.87
CA GLY A 40 -18.13 25.13 -33.79
C GLY A 40 -16.86 25.85 -33.31
N PRO A 41 -16.77 27.19 -33.46
CA PRO A 41 -15.57 27.90 -32.98
C PRO A 41 -15.49 27.92 -31.46
N SER A 42 -14.24 27.81 -30.95
CA SER A 42 -13.95 28.05 -29.55
C SER A 42 -13.47 29.49 -29.40
N ILE A 43 -13.34 29.93 -28.15
CA ILE A 43 -12.84 31.26 -27.81
C ILE A 43 -11.44 31.44 -28.41
N TRP A 44 -10.74 30.32 -28.58
CA TRP A 44 -9.37 30.35 -29.10
C TRP A 44 -9.34 30.50 -30.63
N ASP A 45 -10.35 29.98 -31.33
CA ASP A 45 -10.53 30.26 -32.76
C ASP A 45 -10.70 31.77 -32.94
N THR A 46 -11.67 32.34 -32.22
CA THR A 46 -11.96 33.76 -32.29
C THR A 46 -10.72 34.60 -31.98
N PHE A 47 -10.02 34.25 -30.89
CA PHE A 47 -8.91 35.03 -30.35
C PHE A 47 -7.73 35.00 -31.31
N SER A 48 -7.35 33.79 -31.77
CA SER A 48 -6.19 33.66 -32.64
C SER A 48 -6.45 34.35 -33.99
N LYS A 49 -7.70 34.39 -34.43
CA LYS A 49 -8.09 35.00 -35.69
C LYS A 49 -8.24 36.52 -35.58
N THR A 50 -8.08 37.06 -34.36
CA THR A 50 -8.12 38.49 -34.13
C THR A 50 -6.73 39.09 -34.31
N PRO A 51 -6.57 40.08 -35.22
CA PRO A 51 -5.28 40.73 -35.43
C PRO A 51 -4.65 41.17 -34.12
N GLY A 52 -3.46 40.66 -33.84
CA GLY A 52 -2.63 41.18 -32.75
C GLY A 52 -2.59 40.25 -31.53
N LYS A 53 -3.46 39.24 -31.49
CA LYS A 53 -3.60 38.45 -30.27
C LYS A 53 -2.56 37.32 -30.20
N VAL A 54 -2.19 36.73 -31.35
CA VAL A 54 -1.23 35.62 -31.35
C VAL A 54 -0.06 35.96 -32.30
N LEU A 55 1.18 35.68 -31.87
CA LEU A 55 2.35 35.96 -32.70
C LEU A 55 2.17 35.44 -34.12
N LEU A 56 2.54 36.27 -35.11
CA LEU A 56 2.53 35.95 -36.52
C LEU A 56 1.14 35.60 -37.02
N GLY A 57 0.10 35.87 -36.22
CA GLY A 57 -1.26 35.56 -36.63
C GLY A 57 -1.55 34.05 -36.69
N HIS A 58 -0.73 33.24 -36.00
CA HIS A 58 -0.92 31.79 -36.00
C HIS A 58 -2.26 31.41 -35.39
N THR A 59 -2.85 30.31 -35.89
CA THR A 59 -4.10 29.79 -35.34
C THR A 59 -3.99 28.26 -35.19
N GLY A 60 -4.98 27.66 -34.53
CA GLY A 60 -5.04 26.21 -34.39
C GLY A 60 -5.89 25.55 -35.45
N ASP A 61 -6.18 26.28 -36.54
CA ASP A 61 -6.74 25.69 -37.73
C ASP A 61 -5.45 24.96 -38.08
N VAL A 62 -5.55 23.72 -38.48
CA VAL A 62 -4.43 22.82 -38.80
C VAL A 62 -3.60 22.26 -37.64
N ALA A 63 -2.79 23.10 -36.96
CA ALA A 63 -1.89 22.64 -35.92
C ALA A 63 -1.10 21.42 -36.39
N CYS A 64 -1.16 20.31 -35.64
CA CYS A 64 -0.40 19.10 -35.94
C CYS A 64 -1.25 18.10 -36.73
N ASP A 65 -2.46 18.53 -37.12
CA ASP A 65 -3.37 17.73 -37.93
C ASP A 65 -3.60 16.38 -37.27
N HIS A 66 -3.56 16.36 -35.93
CA HIS A 66 -3.59 15.12 -35.15
C HIS A 66 -4.96 14.45 -35.27
N PHE A 67 -6.00 15.24 -35.50
CA PHE A 67 -7.35 14.69 -35.66
C PHE A 67 -7.32 13.61 -36.75
N HIS A 68 -6.47 13.82 -37.76
CA HIS A 68 -6.38 12.92 -38.90
C HIS A 68 -5.24 11.90 -38.73
N ARG A 69 -4.16 12.30 -38.02
CA ARG A 69 -2.93 11.54 -38.00
C ARG A 69 -2.75 10.76 -36.71
N TYR A 70 -3.85 10.55 -35.95
CA TYR A 70 -3.77 9.99 -34.60
C TYR A 70 -3.18 8.59 -34.60
N GLU A 71 -3.50 7.79 -35.63
CA GLU A 71 -3.02 6.42 -35.71
C GLU A 71 -1.49 6.38 -35.64
N SER A 72 -0.85 7.14 -36.52
CA SER A 72 0.61 7.23 -36.58
C SER A 72 1.18 7.81 -35.28
N ASP A 73 0.49 8.80 -34.70
CA ASP A 73 0.93 9.43 -33.46
C ASP A 73 0.95 8.40 -32.33
N VAL A 74 -0.11 7.57 -32.25
CA VAL A 74 -0.19 6.57 -31.19
C VAL A 74 0.92 5.53 -31.35
N LYS A 75 1.28 5.21 -32.58
CA LYS A 75 2.39 4.29 -32.85
C LYS A 75 3.68 4.85 -32.27
N LEU A 76 3.88 6.16 -32.39
CA LEU A 76 5.04 6.81 -31.78
C LEU A 76 4.97 6.71 -30.25
N MET A 77 3.74 6.75 -29.71
CA MET A 77 3.55 6.63 -28.26
C MET A 77 3.94 5.22 -27.79
N ALA A 78 3.58 4.21 -28.60
CA ALA A 78 3.89 2.82 -28.32
C ALA A 78 5.39 2.61 -28.36
N ASP A 79 6.06 3.22 -29.33
CA ASP A 79 7.51 3.17 -29.43
C ASP A 79 8.13 3.80 -28.19
N LEU A 80 7.57 4.93 -27.74
CA LEU A 80 8.07 5.65 -26.56
C LEU A 80 7.91 4.77 -25.31
N GLY A 81 6.79 4.06 -25.21
CA GLY A 81 6.52 3.18 -24.09
C GLY A 81 5.75 3.85 -22.95
N ILE A 82 5.10 5.01 -23.20
CA ILE A 82 4.29 5.62 -22.16
C ILE A 82 3.15 4.68 -21.78
N LYS A 83 2.83 4.64 -20.48
CA LYS A 83 1.74 3.80 -19.98
C LYS A 83 0.42 4.59 -20.02
N SER A 84 0.51 5.92 -20.10
CA SER A 84 -0.65 6.80 -20.11
C SER A 84 -0.45 7.97 -21.06
N TYR A 85 -1.49 8.31 -21.82
CA TYR A 85 -1.46 9.49 -22.67
C TYR A 85 -2.55 10.46 -22.21
N ARG A 86 -2.10 11.66 -21.81
CA ARG A 86 -3.06 12.67 -21.40
C ARG A 86 -3.34 13.61 -22.57
N PHE A 87 -4.64 13.75 -22.86
CA PHE A 87 -5.14 14.60 -23.93
C PHE A 87 -6.41 15.29 -23.41
N SER A 88 -6.93 16.27 -24.17
CA SER A 88 -8.14 16.98 -23.76
C SER A 88 -9.28 16.76 -24.75
N LEU A 89 -10.52 16.99 -24.28
CA LEU A 89 -11.70 16.80 -25.11
C LEU A 89 -12.17 18.15 -25.65
N ALA A 90 -12.45 18.20 -26.96
CA ALA A 90 -12.89 19.43 -27.61
C ALA A 90 -14.39 19.59 -27.45
N TRP A 91 -14.78 20.33 -26.39
CA TRP A 91 -16.13 20.82 -26.16
C TRP A 91 -16.79 21.33 -27.45
N PRO A 92 -16.13 22.17 -28.28
CA PRO A 92 -16.76 22.68 -29.50
C PRO A 92 -17.11 21.67 -30.59
N ARG A 93 -16.56 20.44 -30.50
CA ARG A 93 -16.95 19.38 -31.43
C ARG A 93 -18.28 18.76 -31.01
N VAL A 94 -18.65 18.96 -29.73
CA VAL A 94 -19.81 18.30 -29.14
C VAL A 94 -20.97 19.29 -28.92
N MET A 95 -20.66 20.52 -28.49
CA MET A 95 -21.67 21.54 -28.33
C MET A 95 -21.29 22.74 -29.20
N PRO A 96 -21.41 22.63 -30.55
CA PRO A 96 -20.88 23.64 -31.46
C PRO A 96 -21.62 24.98 -31.48
N GLU A 97 -22.93 24.92 -31.21
CA GLU A 97 -23.77 26.10 -31.12
C GLU A 97 -24.75 25.92 -29.97
N LYS A 98 -25.29 27.05 -29.48
CA LYS A 98 -26.30 27.03 -28.45
C LYS A 98 -27.41 26.07 -28.84
N GLY A 99 -27.74 25.15 -27.91
CA GLY A 99 -28.87 24.25 -28.08
C GLY A 99 -28.60 23.08 -29.03
N ARG A 100 -27.35 22.95 -29.50
CA ARG A 100 -27.00 21.87 -30.39
C ARG A 100 -26.02 20.90 -29.76
N TYR A 101 -26.37 19.62 -29.77
CA TYR A 101 -25.51 18.53 -29.31
C TYR A 101 -25.22 17.57 -30.46
N LEU A 102 -23.92 17.30 -30.69
CA LEU A 102 -23.48 16.32 -31.68
C LEU A 102 -22.89 15.12 -30.93
N GLU A 103 -23.63 14.02 -30.90
CA GLU A 103 -23.11 12.77 -30.33
C GLU A 103 -21.85 12.35 -31.10
N SER A 104 -21.85 12.59 -32.42
CA SER A 104 -20.73 12.26 -33.29
C SER A 104 -19.45 13.01 -32.89
N GLY A 105 -19.56 14.06 -32.04
CA GLY A 105 -18.41 14.88 -31.70
C GLY A 105 -17.37 14.12 -30.87
N PHE A 106 -17.79 12.99 -30.26
CA PHE A 106 -16.92 12.15 -29.47
C PHE A 106 -16.32 11.01 -30.33
N ASP A 107 -16.64 10.96 -31.62
CA ASP A 107 -16.18 9.89 -32.51
C ASP A 107 -14.66 9.81 -32.56
N PHE A 108 -14.01 10.95 -32.76
CA PHE A 108 -12.55 10.99 -32.78
C PHE A 108 -11.95 10.35 -31.52
N TYR A 109 -12.49 10.72 -30.34
CA TYR A 109 -11.96 10.25 -29.07
C TYR A 109 -12.12 8.74 -28.95
N LYS A 110 -13.23 8.22 -29.50
CA LYS A 110 -13.47 6.79 -29.51
C LYS A 110 -12.40 6.09 -30.36
N ARG A 111 -12.08 6.67 -31.53
CA ARG A 111 -11.07 6.11 -32.42
C ARG A 111 -9.70 6.18 -31.75
N LEU A 112 -9.39 7.32 -31.13
CA LEU A 112 -8.11 7.55 -30.47
C LEU A 112 -7.94 6.51 -29.36
N ILE A 113 -8.99 6.34 -28.56
CA ILE A 113 -8.96 5.46 -27.40
C ILE A 113 -8.81 3.99 -27.83
N GLU A 114 -9.41 3.64 -28.98
CA GLU A 114 -9.25 2.28 -29.49
C GLU A 114 -7.78 2.02 -29.81
N GLN A 115 -7.12 2.99 -30.46
CA GLN A 115 -5.70 2.90 -30.75
C GLN A 115 -4.88 2.78 -29.48
N LEU A 116 -5.23 3.56 -28.46
CA LEU A 116 -4.51 3.54 -27.19
C LEU A 116 -4.60 2.15 -26.57
N HIS A 117 -5.82 1.61 -26.50
CA HIS A 117 -6.03 0.31 -25.84
C HIS A 117 -5.33 -0.78 -26.64
N LYS A 118 -5.31 -0.65 -27.96
CA LYS A 118 -4.64 -1.61 -28.84
C LYS A 118 -3.16 -1.70 -28.49
N HIS A 119 -2.57 -0.59 -28.02
CA HIS A 119 -1.14 -0.54 -27.75
C HIS A 119 -0.84 -0.58 -26.25
N GLY A 120 -1.87 -0.89 -25.45
CA GLY A 120 -1.74 -1.03 -24.01
C GLY A 120 -1.46 0.29 -23.29
N ILE A 121 -1.91 1.41 -23.87
CA ILE A 121 -1.78 2.73 -23.27
C ILE A 121 -3.12 3.12 -22.63
N THR A 122 -3.08 3.59 -21.38
CA THR A 122 -4.27 4.08 -20.68
C THR A 122 -4.57 5.52 -21.09
N PRO A 123 -5.84 5.85 -21.41
CA PRO A 123 -6.22 7.25 -21.64
C PRO A 123 -6.32 8.01 -20.33
N ALA A 124 -5.82 9.25 -20.36
CA ALA A 124 -6.12 10.21 -19.31
C ALA A 124 -6.74 11.44 -19.97
N ALA A 125 -8.04 11.65 -19.74
CA ALA A 125 -8.79 12.66 -20.48
C ALA A 125 -9.04 13.89 -19.61
N THR A 126 -8.58 15.06 -20.11
CA THR A 126 -8.87 16.35 -19.52
C THR A 126 -10.14 16.87 -20.16
N ILE A 127 -11.14 17.21 -19.32
CA ILE A 127 -12.45 17.60 -19.81
C ILE A 127 -12.36 18.99 -20.44
N TYR A 128 -11.74 19.95 -19.73
CA TYR A 128 -11.65 21.33 -20.18
C TYR A 128 -10.20 21.77 -20.17
N HIS A 129 -9.63 22.01 -21.36
CA HIS A 129 -8.30 22.58 -21.51
C HIS A 129 -8.43 23.79 -22.46
N TRP A 130 -9.44 24.64 -22.15
CA TRP A 130 -9.47 26.05 -22.50
C TRP A 130 -10.32 26.33 -23.75
N ASP A 131 -10.74 25.30 -24.48
CA ASP A 131 -11.44 25.56 -25.74
C ASP A 131 -12.93 25.72 -25.48
N LEU A 132 -13.30 26.77 -24.72
CA LEU A 132 -14.70 27.06 -24.47
C LEU A 132 -15.39 27.42 -25.79
N PRO A 133 -16.55 26.82 -26.11
CA PRO A 133 -17.33 27.22 -27.30
C PRO A 133 -17.63 28.72 -27.25
N GLN A 134 -17.46 29.39 -28.39
CA GLN A 134 -17.57 30.83 -28.47
C GLN A 134 -18.97 31.28 -28.06
N TRP A 135 -20.00 30.47 -28.37
CA TRP A 135 -21.36 30.88 -28.06
C TRP A 135 -21.57 31.03 -26.55
N ILE A 136 -20.81 30.28 -25.73
CA ILE A 136 -20.94 30.44 -24.29
C ILE A 136 -20.26 31.73 -23.83
N GLU A 137 -19.11 32.07 -24.44
CA GLU A 137 -18.46 33.33 -24.12
C GLU A 137 -19.37 34.50 -24.49
N ASP A 138 -20.15 34.33 -25.57
CA ASP A 138 -21.06 35.41 -25.96
C ASP A 138 -22.09 35.67 -24.85
N GLU A 139 -22.29 34.68 -23.97
CA GLU A 139 -23.19 34.81 -22.84
C GLU A 139 -22.40 35.03 -21.56
N GLY A 140 -21.20 35.62 -21.66
CA GLY A 140 -20.44 35.96 -20.47
C GLY A 140 -19.41 34.90 -20.09
N GLY A 141 -19.43 33.73 -20.75
CA GLY A 141 -18.38 32.75 -20.54
C GLY A 141 -18.33 32.31 -19.08
N TRP A 142 -17.11 32.26 -18.51
CA TRP A 142 -16.91 31.72 -17.18
C TRP A 142 -17.40 32.68 -16.09
N SER A 143 -17.73 33.93 -16.44
CA SER A 143 -18.26 34.89 -15.47
C SER A 143 -19.73 34.63 -15.21
N ASN A 144 -20.38 33.91 -16.12
CA ASN A 144 -21.81 33.63 -16.01
C ASN A 144 -21.99 32.30 -15.26
N ARG A 145 -22.83 32.30 -14.21
CA ARG A 145 -23.06 31.10 -13.41
C ARG A 145 -23.60 29.96 -14.28
N ALA A 146 -24.30 30.32 -15.35
CA ALA A 146 -24.95 29.35 -16.22
C ALA A 146 -23.88 28.46 -16.89
N VAL A 147 -22.62 28.91 -16.87
CA VAL A 147 -21.51 28.14 -17.45
C VAL A 147 -21.39 26.80 -16.71
N VAL A 148 -21.76 26.77 -15.44
CA VAL A 148 -21.60 25.57 -14.61
C VAL A 148 -22.49 24.46 -15.18
N ASP A 149 -23.72 24.80 -15.55
CA ASP A 149 -24.66 23.85 -16.12
C ASP A 149 -24.23 23.43 -17.53
N TYR A 150 -23.61 24.36 -18.28
CA TYR A 150 -23.17 24.02 -19.62
C TYR A 150 -22.04 22.99 -19.52
N TYR A 151 -21.11 23.22 -18.60
CA TYR A 151 -19.98 22.34 -18.39
C TYR A 151 -20.49 20.98 -17.92
N LYS A 152 -21.39 21.00 -16.94
CA LYS A 152 -22.00 19.78 -16.43
C LYS A 152 -22.61 18.95 -17.57
N GLU A 153 -23.29 19.62 -18.50
CA GLU A 153 -23.92 18.95 -19.64
C GLU A 153 -22.85 18.26 -20.49
N PHE A 154 -21.73 18.96 -20.74
CA PHE A 154 -20.66 18.41 -21.54
C PHE A 154 -20.00 17.23 -20.79
N ALA A 155 -19.72 17.42 -19.50
CA ALA A 155 -19.07 16.40 -18.69
C ALA A 155 -19.94 15.14 -18.65
N GLU A 156 -21.26 15.35 -18.56
CA GLU A 156 -22.21 14.25 -18.50
C GLU A 156 -22.12 13.40 -19.76
N GLN A 157 -22.07 14.06 -20.92
CA GLN A 157 -22.02 13.37 -22.20
C GLN A 157 -20.66 12.71 -22.40
N ALA A 158 -19.60 13.31 -21.85
CA ALA A 158 -18.26 12.73 -21.96
C ALA A 158 -18.20 11.45 -21.15
N PHE A 159 -18.73 11.51 -19.91
CA PHE A 159 -18.74 10.35 -19.02
C PHE A 159 -19.57 9.23 -19.62
N LYS A 160 -20.67 9.58 -20.31
CA LYS A 160 -21.56 8.58 -20.90
C LYS A 160 -20.92 7.98 -22.15
N ALA A 161 -20.23 8.81 -22.95
CA ALA A 161 -19.68 8.35 -24.21
C ALA A 161 -18.41 7.53 -24.00
N LEU A 162 -17.58 7.92 -23.02
CA LEU A 162 -16.24 7.37 -22.89
C LEU A 162 -16.08 6.61 -21.58
N GLY A 163 -16.92 6.90 -20.58
CA GLY A 163 -16.81 6.39 -19.23
C GLY A 163 -15.85 5.22 -19.04
N ASP A 164 -16.33 4.06 -19.48
CA ASP A 164 -15.75 2.74 -19.24
C ASP A 164 -14.30 2.67 -19.72
N ASP A 165 -13.96 3.48 -20.72
CA ASP A 165 -12.71 3.31 -21.45
C ASP A 165 -11.66 4.28 -20.94
N VAL A 166 -12.10 5.25 -20.13
CA VAL A 166 -11.19 6.24 -19.56
C VAL A 166 -11.14 6.04 -18.05
N PRO A 167 -10.05 5.46 -17.49
CA PRO A 167 -9.95 5.26 -16.04
C PRO A 167 -9.48 6.47 -15.23
N PHE A 168 -9.11 7.56 -15.92
CA PHE A 168 -8.45 8.67 -15.27
C PHE A 168 -8.94 9.97 -15.91
N TRP A 169 -9.70 10.75 -15.14
CA TRP A 169 -10.36 11.96 -15.61
C TRP A 169 -9.79 13.19 -14.90
N ILE A 170 -9.50 14.23 -15.69
CA ILE A 170 -9.12 15.51 -15.13
C ILE A 170 -10.18 16.54 -15.49
N THR A 171 -10.80 17.13 -14.45
CA THR A 171 -11.97 17.98 -14.66
C THR A 171 -11.55 19.24 -15.40
N HIS A 172 -10.49 19.90 -14.91
CA HIS A 172 -10.09 21.20 -15.39
C HIS A 172 -8.58 21.27 -15.43
N ASN A 173 -8.07 21.94 -16.49
CA ASN A 173 -6.66 22.20 -16.60
C ASN A 173 -6.40 23.66 -16.28
N GLU A 174 -5.64 23.89 -15.20
CA GLU A 174 -5.08 25.20 -14.87
C GLU A 174 -6.16 26.27 -14.77
N PRO A 175 -7.03 26.23 -13.74
CA PRO A 175 -8.00 27.30 -13.50
C PRO A 175 -7.36 28.69 -13.50
N TRP A 176 -6.16 28.83 -12.91
CA TRP A 176 -5.52 30.14 -12.87
C TRP A 176 -5.42 30.76 -14.27
N CYS A 177 -5.03 29.95 -15.27
CA CYS A 177 -4.87 30.45 -16.63
C CYS A 177 -6.21 30.76 -17.27
N ALA A 178 -7.18 29.87 -17.08
CA ALA A 178 -8.48 30.01 -17.73
C ALA A 178 -9.24 31.21 -17.14
N SER A 179 -8.91 31.57 -15.89
CA SER A 179 -9.59 32.70 -15.27
C SER A 179 -8.72 33.96 -15.30
N LEU A 180 -7.72 34.01 -14.43
CA LEU A 180 -6.92 35.20 -14.20
C LEU A 180 -6.16 35.63 -15.44
N LEU A 181 -5.53 34.68 -16.15
CA LEU A 181 -4.71 35.08 -17.28
C LEU A 181 -5.59 35.47 -18.48
N SER A 182 -6.80 34.88 -18.55
CA SER A 182 -7.69 34.98 -19.70
C SER A 182 -8.62 36.21 -19.59
N TYR A 183 -9.10 36.50 -18.37
CA TYR A 183 -10.10 37.53 -18.19
C TYR A 183 -9.54 38.73 -17.45
N GLY A 184 -8.41 38.55 -16.77
CA GLY A 184 -7.84 39.58 -15.93
C GLY A 184 -6.61 40.23 -16.54
N ILE A 185 -5.65 39.40 -16.95
CA ILE A 185 -4.41 39.86 -17.57
C ILE A 185 -4.64 40.07 -19.08
N GLY A 186 -5.43 39.17 -19.69
CA GLY A 186 -5.86 39.28 -21.07
C GLY A 186 -4.89 38.69 -22.10
N GLU A 187 -3.92 37.86 -21.66
CA GLU A 187 -2.97 37.25 -22.58
C GLU A 187 -3.60 36.10 -23.37
N HIS A 188 -4.59 35.43 -22.75
CA HIS A 188 -5.25 34.25 -23.31
C HIS A 188 -6.73 34.51 -23.55
N ALA A 189 -7.33 33.73 -24.45
CA ALA A 189 -8.72 33.83 -24.80
C ALA A 189 -9.59 33.75 -23.54
N PRO A 190 -10.61 34.62 -23.38
CA PRO A 190 -11.04 35.56 -24.42
C PRO A 190 -10.35 36.92 -24.43
N GLY A 191 -9.31 37.07 -23.61
CA GLY A 191 -8.39 38.20 -23.72
C GLY A 191 -8.96 39.49 -23.13
N LEU A 192 -9.74 39.38 -22.06
CA LEU A 192 -10.31 40.54 -21.41
C LEU A 192 -9.42 41.02 -20.27
N LYS A 193 -9.65 42.26 -19.82
CA LYS A 193 -8.88 42.83 -18.72
C LYS A 193 -9.83 43.41 -17.66
N ASP A 194 -10.26 42.55 -16.74
CA ASP A 194 -11.32 42.85 -15.80
C ASP A 194 -11.20 41.87 -14.64
N TRP A 195 -10.64 42.33 -13.52
CA TRP A 195 -10.33 41.44 -12.42
C TRP A 195 -11.58 40.84 -11.81
N ARG A 196 -12.66 41.63 -11.73
CA ARG A 196 -13.90 41.13 -11.13
C ARG A 196 -14.39 39.95 -11.95
N ARG A 197 -14.37 40.12 -13.28
CA ARG A 197 -14.79 39.12 -14.24
C ARG A 197 -13.92 37.86 -14.09
N ALA A 198 -12.61 38.07 -13.90
CA ALA A 198 -11.65 36.98 -13.78
C ALA A 198 -11.88 36.19 -12.48
N TYR A 199 -12.18 36.89 -11.38
CA TYR A 199 -12.41 36.21 -10.10
C TYR A 199 -13.75 35.49 -10.12
N ARG A 200 -14.71 36.00 -10.89
CA ARG A 200 -15.99 35.31 -11.06
C ARG A 200 -15.75 34.02 -11.84
N ALA A 201 -14.92 34.13 -12.87
CA ALA A 201 -14.50 32.99 -13.68
C ALA A 201 -13.81 31.92 -12.80
N ALA A 202 -12.87 32.32 -11.95
CA ALA A 202 -12.20 31.38 -11.07
C ALA A 202 -13.19 30.57 -10.24
N HIS A 203 -14.17 31.25 -9.65
CA HIS A 203 -15.18 30.65 -8.80
C HIS A 203 -16.01 29.61 -9.57
N HIS A 204 -16.44 29.99 -10.79
CA HIS A 204 -17.29 29.10 -11.58
C HIS A 204 -16.50 27.90 -12.11
N ILE A 205 -15.21 28.09 -12.42
CA ILE A 205 -14.37 26.97 -12.83
C ILE A 205 -14.27 25.97 -11.67
N LEU A 206 -13.99 26.48 -10.47
CA LEU A 206 -13.86 25.63 -9.29
C LEU A 206 -15.18 24.91 -8.98
N LEU A 207 -16.31 25.63 -9.09
CA LEU A 207 -17.64 25.07 -8.83
C LEU A 207 -17.96 23.97 -9.83
N SER A 208 -17.61 24.21 -11.10
CA SER A 208 -17.91 23.23 -12.16
C SER A 208 -17.09 21.95 -11.96
N HIS A 209 -15.82 22.09 -11.55
CA HIS A 209 -15.02 20.95 -11.11
C HIS A 209 -15.79 20.09 -10.11
N GLY A 210 -16.31 20.72 -9.06
CA GLY A 210 -16.99 19.99 -8.01
C GLY A 210 -18.26 19.29 -8.50
N GLU A 211 -18.98 19.93 -9.42
CA GLU A 211 -20.19 19.36 -9.97
C GLU A 211 -19.85 18.11 -10.79
N ALA A 212 -18.72 18.17 -11.53
CA ALA A 212 -18.28 17.05 -12.36
C ALA A 212 -17.88 15.86 -11.48
N VAL A 213 -17.20 16.12 -10.37
CA VAL A 213 -16.82 15.04 -9.46
C VAL A 213 -18.08 14.39 -8.90
N LYS A 214 -19.06 15.21 -8.49
CA LYS A 214 -20.30 14.68 -7.91
C LYS A 214 -21.00 13.81 -8.94
N LEU A 215 -21.05 14.28 -10.19
CA LEU A 215 -21.71 13.55 -11.27
C LEU A 215 -21.00 12.21 -11.50
N TYR A 216 -19.66 12.22 -11.37
CA TYR A 216 -18.88 11.03 -11.62
C TYR A 216 -19.24 9.94 -10.62
N ARG A 217 -19.40 10.32 -9.34
CA ARG A 217 -19.76 9.39 -8.27
C ARG A 217 -21.15 8.83 -8.53
N GLU A 218 -22.07 9.71 -8.96
CA GLU A 218 -23.47 9.35 -9.10
C GLU A 218 -23.66 8.39 -10.26
N LEU A 219 -22.78 8.45 -11.26
CA LEU A 219 -22.87 7.55 -12.40
C LEU A 219 -22.21 6.21 -12.09
N GLY A 220 -21.52 6.12 -10.94
CA GLY A 220 -20.98 4.86 -10.45
C GLY A 220 -19.83 4.34 -11.31
N LEU A 221 -19.05 5.26 -11.88
CA LEU A 221 -17.88 4.89 -12.66
C LEU A 221 -16.73 4.52 -11.71
N LYS A 222 -15.86 3.65 -12.19
CA LYS A 222 -14.95 2.88 -11.34
C LYS A 222 -13.53 3.48 -11.32
N GLY A 223 -13.29 4.53 -12.12
CA GLY A 223 -11.95 5.12 -12.26
C GLY A 223 -11.68 6.25 -11.26
N GLN A 224 -10.77 7.17 -11.62
CA GLN A 224 -10.31 8.25 -10.74
C GLN A 224 -10.57 9.61 -11.40
N ILE A 225 -10.89 10.62 -10.58
CA ILE A 225 -11.15 11.97 -11.03
C ILE A 225 -10.48 12.98 -10.08
N GLY A 226 -9.96 14.06 -10.67
CA GLY A 226 -9.26 15.09 -9.94
C GLY A 226 -9.09 16.32 -10.82
N ILE A 227 -8.59 17.41 -10.21
CA ILE A 227 -8.31 18.65 -10.94
CA ILE A 227 -8.31 18.65 -10.94
C ILE A 227 -6.82 18.73 -11.21
N THR A 228 -6.43 19.53 -12.21
CA THR A 228 -5.03 19.88 -12.43
C THR A 228 -4.83 21.37 -12.20
N LEU A 229 -3.87 21.71 -11.32
CA LEU A 229 -3.53 23.10 -11.02
C LEU A 229 -2.10 23.38 -11.47
N ASN A 230 -1.89 24.49 -12.18
CA ASN A 230 -0.54 25.00 -12.34
C ASN A 230 -0.15 25.71 -11.04
N LEU A 231 1.01 25.36 -10.49
CA LEU A 231 1.47 25.96 -9.27
C LEU A 231 2.86 26.53 -9.51
N THR A 232 3.04 27.80 -9.12
CA THR A 232 4.28 28.52 -9.30
C THR A 232 4.73 28.97 -7.91
N PRO A 233 5.56 28.18 -7.20
CA PRO A 233 6.00 28.54 -5.86
C PRO A 233 6.62 29.93 -5.87
N ALA A 234 6.27 30.77 -4.89
CA ALA A 234 6.87 32.09 -4.74
C ALA A 234 7.90 32.09 -3.61
N TYR A 235 8.96 32.90 -3.75
CA TYR A 235 10.03 32.95 -2.76
C TYR A 235 10.35 34.39 -2.40
N PRO A 236 10.62 34.70 -1.11
CA PRO A 236 10.92 36.09 -0.71
C PRO A 236 12.36 36.45 -1.10
N ALA A 237 12.57 37.70 -1.53
CA ALA A 237 13.92 38.24 -1.73
C ALA A 237 14.72 38.32 -0.43
N SER A 238 14.06 38.39 0.73
CA SER A 238 14.74 38.70 2.00
C SER A 238 14.13 37.93 3.17
N SER A 240 13.14 40.75 4.52
CA SER A 240 12.70 41.77 5.51
C SER A 240 11.19 41.92 5.47
N PRO A 241 10.45 41.76 6.62
CA PRO A 241 9.02 41.50 6.74
C PRO A 241 8.15 41.82 5.55
N GLU A 242 8.50 42.89 4.84
CA GLU A 242 7.80 43.29 3.63
C GLU A 242 8.03 42.29 2.51
N ASP A 243 9.21 41.70 2.42
CA ASP A 243 9.50 40.73 1.37
C ASP A 243 8.75 39.41 1.62
N ILE A 244 8.66 39.01 2.89
CA ILE A 244 7.93 37.81 3.29
C ILE A 244 6.44 38.02 2.97
N ALA A 245 5.96 39.25 3.22
CA ALA A 245 4.57 39.61 2.94
C ALA A 245 4.29 39.58 1.44
N ALA A 246 5.26 40.04 0.63
CA ALA A 246 5.17 40.04 -0.83
C ALA A 246 5.06 38.61 -1.34
N GLN A 247 5.84 37.72 -0.74
CA GLN A 247 5.83 36.30 -1.09
C GLN A 247 4.42 35.77 -0.84
N GLN A 248 3.82 36.17 0.29
CA GLN A 248 2.51 35.66 0.70
C GLN A 248 1.44 36.12 -0.29
N ARG A 249 1.54 37.36 -0.75
CA ARG A 249 0.60 37.94 -1.72
C ARG A 249 0.69 37.15 -3.02
N GLN A 250 1.92 36.98 -3.54
CA GLN A 250 2.15 36.25 -4.78
C GLN A 250 1.62 34.83 -4.65
N ASP A 251 1.92 34.18 -3.52
CA ASP A 251 1.55 32.79 -3.29
C ASP A 251 0.02 32.66 -3.25
N ALA A 252 -0.66 33.65 -2.65
CA ALA A 252 -2.11 33.64 -2.60
C ALA A 252 -2.67 33.76 -4.01
N PHE A 253 -2.08 34.68 -4.79
CA PHE A 253 -2.59 35.01 -6.12
C PHE A 253 -2.45 33.82 -7.06
N SER A 254 -1.30 33.13 -7.00
CA SER A 254 -1.00 32.10 -7.98
CA SER A 254 -1.00 32.10 -7.98
C SER A 254 -1.55 30.75 -7.52
N ASN A 255 -1.44 30.46 -6.21
CA ASN A 255 -1.47 29.08 -5.72
C ASN A 255 -2.61 28.86 -4.73
N ARG A 256 -2.66 29.66 -3.65
CA ARG A 256 -3.60 29.43 -2.57
C ARG A 256 -5.03 29.74 -3.00
N TRP A 257 -5.19 30.64 -3.99
CA TRP A 257 -6.52 31.01 -4.44
C TRP A 257 -7.29 29.77 -4.92
N PHE A 258 -6.55 28.76 -5.37
CA PHE A 258 -7.14 27.55 -5.93
C PHE A 258 -6.98 26.37 -4.95
N LEU A 259 -5.83 26.28 -4.30
CA LEU A 259 -5.59 25.17 -3.37
C LEU A 259 -6.54 25.24 -2.17
N ASP A 260 -6.70 26.44 -1.58
CA ASP A 260 -7.48 26.60 -0.36
C ASP A 260 -8.93 26.16 -0.59
N PRO A 261 -9.64 26.65 -1.63
CA PRO A 261 -11.01 26.21 -1.88
C PRO A 261 -11.15 24.71 -2.11
N ILE A 262 -10.22 24.14 -2.90
CA ILE A 262 -10.26 22.72 -3.23
C ILE A 262 -10.11 21.88 -1.93
N PHE A 263 -9.16 22.27 -1.07
CA PHE A 263 -8.79 21.41 0.04
C PHE A 263 -9.38 21.87 1.37
N LYS A 264 -9.60 23.18 1.53
CA LYS A 264 -9.99 23.72 2.84
C LYS A 264 -11.40 24.30 2.78
N GLY A 265 -11.98 24.38 1.57
CA GLY A 265 -13.32 24.88 1.35
C GLY A 265 -13.47 26.36 1.71
N GLU A 266 -12.39 27.14 1.56
CA GLU A 266 -12.46 28.59 1.69
C GLU A 266 -11.39 29.26 0.84
N TYR A 267 -11.66 30.50 0.40
CA TYR A 267 -10.64 31.31 -0.25
C TYR A 267 -9.68 31.84 0.81
N PRO A 268 -8.41 32.15 0.46
CA PRO A 268 -7.47 32.68 1.43
C PRO A 268 -7.92 34.04 1.98
N ALA A 269 -8.19 34.07 3.29
CA ALA A 269 -8.76 35.24 3.96
C ALA A 269 -7.78 36.40 3.95
N ASP A 270 -6.48 36.11 3.83
CA ASP A 270 -5.51 37.20 3.79
C ASP A 270 -5.58 37.96 2.47
N PHE A 271 -6.04 37.30 1.40
CA PHE A 271 -5.95 37.90 0.08
C PHE A 271 -7.30 38.41 -0.42
N MET A 272 -8.39 37.82 0.09
CA MET A 272 -9.73 38.19 -0.38
C MET A 272 -9.97 39.70 -0.21
N PRO A 273 -9.49 40.37 0.87
CA PRO A 273 -9.64 41.82 0.97
C PRO A 273 -8.99 42.57 -0.19
N ARG A 274 -7.84 42.09 -0.68
CA ARG A 274 -7.18 42.71 -1.82
C ARG A 274 -8.05 42.52 -3.06
N VAL A 275 -8.63 41.33 -3.19
CA VAL A 275 -9.48 41.05 -4.33
C VAL A 275 -10.66 42.03 -4.31
N GLU A 276 -11.31 42.18 -3.15
CA GLU A 276 -12.47 43.04 -3.06
C GLU A 276 -12.08 44.50 -3.25
N ARG A 277 -10.85 44.85 -2.88
CA ARG A 277 -10.37 46.21 -3.10
C ARG A 277 -10.32 46.53 -4.59
N PHE A 278 -9.82 45.62 -5.42
CA PHE A 278 -9.61 45.92 -6.83
C PHE A 278 -10.79 45.52 -7.70
N CYS A 279 -11.71 44.70 -7.19
CA CYS A 279 -12.82 44.22 -8.01
C CYS A 279 -14.16 44.79 -7.56
N GLY A 280 -14.22 45.22 -6.30
CA GLY A 280 -15.49 45.40 -5.61
C GLY A 280 -16.10 44.04 -5.30
N ASP A 281 -17.38 44.02 -4.95
CA ASP A 281 -18.04 42.78 -4.57
C ASP A 281 -18.15 41.84 -5.79
N LEU A 282 -17.71 40.59 -5.62
CA LEU A 282 -17.76 39.59 -6.69
C LEU A 282 -19.20 39.14 -6.93
N ASN A 283 -20.03 39.16 -5.87
CA ASN A 283 -21.40 38.74 -5.96
C ASN A 283 -21.47 37.39 -6.67
N VAL A 284 -20.63 36.43 -6.25
CA VAL A 284 -20.50 35.19 -7.02
C VAL A 284 -20.67 33.95 -6.13
N ILE A 285 -20.33 34.08 -4.84
CA ILE A 285 -20.34 32.93 -3.95
C ILE A 285 -21.76 32.71 -3.43
N GLN A 286 -22.34 31.56 -3.74
CA GLN A 286 -23.69 31.26 -3.28
C GLN A 286 -23.63 30.15 -2.23
N PRO A 287 -24.60 30.04 -1.29
CA PRO A 287 -24.53 29.02 -0.25
C PRO A 287 -24.46 27.62 -0.87
N GLY A 288 -23.55 26.79 -0.35
CA GLY A 288 -23.37 25.45 -0.89
C GLY A 288 -22.17 25.34 -1.82
N ASP A 289 -21.80 26.46 -2.45
CA ASP A 289 -20.73 26.49 -3.43
C ASP A 289 -19.41 25.96 -2.88
N MET A 290 -18.98 26.46 -1.71
CA MET A 290 -17.65 26.13 -1.22
C MET A 290 -17.58 24.65 -0.86
N GLU A 291 -18.71 24.10 -0.40
CA GLU A 291 -18.83 22.68 -0.11
C GLU A 291 -18.68 21.86 -1.39
N THR A 292 -19.32 22.30 -2.47
CA THR A 292 -19.26 21.59 -3.75
C THR A 292 -17.84 21.63 -4.32
N ILE A 293 -17.15 22.77 -4.15
CA ILE A 293 -15.79 22.92 -4.66
C ILE A 293 -14.84 21.95 -3.94
N SER A 294 -15.11 21.68 -2.66
CA SER A 294 -14.22 20.89 -1.81
C SER A 294 -14.64 19.41 -1.72
N VAL A 295 -15.47 18.93 -2.64
CA VAL A 295 -15.82 17.51 -2.69
C VAL A 295 -14.56 16.68 -2.83
N PRO A 296 -14.43 15.52 -2.12
CA PRO A 296 -13.21 14.72 -2.18
C PRO A 296 -12.89 14.19 -3.59
N GLN A 297 -11.64 14.41 -4.01
CA GLN A 297 -11.11 13.92 -5.26
C GLN A 297 -10.38 12.60 -5.03
N ASP A 298 -9.99 11.97 -6.14
CA ASP A 298 -9.19 10.76 -6.10
C ASP A 298 -7.70 11.09 -6.11
N PHE A 299 -7.33 12.21 -6.71
CA PHE A 299 -5.92 12.59 -6.82
C PHE A 299 -5.84 14.11 -7.03
N LEU A 300 -4.64 14.69 -6.88
CA LEU A 300 -4.36 16.04 -7.32
C LEU A 300 -3.39 16.01 -8.50
N GLY A 301 -3.72 16.71 -9.59
CA GLY A 301 -2.77 16.91 -10.67
C GLY A 301 -2.07 18.26 -10.52
N ILE A 302 -0.75 18.26 -10.72
CA ILE A 302 -0.01 19.51 -10.66
C ILE A 302 0.80 19.70 -11.95
N ASN A 303 0.81 20.93 -12.43
CA ASN A 303 1.63 21.32 -13.57
C ASN A 303 2.70 22.24 -13.03
N PHE A 304 3.97 21.86 -13.22
CA PHE A 304 5.06 22.61 -12.61
C PHE A 304 6.07 22.93 -13.70
N TYR A 305 6.55 24.19 -13.69
CA TYR A 305 7.50 24.64 -14.69
C TYR A 305 8.61 25.45 -14.05
N THR A 306 8.25 26.35 -13.12
CA THR A 306 9.18 27.36 -12.63
C THR A 306 8.73 27.89 -11.26
N ARG A 307 9.47 28.88 -10.73
CA ARG A 307 9.12 29.54 -9.48
C ARG A 307 9.13 31.05 -9.70
N SER A 308 8.69 31.83 -8.70
CA SER A 308 8.95 33.27 -8.75
C SER A 308 9.70 33.80 -7.52
N VAL A 309 10.25 35.01 -7.74
CA VAL A 309 10.96 35.83 -6.77
C VAL A 309 12.14 35.05 -6.19
N PRO A 330 19.95 30.12 -14.60
CA PRO A 330 19.72 29.97 -16.03
C PRO A 330 18.27 29.59 -16.37
N VAL A 331 17.90 29.82 -17.64
CA VAL A 331 16.51 29.87 -18.07
C VAL A 331 16.28 29.02 -19.31
N THR A 332 15.02 28.65 -19.55
CA THR A 332 14.58 27.95 -20.75
C THR A 332 14.36 28.95 -21.89
N ASP A 333 13.87 28.44 -23.03
CA ASP A 333 13.67 29.26 -24.23
C ASP A 333 12.45 30.17 -24.03
N MET A 334 11.71 29.97 -22.93
CA MET A 334 10.63 30.88 -22.57
C MET A 334 11.16 32.00 -21.68
N GLY A 335 12.42 31.85 -21.22
CA GLY A 335 12.98 32.78 -20.27
C GLY A 335 12.53 32.50 -18.82
N TRP A 336 12.02 31.30 -18.56
CA TRP A 336 11.67 30.90 -17.21
C TRP A 336 12.86 30.27 -16.50
N GLU A 337 13.03 30.60 -15.23
CA GLU A 337 14.09 30.06 -14.39
C GLU A 337 13.96 28.55 -14.30
N ILE A 338 15.10 27.85 -14.41
CA ILE A 338 15.16 26.43 -14.12
C ILE A 338 15.50 26.29 -12.65
N TYR A 339 14.54 25.79 -11.87
CA TYR A 339 14.73 25.69 -10.42
C TYR A 339 14.03 24.44 -9.88
N PRO A 340 14.60 23.24 -10.09
CA PRO A 340 13.97 21.99 -9.70
C PRO A 340 13.71 21.83 -8.19
N ASP A 341 14.46 22.58 -7.36
CA ASP A 341 14.28 22.53 -5.92
C ASP A 341 12.88 22.98 -5.55
N ALA A 342 12.33 23.90 -6.36
CA ALA A 342 10.97 24.38 -6.15
C ALA A 342 9.97 23.25 -6.30
N LEU A 343 10.24 22.29 -7.18
CA LEU A 343 9.32 21.17 -7.36
C LEU A 343 9.37 20.27 -6.14
N TYR A 344 10.59 20.01 -5.65
CA TYR A 344 10.78 19.20 -4.45
C TYR A 344 10.03 19.82 -3.26
N ASP A 345 10.27 21.12 -3.06
CA ASP A 345 9.64 21.86 -1.97
C ASP A 345 8.11 21.84 -2.14
N LEU A 346 7.63 22.02 -3.38
CA LEU A 346 6.20 22.09 -3.63
C LEU A 346 5.51 20.78 -3.26
N LEU A 347 6.09 19.65 -3.67
CA LEU A 347 5.49 18.36 -3.39
C LEU A 347 5.40 18.14 -1.88
N HIS A 348 6.45 18.53 -1.16
CA HIS A 348 6.46 18.43 0.30
C HIS A 348 5.39 19.35 0.88
N ARG A 349 5.22 20.54 0.30
CA ARG A 349 4.22 21.48 0.81
C ARG A 349 2.83 20.89 0.66
N LEU A 350 2.57 20.24 -0.48
CA LEU A 350 1.26 19.65 -0.73
C LEU A 350 1.01 18.53 0.30
N LYS A 351 2.02 17.67 0.49
CA LYS A 351 1.98 16.58 1.45
C LYS A 351 1.70 17.11 2.85
N ASN A 352 2.43 18.17 3.25
CA ASN A 352 2.45 18.65 4.63
C ASN A 352 1.23 19.51 4.96
N GLU A 353 0.73 20.30 3.98
CA GLU A 353 -0.26 21.33 4.27
C GLU A 353 -1.63 21.03 3.65
N TYR A 354 -1.69 20.20 2.61
CA TYR A 354 -2.92 20.12 1.83
C TYR A 354 -3.54 18.72 1.78
N THR A 355 -2.76 17.70 1.40
CA THR A 355 -3.39 16.45 1.01
C THR A 355 -2.45 15.26 1.18
N ASP A 356 -3.04 14.11 1.52
CA ASP A 356 -2.30 12.86 1.52
C ASP A 356 -2.72 12.04 0.28
N LEU A 357 -3.56 12.66 -0.59
CA LEU A 357 -4.00 12.01 -1.81
C LEU A 357 -2.82 11.75 -2.73
N PRO A 358 -2.94 10.76 -3.66
CA PRO A 358 -1.98 10.62 -4.74
C PRO A 358 -1.81 11.91 -5.53
N ILE A 359 -0.54 12.31 -5.77
CA ILE A 359 -0.23 13.45 -6.60
C ILE A 359 0.30 12.93 -7.94
N TYR A 360 -0.13 13.56 -9.04
CA TYR A 360 0.38 13.26 -10.37
C TYR A 360 0.91 14.55 -10.97
N ILE A 361 2.16 14.52 -11.46
CA ILE A 361 2.64 15.65 -12.21
C ILE A 361 2.07 15.51 -13.61
N THR A 362 0.98 16.26 -13.86
CA THR A 362 0.22 16.15 -15.09
C THR A 362 0.91 16.94 -16.21
N GLU A 363 1.87 17.81 -15.86
CA GLU A 363 2.71 18.43 -16.87
C GLU A 363 4.01 18.88 -16.22
N ASN A 364 5.09 18.77 -16.99
CA ASN A 364 6.40 19.32 -16.71
C ASN A 364 7.21 19.24 -18.00
N GLY A 365 7.98 20.27 -18.34
CA GLY A 365 8.67 20.30 -19.60
C GLY A 365 9.37 21.63 -19.82
N ALA A 366 9.93 21.84 -21.01
CA ALA A 366 10.64 23.08 -21.29
C ALA A 366 10.60 23.39 -22.77
N ALA A 367 10.52 24.69 -23.08
CA ALA A 367 10.75 25.16 -24.44
C ALA A 367 12.24 25.17 -24.71
N ASN A 368 12.59 24.85 -25.96
CA ASN A 368 13.96 24.80 -26.44
C ASN A 368 13.96 25.28 -27.89
N ALA A 369 14.99 26.05 -28.27
CA ALA A 369 15.09 26.56 -29.64
C ALA A 369 15.57 25.43 -30.56
N ASP A 370 14.64 24.56 -30.96
CA ASP A 370 14.96 23.31 -31.64
C ASP A 370 15.08 23.51 -33.15
N ALA A 371 16.06 22.81 -33.74
CA ALA A 371 16.22 22.77 -35.19
C ALA A 371 16.60 21.34 -35.58
N ILE A 372 16.15 20.90 -36.77
CA ILE A 372 16.61 19.67 -37.37
C ILE A 372 17.97 19.93 -38.03
N VAL A 373 18.96 19.14 -37.59
CA VAL A 373 20.22 19.01 -38.33
C VAL A 373 20.41 17.54 -38.69
N ASN A 374 20.41 17.28 -40.00
CA ASN A 374 20.52 15.95 -40.58
C ASN A 374 19.48 14.97 -40.03
N GLY A 375 18.24 15.44 -39.98
CA GLY A 375 17.14 14.58 -39.57
C GLY A 375 17.18 14.25 -38.07
N GLU A 376 18.00 14.97 -37.29
CA GLU A 376 17.99 14.78 -35.85
C GLU A 376 17.83 16.13 -35.13
N VAL A 377 17.30 16.07 -33.91
CA VAL A 377 17.11 17.25 -33.07
C VAL A 377 17.80 16.99 -31.74
N GLU A 378 18.92 17.68 -31.51
CA GLU A 378 19.76 17.43 -30.34
C GLU A 378 19.40 18.38 -29.21
N ASP A 379 18.28 18.09 -28.54
CA ASP A 379 17.72 18.98 -27.52
C ASP A 379 18.25 18.58 -26.15
N THR A 380 19.58 18.65 -25.97
CA THR A 380 20.24 18.26 -24.72
C THR A 380 19.68 19.08 -23.56
N PRO A 381 19.48 20.42 -23.70
CA PRO A 381 18.90 21.24 -22.63
C PRO A 381 17.58 20.71 -22.09
N ARG A 382 16.73 20.19 -22.99
CA ARG A 382 15.47 19.61 -22.58
C ARG A 382 15.70 18.37 -21.73
N ILE A 383 16.62 17.49 -22.15
CA ILE A 383 16.98 16.30 -21.39
C ILE A 383 17.45 16.72 -20.00
N ASP A 384 18.36 17.69 -19.95
CA ASP A 384 18.91 18.18 -18.69
C ASP A 384 17.81 18.67 -17.77
N TYR A 385 16.81 19.36 -18.33
CA TYR A 385 15.73 19.95 -17.54
C TYR A 385 14.88 18.84 -16.93
N VAL A 386 14.51 17.84 -17.74
CA VAL A 386 13.64 16.77 -17.28
C VAL A 386 14.37 15.91 -16.25
N ARG A 387 15.65 15.64 -16.49
CA ARG A 387 16.45 14.87 -15.54
C ARG A 387 16.45 15.53 -14.16
N GLN A 388 16.69 16.85 -14.12
CA GLN A 388 16.71 17.60 -12.87
C GLN A 388 15.36 17.50 -12.13
N HIS A 389 14.25 17.60 -12.87
CA HIS A 389 12.92 17.57 -12.26
C HIS A 389 12.57 16.16 -11.79
N LEU A 390 12.99 15.13 -12.55
CA LEU A 390 12.70 13.76 -12.13
C LEU A 390 13.53 13.40 -10.90
N ASP A 391 14.73 13.99 -10.77
CA ASP A 391 15.55 13.76 -9.59
C ASP A 391 14.84 14.36 -8.36
N ALA A 392 14.27 15.55 -8.53
CA ALA A 392 13.53 16.23 -7.47
C ALA A 392 12.33 15.37 -7.06
N ALA A 393 11.60 14.86 -8.05
CA ALA A 393 10.47 13.97 -7.82
C ALA A 393 10.92 12.69 -7.11
N HIS A 394 12.07 12.15 -7.53
CA HIS A 394 12.54 10.89 -6.95
C HIS A 394 12.83 11.10 -5.47
N ARG A 395 13.41 12.26 -5.11
CA ARG A 395 13.74 12.57 -3.74
CA ARG A 395 13.75 12.57 -3.72
C ARG A 395 12.48 12.62 -2.86
N PHE A 396 11.42 13.22 -3.40
CA PHE A 396 10.14 13.33 -2.70
C PHE A 396 9.59 11.93 -2.40
N ILE A 397 9.65 11.04 -3.42
CA ILE A 397 9.16 9.68 -3.30
C ILE A 397 9.95 8.94 -2.23
N GLN A 398 11.27 9.17 -2.17
CA GLN A 398 12.17 8.49 -1.25
C GLN A 398 11.84 8.88 0.19
N GLU A 399 11.29 10.10 0.35
CA GLU A 399 10.96 10.62 1.67
C GLU A 399 9.49 10.40 1.98
N GLY A 400 8.86 9.42 1.30
CA GLY A 400 7.50 9.02 1.62
C GLY A 400 6.43 9.77 0.83
N GLY A 401 6.85 10.58 -0.17
CA GLY A 401 5.87 11.34 -0.95
C GLY A 401 4.99 10.44 -1.83
N ASN A 402 3.69 10.74 -1.85
CA ASN A 402 2.71 9.95 -2.57
C ASN A 402 2.56 10.44 -4.02
N LEU A 403 3.66 10.48 -4.76
CA LEU A 403 3.67 10.85 -6.18
C LEU A 403 3.57 9.58 -7.03
N LYS A 404 2.55 9.51 -7.88
CA LYS A 404 2.18 8.26 -8.53
C LYS A 404 2.45 8.28 -10.04
N GLY A 405 2.74 9.46 -10.60
CA GLY A 405 2.85 9.54 -12.06
C GLY A 405 3.47 10.86 -12.53
N TYR A 406 4.00 10.84 -13.75
CA TYR A 406 4.67 11.98 -14.34
C TYR A 406 4.32 12.04 -15.82
N TYR A 407 3.81 13.20 -16.25
CA TYR A 407 3.52 13.39 -17.66
C TYR A 407 4.39 14.53 -18.18
N LEU A 408 5.19 14.23 -19.23
CA LEU A 408 6.03 15.20 -19.89
C LEU A 408 5.16 16.05 -20.83
N TRP A 409 5.21 17.37 -20.65
CA TRP A 409 4.69 18.29 -21.66
C TRP A 409 5.82 18.66 -22.63
N SER A 410 5.71 18.30 -23.92
CA SER A 410 4.56 17.67 -24.53
C SER A 410 5.04 16.51 -25.40
N LEU A 411 4.11 15.62 -25.77
CA LEU A 411 4.42 14.57 -26.74
C LEU A 411 5.01 15.15 -28.02
N MET A 412 4.42 16.24 -28.52
CA MET A 412 4.86 16.83 -29.78
C MET A 412 4.83 18.36 -29.70
N ASP A 413 5.67 19.00 -30.50
CA ASP A 413 5.57 20.45 -30.71
C ASP A 413 4.15 20.78 -31.11
N ASN A 414 3.68 21.98 -30.72
CA ASN A 414 2.27 22.29 -30.88
C ASN A 414 2.05 23.81 -30.80
N PHE A 415 0.78 24.21 -30.93
CA PHE A 415 0.37 25.60 -30.86
C PHE A 415 0.52 26.12 -29.43
N GLU A 416 1.55 26.96 -29.21
CA GLU A 416 1.89 27.47 -27.89
C GLU A 416 1.11 28.75 -27.59
N TRP A 417 -0.23 28.63 -27.66
CA TRP A 417 -1.16 29.68 -27.29
C TRP A 417 -0.76 31.02 -27.88
N ALA A 418 -0.46 32.03 -27.04
CA ALA A 418 -0.23 33.37 -27.57
C ALA A 418 1.06 33.44 -28.40
N PHE A 419 1.94 32.45 -28.24
CA PHE A 419 3.21 32.43 -28.97
C PHE A 419 3.08 31.69 -30.31
N GLY A 420 1.90 31.10 -30.57
CA GLY A 420 1.72 30.37 -31.81
C GLY A 420 2.73 29.22 -31.93
N TYR A 421 3.22 29.00 -33.16
CA TYR A 421 4.11 27.88 -33.44
C TYR A 421 5.57 28.26 -33.23
N THR A 422 5.80 29.37 -32.53
CA THR A 422 7.13 29.95 -32.45
C THR A 422 7.94 29.31 -31.31
N LYS A 423 7.28 28.53 -30.47
CA LYS A 423 7.94 27.94 -29.30
C LYS A 423 7.65 26.45 -29.30
N ARG A 424 8.66 25.66 -28.91
CA ARG A 424 8.58 24.22 -29.10
C ARG A 424 8.85 23.53 -27.76
N PHE A 425 7.87 22.72 -27.32
CA PHE A 425 7.93 22.01 -26.05
C PHE A 425 7.96 20.50 -26.26
N GLY A 426 7.87 20.04 -27.51
CA GLY A 426 7.75 18.61 -27.78
C GLY A 426 9.02 17.81 -27.51
N ILE A 427 8.83 16.50 -27.28
CA ILE A 427 9.90 15.51 -27.38
C ILE A 427 9.90 14.93 -28.79
N ILE A 428 8.89 15.31 -29.61
CA ILE A 428 8.85 15.02 -31.02
C ILE A 428 8.74 16.36 -31.77
N TYR A 429 9.62 16.56 -32.74
CA TYR A 429 9.60 17.75 -33.57
C TYR A 429 8.50 17.60 -34.62
N VAL A 430 7.78 18.69 -34.92
CA VAL A 430 6.78 18.67 -35.97
C VAL A 430 7.09 19.77 -36.97
N ASP A 431 7.35 19.38 -38.22
CA ASP A 431 7.40 20.34 -39.31
C ASP A 431 5.98 20.64 -39.73
N TYR A 432 5.55 21.91 -39.57
CA TYR A 432 4.15 22.23 -39.83
C TYR A 432 3.85 22.29 -41.34
N GLU A 433 4.88 22.46 -42.16
CA GLU A 433 4.72 22.48 -43.61
C GLU A 433 4.44 21.07 -44.14
N THR A 434 5.06 20.04 -43.53
CA THR A 434 5.01 18.70 -44.08
C THR A 434 4.23 17.77 -43.17
N GLN A 435 4.07 18.18 -41.90
CA GLN A 435 3.44 17.39 -40.85
C GLN A 435 4.32 16.20 -40.46
N VAL A 436 5.59 16.17 -40.91
CA VAL A 436 6.48 15.08 -40.54
C VAL A 436 6.84 15.21 -39.06
N ARG A 437 6.75 14.08 -38.33
CA ARG A 437 7.19 13.94 -36.95
C ARG A 437 8.60 13.40 -36.90
N THR A 438 9.49 14.09 -36.16
CA THR A 438 10.85 13.63 -35.95
C THR A 438 11.11 13.56 -34.45
N PRO A 439 11.13 12.35 -33.84
CA PRO A 439 11.51 12.20 -32.43
C PRO A 439 12.84 12.90 -32.16
N LYS A 440 12.88 13.68 -31.06
CA LYS A 440 14.09 14.40 -30.68
C LYS A 440 14.94 13.49 -29.80
N ALA A 441 16.18 13.92 -29.50
CA ALA A 441 17.03 13.22 -28.56
C ALA A 441 16.27 12.91 -27.26
N SER A 442 15.45 13.88 -26.83
CA SER A 442 14.68 13.78 -25.59
C SER A 442 13.70 12.59 -25.65
N PHE A 443 13.14 12.30 -26.82
CA PHE A 443 12.28 11.16 -27.00
C PHE A 443 13.04 9.86 -26.69
N HIS A 444 14.25 9.73 -27.27
CA HIS A 444 15.05 8.52 -27.10
C HIS A 444 15.50 8.37 -25.65
N TRP A 445 15.82 9.49 -25.01
CA TRP A 445 16.24 9.51 -23.61
C TRP A 445 15.08 9.10 -22.69
N TYR A 446 13.90 9.70 -22.92
CA TYR A 446 12.74 9.44 -22.07
C TYR A 446 12.28 8.00 -22.26
N ARG A 447 12.42 7.48 -23.49
CA ARG A 447 12.11 6.10 -23.77
C ARG A 447 12.95 5.19 -22.87
N GLN A 448 14.23 5.56 -22.67
CA GLN A 448 15.14 4.79 -21.84
CA GLN A 448 15.14 4.79 -21.84
C GLN A 448 14.73 4.89 -20.38
N VAL A 449 14.39 6.11 -19.93
CA VAL A 449 13.91 6.36 -18.58
C VAL A 449 12.75 5.41 -18.29
N ILE A 450 11.78 5.33 -19.23
CA ILE A 450 10.61 4.49 -19.04
C ILE A 450 11.01 3.02 -19.01
N GLU A 451 11.87 2.58 -19.93
CA GLU A 451 12.29 1.19 -19.98
C GLU A 451 12.99 0.77 -18.68
N ASN A 452 13.79 1.68 -18.11
CA ASN A 452 14.59 1.39 -16.92
C ASN A 452 13.80 1.71 -15.65
N ASN A 453 12.62 2.34 -15.80
CA ASN A 453 11.79 2.84 -14.71
C ASN A 453 12.59 3.78 -13.81
N GLY A 454 13.38 4.66 -14.43
CA GLY A 454 14.11 5.64 -13.66
C GLY A 454 15.30 6.23 -14.39
N LEU A 455 16.08 7.03 -13.64
CA LEU A 455 17.24 7.74 -14.15
C LEU A 455 18.49 6.85 -14.03
N THR A 456 19.33 6.86 -15.04
CA THR A 456 20.50 6.01 -15.10
C THR A 456 21.68 6.82 -15.63
N ASP A 457 21.44 8.13 -15.84
CA ASP A 457 22.24 9.17 -16.46
C ASP A 457 22.47 8.92 -17.95
N GLY B 11 -33.24 90.40 -36.36
CA GLY B 11 -34.30 90.58 -35.37
C GLY B 11 -34.45 89.35 -34.46
N LYS B 12 -35.71 89.06 -34.13
CA LYS B 12 -36.06 87.92 -33.28
CA LYS B 12 -36.06 87.93 -33.29
C LYS B 12 -36.13 86.65 -34.14
N ARG B 13 -35.54 85.56 -33.60
CA ARG B 13 -35.71 84.27 -34.24
C ARG B 13 -36.73 83.47 -33.45
N GLN B 14 -37.98 83.51 -33.93
CA GLN B 14 -39.11 82.90 -33.24
C GLN B 14 -39.33 81.50 -33.79
N PHE B 15 -39.46 80.55 -32.86
CA PHE B 15 -39.67 79.15 -33.17
C PHE B 15 -41.15 78.91 -33.40
N PRO B 16 -41.55 77.75 -34.00
CA PRO B 16 -42.95 77.40 -34.18
C PRO B 16 -43.77 77.43 -32.88
N ASP B 17 -45.06 77.70 -33.01
CA ASP B 17 -45.95 77.93 -31.88
C ASP B 17 -45.95 76.72 -30.95
N ASP B 18 -45.73 75.53 -31.51
CA ASP B 18 -45.93 74.31 -30.73
C ASP B 18 -44.59 73.71 -30.31
N PHE B 19 -43.50 74.45 -30.49
CA PHE B 19 -42.15 73.95 -30.30
C PHE B 19 -41.95 73.52 -28.84
N ILE B 20 -41.26 72.39 -28.64
CA ILE B 20 -41.13 71.81 -27.31
C ILE B 20 -39.74 72.18 -26.77
N TRP B 21 -39.71 72.96 -25.70
CA TRP B 21 -38.48 73.37 -25.03
C TRP B 21 -38.28 72.48 -23.81
N GLY B 22 -37.08 71.87 -23.70
CA GLY B 22 -36.85 70.93 -22.62
C GLY B 22 -35.46 71.03 -22.01
N ALA B 23 -35.22 70.17 -21.01
CA ALA B 23 -33.91 69.96 -20.42
C ALA B 23 -33.80 68.48 -20.12
N ALA B 24 -32.56 67.97 -20.08
CA ALA B 24 -32.38 66.53 -19.99
C ALA B 24 -31.41 66.16 -18.86
N THR B 25 -31.65 64.99 -18.28
CA THR B 25 -30.75 64.32 -17.35
C THR B 25 -30.75 62.82 -17.64
N ALA B 26 -29.99 62.07 -16.82
CA ALA B 26 -30.01 60.62 -16.81
C ALA B 26 -29.88 60.10 -15.37
N SER B 27 -30.47 58.94 -15.14
CA SER B 27 -30.68 58.37 -13.81
C SER B 27 -29.39 58.27 -12.98
N TYR B 28 -28.38 57.58 -13.49
CA TYR B 28 -27.20 57.32 -12.68
C TYR B 28 -26.45 58.62 -12.45
N GLN B 29 -26.69 59.60 -13.33
CA GLN B 29 -25.90 60.81 -13.32
C GLN B 29 -26.36 61.79 -12.23
N ILE B 30 -27.62 61.69 -11.78
CA ILE B 30 -28.17 62.65 -10.82
C ILE B 30 -28.79 61.99 -9.58
N GLU B 31 -29.29 60.75 -9.71
CA GLU B 31 -30.24 60.25 -8.72
C GLU B 31 -29.60 60.04 -7.35
N GLY B 32 -28.41 59.41 -7.32
CA GLY B 32 -27.90 58.87 -6.07
C GLY B 32 -28.87 57.85 -5.50
N ALA B 33 -28.99 57.80 -4.16
CA ALA B 33 -29.74 56.74 -3.49
C ALA B 33 -29.48 55.38 -4.15
N ALA B 34 -28.21 55.10 -4.37
CA ALA B 34 -27.77 53.90 -5.07
C ALA B 34 -28.06 52.63 -4.26
N ASN B 35 -28.16 52.74 -2.93
CA ASN B 35 -28.33 51.55 -2.11
C ASN B 35 -29.64 51.58 -1.31
N GLU B 36 -30.64 52.28 -1.86
CA GLU B 36 -31.93 52.39 -1.17
C GLU B 36 -33.03 51.71 -1.97
N GLY B 37 -34.06 51.25 -1.27
CA GLY B 37 -35.27 50.71 -1.86
C GLY B 37 -35.04 49.42 -2.64
N GLY B 38 -33.93 48.73 -2.33
CA GLY B 38 -33.62 47.44 -2.93
C GLY B 38 -32.88 47.52 -4.26
N ARG B 39 -32.39 48.71 -4.63
CA ARG B 39 -31.73 48.87 -5.93
C ARG B 39 -30.48 47.98 -5.99
N GLY B 40 -30.33 47.24 -7.09
CA GLY B 40 -29.12 46.45 -7.30
C GLY B 40 -28.06 47.25 -8.05
N PRO B 41 -26.78 46.83 -8.04
CA PRO B 41 -25.73 47.56 -8.75
C PRO B 41 -25.90 47.51 -10.27
N SER B 42 -25.60 48.63 -10.92
CA SER B 42 -25.50 48.69 -12.37
C SER B 42 -24.03 48.53 -12.75
N ILE B 43 -23.77 48.38 -14.06
CA ILE B 43 -22.43 48.26 -14.60
C ILE B 43 -21.63 49.50 -14.24
N TRP B 44 -22.33 50.62 -14.03
CA TRP B 44 -21.68 51.89 -13.69
C TRP B 44 -21.28 51.96 -12.22
N ASP B 45 -22.03 51.31 -11.32
CA ASP B 45 -21.62 51.12 -9.93
C ASP B 45 -20.30 50.37 -9.90
N THR B 46 -20.27 49.21 -10.56
CA THR B 46 -19.09 48.37 -10.63
C THR B 46 -17.90 49.13 -11.19
N PHE B 47 -18.12 49.82 -12.32
CA PHE B 47 -17.07 50.47 -13.07
C PHE B 47 -16.47 51.62 -12.29
N SER B 48 -17.34 52.50 -11.76
CA SER B 48 -16.85 53.66 -11.02
C SER B 48 -16.10 53.25 -9.74
N LYS B 49 -16.50 52.12 -9.16
CA LYS B 49 -15.87 51.61 -7.94
C LYS B 49 -14.59 50.84 -8.21
N THR B 50 -14.23 50.69 -9.50
CA THR B 50 -12.97 50.06 -9.88
C THR B 50 -11.87 51.10 -9.96
N PRO B 51 -10.76 50.96 -9.18
CA PRO B 51 -9.66 51.92 -9.21
C PRO B 51 -9.19 52.19 -10.64
N GLY B 52 -9.27 53.46 -11.05
CA GLY B 52 -8.65 53.90 -12.28
C GLY B 52 -9.66 54.19 -13.39
N LYS B 53 -10.92 53.78 -13.22
CA LYS B 53 -11.89 53.87 -14.30
C LYS B 53 -12.56 55.25 -14.36
N VAL B 54 -12.75 55.92 -13.22
CA VAL B 54 -13.36 57.24 -13.19
C VAL B 54 -12.41 58.21 -12.46
N LEU B 55 -12.25 59.43 -13.00
CA LEU B 55 -11.39 60.44 -12.39
C LEU B 55 -11.70 60.59 -10.90
N LEU B 56 -10.62 60.65 -10.09
CA LEU B 56 -10.70 60.88 -8.66
C LEU B 56 -11.49 59.79 -7.93
N GLY B 57 -11.80 58.69 -8.62
CA GLY B 57 -12.55 57.61 -7.99
C GLY B 57 -14.01 57.98 -7.71
N HIS B 58 -14.53 59.00 -8.40
CA HIS B 58 -15.92 59.44 -8.18
C HIS B 58 -16.89 58.33 -8.57
N THR B 59 -18.04 58.29 -7.89
CA THR B 59 -19.11 57.36 -8.21
C THR B 59 -20.46 58.09 -8.18
N GLY B 60 -21.51 57.39 -8.61
CA GLY B 60 -22.87 57.91 -8.58
C GLY B 60 -23.64 57.49 -7.33
N ASP B 61 -22.90 57.16 -6.26
CA ASP B 61 -23.52 56.75 -5.03
C ASP B 61 -24.49 57.82 -4.51
N VAL B 62 -24.09 59.10 -4.58
CA VAL B 62 -24.88 60.21 -4.09
C VAL B 62 -25.27 61.12 -5.25
N ALA B 63 -24.32 61.44 -6.12
CA ALA B 63 -24.55 62.35 -7.25
C ALA B 63 -25.23 63.62 -6.76
N CYS B 64 -26.38 63.98 -7.35
CA CYS B 64 -27.11 65.19 -7.01
C CYS B 64 -28.21 64.91 -5.98
N ASP B 65 -28.23 63.69 -5.47
CA ASP B 65 -29.18 63.26 -4.46
C ASP B 65 -30.62 63.55 -4.91
N HIS B 66 -30.84 63.47 -6.23
CA HIS B 66 -32.09 63.90 -6.84
C HIS B 66 -33.23 62.97 -6.45
N PHE B 67 -32.89 61.70 -6.17
CA PHE B 67 -33.90 60.72 -5.75
C PHE B 67 -34.68 61.29 -4.56
N HIS B 68 -33.98 62.05 -3.72
CA HIS B 68 -34.55 62.60 -2.49
C HIS B 68 -35.05 64.03 -2.71
N ARG B 69 -34.38 64.79 -3.59
CA ARG B 69 -34.59 66.23 -3.70
C ARG B 69 -35.46 66.60 -4.91
N TYR B 70 -36.20 65.62 -5.48
CA TYR B 70 -36.90 65.80 -6.73
C TYR B 70 -37.93 66.92 -6.65
N GLU B 71 -38.61 67.04 -5.50
CA GLU B 71 -39.66 68.05 -5.36
C GLU B 71 -39.11 69.46 -5.63
N SER B 72 -38.01 69.79 -4.94
CA SER B 72 -37.34 71.07 -5.11
C SER B 72 -36.80 71.24 -6.54
N ASP B 73 -36.28 70.14 -7.12
CA ASP B 73 -35.74 70.19 -8.47
C ASP B 73 -36.84 70.52 -9.48
N VAL B 74 -38.03 69.90 -9.31
CA VAL B 74 -39.12 70.15 -10.24
C VAL B 74 -39.60 71.60 -10.13
N LYS B 75 -39.55 72.17 -8.91
CA LYS B 75 -39.89 73.58 -8.72
C LYS B 75 -38.95 74.46 -9.55
N LEU B 76 -37.66 74.10 -9.60
CA LEU B 76 -36.73 74.83 -10.44
C LEU B 76 -37.07 74.67 -11.93
N MET B 77 -37.64 73.50 -12.29
CA MET B 77 -38.04 73.27 -13.67
C MET B 77 -39.23 74.15 -14.03
N ALA B 78 -40.15 74.32 -13.08
CA ALA B 78 -41.33 75.15 -13.25
C ALA B 78 -40.91 76.61 -13.39
N ASP B 79 -39.91 77.04 -12.61
CA ASP B 79 -39.39 78.38 -12.70
C ASP B 79 -38.78 78.59 -14.09
N LEU B 80 -38.05 77.57 -14.57
CA LEU B 80 -37.39 77.62 -15.87
C LEU B 80 -38.44 77.75 -16.98
N GLY B 81 -39.55 77.00 -16.84
CA GLY B 81 -40.63 77.06 -17.80
C GLY B 81 -40.54 76.01 -18.91
N ILE B 82 -39.71 74.96 -18.72
CA ILE B 82 -39.64 73.89 -19.70
C ILE B 82 -41.02 73.23 -19.83
N LYS B 83 -41.37 72.84 -21.06
CA LYS B 83 -42.62 72.15 -21.32
C LYS B 83 -42.44 70.64 -21.16
N SER B 84 -41.18 70.19 -21.25
CA SER B 84 -40.85 68.77 -21.16
C SER B 84 -39.57 68.55 -20.38
N TYR B 85 -39.56 67.51 -19.52
CA TYR B 85 -38.35 67.13 -18.81
C TYR B 85 -37.96 65.71 -19.24
N ARG B 86 -36.77 65.58 -19.82
CA ARG B 86 -36.30 64.27 -20.21
C ARG B 86 -35.39 63.71 -19.13
N PHE B 87 -35.74 62.50 -18.69
CA PHE B 87 -35.01 61.77 -17.65
C PHE B 87 -34.96 60.31 -18.05
N SER B 88 -34.18 59.49 -17.33
CA SER B 88 -34.07 58.06 -17.66
C SER B 88 -34.56 57.20 -16.49
N LEU B 89 -34.90 55.95 -16.80
CA LEU B 89 -35.41 55.02 -15.80
C LEU B 89 -34.29 54.10 -15.36
N ALA B 90 -34.16 53.93 -14.03
CA ALA B 90 -33.12 53.09 -13.47
C ALA B 90 -33.58 51.64 -13.46
N TRP B 91 -33.23 50.90 -14.52
CA TRP B 91 -33.36 49.46 -14.64
C TRP B 91 -32.99 48.74 -13.34
N PRO B 92 -31.83 49.03 -12.70
CA PRO B 92 -31.45 48.34 -11.47
C PRO B 92 -32.33 48.54 -10.24
N ARG B 93 -33.24 49.55 -10.27
CA ARG B 93 -34.20 49.71 -9.19
C ARG B 93 -35.36 48.72 -9.37
N VAL B 94 -35.53 48.20 -10.59
CA VAL B 94 -36.69 47.39 -10.96
C VAL B 94 -36.30 45.91 -11.13
N MET B 95 -35.13 45.66 -11.72
CA MET B 95 -34.62 44.29 -11.83
C MET B 95 -33.27 44.24 -11.15
N PRO B 96 -33.22 44.27 -9.80
CA PRO B 96 -31.95 44.41 -9.07
C PRO B 96 -31.03 43.18 -9.11
N GLU B 97 -31.64 42.00 -9.20
CA GLU B 97 -30.92 40.74 -9.30
C GLU B 97 -31.66 39.83 -10.26
N LYS B 98 -30.94 38.83 -10.80
CA LYS B 98 -31.51 37.83 -11.67
C LYS B 98 -32.77 37.26 -11.05
N GLY B 99 -33.86 37.29 -11.83
CA GLY B 99 -35.11 36.64 -11.45
C GLY B 99 -35.91 37.42 -10.40
N ARG B 100 -35.46 38.63 -10.05
CA ARG B 100 -36.16 39.43 -9.05
C ARG B 100 -36.72 40.68 -9.75
N TYR B 101 -38.05 40.89 -9.58
CA TYR B 101 -38.72 42.11 -10.03
C TYR B 101 -39.30 42.87 -8.84
N LEU B 102 -39.00 44.17 -8.76
CA LEU B 102 -39.56 45.05 -7.74
C LEU B 102 -40.51 46.04 -8.43
N GLU B 103 -41.81 45.83 -8.26
CA GLU B 103 -42.81 46.76 -8.74
C GLU B 103 -42.56 48.14 -8.13
N SER B 104 -42.16 48.15 -6.86
CA SER B 104 -41.86 49.36 -6.10
C SER B 104 -40.72 50.18 -6.74
N GLY B 105 -39.97 49.58 -7.67
CA GLY B 105 -38.81 50.26 -8.25
C GLY B 105 -39.19 51.46 -9.13
N PHE B 106 -40.47 51.50 -9.53
CA PHE B 106 -41.01 52.62 -10.31
C PHE B 106 -41.65 53.68 -9.43
N ASP B 107 -41.62 53.49 -8.10
CA ASP B 107 -42.23 54.42 -7.15
C ASP B 107 -41.68 55.84 -7.30
N PHE B 108 -40.35 55.96 -7.35
CA PHE B 108 -39.75 57.28 -7.52
C PHE B 108 -40.30 58.01 -8.75
N TYR B 109 -40.39 57.28 -9.87
CA TYR B 109 -40.82 57.87 -11.14
C TYR B 109 -42.27 58.33 -11.04
N LYS B 110 -43.07 57.59 -10.28
CA LYS B 110 -44.45 57.97 -10.04
C LYS B 110 -44.52 59.28 -9.26
N ARG B 111 -43.66 59.42 -8.24
CA ARG B 111 -43.60 60.63 -7.42
C ARG B 111 -43.12 61.80 -8.28
N LEU B 112 -42.07 61.55 -9.08
CA LEU B 112 -41.48 62.58 -9.94
C LEU B 112 -42.53 63.08 -10.91
N ILE B 113 -43.25 62.13 -11.55
CA ILE B 113 -44.22 62.43 -12.57
C ILE B 113 -45.39 63.20 -11.99
N GLU B 114 -45.78 62.90 -10.74
CA GLU B 114 -46.85 63.66 -10.10
C GLU B 114 -46.46 65.12 -9.96
N GLN B 115 -45.21 65.36 -9.54
CA GLN B 115 -44.69 66.72 -9.44
C GLN B 115 -44.69 67.40 -10.82
N LEU B 116 -44.28 66.67 -11.86
CA LEU B 116 -44.21 67.21 -13.21
C LEU B 116 -45.61 67.66 -13.65
N HIS B 117 -46.59 66.76 -13.48
CA HIS B 117 -47.95 67.04 -13.94
C HIS B 117 -48.53 68.20 -13.14
N LYS B 118 -48.18 68.29 -11.85
CA LYS B 118 -48.66 69.38 -10.99
C LYS B 118 -48.21 70.72 -11.58
N HIS B 119 -47.04 70.74 -12.23
CA HIS B 119 -46.47 71.99 -12.71
C HIS B 119 -46.63 72.15 -14.22
N GLY B 120 -47.46 71.29 -14.83
CA GLY B 120 -47.75 71.33 -16.26
C GLY B 120 -46.55 70.99 -17.14
N ILE B 121 -45.62 70.16 -16.63
CA ILE B 121 -44.48 69.70 -17.41
C ILE B 121 -44.76 68.27 -17.88
N THR B 122 -44.52 68.02 -19.18
CA THR B 122 -44.67 66.69 -19.76
C THR B 122 -43.41 65.84 -19.49
N PRO B 123 -43.57 64.58 -19.05
CA PRO B 123 -42.43 63.68 -18.91
C PRO B 123 -41.98 63.16 -20.28
N ALA B 124 -40.66 63.10 -20.46
CA ALA B 124 -40.06 62.35 -21.55
C ALA B 124 -39.11 61.33 -20.95
N ALA B 125 -39.47 60.05 -21.04
CA ALA B 125 -38.73 59.01 -20.33
C ALA B 125 -37.85 58.22 -21.29
N THR B 126 -36.54 58.18 -20.99
CA THR B 126 -35.58 57.33 -21.68
C THR B 126 -35.54 56.00 -20.92
N ILE B 127 -35.76 54.90 -21.65
CA ILE B 127 -35.83 53.58 -21.03
C ILE B 127 -34.44 53.16 -20.58
N TYR B 128 -33.45 53.26 -21.46
CA TYR B 128 -32.09 52.82 -21.18
C TYR B 128 -31.12 53.96 -21.44
N HIS B 129 -30.50 54.47 -20.36
CA HIS B 129 -29.42 55.43 -20.47
C HIS B 129 -28.24 54.90 -19.65
N TRP B 130 -27.92 53.62 -19.90
CA TRP B 130 -26.60 53.02 -19.70
C TRP B 130 -26.48 52.24 -18.40
N ASP B 131 -27.45 52.34 -17.49
CA ASP B 131 -27.29 51.71 -16.18
C ASP B 131 -27.80 50.27 -16.27
N LEU B 132 -27.13 49.43 -17.08
CA LEU B 132 -27.46 48.02 -17.17
C LEU B 132 -27.20 47.35 -15.82
N PRO B 133 -28.17 46.58 -15.29
CA PRO B 133 -27.95 45.80 -14.05
C PRO B 133 -26.74 44.89 -14.19
N GLN B 134 -25.88 44.88 -13.17
CA GLN B 134 -24.61 44.17 -13.24
C GLN B 134 -24.83 42.69 -13.50
N TRP B 135 -25.91 42.12 -12.97
CA TRP B 135 -26.15 40.69 -13.15
C TRP B 135 -26.34 40.32 -14.62
N ILE B 136 -26.83 41.26 -15.45
CA ILE B 136 -26.97 40.97 -16.88
C ILE B 136 -25.59 41.02 -17.55
N GLU B 137 -24.74 41.97 -17.15
CA GLU B 137 -23.38 42.00 -17.67
C GLU B 137 -22.63 40.72 -17.29
N ASP B 138 -22.92 40.17 -16.12
CA ASP B 138 -22.28 38.93 -15.70
C ASP B 138 -22.63 37.79 -16.68
N GLU B 139 -23.75 37.96 -17.41
CA GLU B 139 -24.16 37.00 -18.42
C GLU B 139 -23.82 37.51 -19.81
N GLY B 140 -22.78 38.35 -19.93
CA GLY B 140 -22.33 38.79 -21.24
C GLY B 140 -22.95 40.11 -21.67
N GLY B 141 -23.89 40.67 -20.89
CA GLY B 141 -24.40 42.00 -21.16
C GLY B 141 -25.02 42.10 -22.56
N TRP B 142 -24.67 43.18 -23.27
CA TRP B 142 -25.26 43.48 -24.56
C TRP B 142 -24.77 42.53 -25.66
N SER B 143 -23.74 41.73 -25.39
CA SER B 143 -23.23 40.78 -26.38
C SER B 143 -24.12 39.53 -26.43
N ASN B 144 -24.88 39.32 -25.35
CA ASN B 144 -25.71 38.13 -25.23
C ASN B 144 -27.10 38.44 -25.78
N ARG B 145 -27.61 37.60 -26.69
CA ARG B 145 -28.89 37.83 -27.31
C ARG B 145 -30.00 37.88 -26.25
N ALA B 146 -29.80 37.20 -25.13
CA ALA B 146 -30.77 37.10 -24.05
C ALA B 146 -31.07 38.51 -23.50
N VAL B 147 -30.15 39.46 -23.74
CA VAL B 147 -30.33 40.83 -23.26
C VAL B 147 -31.60 41.43 -23.87
N VAL B 148 -31.97 40.99 -25.08
CA VAL B 148 -33.12 41.54 -25.78
C VAL B 148 -34.39 41.28 -24.97
N ASP B 149 -34.52 40.04 -24.46
CA ASP B 149 -35.68 39.66 -23.66
C ASP B 149 -35.64 40.35 -22.29
N TYR B 150 -34.45 40.58 -21.75
CA TYR B 150 -34.36 41.24 -20.46
C TYR B 150 -34.84 42.69 -20.61
N TYR B 151 -34.40 43.35 -21.68
CA TYR B 151 -34.77 44.72 -21.94
C TYR B 151 -36.28 44.80 -22.19
N LYS B 152 -36.79 43.89 -23.02
CA LYS B 152 -38.21 43.80 -23.30
C LYS B 152 -39.01 43.69 -22.01
N GLU B 153 -38.54 42.86 -21.06
CA GLU B 153 -39.21 42.68 -19.78
C GLU B 153 -39.27 44.01 -19.02
N PHE B 154 -38.16 44.75 -19.02
CA PHE B 154 -38.09 46.02 -18.33
C PHE B 154 -39.00 47.05 -19.02
N ALA B 155 -38.93 47.11 -20.35
CA ALA B 155 -39.72 48.05 -21.11
C ALA B 155 -41.21 47.78 -20.88
N GLU B 156 -41.58 46.50 -20.81
CA GLU B 156 -42.96 46.09 -20.62
C GLU B 156 -43.49 46.63 -19.30
N GLN B 157 -42.68 46.50 -18.24
CA GLN B 157 -43.07 46.93 -16.91
C GLN B 157 -43.10 48.46 -16.83
N ALA B 158 -42.22 49.12 -17.59
CA ALA B 158 -42.19 50.58 -17.61
C ALA B 158 -43.45 51.10 -18.28
N PHE B 159 -43.81 50.50 -19.41
CA PHE B 159 -45.00 50.88 -20.16
C PHE B 159 -46.25 50.67 -19.31
N LYS B 160 -46.27 49.59 -18.52
CA LYS B 160 -47.42 49.25 -17.70
C LYS B 160 -47.51 50.19 -16.49
N ALA B 161 -46.36 50.52 -15.89
CA ALA B 161 -46.34 51.31 -14.67
C ALA B 161 -46.61 52.78 -14.96
N LEU B 162 -46.07 53.29 -16.09
CA LEU B 162 -46.02 54.72 -16.34
C LEU B 162 -46.84 55.10 -17.56
N GLY B 163 -47.09 54.13 -18.46
CA GLY B 163 -47.71 54.35 -19.75
C GLY B 163 -48.52 55.64 -19.86
N ASP B 164 -49.67 55.66 -19.17
CA ASP B 164 -50.69 56.69 -19.25
C ASP B 164 -50.13 58.09 -19.03
N ASP B 165 -49.07 58.20 -18.23
CA ASP B 165 -48.60 59.49 -17.73
C ASP B 165 -47.43 60.00 -18.58
N VAL B 166 -46.88 59.13 -19.42
CA VAL B 166 -45.70 59.45 -20.20
C VAL B 166 -46.07 59.45 -21.68
N PRO B 167 -46.22 60.63 -22.33
CA PRO B 167 -46.56 60.68 -23.75
C PRO B 167 -45.39 60.53 -24.72
N PHE B 168 -44.15 60.49 -24.19
CA PHE B 168 -42.98 60.58 -25.05
C PHE B 168 -41.90 59.66 -24.51
N TRP B 169 -41.60 58.59 -25.27
CA TRP B 169 -40.70 57.52 -24.84
C TRP B 169 -39.48 57.47 -25.76
N ILE B 170 -38.28 57.38 -25.14
CA ILE B 170 -37.07 57.12 -25.88
C ILE B 170 -36.53 55.74 -25.48
N THR B 171 -36.42 54.86 -26.48
CA THR B 171 -36.05 53.47 -26.24
C THR B 171 -34.64 53.39 -25.68
N HIS B 172 -33.69 54.05 -26.38
CA HIS B 172 -32.28 53.89 -26.10
C HIS B 172 -31.61 55.24 -26.29
N ASN B 173 -30.65 55.52 -25.41
CA ASN B 173 -29.83 56.69 -25.52
C ASN B 173 -28.45 56.28 -26.02
N GLU B 174 -28.08 56.78 -27.21
CA GLU B 174 -26.74 56.70 -27.75
C GLU B 174 -26.22 55.25 -27.82
N PRO B 175 -26.79 54.40 -28.70
CA PRO B 175 -26.24 53.07 -28.93
C PRO B 175 -24.72 53.04 -29.17
N TRP B 176 -24.22 54.03 -29.92
CA TRP B 176 -22.77 54.07 -30.19
C TRP B 176 -21.97 54.02 -28.88
N CYS B 177 -22.40 54.78 -27.87
CA CYS B 177 -21.67 54.83 -26.60
C CYS B 177 -21.82 53.53 -25.83
N ALA B 178 -23.06 53.01 -25.78
CA ALA B 178 -23.34 51.82 -24.99
C ALA B 178 -22.64 50.60 -25.60
N SER B 179 -22.37 50.65 -26.90
CA SER B 179 -21.73 49.50 -27.56
C SER B 179 -20.24 49.78 -27.78
N LEU B 180 -19.93 50.62 -28.78
CA LEU B 180 -18.57 50.78 -29.25
C LEU B 180 -17.70 51.43 -28.17
N LEU B 181 -18.20 52.45 -27.46
CA LEU B 181 -17.33 53.12 -26.50
C LEU B 181 -17.16 52.27 -25.24
N SER B 182 -18.16 51.41 -24.94
CA SER B 182 -18.24 50.66 -23.69
C SER B 182 -17.53 49.31 -23.80
N TYR B 183 -17.65 48.65 -24.95
CA TYR B 183 -17.16 47.29 -25.09
C TYR B 183 -15.96 47.22 -26.04
N GLY B 184 -15.77 48.27 -26.85
CA GLY B 184 -14.73 48.27 -27.86
C GLY B 184 -13.56 49.17 -27.48
N ILE B 185 -13.87 50.44 -27.15
CA ILE B 185 -12.87 51.41 -26.76
C ILE B 185 -12.55 51.27 -25.27
N GLY B 186 -13.58 50.98 -24.46
CA GLY B 186 -13.44 50.67 -23.05
C GLY B 186 -13.44 51.88 -22.11
N GLU B 187 -13.86 53.07 -22.59
CA GLU B 187 -13.90 54.27 -21.75
C GLU B 187 -15.07 54.24 -20.77
N HIS B 188 -16.17 53.60 -21.19
CA HIS B 188 -17.40 53.53 -20.40
C HIS B 188 -17.71 52.09 -20.01
N ALA B 189 -18.53 51.94 -18.95
CA ALA B 189 -18.94 50.67 -18.41
C ALA B 189 -19.55 49.81 -19.51
N PRO B 190 -19.21 48.51 -19.62
CA PRO B 190 -18.37 47.82 -18.63
C PRO B 190 -16.86 47.88 -18.87
N GLY B 191 -16.44 48.69 -19.84
CA GLY B 191 -15.03 49.05 -19.97
C GLY B 191 -14.17 47.95 -20.61
N LEU B 192 -14.76 47.20 -21.54
CA LEU B 192 -14.03 46.13 -22.21
C LEU B 192 -13.41 46.65 -23.51
N LYS B 193 -12.46 45.87 -24.06
CA LYS B 193 -11.79 46.23 -25.30
C LYS B 193 -11.80 45.04 -26.26
N ASP B 194 -12.91 44.91 -27.01
CA ASP B 194 -13.19 43.74 -27.82
C ASP B 194 -14.21 44.16 -28.88
N TRP B 195 -13.73 44.36 -30.13
CA TRP B 195 -14.58 44.94 -31.16
C TRP B 195 -15.73 43.99 -31.51
N ARG B 196 -15.48 42.68 -31.52
CA ARG B 196 -16.51 41.71 -31.89
C ARG B 196 -17.65 41.84 -30.89
N ARG B 197 -17.29 41.90 -29.60
CA ARG B 197 -18.22 42.03 -28.48
C ARG B 197 -19.02 43.32 -28.65
N ALA B 198 -18.33 44.41 -29.03
CA ALA B 198 -18.94 45.73 -29.19
C ALA B 198 -19.93 45.74 -30.35
N TYR B 199 -19.61 45.08 -31.46
CA TYR B 199 -20.49 45.04 -32.62
C TYR B 199 -21.69 44.14 -32.34
N ARG B 200 -21.49 43.11 -31.51
CA ARG B 200 -22.61 42.28 -31.07
C ARG B 200 -23.56 43.10 -30.20
N ALA B 201 -22.96 43.91 -29.33
CA ALA B 201 -23.69 44.82 -28.48
C ALA B 201 -24.51 45.82 -29.31
N ALA B 202 -23.90 46.42 -30.34
CA ALA B 202 -24.60 47.36 -31.19
C ALA B 202 -25.86 46.73 -31.78
N HIS B 203 -25.72 45.52 -32.31
CA HIS B 203 -26.84 44.81 -32.93
C HIS B 203 -27.97 44.54 -31.94
N HIS B 204 -27.62 44.08 -30.73
CA HIS B 204 -28.65 43.77 -29.73
C HIS B 204 -29.33 45.02 -29.19
N ILE B 205 -28.58 46.12 -29.07
CA ILE B 205 -29.18 47.39 -28.67
C ILE B 205 -30.21 47.80 -29.72
N LEU B 206 -29.83 47.74 -31.00
CA LEU B 206 -30.72 48.13 -32.07
C LEU B 206 -31.95 47.22 -32.13
N LEU B 207 -31.74 45.91 -31.95
CA LEU B 207 -32.83 44.93 -31.98
CA LEU B 207 -32.83 44.93 -31.98
C LEU B 207 -33.79 45.17 -30.83
N SER B 208 -33.24 45.49 -29.64
CA SER B 208 -34.07 45.73 -28.46
C SER B 208 -34.93 46.98 -28.63
N HIS B 209 -34.34 48.04 -29.21
CA HIS B 209 -35.11 49.21 -29.63
C HIS B 209 -36.36 48.79 -30.42
N GLY B 210 -36.15 47.98 -31.47
CA GLY B 210 -37.23 47.60 -32.36
C GLY B 210 -38.31 46.80 -31.65
N GLU B 211 -37.89 45.92 -30.73
CA GLU B 211 -38.83 45.12 -29.97
C GLU B 211 -39.70 46.02 -29.08
N ALA B 212 -39.08 47.06 -28.50
CA ALA B 212 -39.79 47.96 -27.61
C ALA B 212 -40.82 48.78 -28.38
N VAL B 213 -40.46 49.24 -29.59
CA VAL B 213 -41.40 49.97 -30.40
C VAL B 213 -42.60 49.08 -30.75
N LYS B 214 -42.32 47.83 -31.14
CA LYS B 214 -43.37 46.91 -31.52
C LYS B 214 -44.31 46.68 -30.33
N LEU B 215 -43.74 46.48 -29.16
CA LEU B 215 -44.48 46.26 -27.93
C LEU B 215 -45.38 47.46 -27.64
N TYR B 216 -44.85 48.67 -27.89
CA TYR B 216 -45.56 49.89 -27.60
C TYR B 216 -46.83 49.98 -28.43
N ARG B 217 -46.74 49.62 -29.72
CA ARG B 217 -47.88 49.65 -30.62
C ARG B 217 -48.92 48.63 -30.16
N GLU B 218 -48.43 47.44 -29.76
CA GLU B 218 -49.29 46.32 -29.44
C GLU B 218 -50.09 46.59 -28.18
N LEU B 219 -49.52 47.39 -27.27
CA LEU B 219 -50.21 47.71 -26.03
C LEU B 219 -51.20 48.86 -26.23
N GLY B 220 -51.16 49.50 -27.41
CA GLY B 220 -52.15 50.50 -27.77
C GLY B 220 -52.01 51.78 -26.94
N LEU B 221 -50.77 52.13 -26.59
CA LEU B 221 -50.50 53.41 -25.96
C LEU B 221 -50.51 54.51 -27.03
N LYS B 222 -50.90 55.72 -26.62
CA LYS B 222 -51.35 56.76 -27.52
C LYS B 222 -50.25 57.81 -27.78
N GLY B 223 -49.08 57.67 -27.12
CA GLY B 223 -47.99 58.63 -27.21
C GLY B 223 -47.02 58.33 -28.35
N GLN B 224 -45.76 58.79 -28.20
CA GLN B 224 -44.75 58.70 -29.25
C GLN B 224 -43.51 57.98 -28.73
N ILE B 225 -42.85 57.21 -29.60
CA ILE B 225 -41.67 56.43 -29.24
C ILE B 225 -40.65 56.51 -30.37
N GLY B 226 -39.37 56.59 -29.98
CA GLY B 226 -38.28 56.72 -30.92
C GLY B 226 -36.95 56.44 -30.22
N ILE B 227 -35.87 56.37 -31.02
CA ILE B 227 -34.53 56.18 -30.48
C ILE B 227 -33.83 57.53 -30.42
N THR B 228 -32.79 57.62 -29.56
CA THR B 228 -31.88 58.77 -29.59
C THR B 228 -30.49 58.30 -30.02
N LEU B 229 -29.95 58.95 -31.07
CA LEU B 229 -28.59 58.67 -31.53
C LEU B 229 -27.72 59.90 -31.29
N ASN B 230 -26.52 59.68 -30.73
CA ASN B 230 -25.49 60.70 -30.81
C ASN B 230 -24.89 60.66 -32.22
N LEU B 231 -24.85 61.81 -32.88
CA LEU B 231 -24.26 61.89 -34.20
C LEU B 231 -23.14 62.93 -34.19
N THR B 232 -21.96 62.53 -34.65
CA THR B 232 -20.80 63.41 -34.72
C THR B 232 -20.40 63.50 -36.19
N PRO B 233 -20.87 64.53 -36.93
CA PRO B 233 -20.51 64.68 -38.34
C PRO B 233 -18.99 64.67 -38.47
N ALA B 234 -18.48 63.95 -39.45
CA ALA B 234 -17.07 63.91 -39.76
C ALA B 234 -16.80 64.74 -41.01
N TYR B 235 -15.63 65.40 -41.04
CA TYR B 235 -15.24 66.24 -42.15
C TYR B 235 -13.81 65.86 -42.57
N PRO B 236 -13.48 65.86 -43.89
CA PRO B 236 -12.14 65.51 -44.34
C PRO B 236 -11.15 66.63 -44.06
N ALA B 237 -9.92 66.26 -43.68
CA ALA B 237 -8.88 67.25 -43.38
C ALA B 237 -8.44 68.00 -44.64
N SER B 238 -8.60 67.37 -45.82
CA SER B 238 -8.31 67.94 -47.13
CA SER B 238 -8.31 67.94 -47.13
C SER B 238 -9.22 67.29 -48.17
N ASP B 239 -9.13 67.74 -49.43
CA ASP B 239 -9.95 67.19 -50.50
C ASP B 239 -9.24 66.07 -51.27
N SER B 240 -8.12 65.58 -50.71
CA SER B 240 -7.45 64.40 -51.23
C SER B 240 -8.39 63.19 -51.19
N PRO B 241 -8.36 62.29 -52.20
CA PRO B 241 -9.22 61.10 -52.20
C PRO B 241 -9.08 60.27 -50.93
N GLU B 242 -7.85 60.23 -50.38
CA GLU B 242 -7.56 59.46 -49.18
C GLU B 242 -8.26 60.09 -47.97
N ASP B 243 -8.29 61.43 -47.92
CA ASP B 243 -8.91 62.11 -46.79
C ASP B 243 -10.42 62.01 -46.86
N ILE B 244 -10.99 62.06 -48.07
CA ILE B 244 -12.42 61.88 -48.29
C ILE B 244 -12.82 60.48 -47.84
N ALA B 245 -11.97 59.50 -48.15
CA ALA B 245 -12.18 58.11 -47.76
C ALA B 245 -12.13 57.95 -46.25
N ALA B 246 -11.22 58.67 -45.58
CA ALA B 246 -11.07 58.66 -44.14
C ALA B 246 -12.32 59.22 -43.47
N GLN B 247 -12.89 60.26 -44.08
CA GLN B 247 -14.12 60.88 -43.61
C GLN B 247 -15.23 59.83 -43.67
N GLN B 248 -15.26 59.04 -44.76
CA GLN B 248 -16.31 58.07 -44.98
C GLN B 248 -16.23 56.97 -43.93
N ARG B 249 -15.01 56.55 -43.59
CA ARG B 249 -14.77 55.53 -42.58
C ARG B 249 -15.29 56.03 -41.23
N GLN B 250 -14.86 57.23 -40.83
CA GLN B 250 -15.28 57.84 -39.59
C GLN B 250 -16.81 57.96 -39.53
N ASP B 251 -17.42 58.43 -40.63
CA ASP B 251 -18.85 58.64 -40.72
C ASP B 251 -19.60 57.32 -40.58
N ALA B 252 -19.06 56.25 -41.18
CA ALA B 252 -19.66 54.93 -41.07
C ALA B 252 -19.60 54.46 -39.61
N PHE B 253 -18.44 54.66 -38.99
CA PHE B 253 -18.18 54.14 -37.65
C PHE B 253 -19.08 54.83 -36.62
N SER B 254 -19.24 56.15 -36.75
CA SER B 254 -19.91 56.94 -35.74
C SER B 254 -21.42 56.98 -36.00
N ASN B 255 -21.79 57.14 -37.27
CA ASN B 255 -23.11 57.66 -37.64
C ASN B 255 -23.91 56.65 -38.46
N ARG B 256 -23.35 56.18 -39.59
CA ARG B 256 -24.10 55.32 -40.51
C ARG B 256 -24.34 53.94 -39.91
N TRP B 257 -23.45 53.50 -39.02
CA TRP B 257 -23.59 52.17 -38.43
C TRP B 257 -24.94 52.02 -37.74
N PHE B 258 -25.49 53.16 -37.28
CA PHE B 258 -26.74 53.19 -36.53
C PHE B 258 -27.88 53.72 -37.38
N LEU B 259 -27.61 54.76 -38.18
CA LEU B 259 -28.65 55.35 -38.99
C LEU B 259 -29.14 54.37 -40.06
N ASP B 260 -28.20 53.69 -40.73
CA ASP B 260 -28.55 52.84 -41.87
C ASP B 260 -29.49 51.71 -41.41
N PRO B 261 -29.19 50.95 -40.34
CA PRO B 261 -30.10 49.90 -39.87
C PRO B 261 -31.48 50.42 -39.47
N ILE B 262 -31.52 51.55 -38.76
CA ILE B 262 -32.76 52.14 -38.29
C ILE B 262 -33.63 52.52 -39.50
N PHE B 263 -33.03 53.15 -40.51
CA PHE B 263 -33.82 53.76 -41.58
C PHE B 263 -33.83 52.94 -42.87
N LYS B 264 -32.75 52.18 -43.12
CA LYS B 264 -32.62 51.49 -44.40
C LYS B 264 -32.64 49.98 -44.22
N GLY B 265 -32.64 49.52 -42.96
CA GLY B 265 -32.72 48.11 -42.61
C GLY B 265 -31.49 47.33 -43.09
N GLU B 266 -30.32 47.99 -43.16
CA GLU B 266 -29.06 47.32 -43.47
C GLU B 266 -27.89 48.08 -42.82
N TYR B 267 -26.82 47.36 -42.50
CA TYR B 267 -25.58 47.99 -42.06
C TYR B 267 -24.86 48.55 -43.28
N PRO B 268 -24.04 49.62 -43.11
CA PRO B 268 -23.30 50.19 -44.25
C PRO B 268 -22.31 49.18 -44.86
N ALA B 269 -22.57 48.84 -46.12
CA ALA B 269 -21.85 47.83 -46.85
C ALA B 269 -20.39 48.22 -47.04
N ASP B 270 -20.10 49.53 -47.03
CA ASP B 270 -18.73 49.97 -47.22
C ASP B 270 -17.88 49.65 -46.00
N PHE B 271 -18.51 49.58 -44.81
CA PHE B 271 -17.72 49.49 -43.59
C PHE B 271 -17.73 48.08 -43.01
N MET B 272 -18.76 47.30 -43.32
CA MET B 272 -18.89 45.96 -42.76
C MET B 272 -17.64 45.12 -43.06
N PRO B 273 -16.97 45.23 -44.24
CA PRO B 273 -15.72 44.49 -44.46
C PRO B 273 -14.64 44.81 -43.43
N ARG B 274 -14.56 46.09 -43.01
CA ARG B 274 -13.58 46.48 -42.01
C ARG B 274 -13.97 45.84 -40.67
N VAL B 275 -15.27 45.80 -40.38
CA VAL B 275 -15.74 45.21 -39.14
C VAL B 275 -15.32 43.74 -39.12
N GLU B 276 -15.58 43.03 -40.22
CA GLU B 276 -15.29 41.60 -40.27
C GLU B 276 -13.78 41.37 -40.23
N ARG B 277 -13.00 42.32 -40.75
CA ARG B 277 -11.56 42.22 -40.69
C ARG B 277 -11.06 42.21 -39.24
N PHE B 278 -11.59 43.10 -38.40
CA PHE B 278 -11.06 43.24 -37.04
C PHE B 278 -11.80 42.37 -36.03
N CYS B 279 -12.99 41.86 -36.37
CA CYS B 279 -13.78 41.11 -35.39
C CYS B 279 -13.84 39.63 -35.74
N GLY B 280 -13.64 39.31 -37.03
CA GLY B 280 -14.11 38.05 -37.58
C GLY B 280 -15.63 38.05 -37.67
N ASP B 281 -16.22 36.88 -37.87
CA ASP B 281 -17.65 36.73 -37.94
C ASP B 281 -18.34 37.14 -36.63
N LEU B 282 -19.34 38.03 -36.73
CA LEU B 282 -20.08 38.49 -35.56
C LEU B 282 -21.05 37.41 -35.07
N ASN B 283 -21.50 36.55 -35.98
CA ASN B 283 -22.46 35.51 -35.66
C ASN B 283 -23.61 36.10 -34.85
N VAL B 284 -24.18 37.23 -35.29
CA VAL B 284 -25.12 37.94 -34.44
C VAL B 284 -26.44 38.21 -35.15
N ILE B 285 -26.39 38.40 -36.47
CA ILE B 285 -27.57 38.80 -37.24
C ILE B 285 -28.41 37.57 -37.56
N GLN B 286 -29.64 37.54 -37.04
CA GLN B 286 -30.52 36.41 -37.28
CA GLN B 286 -30.52 36.41 -37.28
C GLN B 286 -31.67 36.84 -38.18
N PRO B 287 -32.35 35.91 -38.90
CA PRO B 287 -33.46 36.28 -39.77
C PRO B 287 -34.53 37.03 -39.00
N GLY B 288 -35.01 38.15 -39.57
CA GLY B 288 -36.03 38.95 -38.94
C GLY B 288 -35.44 40.19 -38.25
N ASP B 289 -34.19 40.10 -37.83
CA ASP B 289 -33.55 41.14 -37.02
C ASP B 289 -33.61 42.51 -37.69
N MET B 290 -33.15 42.58 -38.95
CA MET B 290 -32.99 43.88 -39.60
C MET B 290 -34.34 44.54 -39.80
N GLU B 291 -35.37 43.71 -40.04
CA GLU B 291 -36.74 44.18 -40.19
C GLU B 291 -37.23 44.77 -38.87
N THR B 292 -36.94 44.11 -37.75
CA THR B 292 -37.35 44.56 -36.44
C THR B 292 -36.66 45.88 -36.08
N ILE B 293 -35.39 46.00 -36.43
CA ILE B 293 -34.62 47.22 -36.14
C ILE B 293 -35.22 48.40 -36.88
N SER B 294 -35.75 48.17 -38.09
CA SER B 294 -36.22 49.23 -38.97
C SER B 294 -37.73 49.48 -38.88
N VAL B 295 -38.37 49.02 -37.81
CA VAL B 295 -39.79 49.29 -37.57
C VAL B 295 -40.00 50.82 -37.54
N PRO B 296 -41.11 51.34 -38.13
CA PRO B 296 -41.38 52.78 -38.09
C PRO B 296 -41.49 53.36 -36.68
N GLN B 297 -40.73 54.45 -36.46
CA GLN B 297 -40.75 55.19 -35.20
C GLN B 297 -41.67 56.39 -35.36
N ASP B 298 -41.92 57.09 -34.24
CA ASP B 298 -42.70 58.31 -34.26
C ASP B 298 -41.79 59.52 -34.52
N PHE B 299 -40.55 59.44 -34.07
CA PHE B 299 -39.62 60.53 -34.19
C PHE B 299 -38.20 59.97 -34.17
N LEU B 300 -37.23 60.80 -34.55
CA LEU B 300 -35.82 60.53 -34.31
C LEU B 300 -35.30 61.55 -33.30
N GLY B 301 -34.64 61.04 -32.25
CA GLY B 301 -33.94 61.91 -31.32
C GLY B 301 -32.47 61.98 -31.70
N ILE B 302 -31.90 63.20 -31.69
CA ILE B 302 -30.50 63.34 -31.96
C ILE B 302 -29.83 64.09 -30.81
N ASN B 303 -28.63 63.62 -30.46
CA ASN B 303 -27.80 64.31 -29.50
C ASN B 303 -26.61 64.85 -30.26
N PHE B 304 -26.42 66.18 -30.21
CA PHE B 304 -25.38 66.81 -31.01
C PHE B 304 -24.52 67.67 -30.10
N TYR B 305 -23.20 67.60 -30.29
CA TYR B 305 -22.27 68.35 -29.46
C TYR B 305 -21.18 69.00 -30.32
N THR B 306 -20.63 68.23 -31.27
CA THR B 306 -19.42 68.63 -31.96
C THR B 306 -19.30 67.89 -33.29
N ARG B 307 -18.19 68.11 -33.99
CA ARG B 307 -17.88 67.43 -35.23
C ARG B 307 -16.47 66.87 -35.11
N SER B 308 -16.06 66.06 -36.10
CA SER B 308 -14.64 65.69 -36.15
C SER B 308 -14.08 66.03 -37.52
N VAL B 309 -12.80 66.41 -37.52
CA VAL B 309 -12.03 66.55 -38.75
C VAL B 309 -10.99 65.44 -38.75
N VAL B 310 -10.96 64.66 -39.83
CA VAL B 310 -10.13 63.47 -39.84
CA VAL B 310 -10.14 63.46 -39.83
C VAL B 310 -9.26 63.44 -41.08
N LYS B 311 -8.04 62.92 -40.91
CA LYS B 311 -7.15 62.63 -42.02
C LYS B 311 -6.85 61.13 -42.06
N ASP B 312 -6.53 60.63 -43.26
CA ASP B 312 -6.18 59.23 -43.47
C ASP B 312 -5.01 58.83 -42.58
N ASP B 313 -5.13 57.63 -41.99
CA ASP B 313 -3.98 56.94 -41.44
C ASP B 313 -3.54 55.87 -42.43
N PRO B 314 -2.48 56.11 -43.25
CA PRO B 314 -2.06 55.14 -44.25
C PRO B 314 -1.61 53.79 -43.69
N ALA B 315 -1.34 53.72 -42.39
CA ALA B 315 -0.95 52.46 -41.77
C ALA B 315 -2.00 51.36 -41.94
N ASP B 316 -3.30 51.69 -41.97
CA ASP B 316 -4.37 50.74 -42.24
C ASP B 316 -4.32 49.54 -41.30
N ASP B 317 -3.99 49.80 -40.03
CA ASP B 317 -3.80 48.74 -39.06
C ASP B 317 -4.78 48.88 -37.89
N SER B 318 -5.81 49.73 -38.05
CA SER B 318 -6.83 49.89 -37.03
C SER B 318 -8.22 49.89 -37.68
N LEU B 319 -9.27 49.75 -36.85
CA LEU B 319 -10.61 49.57 -37.37
C LEU B 319 -11.02 50.75 -38.26
N ILE B 320 -10.77 51.98 -37.81
CA ILE B 320 -11.20 53.15 -38.57
C ILE B 320 -10.05 53.69 -39.42
N SER B 321 -8.81 53.48 -38.94
CA SER B 321 -7.60 53.89 -39.63
CA SER B 321 -7.60 53.89 -39.63
C SER B 321 -7.66 55.38 -39.99
N VAL B 322 -7.88 56.25 -38.99
CA VAL B 322 -7.88 57.69 -39.23
C VAL B 322 -7.10 58.39 -38.12
N HIS B 323 -6.71 59.64 -38.37
CA HIS B 323 -6.14 60.51 -37.35
C HIS B 323 -7.03 61.74 -37.21
N GLY B 324 -7.47 62.05 -35.99
CA GLY B 324 -8.19 63.28 -35.73
C GLY B 324 -7.26 64.49 -35.86
N VAL B 325 -7.76 65.57 -36.48
CA VAL B 325 -6.98 66.79 -36.63
C VAL B 325 -7.46 67.79 -35.57
N PRO B 326 -6.64 68.10 -34.54
CA PRO B 326 -7.07 68.90 -33.40
C PRO B 326 -7.62 70.27 -33.85
N ASP B 328 -8.14 74.26 -34.24
CA ASP B 328 -7.60 75.62 -33.98
C ASP B 328 -8.73 76.52 -33.47
N ASN B 329 -9.97 76.14 -33.79
CA ASN B 329 -11.15 76.96 -33.51
C ASN B 329 -11.51 76.89 -32.03
N PRO B 330 -12.46 77.74 -31.55
CA PRO B 330 -12.84 77.75 -30.14
C PRO B 330 -13.39 76.42 -29.67
N VAL B 331 -13.09 76.07 -28.40
CA VAL B 331 -13.49 74.80 -27.83
C VAL B 331 -14.19 75.02 -26.48
N THR B 332 -14.97 74.02 -26.08
CA THR B 332 -15.59 73.97 -24.76
C THR B 332 -14.58 73.43 -23.73
N ASP B 333 -15.04 73.29 -22.49
CA ASP B 333 -14.20 72.87 -21.38
C ASP B 333 -13.86 71.38 -21.50
N MET B 334 -14.47 70.69 -22.47
CA MET B 334 -14.11 69.31 -22.77
C MET B 334 -13.03 69.30 -23.85
N GLY B 335 -12.76 70.46 -24.45
CA GLY B 335 -11.83 70.56 -25.55
C GLY B 335 -12.47 70.16 -26.88
N TRP B 336 -13.82 70.14 -26.95
CA TRP B 336 -14.50 69.86 -28.19
C TRP B 336 -14.73 71.17 -28.96
N GLU B 337 -14.55 71.10 -30.27
CA GLU B 337 -14.77 72.23 -31.16
C GLU B 337 -16.23 72.68 -31.07
N ILE B 338 -16.42 74.01 -31.02
CA ILE B 338 -17.72 74.62 -31.19
C ILE B 338 -17.93 74.86 -32.68
N TYR B 339 -18.85 74.12 -33.31
CA TYR B 339 -19.07 74.23 -34.74
C TYR B 339 -20.56 74.03 -35.05
N PRO B 340 -21.39 75.07 -34.81
CA PRO B 340 -22.84 74.95 -35.01
C PRO B 340 -23.29 74.66 -36.43
N ASP B 341 -22.44 74.96 -37.42
CA ASP B 341 -22.75 74.70 -38.82
C ASP B 341 -22.93 73.20 -39.03
N ALA B 342 -22.19 72.39 -38.25
CA ALA B 342 -22.31 70.94 -38.32
C ALA B 342 -23.72 70.52 -37.94
N LEU B 343 -24.36 71.22 -37.01
CA LEU B 343 -25.72 70.83 -36.61
C LEU B 343 -26.69 71.15 -37.73
N TYR B 344 -26.53 72.32 -38.35
CA TYR B 344 -27.36 72.73 -39.46
C TYR B 344 -27.25 71.71 -40.60
N ASP B 345 -26.01 71.39 -40.97
CA ASP B 345 -25.73 70.41 -42.02
C ASP B 345 -26.34 69.06 -41.67
N LEU B 346 -26.19 68.64 -40.40
CA LEU B 346 -26.67 67.32 -39.98
C LEU B 346 -28.19 67.22 -40.12
N LEU B 347 -28.92 68.26 -39.66
CA LEU B 347 -30.37 68.23 -39.73
C LEU B 347 -30.83 68.12 -41.19
N HIS B 348 -30.16 68.86 -42.07
CA HIS B 348 -30.45 68.80 -43.51
C HIS B 348 -30.15 67.40 -44.05
N ARG B 349 -29.06 66.79 -43.57
CA ARG B 349 -28.68 65.46 -44.03
C ARG B 349 -29.78 64.46 -43.66
N LEU B 350 -30.30 64.59 -42.43
CA LEU B 350 -31.30 63.67 -41.96
C LEU B 350 -32.56 63.83 -42.80
N LYS B 351 -32.98 65.08 -43.03
CA LYS B 351 -34.13 65.44 -43.84
C LYS B 351 -33.97 64.85 -45.25
N ASN B 352 -32.78 65.03 -45.85
CA ASN B 352 -32.56 64.75 -47.26
C ASN B 352 -32.34 63.25 -47.52
N GLU B 353 -31.68 62.55 -46.59
CA GLU B 353 -31.19 61.20 -46.86
C GLU B 353 -31.88 60.13 -46.03
N TYR B 354 -32.50 60.49 -44.90
CA TYR B 354 -32.93 59.47 -43.96
C TYR B 354 -34.44 59.50 -43.69
N THR B 355 -35.00 60.65 -43.32
CA THR B 355 -36.33 60.63 -42.74
C THR B 355 -37.03 61.99 -42.90
N ASP B 356 -38.35 61.91 -43.06
CA ASP B 356 -39.22 63.08 -42.98
C ASP B 356 -39.95 63.10 -41.65
N LEU B 357 -39.61 62.15 -40.76
CA LEU B 357 -40.18 62.11 -39.42
C LEU B 357 -39.79 63.35 -38.63
N PRO B 358 -40.59 63.71 -37.59
CA PRO B 358 -40.17 64.72 -36.61
C PRO B 358 -38.80 64.39 -36.01
N ILE B 359 -37.92 65.40 -35.98
CA ILE B 359 -36.63 65.32 -35.32
C ILE B 359 -36.73 66.12 -34.01
N TYR B 360 -36.18 65.55 -32.92
CA TYR B 360 -36.05 66.26 -31.66
C TYR B 360 -34.57 66.27 -31.31
N ILE B 361 -34.03 67.44 -30.97
CA ILE B 361 -32.71 67.47 -30.39
C ILE B 361 -32.87 67.11 -28.91
N THR B 362 -32.59 65.84 -28.60
CA THR B 362 -32.80 65.28 -27.27
C THR B 362 -31.65 65.66 -26.33
N GLU B 363 -30.53 66.16 -26.89
CA GLU B 363 -29.49 66.74 -26.08
C GLU B 363 -28.65 67.68 -26.93
N ASN B 364 -28.22 68.79 -26.29
CA ASN B 364 -27.23 69.70 -26.82
C ASN B 364 -26.76 70.59 -25.66
N GLY B 365 -25.45 70.85 -25.57
CA GLY B 365 -24.97 71.58 -24.40
C GLY B 365 -23.46 71.67 -24.40
N ALA B 366 -22.89 72.22 -23.33
CA ALA B 366 -21.45 72.40 -23.28
C ALA B 366 -20.95 72.35 -21.84
N ALA B 367 -19.76 71.79 -21.67
CA ALA B 367 -19.02 71.91 -20.42
C ALA B 367 -18.41 73.29 -20.35
N ASN B 368 -18.38 73.86 -19.13
CA ASN B 368 -17.82 75.17 -18.87
C ASN B 368 -17.13 75.11 -17.50
N ALA B 369 -16.00 75.79 -17.36
CA ALA B 369 -15.29 75.83 -16.10
C ALA B 369 -15.99 76.79 -15.13
N ASP B 370 -17.08 76.32 -14.50
CA ASP B 370 -18.00 77.16 -13.77
C ASP B 370 -17.56 77.36 -12.32
N ALA B 371 -17.72 78.59 -11.83
CA ALA B 371 -17.36 78.96 -10.47
C ALA B 371 -18.42 79.94 -9.96
N ILE B 372 -18.75 79.84 -8.66
CA ILE B 372 -19.65 80.79 -8.03
C ILE B 372 -18.86 82.02 -7.61
N VAL B 373 -19.24 83.18 -8.16
CA VAL B 373 -18.67 84.47 -7.83
C VAL B 373 -19.84 85.39 -7.46
N ASN B 374 -19.81 85.87 -6.23
CA ASN B 374 -20.86 86.69 -5.61
C ASN B 374 -22.21 85.96 -5.67
N GLY B 375 -22.20 84.65 -5.39
CA GLY B 375 -23.42 83.86 -5.36
C GLY B 375 -24.07 83.71 -6.73
N GLU B 376 -23.32 83.96 -7.81
CA GLU B 376 -23.84 83.75 -9.16
C GLU B 376 -22.83 82.95 -9.99
N VAL B 377 -23.30 82.36 -11.09
CA VAL B 377 -22.42 81.68 -12.04
C VAL B 377 -22.60 82.31 -13.41
N GLU B 378 -21.59 83.09 -13.85
CA GLU B 378 -21.75 83.86 -15.08
C GLU B 378 -21.15 83.09 -16.25
N ASP B 379 -21.86 82.05 -16.71
CA ASP B 379 -21.40 81.10 -17.69
C ASP B 379 -21.75 81.59 -19.10
N THR B 380 -21.18 82.73 -19.48
CA THR B 380 -21.47 83.38 -20.75
C THR B 380 -21.14 82.44 -21.90
N PRO B 381 -19.98 81.72 -21.89
CA PRO B 381 -19.63 80.81 -22.97
C PRO B 381 -20.71 79.76 -23.24
N ARG B 382 -21.35 79.26 -22.18
CA ARG B 382 -22.45 78.31 -22.31
C ARG B 382 -23.63 78.95 -23.05
N ILE B 383 -24.00 80.18 -22.65
CA ILE B 383 -25.06 80.93 -23.32
C ILE B 383 -24.72 81.06 -24.82
N ASP B 384 -23.50 81.50 -25.11
CA ASP B 384 -23.04 81.69 -26.48
C ASP B 384 -23.16 80.40 -27.27
N TYR B 385 -22.84 79.25 -26.64
CA TYR B 385 -22.88 77.97 -27.31
C TYR B 385 -24.32 77.61 -27.69
N VAL B 386 -25.24 77.75 -26.73
CA VAL B 386 -26.62 77.35 -26.93
C VAL B 386 -27.28 78.28 -27.96
N ARG B 387 -26.97 79.58 -27.87
CA ARG B 387 -27.49 80.55 -28.84
C ARG B 387 -27.13 80.16 -30.27
N GLN B 388 -25.85 79.83 -30.49
CA GLN B 388 -25.35 79.45 -31.81
C GLN B 388 -26.07 78.22 -32.34
N HIS B 389 -26.30 77.21 -31.47
CA HIS B 389 -26.95 75.97 -31.90
C HIS B 389 -28.43 76.19 -32.18
N LEU B 390 -29.08 77.05 -31.39
CA LEU B 390 -30.50 77.31 -31.63
C LEU B 390 -30.67 78.13 -32.92
N ASP B 391 -29.68 78.97 -33.25
CA ASP B 391 -29.74 79.72 -34.51
C ASP B 391 -29.64 78.73 -35.68
N ALA B 392 -28.75 77.74 -35.56
CA ALA B 392 -28.60 76.71 -36.58
C ALA B 392 -29.91 75.95 -36.77
N ALA B 393 -30.52 75.57 -35.63
CA ALA B 393 -31.82 74.90 -35.63
C ALA B 393 -32.89 75.78 -36.26
N HIS B 394 -32.87 77.08 -35.94
CA HIS B 394 -33.89 77.98 -36.44
C HIS B 394 -33.80 78.04 -37.97
N ARG B 395 -32.57 78.08 -38.50
CA ARG B 395 -32.36 78.13 -39.95
C ARG B 395 -32.93 76.89 -40.65
N PHE B 396 -32.72 75.72 -40.04
CA PHE B 396 -33.23 74.47 -40.57
C PHE B 396 -34.77 74.52 -40.64
N ILE B 397 -35.40 75.01 -39.57
CA ILE B 397 -36.85 75.13 -39.48
C ILE B 397 -37.36 76.05 -40.59
N GLN B 398 -36.65 77.15 -40.83
CA GLN B 398 -37.03 78.16 -41.81
C GLN B 398 -37.00 77.57 -43.21
N GLU B 399 -36.14 76.56 -43.42
CA GLU B 399 -35.98 75.92 -44.71
C GLU B 399 -36.81 74.65 -44.78
N GLY B 400 -37.83 74.54 -43.95
CA GLY B 400 -38.79 73.44 -44.02
C GLY B 400 -38.44 72.23 -43.14
N GLY B 401 -37.41 72.36 -42.30
CA GLY B 401 -36.96 71.23 -41.47
C GLY B 401 -37.98 70.87 -40.39
N ASN B 402 -38.22 69.56 -40.22
CA ASN B 402 -39.24 69.05 -39.31
C ASN B 402 -38.68 68.84 -37.90
N LEU B 403 -38.06 69.89 -37.33
CA LEU B 403 -37.55 69.88 -35.97
C LEU B 403 -38.63 70.37 -35.00
N LYS B 404 -38.96 69.54 -34.00
CA LYS B 404 -40.14 69.77 -33.19
CA LYS B 404 -40.14 69.78 -33.19
C LYS B 404 -39.79 70.11 -31.74
N GLY B 405 -38.52 69.95 -31.34
CA GLY B 405 -38.17 70.15 -29.94
C GLY B 405 -36.67 70.22 -29.69
N TYR B 406 -36.29 70.80 -28.56
CA TYR B 406 -34.91 70.97 -28.17
C TYR B 406 -34.78 70.75 -26.67
N TYR B 407 -33.87 69.85 -26.29
CA TYR B 407 -33.59 69.62 -24.88
C TYR B 407 -32.15 69.99 -24.59
N LEU B 408 -31.95 70.92 -23.65
CA LEU B 408 -30.63 71.33 -23.22
C LEU B 408 -30.06 70.27 -22.25
N TRP B 409 -28.86 69.79 -22.57
CA TRP B 409 -28.08 69.01 -21.62
C TRP B 409 -27.14 69.95 -20.87
N SER B 410 -27.30 70.08 -19.54
CA SER B 410 -28.24 69.36 -18.70
C SER B 410 -28.97 70.34 -17.80
N LEU B 411 -30.07 69.89 -17.18
CA LEU B 411 -30.78 70.69 -16.18
C LEU B 411 -29.83 71.08 -15.05
N MET B 412 -28.98 70.16 -14.59
CA MET B 412 -28.08 70.43 -13.48
C MET B 412 -26.72 69.75 -13.74
N ASP B 413 -25.67 70.30 -13.13
CA ASP B 413 -24.38 69.65 -13.07
C ASP B 413 -24.58 68.24 -12.54
N ASN B 414 -23.74 67.29 -12.99
CA ASN B 414 -24.00 65.89 -12.67
C ASN B 414 -22.73 65.05 -12.87
N PHE B 415 -22.87 63.75 -12.60
CA PHE B 415 -21.78 62.79 -12.76
C PHE B 415 -21.48 62.60 -14.24
N GLU B 416 -20.34 63.14 -14.68
CA GLU B 416 -19.96 63.17 -16.08
C GLU B 416 -19.19 61.90 -16.43
N TRP B 417 -19.83 60.75 -16.19
CA TRP B 417 -19.31 59.43 -16.54
C TRP B 417 -17.84 59.29 -16.15
N ALA B 418 -16.94 59.07 -17.13
CA ALA B 418 -15.55 58.77 -16.79
C ALA B 418 -14.85 59.97 -16.17
N PHE B 419 -15.41 61.17 -16.34
CA PHE B 419 -14.82 62.38 -15.79
C PHE B 419 -15.31 62.68 -14.38
N GLY B 420 -16.27 61.89 -13.88
CA GLY B 420 -16.79 62.12 -12.55
C GLY B 420 -17.41 63.51 -12.42
N TYR B 421 -17.20 64.15 -11.26
CA TYR B 421 -17.81 65.46 -10.99
C TYR B 421 -16.90 66.58 -11.43
N THR B 422 -15.89 66.25 -12.25
CA THR B 422 -14.84 67.20 -12.58
C THR B 422 -15.27 68.12 -13.73
N LYS B 423 -16.39 67.78 -14.38
CA LYS B 423 -16.85 68.55 -15.53
C LYS B 423 -18.31 68.94 -15.30
N ARG B 424 -18.70 70.13 -15.76
CA ARG B 424 -20.01 70.67 -15.44
C ARG B 424 -20.72 71.07 -16.72
N PHE B 425 -21.92 70.49 -16.95
CA PHE B 425 -22.73 70.73 -18.13
C PHE B 425 -24.06 71.41 -17.77
N GLY B 426 -24.31 71.63 -16.47
CA GLY B 426 -25.62 72.12 -16.05
C GLY B 426 -25.90 73.58 -16.40
N ILE B 427 -27.19 73.93 -16.46
CA ILE B 427 -27.64 75.31 -16.38
C ILE B 427 -27.96 75.66 -14.94
N ILE B 428 -27.89 74.64 -14.04
CA ILE B 428 -27.95 74.84 -12.61
C ILE B 428 -26.67 74.26 -12.00
N TYR B 429 -25.98 75.09 -11.20
CA TYR B 429 -24.78 74.66 -10.52
C TYR B 429 -25.17 73.81 -9.31
N VAL B 430 -24.41 72.74 -9.05
CA VAL B 430 -24.64 71.93 -7.86
C VAL B 430 -23.35 71.87 -7.06
N ASP B 431 -23.42 72.35 -5.81
CA ASP B 431 -22.34 72.12 -4.86
C ASP B 431 -22.54 70.73 -4.28
N TYR B 432 -21.60 69.82 -4.52
CA TYR B 432 -21.76 68.44 -4.11
C TYR B 432 -21.59 68.24 -2.61
N GLU B 433 -20.91 69.19 -1.95
CA GLU B 433 -20.73 69.15 -0.52
CA GLU B 433 -20.73 69.15 -0.51
C GLU B 433 -22.04 69.48 0.20
N THR B 434 -22.84 70.40 -0.36
CA THR B 434 -24.01 70.91 0.35
C THR B 434 -25.29 70.49 -0.35
N GLN B 435 -25.17 70.10 -1.63
CA GLN B 435 -26.29 69.79 -2.51
C GLN B 435 -27.09 71.04 -2.87
N VAL B 436 -26.56 72.23 -2.57
CA VAL B 436 -27.25 73.47 -2.92
C VAL B 436 -27.24 73.64 -4.44
N ARG B 437 -28.41 73.98 -4.99
CA ARG B 437 -28.60 74.33 -6.40
C ARG B 437 -28.52 75.85 -6.59
N THR B 438 -27.69 76.29 -7.54
CA THR B 438 -27.60 77.69 -7.89
C THR B 438 -27.85 77.82 -9.39
N PRO B 439 -29.02 78.28 -9.85
CA PRO B 439 -29.24 78.55 -11.27
C PRO B 439 -28.13 79.45 -11.82
N LYS B 440 -27.58 79.09 -12.97
CA LYS B 440 -26.51 79.86 -13.60
C LYS B 440 -27.16 80.93 -14.50
N ALA B 441 -26.33 81.84 -15.02
CA ALA B 441 -26.78 82.84 -15.99
C ALA B 441 -27.54 82.16 -17.12
N SER B 442 -27.05 80.97 -17.53
CA SER B 442 -27.64 80.21 -18.63
C SER B 442 -29.09 79.81 -18.33
N PHE B 443 -29.39 79.52 -17.05
CA PHE B 443 -30.75 79.22 -16.63
C PHE B 443 -31.65 80.42 -16.92
N HIS B 444 -31.23 81.61 -16.48
CA HIS B 444 -32.03 82.84 -16.63
C HIS B 444 -32.20 83.19 -18.10
N TRP B 445 -31.15 82.97 -18.90
CA TRP B 445 -31.19 83.23 -20.33
C TRP B 445 -32.16 82.26 -21.04
N TYR B 446 -32.06 80.96 -20.71
CA TYR B 446 -32.88 79.95 -21.36
C TYR B 446 -34.35 80.14 -20.96
N ARG B 447 -34.57 80.58 -19.72
CA ARG B 447 -35.91 80.90 -19.24
C ARG B 447 -36.53 81.96 -20.16
N GLN B 448 -35.71 82.95 -20.56
CA GLN B 448 -36.16 84.03 -21.43
CA GLN B 448 -36.16 84.03 -21.43
C GLN B 448 -36.46 83.49 -22.83
N VAL B 449 -35.56 82.63 -23.35
CA VAL B 449 -35.72 81.99 -24.65
C VAL B 449 -37.10 81.30 -24.68
N ILE B 450 -37.40 80.53 -23.63
CA ILE B 450 -38.66 79.79 -23.56
C ILE B 450 -39.84 80.76 -23.52
N GLU B 451 -39.76 81.81 -22.67
CA GLU B 451 -40.85 82.76 -22.52
C GLU B 451 -41.13 83.46 -23.86
N ASN B 452 -40.07 83.75 -24.64
CA ASN B 452 -40.19 84.51 -25.88
C ASN B 452 -40.42 83.56 -27.06
N ASN B 453 -40.28 82.25 -26.82
CA ASN B 453 -40.33 81.21 -27.83
C ASN B 453 -39.28 81.47 -28.91
N GLY B 454 -38.09 81.93 -28.51
CA GLY B 454 -37.03 82.10 -29.47
C GLY B 454 -35.92 83.00 -28.95
N LEU B 455 -35.01 83.33 -29.88
CA LEU B 455 -33.82 84.14 -29.61
C LEU B 455 -34.17 85.62 -29.83
N THR B 456 -33.66 86.47 -28.95
CA THR B 456 -33.96 87.89 -28.99
CA THR B 456 -33.96 87.89 -28.99
C THR B 456 -32.68 88.70 -28.80
N ASP B 457 -31.52 88.02 -28.91
CA ASP B 457 -30.22 88.66 -28.76
C ASP B 457 -29.22 88.10 -29.77
N LYS B 458 -27.98 88.65 -29.84
CA LYS B 458 -27.12 88.34 -30.98
C LYS B 458 -25.72 87.81 -30.61
N THR C 10 14.91 -13.18 -38.03
CA THR C 10 15.49 -13.68 -39.31
C THR C 10 17.02 -13.56 -39.26
N GLY C 11 17.69 -14.54 -39.88
CA GLY C 11 19.13 -14.51 -40.09
C GLY C 11 19.93 -15.13 -38.95
N LYS C 12 21.19 -14.74 -38.81
CA LYS C 12 22.07 -15.18 -37.74
C LYS C 12 21.85 -14.31 -36.50
N ARG C 13 21.74 -14.96 -35.32
CA ARG C 13 21.70 -14.22 -34.08
C ARG C 13 23.07 -14.31 -33.43
N GLN C 14 23.90 -13.27 -33.63
CA GLN C 14 25.26 -13.24 -33.11
C GLN C 14 25.33 -12.58 -31.74
N PHE C 15 26.02 -13.25 -30.82
CA PHE C 15 26.17 -12.81 -29.45
C PHE C 15 27.36 -11.85 -29.36
N PRO C 16 27.52 -11.09 -28.25
CA PRO C 16 28.68 -10.22 -28.06
C PRO C 16 30.01 -10.94 -28.17
N ASP C 17 31.06 -10.22 -28.59
CA ASP C 17 32.36 -10.80 -28.89
C ASP C 17 32.92 -11.55 -27.69
N ASP C 18 32.58 -11.11 -26.48
CA ASP C 18 33.25 -11.62 -25.30
C ASP C 18 32.35 -12.60 -24.54
N PHE C 19 31.22 -13.00 -25.18
CA PHE C 19 30.19 -13.78 -24.50
C PHE C 19 30.77 -15.12 -24.05
N ILE C 20 30.38 -15.56 -22.84
CA ILE C 20 30.94 -16.74 -22.24
C ILE C 20 29.99 -17.92 -22.44
N TRP C 21 30.46 -18.92 -23.22
CA TRP C 21 29.67 -20.11 -23.48
C TRP C 21 30.15 -21.23 -22.56
N GLY C 22 29.22 -21.86 -21.84
CA GLY C 22 29.63 -22.84 -20.85
C GLY C 22 28.72 -24.06 -20.82
N ALA C 23 29.09 -24.99 -19.93
CA ALA C 23 28.26 -26.15 -19.61
C ALA C 23 28.44 -26.39 -18.12
N ALA C 24 27.43 -27.01 -17.50
CA ALA C 24 27.42 -27.08 -16.04
C ALA C 24 27.17 -28.49 -15.54
N THR C 25 27.77 -28.82 -14.39
CA THR C 25 27.50 -30.05 -13.64
C THR C 25 27.48 -29.73 -12.14
N ALA C 26 27.29 -30.77 -11.33
CA ALA C 26 27.43 -30.68 -9.88
C ALA C 26 28.03 -31.97 -9.32
N SER C 27 28.80 -31.82 -8.24
CA SER C 27 29.66 -32.84 -7.67
C SER C 27 28.94 -34.19 -7.46
N TYR C 28 27.87 -34.19 -6.67
CA TYR C 28 27.25 -35.46 -6.31
C TYR C 28 26.63 -36.13 -7.54
N GLN C 29 26.34 -35.31 -8.54
CA GLN C 29 25.57 -35.78 -9.68
C GLN C 29 26.44 -36.56 -10.68
N ILE C 30 27.76 -36.30 -10.69
CA ILE C 30 28.63 -36.90 -11.69
C ILE C 30 29.84 -37.64 -11.10
N GLU C 31 30.30 -37.23 -9.90
CA GLU C 31 31.65 -37.58 -9.49
C GLU C 31 31.79 -39.08 -9.21
N GLY C 32 30.82 -39.67 -8.49
CA GLY C 32 31.03 -40.98 -7.90
C GLY C 32 32.22 -40.93 -6.94
N ALA C 33 33.00 -42.02 -6.88
CA ALA C 33 34.06 -42.18 -5.89
C ALA C 33 33.59 -41.66 -4.53
N ALA C 34 32.38 -42.07 -4.14
CA ALA C 34 31.75 -41.58 -2.92
C ALA C 34 32.49 -42.09 -1.68
N ASN C 35 33.20 -43.23 -1.76
CA ASN C 35 33.79 -43.79 -0.55
C ASN C 35 35.33 -43.87 -0.68
N GLU C 36 35.91 -42.98 -1.50
CA GLU C 36 37.35 -43.00 -1.73
C GLU C 36 37.99 -41.74 -1.19
N GLY C 37 39.28 -41.86 -0.83
CA GLY C 37 40.10 -40.73 -0.43
C GLY C 37 39.63 -40.07 0.87
N GLY C 38 38.86 -40.82 1.66
CA GLY C 38 38.42 -40.38 2.98
C GLY C 38 37.13 -39.56 2.95
N ARG C 39 36.42 -39.54 1.82
CA ARG C 39 35.21 -38.73 1.71
C ARG C 39 34.18 -39.22 2.71
N GLY C 40 33.58 -38.28 3.47
CA GLY C 40 32.50 -38.65 4.38
C GLY C 40 31.15 -38.57 3.65
N PRO C 41 30.09 -39.20 4.19
CA PRO C 41 28.77 -39.14 3.53
C PRO C 41 28.18 -37.73 3.58
N SER C 42 27.50 -37.34 2.50
CA SER C 42 26.67 -36.15 2.47
C SER C 42 25.23 -36.54 2.77
N ILE C 43 24.38 -35.52 2.95
CA ILE C 43 22.96 -35.70 3.19
C ILE C 43 22.34 -36.47 2.02
N TRP C 44 22.95 -36.35 0.84
CA TRP C 44 22.45 -37.01 -0.35
C TRP C 44 22.82 -38.51 -0.40
N ASP C 45 23.96 -38.88 0.18
CA ASP C 45 24.32 -40.29 0.39
C ASP C 45 23.25 -40.92 1.28
N THR C 46 23.01 -40.31 2.44
CA THR C 46 22.02 -40.79 3.40
C THR C 46 20.64 -40.92 2.75
N PHE C 47 20.22 -39.87 2.02
CA PHE C 47 18.88 -39.74 1.47
C PHE C 47 18.67 -40.77 0.37
N SER C 48 19.61 -40.87 -0.58
CA SER C 48 19.46 -41.80 -1.68
C SER C 48 19.48 -43.26 -1.20
N LYS C 49 20.19 -43.51 -0.09
CA LYS C 49 20.30 -44.85 0.49
C LYS C 49 19.10 -45.20 1.35
N THR C 50 18.16 -44.25 1.50
CA THR C 50 16.92 -44.49 2.22
C THR C 50 15.85 -45.00 1.26
N PRO C 51 15.28 -46.20 1.50
CA PRO C 51 14.23 -46.73 0.61
C PRO C 51 13.10 -45.73 0.42
N GLY C 52 12.85 -45.36 -0.83
CA GLY C 52 11.66 -44.62 -1.21
C GLY C 52 11.97 -43.18 -1.56
N LYS C 53 13.20 -42.71 -1.29
CA LYS C 53 13.51 -41.31 -1.47
C LYS C 53 13.94 -41.00 -2.90
N VAL C 54 14.61 -41.95 -3.57
CA VAL C 54 15.07 -41.78 -4.94
C VAL C 54 14.53 -42.94 -5.79
N LEU C 55 14.01 -42.63 -6.99
CA LEU C 55 13.46 -43.65 -7.88
C LEU C 55 14.47 -44.80 -8.06
N LEU C 56 13.94 -46.03 -8.00
CA LEU C 56 14.68 -47.25 -8.26
C LEU C 56 15.82 -47.43 -7.24
N GLY C 57 15.83 -46.63 -6.16
CA GLY C 57 16.88 -46.74 -5.15
C GLY C 57 18.25 -46.27 -5.65
N HIS C 58 18.29 -45.48 -6.75
CA HIS C 58 19.56 -45.03 -7.31
C HIS C 58 20.31 -44.15 -6.31
N THR C 59 21.65 -44.18 -6.39
CA THR C 59 22.50 -43.35 -5.56
C THR C 59 23.61 -42.74 -6.40
N GLY C 60 24.37 -41.83 -5.80
CA GLY C 60 25.52 -41.21 -6.46
C GLY C 60 26.82 -41.91 -6.11
N ASP C 61 26.75 -43.18 -5.70
CA ASP C 61 27.93 -43.93 -5.36
C ASP C 61 28.94 -43.96 -6.51
N VAL C 62 28.45 -44.17 -7.74
CA VAL C 62 29.31 -44.28 -8.91
C VAL C 62 29.02 -43.13 -9.88
N ALA C 63 27.73 -42.87 -10.14
CA ALA C 63 27.32 -41.83 -11.07
C ALA C 63 28.09 -41.97 -12.39
N CYS C 64 28.75 -40.89 -12.83
CA CYS C 64 29.46 -40.88 -14.12
C CYS C 64 30.95 -41.19 -13.92
N ASP C 65 31.32 -41.57 -12.69
CA ASP C 65 32.67 -41.94 -12.34
C ASP C 65 33.65 -40.84 -12.77
N HIS C 66 33.19 -39.59 -12.73
CA HIS C 66 33.93 -38.45 -13.27
C HIS C 66 35.17 -38.16 -12.43
N PHE C 67 35.11 -38.51 -11.13
CA PHE C 67 36.26 -38.34 -10.25
C PHE C 67 37.48 -39.00 -10.87
N HIS C 68 37.27 -40.11 -11.56
CA HIS C 68 38.33 -40.91 -12.17
C HIS C 68 38.54 -40.56 -13.64
N ARG C 69 37.47 -40.15 -14.33
CA ARG C 69 37.46 -40.03 -15.79
C ARG C 69 37.60 -38.58 -16.25
N TYR C 70 38.02 -37.67 -15.37
CA TYR C 70 37.98 -36.23 -15.61
C TYR C 70 38.82 -35.84 -16.83
N GLU C 71 39.98 -36.51 -17.01
CA GLU C 71 40.89 -36.16 -18.10
C GLU C 71 40.16 -36.29 -19.45
N SER C 72 39.51 -37.45 -19.67
CA SER C 72 38.76 -37.72 -20.89
C SER C 72 37.58 -36.76 -21.03
N ASP C 73 36.92 -36.45 -19.90
CA ASP C 73 35.78 -35.56 -19.92
C ASP C 73 36.22 -34.17 -20.37
N VAL C 74 37.37 -33.68 -19.87
CA VAL C 74 37.84 -32.35 -20.22
C VAL C 74 38.20 -32.29 -21.71
N LYS C 75 38.71 -33.39 -22.26
CA LYS C 75 39.00 -33.47 -23.68
CA LYS C 75 39.00 -33.48 -23.69
C LYS C 75 37.70 -33.30 -24.49
N LEU C 76 36.60 -33.86 -24.01
CA LEU C 76 35.32 -33.65 -24.67
C LEU C 76 34.87 -32.19 -24.54
N MET C 77 35.26 -31.52 -23.44
CA MET C 77 34.94 -30.11 -23.26
C MET C 77 35.70 -29.26 -24.26
N ALA C 78 36.96 -29.64 -24.51
CA ALA C 78 37.82 -28.96 -25.48
C ALA C 78 37.26 -29.15 -26.89
N ASP C 79 36.77 -30.35 -27.19
CA ASP C 79 36.12 -30.63 -28.46
C ASP C 79 34.90 -29.73 -28.62
N LEU C 80 34.12 -29.60 -27.53
CA LEU C 80 32.92 -28.78 -27.53
C LEU C 80 33.26 -27.31 -27.79
N GLY C 81 34.34 -26.86 -27.16
CA GLY C 81 34.79 -25.48 -27.32
C GLY C 81 34.25 -24.53 -26.25
N ILE C 82 33.73 -25.06 -25.12
CA ILE C 82 33.27 -24.18 -24.05
C ILE C 82 34.45 -23.34 -23.54
N LYS C 83 34.16 -22.09 -23.20
CA LYS C 83 35.18 -21.20 -22.65
C LYS C 83 35.22 -21.33 -21.12
N SER C 84 34.12 -21.85 -20.54
CA SER C 84 34.01 -22.01 -19.10
C SER C 84 33.29 -23.31 -18.74
N TYR C 85 33.78 -24.00 -17.71
CA TYR C 85 33.12 -25.19 -17.21
C TYR C 85 32.70 -24.95 -15.76
N ARG C 86 31.38 -25.03 -15.52
CA ARG C 86 30.90 -24.85 -14.16
C ARG C 86 30.70 -26.21 -13.50
N PHE C 87 31.32 -26.37 -12.35
CA PHE C 87 31.25 -27.59 -11.54
C PHE C 87 31.15 -27.16 -10.07
N SER C 88 30.88 -28.13 -9.17
CA SER C 88 30.76 -27.82 -7.75
C SER C 88 31.82 -28.56 -6.92
N LEU C 89 32.07 -28.05 -5.71
CA LEU C 89 33.08 -28.62 -4.83
C LEU C 89 32.41 -29.51 -3.79
N ALA C 90 32.94 -30.70 -3.59
CA ALA C 90 32.39 -31.66 -2.65
C ALA C 90 32.92 -31.39 -1.24
N TRP C 91 32.15 -30.60 -0.49
CA TRP C 91 32.33 -30.35 0.93
C TRP C 91 32.74 -31.63 1.69
N PRO C 92 32.02 -32.77 1.51
CA PRO C 92 32.36 -33.99 2.27
C PRO C 92 33.71 -34.64 1.98
N ARG C 93 34.39 -34.21 0.90
CA ARG C 93 35.75 -34.71 0.64
C ARG C 93 36.74 -33.93 1.51
N VAL C 94 36.33 -32.76 2.00
CA VAL C 94 37.22 -31.85 2.71
C VAL C 94 36.92 -31.83 4.21
N MET C 95 35.63 -31.86 4.58
CA MET C 95 35.24 -31.93 5.99
C MET C 95 34.40 -33.19 6.16
N PRO C 96 35.01 -34.40 6.16
CA PRO C 96 34.24 -35.65 6.14
C PRO C 96 33.55 -35.99 7.46
N GLU C 97 34.14 -35.56 8.58
CA GLU C 97 33.57 -35.77 9.90
C GLU C 97 33.79 -34.51 10.74
N LYS C 98 32.99 -34.34 11.79
CA LYS C 98 33.13 -33.24 12.72
C LYS C 98 34.59 -33.15 13.19
N GLY C 99 35.18 -31.96 13.05
CA GLY C 99 36.52 -31.69 13.56
C GLY C 99 37.64 -32.29 12.73
N ARG C 100 37.31 -32.87 11.57
CA ARG C 100 38.32 -33.45 10.69
C ARG C 100 38.37 -32.63 9.38
N TYR C 101 39.59 -32.21 9.00
CA TYR C 101 39.87 -31.50 7.76
C TYR C 101 40.88 -32.29 6.94
N LEU C 102 40.55 -32.54 5.66
CA LEU C 102 41.47 -33.18 4.73
C LEU C 102 41.88 -32.14 3.69
N GLU C 103 43.13 -31.67 3.78
CA GLU C 103 43.69 -30.78 2.76
C GLU C 103 43.66 -31.48 1.40
N SER C 104 43.92 -32.80 1.42
CA SER C 104 43.91 -33.64 0.23
C SER C 104 42.55 -33.65 -0.48
N GLY C 105 41.49 -33.19 0.19
CA GLY C 105 40.15 -33.29 -0.37
C GLY C 105 39.94 -32.38 -1.59
N PHE C 106 40.85 -31.40 -1.76
CA PHE C 106 40.83 -30.50 -2.91
C PHE C 106 41.71 -31.01 -4.05
N ASP C 107 42.36 -32.17 -3.86
CA ASP C 107 43.29 -32.72 -4.84
C ASP C 107 42.61 -32.94 -6.19
N PHE C 108 41.45 -33.56 -6.20
CA PHE C 108 40.73 -33.78 -7.45
C PHE C 108 40.54 -32.46 -8.23
N TYR C 109 40.12 -31.40 -7.51
CA TYR C 109 39.82 -30.12 -8.13
C TYR C 109 41.09 -29.52 -8.73
N LYS C 110 42.23 -29.74 -8.05
CA LYS C 110 43.51 -29.29 -8.55
C LYS C 110 43.85 -30.01 -9.86
N ARG C 111 43.60 -31.33 -9.92
CA ARG C 111 43.86 -32.13 -11.11
C ARG C 111 42.93 -31.68 -12.24
N LEU C 112 41.64 -31.47 -11.91
CA LEU C 112 40.64 -31.06 -12.88
C LEU C 112 41.04 -29.72 -13.48
N ILE C 113 41.42 -28.79 -12.61
CA ILE C 113 41.75 -27.43 -13.02
C ILE C 113 43.01 -27.40 -13.88
N GLU C 114 43.98 -28.29 -13.61
CA GLU C 114 45.18 -28.47 -14.43
C GLU C 114 44.75 -28.77 -15.88
N GLN C 115 43.85 -29.77 -16.00
CA GLN C 115 43.36 -30.18 -17.29
C GLN C 115 42.62 -29.02 -17.99
N LEU C 116 41.80 -28.26 -17.22
CA LEU C 116 41.02 -27.18 -17.78
C LEU C 116 41.97 -26.14 -18.37
N HIS C 117 42.99 -25.73 -17.57
CA HIS C 117 43.89 -24.68 -18.01
C HIS C 117 44.69 -25.14 -19.21
N LYS C 118 45.03 -26.43 -19.24
CA LYS C 118 45.77 -27.00 -20.37
C LYS C 118 44.99 -26.83 -21.67
N HIS C 119 43.65 -26.86 -21.58
CA HIS C 119 42.81 -26.80 -22.77
C HIS C 119 42.17 -25.42 -22.97
N GLY C 120 42.65 -24.43 -22.19
CA GLY C 120 42.17 -23.05 -22.30
C GLY C 120 40.72 -22.87 -21.87
N ILE C 121 40.26 -23.70 -20.92
CA ILE C 121 38.92 -23.57 -20.35
C ILE C 121 39.06 -22.92 -18.97
N THR C 122 38.23 -21.89 -18.70
CA THR C 122 38.18 -21.25 -17.39
C THR C 122 37.30 -22.06 -16.44
N PRO C 123 37.74 -22.32 -15.19
CA PRO C 123 36.89 -22.97 -14.19
C PRO C 123 35.88 -21.96 -13.63
N ALA C 124 34.65 -22.42 -13.44
CA ALA C 124 33.67 -21.71 -12.63
C ALA C 124 33.23 -22.67 -11.52
N ALA C 125 33.60 -22.36 -10.27
CA ALA C 125 33.40 -23.27 -9.17
C ALA C 125 32.22 -22.83 -8.30
N THR C 126 31.24 -23.72 -8.13
CA THR C 126 30.16 -23.55 -7.18
C THR C 126 30.60 -24.17 -5.85
N ILE C 127 30.54 -23.38 -4.77
CA ILE C 127 31.03 -23.80 -3.48
CA ILE C 127 31.03 -23.80 -3.48
C ILE C 127 30.10 -24.85 -2.88
N TYR C 128 28.79 -24.57 -2.89
CA TYR C 128 27.79 -25.46 -2.32
C TYR C 128 26.72 -25.77 -3.35
N HIS C 129 26.66 -27.03 -3.79
CA HIS C 129 25.58 -27.51 -4.64
C HIS C 129 25.01 -28.77 -4.00
N TRP C 130 24.70 -28.66 -2.71
CA TRP C 130 23.70 -29.45 -1.99
C TRP C 130 24.29 -30.62 -1.19
N ASP C 131 25.58 -30.92 -1.37
CA ASP C 131 26.14 -32.09 -0.71
C ASP C 131 26.64 -31.72 0.70
N LEU C 132 25.72 -31.31 1.57
CA LEU C 132 26.08 -30.99 2.95
C LEU C 132 26.57 -32.26 3.64
N PRO C 133 27.74 -32.23 4.33
CA PRO C 133 28.23 -33.37 5.11
C PRO C 133 27.17 -33.80 6.13
N GLN C 134 26.95 -35.10 6.23
CA GLN C 134 25.89 -35.64 7.06
C GLN C 134 26.08 -35.24 8.51
N TRP C 135 27.33 -35.11 8.96
CA TRP C 135 27.57 -34.77 10.36
C TRP C 135 27.01 -33.40 10.72
N ILE C 136 26.94 -32.48 9.74
CA ILE C 136 26.36 -31.17 10.01
C ILE C 136 24.83 -31.30 10.13
N GLU C 137 24.22 -32.12 9.28
CA GLU C 137 22.79 -32.35 9.37
C GLU C 137 22.44 -32.98 10.71
N ASP C 138 23.34 -33.84 11.23
CA ASP C 138 23.10 -34.45 12.53
C ASP C 138 22.99 -33.38 13.61
N GLU C 139 23.57 -32.18 13.35
CA GLU C 139 23.48 -31.07 14.27
C GLU C 139 22.46 -30.05 13.78
N GLY C 140 21.43 -30.50 13.06
CA GLY C 140 20.39 -29.58 12.63
C GLY C 140 20.61 -28.95 11.25
N GLY C 141 21.75 -29.23 10.62
CA GLY C 141 21.95 -28.80 9.24
C GLY C 141 21.81 -27.28 9.06
N TRP C 142 21.10 -26.88 8.00
CA TRP C 142 20.97 -25.46 7.64
C TRP C 142 20.07 -24.70 8.63
N SER C 143 19.34 -25.41 9.51
CA SER C 143 18.49 -24.72 10.49
C SER C 143 19.32 -24.21 11.67
N ASN C 144 20.54 -24.76 11.82
CA ASN C 144 21.39 -24.40 12.92
C ASN C 144 22.32 -23.26 12.48
N ARG C 145 22.38 -22.18 13.27
CA ARG C 145 23.19 -21.03 12.91
CA ARG C 145 23.19 -21.02 12.92
C ARG C 145 24.66 -21.42 12.74
N ALA C 146 25.08 -22.47 13.46
CA ALA C 146 26.46 -22.94 13.44
C ALA C 146 26.88 -23.30 12.02
N VAL C 147 25.90 -23.61 11.16
CA VAL C 147 26.17 -23.99 9.77
C VAL C 147 26.91 -22.86 9.03
N VAL C 148 26.67 -21.61 9.45
CA VAL C 148 27.25 -20.46 8.78
C VAL C 148 28.77 -20.51 8.93
N ASP C 149 29.24 -20.83 10.13
CA ASP C 149 30.66 -20.89 10.41
C ASP C 149 31.27 -22.13 9.72
N TYR C 150 30.49 -23.22 9.61
CA TYR C 150 31.02 -24.41 8.98
C TYR C 150 31.25 -24.11 7.49
N TYR C 151 30.27 -23.44 6.87
CA TYR C 151 30.36 -23.10 5.47
C TYR C 151 31.52 -22.14 5.24
N LYS C 152 31.61 -21.12 6.10
CA LYS C 152 32.70 -20.15 6.04
C LYS C 152 34.06 -20.89 6.06
N GLU C 153 34.19 -21.89 6.94
CA GLU C 153 35.43 -22.64 7.08
C GLU C 153 35.75 -23.35 5.76
N PHE C 154 34.73 -23.94 5.13
CA PHE C 154 34.92 -24.66 3.86
C PHE C 154 35.27 -23.67 2.75
N ALA C 155 34.54 -22.55 2.69
CA ALA C 155 34.76 -21.56 1.64
C ALA C 155 36.19 -21.00 1.77
N GLU C 156 36.62 -20.80 3.02
CA GLU C 156 37.95 -20.27 3.29
C GLU C 156 39.03 -21.19 2.73
N GLN C 157 38.87 -22.50 2.95
CA GLN C 157 39.84 -23.50 2.48
C GLN C 157 39.78 -23.63 0.96
N ALA C 158 38.59 -23.44 0.38
CA ALA C 158 38.45 -23.52 -1.07
C ALA C 158 39.19 -22.34 -1.72
N PHE C 159 38.97 -21.14 -1.15
CA PHE C 159 39.59 -19.94 -1.67
C PHE C 159 41.11 -20.04 -1.55
N LYS C 160 41.60 -20.66 -0.47
CA LYS C 160 43.03 -20.76 -0.21
C LYS C 160 43.64 -21.83 -1.13
N ALA C 161 42.91 -22.93 -1.35
CA ALA C 161 43.44 -24.05 -2.14
C ALA C 161 43.43 -23.72 -3.64
N LEU C 162 42.39 -23.03 -4.11
CA LEU C 162 42.14 -22.88 -5.54
C LEU C 162 42.28 -21.43 -5.98
N GLY C 163 42.07 -20.50 -5.04
CA GLY C 163 41.87 -19.08 -5.31
C GLY C 163 42.23 -18.64 -6.72
N ASP C 164 43.55 -18.50 -6.91
CA ASP C 164 44.14 -17.82 -8.06
C ASP C 164 43.68 -18.47 -9.39
N ASP C 165 43.34 -19.76 -9.34
CA ASP C 165 43.16 -20.55 -10.55
C ASP C 165 41.67 -20.64 -10.91
N VAL C 166 40.80 -20.16 -10.01
CA VAL C 166 39.39 -20.04 -10.31
C VAL C 166 39.00 -18.57 -10.38
N PRO C 167 38.75 -18.00 -11.58
CA PRO C 167 38.36 -16.60 -11.70
C PRO C 167 36.87 -16.29 -11.47
N PHE C 168 36.07 -17.33 -11.26
CA PHE C 168 34.62 -17.17 -11.20
C PHE C 168 34.04 -18.12 -10.17
N TRP C 169 33.52 -17.55 -9.08
CA TRP C 169 33.05 -18.31 -7.92
C TRP C 169 31.55 -18.10 -7.74
N ILE C 170 30.83 -19.21 -7.52
CA ILE C 170 29.44 -19.15 -7.14
C ILE C 170 29.28 -19.68 -5.71
N THR C 171 28.78 -18.83 -4.82
CA THR C 171 28.71 -19.15 -3.41
C THR C 171 27.75 -20.32 -3.16
N HIS C 172 26.54 -20.18 -3.71
CA HIS C 172 25.46 -21.10 -3.42
C HIS C 172 24.69 -21.35 -4.70
N ASN C 173 24.28 -22.61 -4.87
CA ASN C 173 23.41 -22.96 -5.97
C ASN C 173 22.00 -23.18 -5.42
N GLU C 174 21.07 -22.34 -5.88
CA GLU C 174 19.64 -22.53 -5.67
C GLU C 174 19.27 -22.63 -4.18
N PRO C 175 19.39 -21.54 -3.41
CA PRO C 175 18.93 -21.54 -2.02
C PRO C 175 17.51 -22.07 -1.84
N TRP C 176 16.61 -21.72 -2.78
CA TRP C 176 15.23 -22.18 -2.68
C TRP C 176 15.16 -23.70 -2.54
N CYS C 177 15.96 -24.43 -3.35
CA CYS C 177 15.94 -25.89 -3.31
C CYS C 177 16.56 -26.42 -2.04
N ALA C 178 17.72 -25.84 -1.64
CA ALA C 178 18.43 -26.34 -0.48
C ALA C 178 17.64 -26.08 0.80
N SER C 179 16.77 -25.07 0.78
CA SER C 179 15.98 -24.75 1.96
C SER C 179 14.55 -25.29 1.83
N LEU C 180 13.73 -24.60 1.03
CA LEU C 180 12.29 -24.87 0.99
C LEU C 180 12.00 -26.25 0.43
N LEU C 181 12.69 -26.69 -0.62
CA LEU C 181 12.36 -27.98 -1.21
C LEU C 181 12.89 -29.13 -0.32
N SER C 182 13.97 -28.87 0.43
CA SER C 182 14.70 -29.88 1.17
C SER C 182 14.15 -30.07 2.57
N TYR C 183 13.74 -28.94 3.22
CA TYR C 183 13.35 -29.00 4.62
C TYR C 183 11.86 -28.74 4.79
N GLY C 184 11.22 -28.17 3.75
CA GLY C 184 9.82 -27.78 3.83
C GLY C 184 8.92 -28.74 3.05
N ILE C 185 9.25 -28.95 1.77
CA ILE C 185 8.48 -29.81 0.88
C ILE C 185 8.92 -31.27 1.06
N GLY C 186 10.23 -31.47 1.26
CA GLY C 186 10.82 -32.77 1.59
C GLY C 186 11.16 -33.66 0.39
N GLU C 187 11.21 -33.10 -0.83
CA GLU C 187 11.56 -33.87 -2.00
C GLU C 187 13.06 -34.15 -2.10
N HIS C 188 13.87 -33.22 -1.54
CA HIS C 188 15.33 -33.30 -1.59
C HIS C 188 15.92 -33.43 -0.19
N ALA C 189 17.14 -33.95 -0.13
CA ALA C 189 17.86 -34.19 1.12
C ALA C 189 17.93 -32.89 1.93
N PRO C 190 17.68 -32.92 3.26
CA PRO C 190 17.48 -34.18 4.00
C PRO C 190 16.03 -34.70 4.05
N GLY C 191 15.13 -34.05 3.31
CA GLY C 191 13.82 -34.63 3.07
C GLY C 191 12.85 -34.41 4.24
N LEU C 192 12.97 -33.28 4.94
CA LEU C 192 12.09 -32.98 6.06
C LEU C 192 10.90 -32.15 5.60
N LYS C 193 9.86 -32.08 6.45
CA LYS C 193 8.66 -31.35 6.15
C LYS C 193 8.29 -30.44 7.32
N ASP C 194 8.88 -29.22 7.35
CA ASP C 194 8.80 -28.33 8.48
C ASP C 194 9.15 -26.92 7.99
N TRP C 195 8.14 -26.07 7.82
CA TRP C 195 8.33 -24.77 7.19
C TRP C 195 9.25 -23.88 8.03
N ARG C 196 9.12 -23.94 9.37
CA ARG C 196 9.92 -23.09 10.24
C ARG C 196 11.38 -23.44 9.99
N ARG C 197 11.67 -24.75 9.96
CA ARG C 197 13.01 -25.28 9.74
C ARG C 197 13.52 -24.82 8.38
N ALA C 198 12.66 -24.86 7.37
CA ALA C 198 13.01 -24.48 5.99
C ALA C 198 13.33 -22.98 5.90
N TYR C 199 12.56 -22.14 6.61
CA TYR C 199 12.79 -20.70 6.57
C TYR C 199 14.05 -20.34 7.34
N ARG C 200 14.35 -21.12 8.39
CA ARG C 200 15.60 -20.95 9.12
C ARG C 200 16.78 -21.28 8.20
N ALA C 201 16.62 -22.37 7.45
CA ALA C 201 17.58 -22.81 6.47
C ALA C 201 17.82 -21.72 5.40
N ALA C 202 16.75 -21.15 4.86
CA ALA C 202 16.88 -20.10 3.84
C ALA C 202 17.73 -18.95 4.35
N HIS C 203 17.45 -18.51 5.60
CA HIS C 203 18.17 -17.40 6.20
C HIS C 203 19.66 -17.70 6.34
N HIS C 204 19.98 -18.91 6.83
CA HIS C 204 21.37 -19.27 7.05
C HIS C 204 22.14 -19.47 5.73
N ILE C 205 21.44 -19.97 4.70
CA ILE C 205 22.07 -20.08 3.38
C ILE C 205 22.43 -18.69 2.87
N LEU C 206 21.47 -17.75 2.97
CA LEU C 206 21.68 -16.39 2.49
C LEU C 206 22.80 -15.71 3.27
N LEU C 207 22.83 -15.92 4.61
CA LEU C 207 23.83 -15.32 5.46
C LEU C 207 25.22 -15.87 5.12
N SER C 208 25.30 -17.18 4.86
CA SER C 208 26.56 -17.81 4.55
C SER C 208 27.12 -17.31 3.20
N HIS C 209 26.24 -17.14 2.22
CA HIS C 209 26.60 -16.45 0.98
C HIS C 209 27.33 -15.14 1.26
N GLY C 210 26.72 -14.30 2.10
CA GLY C 210 27.28 -12.98 2.38
C GLY C 210 28.64 -13.07 3.08
N GLU C 211 28.80 -14.04 3.96
CA GLU C 211 30.05 -14.25 4.68
C GLU C 211 31.16 -14.63 3.69
N ALA C 212 30.81 -15.49 2.72
CA ALA C 212 31.77 -15.92 1.71
C ALA C 212 32.22 -14.76 0.82
N VAL C 213 31.27 -13.88 0.44
CA VAL C 213 31.63 -12.74 -0.37
C VAL C 213 32.57 -11.82 0.41
N LYS C 214 32.26 -11.59 1.70
CA LYS C 214 33.09 -10.75 2.54
C LYS C 214 34.50 -11.30 2.60
N LEU C 215 34.60 -12.63 2.80
CA LEU C 215 35.88 -13.31 2.91
C LEU C 215 36.67 -13.16 1.61
N TYR C 216 35.95 -13.21 0.48
CA TYR C 216 36.57 -13.15 -0.83
C TYR C 216 37.27 -11.79 -1.00
N ARG C 217 36.60 -10.71 -0.59
CA ARG C 217 37.14 -9.36 -0.66
C ARG C 217 38.36 -9.23 0.24
N GLU C 218 38.28 -9.82 1.43
CA GLU C 218 39.31 -9.68 2.44
C GLU C 218 40.60 -10.38 1.99
N LEU C 219 40.46 -11.45 1.19
CA LEU C 219 41.62 -12.19 0.73
C LEU C 219 42.22 -11.53 -0.51
N GLY C 220 41.53 -10.53 -1.08
CA GLY C 220 42.05 -9.71 -2.15
C GLY C 220 42.23 -10.49 -3.44
N LEU C 221 41.31 -11.43 -3.68
CA LEU C 221 41.34 -12.25 -4.88
C LEU C 221 40.77 -11.44 -6.04
N LYS C 222 41.23 -11.75 -7.25
CA LYS C 222 41.13 -10.86 -8.40
C LYS C 222 39.94 -11.23 -9.30
N GLY C 223 39.22 -12.32 -8.99
CA GLY C 223 38.12 -12.79 -9.83
C GLY C 223 36.77 -12.23 -9.41
N GLN C 224 35.70 -12.97 -9.74
CA GLN C 224 34.33 -12.54 -9.53
C GLN C 224 33.58 -13.57 -8.67
N ILE C 225 32.67 -13.09 -7.83
CA ILE C 225 31.86 -13.93 -6.96
C ILE C 225 30.42 -13.44 -6.95
N GLY C 226 29.50 -14.41 -6.91
CA GLY C 226 28.08 -14.13 -6.93
C GLY C 226 27.31 -15.38 -6.48
N ILE C 227 26.00 -15.21 -6.31
CA ILE C 227 25.10 -16.32 -5.98
C ILE C 227 24.43 -16.78 -7.26
N THR C 228 23.93 -18.05 -7.24
CA THR C 228 23.04 -18.53 -8.28
C THR C 228 21.66 -18.82 -7.68
N LEU C 229 20.62 -18.20 -8.27
CA LEU C 229 19.25 -18.42 -7.84
C LEU C 229 18.49 -19.12 -8.97
N ASN C 230 17.73 -20.16 -8.63
CA ASN C 230 16.70 -20.64 -9.54
C ASN C 230 15.51 -19.69 -9.44
N LEU C 231 15.03 -19.24 -10.60
CA LEU C 231 13.88 -18.36 -10.61
C LEU C 231 12.82 -19.00 -11.52
N THR C 232 11.60 -19.12 -11.00
CA THR C 232 10.46 -19.65 -11.73
C THR C 232 9.41 -18.56 -11.81
N PRO C 233 9.38 -17.75 -12.89
CA PRO C 233 8.40 -16.68 -13.02
C PRO C 233 7.00 -17.26 -12.85
N ALA C 234 6.17 -16.56 -12.06
CA ALA C 234 4.77 -16.95 -11.87
C ALA C 234 3.88 -16.03 -12.70
N TYR C 235 2.76 -16.60 -13.18
CA TYR C 235 1.82 -15.87 -14.01
C TYR C 235 0.41 -16.13 -13.46
N PRO C 236 -0.48 -15.11 -13.48
CA PRO C 236 -1.84 -15.30 -12.99
C PRO C 236 -2.68 -16.08 -14.00
N ALA C 237 -3.56 -16.95 -13.49
CA ALA C 237 -4.44 -17.76 -14.33
C ALA C 237 -5.45 -16.89 -15.07
N SER C 238 -5.80 -15.72 -14.50
CA SER C 238 -6.68 -14.71 -15.08
C SER C 238 -6.29 -13.34 -14.54
N ASP C 239 -6.96 -12.26 -14.99
CA ASP C 239 -6.63 -10.92 -14.52
C ASP C 239 -7.54 -10.47 -13.36
N SER C 240 -8.28 -11.43 -12.77
CA SER C 240 -9.01 -11.19 -11.53
C SER C 240 -8.06 -10.71 -10.44
N PRO C 241 -8.48 -9.77 -9.55
CA PRO C 241 -7.60 -9.28 -8.48
C PRO C 241 -7.06 -10.41 -7.60
N GLU C 242 -7.90 -11.46 -7.42
CA GLU C 242 -7.55 -12.60 -6.59
C GLU C 242 -6.43 -13.40 -7.26
N ASP C 243 -6.50 -13.54 -8.59
CA ASP C 243 -5.50 -14.30 -9.33
C ASP C 243 -4.18 -13.56 -9.39
N ILE C 244 -4.24 -12.23 -9.53
CA ILE C 244 -3.05 -11.38 -9.53
C ILE C 244 -2.37 -11.48 -8.15
N ALA C 245 -3.18 -11.53 -7.09
CA ALA C 245 -2.68 -11.67 -5.73
C ALA C 245 -2.01 -13.03 -5.53
N ALA C 246 -2.60 -14.08 -6.11
CA ALA C 246 -2.07 -15.44 -6.07
C ALA C 246 -0.69 -15.49 -6.77
N GLN C 247 -0.57 -14.76 -7.87
CA GLN C 247 0.68 -14.67 -8.61
C GLN C 247 1.73 -14.05 -7.69
N GLN C 248 1.33 -13.01 -6.95
CA GLN C 248 2.24 -12.28 -6.09
C GLN C 248 2.76 -13.18 -4.96
N ARG C 249 1.87 -14.02 -4.42
CA ARG C 249 2.22 -14.94 -3.35
C ARG C 249 3.23 -15.96 -3.88
N GLN C 250 2.92 -16.58 -5.02
CA GLN C 250 3.81 -17.54 -5.66
C GLN C 250 5.18 -16.90 -5.94
N ASP C 251 5.16 -15.68 -6.49
CA ASP C 251 6.38 -14.97 -6.87
C ASP C 251 7.22 -14.68 -5.63
N ALA C 252 6.58 -14.33 -4.52
CA ALA C 252 7.27 -14.10 -3.26
C ALA C 252 7.94 -15.40 -2.81
N PHE C 253 7.20 -16.50 -2.88
CA PHE C 253 7.62 -17.77 -2.32
C PHE C 253 8.83 -18.30 -3.10
N SER C 254 8.78 -18.18 -4.44
CA SER C 254 9.77 -18.81 -5.29
C SER C 254 10.98 -17.88 -5.46
N ASN C 255 10.71 -16.58 -5.66
CA ASN C 255 11.65 -15.67 -6.32
C ASN C 255 12.05 -14.53 -5.37
N ARG C 256 11.08 -13.74 -4.90
CA ARG C 256 11.36 -12.54 -4.13
C ARG C 256 11.96 -12.87 -2.76
N TRP C 257 11.66 -14.06 -2.23
CA TRP C 257 12.16 -14.45 -0.91
C TRP C 257 13.70 -14.38 -0.88
N PHE C 258 14.30 -14.58 -2.06
CA PHE C 258 15.75 -14.64 -2.19
C PHE C 258 16.28 -13.37 -2.86
N LEU C 259 15.57 -12.89 -3.88
CA LEU C 259 16.00 -11.67 -4.59
C LEU C 259 16.00 -10.46 -3.65
N ASP C 260 14.94 -10.29 -2.88
CA ASP C 260 14.77 -9.09 -2.07
C ASP C 260 15.90 -8.96 -1.06
N PRO C 261 16.22 -10.00 -0.25
CA PRO C 261 17.33 -9.91 0.69
C PRO C 261 18.68 -9.62 0.05
N ILE C 262 18.96 -10.29 -1.07
CA ILE C 262 20.20 -10.13 -1.80
C ILE C 262 20.34 -8.67 -2.28
N PHE C 263 19.27 -8.12 -2.84
CA PHE C 263 19.38 -6.84 -3.55
C PHE C 263 18.84 -5.66 -2.74
N LYS C 264 17.85 -5.90 -1.88
CA LYS C 264 17.18 -4.81 -1.18
C LYS C 264 17.44 -4.88 0.33
N GLY C 265 18.10 -5.96 0.78
CA GLY C 265 18.44 -6.15 2.18
C GLY C 265 17.24 -6.28 3.11
N GLU C 266 16.13 -6.82 2.58
CA GLU C 266 14.96 -7.14 3.39
C GLU C 266 14.18 -8.27 2.72
N TYR C 267 13.48 -9.08 3.53
CA TYR C 267 12.57 -10.08 3.02
C TYR C 267 11.31 -9.37 2.51
N PRO C 268 10.57 -9.97 1.54
CA PRO C 268 9.34 -9.37 1.04
C PRO C 268 8.29 -9.17 2.12
N ALA C 269 7.95 -7.89 2.39
CA ALA C 269 7.07 -7.53 3.50
C ALA C 269 5.66 -8.07 3.27
N ASP C 270 5.28 -8.29 2.01
CA ASP C 270 3.95 -8.84 1.74
C ASP C 270 3.86 -10.30 2.18
N PHE C 271 4.98 -11.03 2.19
CA PHE C 271 4.92 -12.47 2.38
C PHE C 271 5.36 -12.87 3.79
N MET C 272 6.19 -12.03 4.43
CA MET C 272 6.74 -12.38 5.74
C MET C 272 5.61 -12.68 6.73
N PRO C 273 4.47 -11.93 6.71
CA PRO C 273 3.36 -12.25 7.60
C PRO C 273 2.82 -13.67 7.41
N ARG C 274 2.79 -14.13 6.14
CA ARG C 274 2.34 -15.48 5.85
C ARG C 274 3.32 -16.48 6.43
N VAL C 275 4.63 -16.17 6.33
CA VAL C 275 5.64 -17.06 6.85
C VAL C 275 5.46 -17.20 8.35
N GLU C 276 5.28 -16.05 9.03
CA GLU C 276 5.17 -16.11 10.49
C GLU C 276 3.86 -16.79 10.89
N ARG C 277 2.82 -16.67 10.04
CA ARG C 277 1.56 -17.34 10.30
C ARG C 277 1.75 -18.86 10.34
N PHE C 278 2.48 -19.43 9.39
CA PHE C 278 2.55 -20.88 9.26
C PHE C 278 3.74 -21.48 9.99
N CYS C 279 4.72 -20.64 10.39
CA CYS C 279 5.90 -21.19 11.06
C CYS C 279 5.91 -20.86 12.56
N GLY C 280 5.18 -19.78 12.91
CA GLY C 280 5.43 -19.12 14.18
C GLY C 280 6.75 -18.37 14.10
N ASP C 281 7.27 -17.92 15.24
CA ASP C 281 8.48 -17.10 15.23
C ASP C 281 9.68 -17.91 14.74
N LEU C 282 10.42 -17.39 13.75
CA LEU C 282 11.58 -18.08 13.20
C LEU C 282 12.76 -17.98 14.16
N ASN C 283 12.79 -16.92 14.98
CA ASN C 283 13.87 -16.70 15.93
C ASN C 283 15.21 -16.89 15.21
N VAL C 284 15.38 -16.27 14.03
CA VAL C 284 16.55 -16.58 13.21
C VAL C 284 17.29 -15.31 12.78
N ILE C 285 16.57 -14.19 12.61
CA ILE C 285 17.21 -13.00 12.07
C ILE C 285 17.91 -12.23 13.19
N GLN C 286 19.23 -12.07 13.09
CA GLN C 286 19.97 -11.38 14.13
C GLN C 286 20.49 -10.04 13.58
N PRO C 287 20.80 -9.04 14.45
CA PRO C 287 21.25 -7.74 13.94
C PRO C 287 22.52 -7.91 13.11
N GLY C 288 22.57 -7.24 11.95
CA GLY C 288 23.72 -7.34 11.07
C GLY C 288 23.48 -8.31 9.91
N ASP C 289 22.58 -9.28 10.11
CA ASP C 289 22.36 -10.34 9.15
C ASP C 289 21.98 -9.79 7.76
N MET C 290 20.99 -8.90 7.71
CA MET C 290 20.43 -8.48 6.43
C MET C 290 21.46 -7.67 5.65
N GLU C 291 22.31 -6.94 6.39
CA GLU C 291 23.41 -6.19 5.79
C GLU C 291 24.43 -7.13 5.16
N THR C 292 24.76 -8.22 5.87
CA THR C 292 25.73 -9.19 5.38
C THR C 292 25.18 -9.89 4.14
N ILE C 293 23.87 -10.21 4.14
CA ILE C 293 23.25 -10.90 3.02
C ILE C 293 23.32 -10.02 1.76
N SER C 294 23.23 -8.70 1.92
CA SER C 294 23.12 -7.77 0.80
C SER C 294 24.47 -7.14 0.39
N VAL C 295 25.58 -7.74 0.82
CA VAL C 295 26.90 -7.25 0.41
C VAL C 295 27.00 -7.28 -1.12
N PRO C 296 27.61 -6.26 -1.76
CA PRO C 296 27.66 -6.21 -3.22
C PRO C 296 28.39 -7.40 -3.86
N GLN C 297 27.73 -8.02 -4.84
CA GLN C 297 28.30 -9.11 -5.62
C GLN C 297 28.93 -8.58 -6.91
N ASP C 298 29.61 -9.47 -7.63
CA ASP C 298 30.17 -9.14 -8.93
C ASP C 298 29.18 -9.43 -10.05
N PHE C 299 28.31 -10.41 -9.85
CA PHE C 299 27.35 -10.82 -10.87
C PHE C 299 26.19 -11.51 -10.18
N LEU C 300 25.09 -11.70 -10.91
CA LEU C 300 24.02 -12.59 -10.49
C LEU C 300 23.96 -13.78 -11.43
N GLY C 301 23.96 -15.00 -10.86
CA GLY C 301 23.70 -16.20 -11.63
C GLY C 301 22.23 -16.58 -11.54
N ILE C 302 21.64 -16.92 -12.69
CA ILE C 302 20.26 -17.37 -12.71
C ILE C 302 20.15 -18.74 -13.36
N ASN C 303 19.31 -19.60 -12.78
CA ASN C 303 18.99 -20.89 -13.35
C ASN C 303 17.54 -20.81 -13.77
N PHE C 304 17.28 -21.05 -15.07
CA PHE C 304 15.92 -20.90 -15.58
C PHE C 304 15.55 -22.15 -16.36
N TYR C 305 14.33 -22.63 -16.13
CA TYR C 305 13.85 -23.84 -16.78
C TYR C 305 12.43 -23.66 -17.27
N THR C 306 11.56 -23.02 -16.46
CA THR C 306 10.13 -23.02 -16.74
C THR C 306 9.44 -21.87 -16.00
N ARG C 307 8.10 -21.80 -16.11
CA ARG C 307 7.30 -20.81 -15.41
C ARG C 307 6.17 -21.54 -14.69
N SER C 308 5.42 -20.82 -13.84
CA SER C 308 4.18 -21.41 -13.33
C SER C 308 3.01 -20.48 -13.58
N VAL C 309 1.84 -21.08 -13.79
CA VAL C 309 0.58 -20.36 -13.85
C VAL C 309 -0.23 -20.77 -12.62
N VAL C 310 -0.70 -19.76 -11.87
CA VAL C 310 -1.35 -20.06 -10.61
C VAL C 310 -2.71 -19.36 -10.54
N LYS C 311 -3.67 -20.02 -9.87
CA LYS C 311 -4.94 -19.41 -9.51
C LYS C 311 -5.08 -19.38 -7.99
N ASP C 312 -5.86 -18.41 -7.49
CA ASP C 312 -6.14 -18.26 -6.07
C ASP C 312 -6.73 -19.55 -5.48
N ASP C 313 -6.25 -19.91 -4.29
CA ASP C 313 -6.96 -20.86 -3.46
C ASP C 313 -7.69 -20.07 -2.36
N PRO C 314 -9.02 -19.83 -2.49
CA PRO C 314 -9.74 -19.04 -1.49
C PRO C 314 -9.75 -19.63 -0.08
N ALA C 315 -9.38 -20.90 0.06
CA ALA C 315 -9.33 -21.53 1.38
C ALA C 315 -8.38 -20.81 2.34
N ASP C 316 -7.28 -20.24 1.85
CA ASP C 316 -6.35 -19.45 2.64
C ASP C 316 -5.84 -20.21 3.87
N ASP C 317 -5.63 -21.52 3.71
CA ASP C 317 -5.23 -22.37 4.82
C ASP C 317 -3.88 -23.04 4.55
N SER C 318 -3.13 -22.52 3.55
CA SER C 318 -1.78 -23.01 3.31
C SER C 318 -0.82 -21.84 3.11
N LEU C 319 0.48 -22.13 3.16
CA LEU C 319 1.50 -21.10 3.13
C LEU C 319 1.34 -20.19 1.90
N ILE C 320 1.18 -20.79 0.70
CA ILE C 320 1.11 -19.98 -0.51
CA ILE C 320 1.11 -19.99 -0.52
C ILE C 320 -0.35 -19.77 -0.90
N SER C 321 -1.21 -20.73 -0.55
CA SER C 321 -2.64 -20.67 -0.83
C SER C 321 -2.89 -20.42 -2.31
N VAL C 322 -2.34 -21.27 -3.18
CA VAL C 322 -2.57 -21.17 -4.61
C VAL C 322 -2.84 -22.56 -5.17
N HIS C 323 -3.41 -22.61 -6.38
CA HIS C 323 -3.52 -23.85 -7.15
C HIS C 323 -2.78 -23.67 -8.47
N GLY C 324 -1.83 -24.56 -8.77
CA GLY C 324 -1.17 -24.54 -10.05
C GLY C 324 -2.13 -24.96 -11.16
N VAL C 325 -2.05 -24.28 -12.32
CA VAL C 325 -2.93 -24.59 -13.44
C VAL C 325 -2.17 -25.46 -14.46
N THR C 327 -0.09 -27.35 -17.68
CA THR C 327 -0.33 -26.55 -18.92
C THR C 327 -0.80 -27.45 -20.06
N ASP C 328 -1.30 -26.81 -21.13
CA ASP C 328 -1.70 -27.43 -22.38
C ASP C 328 -0.62 -27.29 -23.45
N ASN C 329 0.37 -26.43 -23.17
CA ASN C 329 1.46 -26.13 -24.10
C ASN C 329 2.48 -27.26 -24.15
N PRO C 330 3.46 -27.23 -25.09
CA PRO C 330 4.51 -28.24 -25.14
C PRO C 330 5.32 -28.32 -23.85
N VAL C 331 5.74 -29.53 -23.49
CA VAL C 331 6.47 -29.81 -22.26
C VAL C 331 7.71 -30.65 -22.57
N THR C 332 8.69 -30.59 -21.65
CA THR C 332 9.87 -31.43 -21.70
C THR C 332 9.57 -32.80 -21.10
N ASP C 333 10.60 -33.64 -20.99
CA ASP C 333 10.46 -35.00 -20.49
C ASP C 333 10.21 -35.01 -18.98
N MET C 334 10.34 -33.83 -18.35
CA MET C 334 10.01 -33.68 -16.94
C MET C 334 8.55 -33.28 -16.81
N GLY C 335 7.92 -32.92 -17.93
CA GLY C 335 6.56 -32.42 -17.93
C GLY C 335 6.48 -30.94 -17.56
N TRP C 336 7.62 -30.21 -17.68
CA TRP C 336 7.61 -28.78 -17.45
C TRP C 336 7.32 -28.06 -18.77
N GLU C 337 6.51 -26.99 -18.67
CA GLU C 337 6.17 -26.17 -19.82
C GLU C 337 7.43 -25.56 -20.43
N ILE C 338 7.48 -25.57 -21.76
CA ILE C 338 8.48 -24.84 -22.52
C ILE C 338 7.88 -23.46 -22.77
N TYR C 339 8.47 -22.42 -22.15
CA TYR C 339 7.94 -21.08 -22.29
C TYR C 339 9.09 -20.09 -22.27
N PRO C 340 9.84 -19.95 -23.40
CA PRO C 340 11.03 -19.08 -23.45
C PRO C 340 10.76 -17.61 -23.19
N ASP C 341 9.51 -17.17 -23.40
CA ASP C 341 9.12 -15.78 -23.16
C ASP C 341 9.31 -15.42 -21.70
N ALA C 342 9.14 -16.43 -20.82
CA ALA C 342 9.34 -16.22 -19.39
C ALA C 342 10.79 -15.83 -19.11
N LEU C 343 11.75 -16.38 -19.89
CA LEU C 343 13.15 -16.05 -19.66
C LEU C 343 13.42 -14.63 -20.09
N TYR C 344 12.84 -14.24 -21.25
CA TYR C 344 12.98 -12.89 -21.77
C TYR C 344 12.45 -11.87 -20.76
N ASP C 345 11.22 -12.14 -20.28
CA ASP C 345 10.57 -11.28 -19.30
C ASP C 345 11.41 -11.22 -18.02
N LEU C 346 11.94 -12.36 -17.57
CA LEU C 346 12.67 -12.42 -16.31
C LEU C 346 13.93 -11.57 -16.38
N LEU C 347 14.69 -11.67 -17.47
CA LEU C 347 15.93 -10.92 -17.62
C LEU C 347 15.62 -9.41 -17.56
N HIS C 348 14.54 -9.00 -18.24
CA HIS C 348 14.11 -7.62 -18.22
C HIS C 348 13.73 -7.20 -16.79
N ARG C 349 13.06 -8.10 -16.08
CA ARG C 349 12.65 -7.82 -14.72
C ARG C 349 13.86 -7.56 -13.82
N LEU C 350 14.89 -8.39 -13.99
CA LEU C 350 16.09 -8.27 -13.19
C LEU C 350 16.77 -6.92 -13.47
N LYS C 351 16.89 -6.59 -14.77
CA LYS C 351 17.47 -5.35 -15.24
C LYS C 351 16.71 -4.16 -14.64
N ASN C 352 15.38 -4.22 -14.71
CA ASN C 352 14.51 -3.09 -14.42
C ASN C 352 14.29 -2.90 -12.93
N GLU C 353 14.25 -3.99 -12.15
CA GLU C 353 13.82 -3.90 -10.75
C GLU C 353 14.94 -4.20 -9.76
N TYR C 354 16.00 -4.92 -10.17
CA TYR C 354 16.92 -5.47 -9.18
C TYR C 354 18.37 -5.00 -9.34
N THR C 355 18.93 -5.13 -10.56
CA THR C 355 20.37 -5.02 -10.67
C THR C 355 20.79 -4.60 -12.07
N ASP C 356 21.88 -3.83 -12.11
CA ASP C 356 22.55 -3.52 -13.36
C ASP C 356 23.83 -4.35 -13.46
N LEU C 357 24.04 -5.26 -12.49
CA LEU C 357 25.17 -6.17 -12.51
C LEU C 357 25.11 -7.09 -13.72
N PRO C 358 26.26 -7.63 -14.17
CA PRO C 358 26.28 -8.73 -15.13
C PRO C 358 25.41 -9.89 -14.68
N ILE C 359 24.56 -10.39 -15.59
CA ILE C 359 23.75 -11.58 -15.34
C ILE C 359 24.39 -12.72 -16.14
N TYR C 360 24.50 -13.89 -15.52
CA TYR C 360 24.93 -15.10 -16.19
C TYR C 360 23.84 -16.14 -16.03
N ILE C 361 23.41 -16.75 -17.14
CA ILE C 361 22.55 -17.91 -17.00
C ILE C 361 23.44 -19.10 -16.66
N THR C 362 23.47 -19.43 -15.37
CA THR C 362 24.35 -20.47 -14.84
C THR C 362 23.76 -21.86 -15.09
N GLU C 363 22.48 -21.93 -15.46
CA GLU C 363 21.92 -23.19 -15.91
C GLU C 363 20.69 -22.91 -16.78
N ASN C 364 20.53 -23.73 -17.82
CA ASN C 364 19.35 -23.80 -18.66
C ASN C 364 19.45 -25.08 -19.47
N GLY C 365 18.35 -25.82 -19.60
CA GLY C 365 18.42 -27.08 -20.30
C GLY C 365 17.10 -27.83 -20.24
N ALA C 366 17.09 -29.06 -20.73
CA ALA C 366 15.84 -29.83 -20.76
C ALA C 366 16.14 -31.32 -20.68
N ALA C 367 15.24 -32.04 -20.00
CA ALA C 367 15.20 -33.49 -20.05
C ALA C 367 14.58 -33.92 -21.36
N ASN C 368 15.12 -35.03 -21.90
CA ASN C 368 14.65 -35.64 -23.12
C ASN C 368 14.73 -37.15 -22.96
N ALA C 369 13.75 -37.87 -23.51
CA ALA C 369 13.72 -39.31 -23.49
C ALA C 369 14.72 -39.87 -24.50
N ASP C 370 16.01 -39.86 -24.16
CA ASP C 370 17.10 -40.10 -25.09
C ASP C 370 17.37 -41.60 -25.23
N ALA C 371 17.66 -42.02 -26.47
CA ALA C 371 18.02 -43.39 -26.78
C ALA C 371 19.18 -43.37 -27.76
N ILE C 372 20.14 -44.26 -27.51
CA ILE C 372 21.27 -44.43 -28.39
C ILE C 372 20.86 -45.41 -29.46
N VAL C 373 20.86 -44.95 -30.74
CA VAL C 373 20.60 -45.82 -31.87
C VAL C 373 21.78 -45.67 -32.83
N ASN C 374 22.50 -46.77 -33.05
CA ASN C 374 23.68 -46.86 -33.89
C ASN C 374 24.74 -45.86 -33.44
N GLY C 375 24.95 -45.76 -32.12
CA GLY C 375 25.99 -44.89 -31.58
C GLY C 375 25.68 -43.41 -31.76
N GLU C 376 24.41 -43.07 -32.05
CA GLU C 376 24.01 -41.68 -32.12
C GLU C 376 22.76 -41.42 -31.28
N VAL C 377 22.63 -40.17 -30.80
CA VAL C 377 21.48 -39.74 -30.02
C VAL C 377 20.89 -38.50 -30.69
N GLU C 378 19.73 -38.66 -31.32
CA GLU C 378 19.11 -37.57 -32.06
C GLU C 378 18.10 -36.82 -31.18
N ASP C 379 18.64 -35.96 -30.30
CA ASP C 379 17.84 -35.26 -29.32
C ASP C 379 17.39 -33.90 -29.87
N THR C 380 16.60 -33.93 -30.96
CA THR C 380 16.17 -32.72 -31.65
C THR C 380 15.39 -31.81 -30.68
N PRO C 381 14.47 -32.35 -29.86
CA PRO C 381 13.72 -31.52 -28.89
C PRO C 381 14.62 -30.72 -27.95
N ARG C 382 15.73 -31.30 -27.54
CA ARG C 382 16.69 -30.57 -26.70
C ARG C 382 17.30 -29.40 -27.46
N ILE C 383 17.71 -29.63 -28.71
CA ILE C 383 18.20 -28.56 -29.57
C ILE C 383 17.16 -27.44 -29.68
N ASP C 384 15.91 -27.82 -29.98
CA ASP C 384 14.82 -26.87 -30.14
C ASP C 384 14.65 -26.03 -28.87
N TYR C 385 14.78 -26.67 -27.69
CA TYR C 385 14.56 -25.99 -26.44
C TYR C 385 15.65 -24.93 -26.22
N VAL C 386 16.91 -25.33 -26.43
CA VAL C 386 18.05 -24.44 -26.17
C VAL C 386 18.03 -23.30 -27.18
N ARG C 387 17.72 -23.59 -28.43
CA ARG C 387 17.62 -22.55 -29.47
C ARG C 387 16.61 -21.48 -29.07
N GLN C 388 15.41 -21.89 -28.62
CA GLN C 388 14.37 -20.97 -28.20
C GLN C 388 14.83 -20.08 -27.03
N HIS C 389 15.53 -20.66 -26.05
CA HIS C 389 15.99 -19.90 -24.90
C HIS C 389 17.13 -18.96 -25.26
N LEU C 390 18.01 -19.39 -26.17
CA LEU C 390 19.11 -18.51 -26.58
C LEU C 390 18.55 -17.36 -27.43
N ASP C 391 17.44 -17.58 -28.15
CA ASP C 391 16.81 -16.52 -28.91
C ASP C 391 16.25 -15.48 -27.93
N ALA C 392 15.64 -15.94 -26.85
CA ALA C 392 15.10 -15.07 -25.82
C ALA C 392 16.23 -14.24 -25.20
N ALA C 393 17.34 -14.91 -24.88
CA ALA C 393 18.53 -14.26 -24.35
C ALA C 393 19.09 -13.24 -25.35
N HIS C 394 19.10 -13.61 -26.64
CA HIS C 394 19.66 -12.73 -27.65
C HIS C 394 18.85 -11.44 -27.72
N ARG C 395 17.53 -11.57 -27.62
CA ARG C 395 16.64 -10.41 -27.66
C ARG C 395 16.92 -9.45 -26.50
N PHE C 396 17.13 -10.01 -25.30
CA PHE C 396 17.44 -9.22 -24.11
C PHE C 396 18.72 -8.42 -24.33
N ILE C 397 19.75 -9.08 -24.88
CA ILE C 397 21.05 -8.46 -25.14
C ILE C 397 20.88 -7.31 -26.13
N GLN C 398 20.03 -7.52 -27.16
CA GLN C 398 19.82 -6.55 -28.22
C GLN C 398 19.15 -5.29 -27.64
N GLU C 399 18.39 -5.45 -26.57
CA GLU C 399 17.67 -4.37 -25.93
C GLU C 399 18.46 -3.83 -24.73
N GLY C 400 19.78 -4.05 -24.73
CA GLY C 400 20.66 -3.45 -23.75
C GLY C 400 20.89 -4.30 -22.50
N GLY C 401 20.39 -5.54 -22.50
CA GLY C 401 20.51 -6.39 -21.32
C GLY C 401 21.96 -6.82 -21.06
N ASN C 402 22.37 -6.77 -19.79
CA ASN C 402 23.74 -7.05 -19.37
C ASN C 402 23.94 -8.54 -19.10
N LEU C 403 23.60 -9.39 -20.08
CA LEU C 403 23.79 -10.83 -20.00
C LEU C 403 25.14 -11.21 -20.60
N LYS C 404 26.00 -11.87 -19.80
CA LYS C 404 27.41 -12.01 -20.13
C LYS C 404 27.78 -13.45 -20.44
N GLY C 405 26.89 -14.42 -20.15
CA GLY C 405 27.26 -15.81 -20.30
C GLY C 405 26.06 -16.74 -20.20
N TYR C 406 26.25 -17.94 -20.74
CA TYR C 406 25.20 -18.96 -20.74
C TYR C 406 25.86 -20.32 -20.50
N TYR C 407 25.34 -21.04 -19.50
CA TYR C 407 25.83 -22.39 -19.23
C TYR C 407 24.68 -23.37 -19.44
N LEU C 408 24.89 -24.33 -20.35
CA LEU C 408 23.91 -25.37 -20.64
C LEU C 408 24.00 -26.44 -19.54
N TRP C 409 22.85 -26.71 -18.91
CA TRP C 409 22.72 -27.88 -18.05
C TRP C 409 22.19 -29.04 -18.89
N SER C 410 22.97 -30.12 -19.05
CA SER C 410 24.25 -30.36 -18.40
C SER C 410 25.26 -30.84 -19.45
N LEU C 411 26.55 -30.81 -19.10
CA LEU C 411 27.58 -31.37 -19.96
C LEU C 411 27.29 -32.83 -20.27
N MET C 412 26.86 -33.60 -19.26
CA MET C 412 26.61 -35.02 -19.42
C MET C 412 25.37 -35.43 -18.62
N ASP C 413 24.72 -36.51 -19.08
CA ASP C 413 23.68 -37.16 -18.29
C ASP C 413 24.24 -37.47 -16.91
N ASN C 414 23.37 -37.44 -15.89
CA ASN C 414 23.85 -37.51 -14.53
C ASN C 414 22.71 -37.90 -13.58
N PHE C 415 23.06 -38.01 -12.30
CA PHE C 415 22.10 -38.34 -11.25
C PHE C 415 21.13 -37.18 -11.06
N GLU C 416 19.88 -37.37 -11.50
CA GLU C 416 18.84 -36.36 -11.46
C GLU C 416 18.12 -36.36 -10.12
N TRP C 417 18.89 -36.20 -9.03
CA TRP C 417 18.38 -36.07 -7.68
C TRP C 417 17.30 -37.14 -7.39
N ALA C 418 16.07 -36.71 -7.09
CA ALA C 418 15.04 -37.65 -6.66
C ALA C 418 14.65 -38.63 -7.78
N PHE C 419 14.96 -38.28 -9.04
CA PHE C 419 14.63 -39.14 -10.17
C PHE C 419 15.74 -40.13 -10.49
N GLY C 420 16.88 -40.01 -9.80
CA GLY C 420 17.98 -40.94 -10.08
C GLY C 420 18.45 -40.81 -11.53
N TYR C 421 18.82 -41.95 -12.13
CA TYR C 421 19.37 -41.95 -13.48
C TYR C 421 18.27 -42.05 -14.53
N THR C 422 17.01 -41.86 -14.11
CA THR C 422 15.88 -42.15 -14.95
C THR C 422 15.55 -40.96 -15.86
N LYS C 423 16.24 -39.83 -15.68
CA LYS C 423 16.00 -38.65 -16.51
C LYS C 423 17.35 -38.16 -16.99
N ARG C 424 17.37 -37.63 -18.23
CA ARG C 424 18.63 -37.28 -18.88
C ARG C 424 18.57 -35.83 -19.35
N PHE C 425 19.55 -35.02 -18.90
CA PHE C 425 19.64 -33.62 -19.24
C PHE C 425 20.93 -33.31 -20.03
N GLY C 426 21.76 -34.33 -20.26
CA GLY C 426 23.07 -34.09 -20.88
C GLY C 426 23.00 -33.72 -22.37
N ILE C 427 24.07 -33.06 -22.83
CA ILE C 427 24.37 -32.97 -24.26
C ILE C 427 25.34 -34.08 -24.64
N ILE C 428 25.80 -34.84 -23.62
CA ILE C 428 26.56 -36.06 -23.81
C ILE C 428 25.81 -37.17 -23.11
N TYR C 429 25.55 -38.27 -23.86
CA TYR C 429 24.88 -39.42 -23.30
C TYR C 429 25.90 -40.22 -22.50
N VAL C 430 25.46 -40.78 -21.35
CA VAL C 430 26.34 -41.63 -20.56
C VAL C 430 25.61 -42.96 -20.37
N ASP C 431 26.24 -44.03 -20.87
CA ASP C 431 25.79 -45.38 -20.56
C ASP C 431 26.38 -45.73 -19.20
N TYR C 432 25.51 -45.95 -18.20
CA TYR C 432 26.02 -46.15 -16.85
C TYR C 432 26.64 -47.56 -16.67
N GLU C 433 26.27 -48.49 -17.55
CA GLU C 433 26.83 -49.83 -17.52
C GLU C 433 28.27 -49.83 -18.01
N THR C 434 28.60 -48.97 -18.99
CA THR C 434 29.91 -49.03 -19.63
C THR C 434 30.73 -47.77 -19.28
N GLN C 435 30.03 -46.71 -18.85
CA GLN C 435 30.61 -45.39 -18.60
C GLN C 435 31.01 -44.72 -19.92
N VAL C 436 30.60 -45.27 -21.07
CA VAL C 436 30.95 -44.67 -22.36
C VAL C 436 30.15 -43.39 -22.52
N ARG C 437 30.85 -42.33 -22.93
CA ARG C 437 30.27 -41.04 -23.30
C ARG C 437 30.03 -40.98 -24.81
N THR C 438 28.79 -40.62 -25.17
CA THR C 438 28.43 -40.46 -26.58
C THR C 438 27.85 -39.05 -26.72
N PRO C 439 28.59 -38.09 -27.32
CA PRO C 439 28.02 -36.79 -27.64
C PRO C 439 26.72 -36.93 -28.41
N LYS C 440 25.69 -36.17 -27.99
CA LYS C 440 24.39 -36.21 -28.65
C LYS C 440 24.40 -35.20 -29.79
N ALA C 441 23.35 -35.22 -30.62
CA ALA C 441 23.18 -34.20 -31.66
C ALA C 441 23.30 -32.81 -31.06
N SER C 442 22.78 -32.62 -29.83
CA SER C 442 22.82 -31.33 -29.14
C SER C 442 24.26 -30.88 -28.89
N PHE C 443 25.17 -31.82 -28.64
CA PHE C 443 26.59 -31.48 -28.47
C PHE C 443 27.14 -30.88 -29.76
N HIS C 444 26.87 -31.53 -30.91
CA HIS C 444 27.38 -31.08 -32.20
C HIS C 444 26.76 -29.73 -32.58
N TRP C 445 25.48 -29.53 -32.24
CA TRP C 445 24.77 -28.28 -32.51
C TRP C 445 25.36 -27.15 -31.64
N TYR C 446 25.56 -27.41 -30.34
CA TYR C 446 26.05 -26.39 -29.44
C TYR C 446 27.50 -26.04 -29.77
N ARG C 447 28.26 -27.03 -30.24
CA ARG C 447 29.63 -26.81 -30.70
C ARG C 447 29.61 -25.79 -31.83
N GLN C 448 28.61 -25.88 -32.71
CA GLN C 448 28.47 -24.96 -33.84
C GLN C 448 28.10 -23.57 -33.34
N VAL C 449 27.15 -23.50 -32.37
CA VAL C 449 26.75 -22.26 -31.76
C VAL C 449 27.98 -21.54 -31.23
N ILE C 450 28.85 -22.27 -30.51
CA ILE C 450 30.03 -21.70 -29.90
C ILE C 450 31.01 -21.22 -31.00
N GLU C 451 31.23 -22.04 -32.02
CA GLU C 451 32.15 -21.71 -33.10
C GLU C 451 31.69 -20.44 -33.83
N ASN C 452 30.37 -20.30 -34.01
CA ASN C 452 29.79 -19.18 -34.76
C ASN C 452 29.54 -17.98 -33.85
N ASN C 453 29.64 -18.19 -32.54
CA ASN C 453 29.25 -17.23 -31.51
C ASN C 453 27.79 -16.81 -31.70
N GLY C 454 26.92 -17.77 -32.02
CA GLY C 454 25.50 -17.48 -32.08
C GLY C 454 24.69 -18.55 -32.79
N LEU C 455 23.39 -18.25 -32.98
CA LEU C 455 22.42 -19.10 -33.61
C LEU C 455 22.43 -18.90 -35.13
N THR C 456 22.26 -20.04 -35.83
CA THR C 456 22.41 -20.27 -37.26
C THR C 456 23.87 -20.07 -37.72
N LYS D 12 -12.84 -58.92 48.77
CA LYS D 12 -11.92 -57.77 48.71
C LYS D 12 -10.62 -58.21 48.07
N ARG D 13 -10.10 -57.39 47.15
CA ARG D 13 -8.76 -57.60 46.62
C ARG D 13 -7.82 -56.60 47.30
N GLN D 14 -7.15 -57.06 48.35
CA GLN D 14 -6.30 -56.20 49.18
C GLN D 14 -4.86 -56.28 48.67
N PHE D 15 -4.27 -55.09 48.49
CA PHE D 15 -2.92 -54.93 47.99
C PHE D 15 -1.95 -55.09 49.16
N PRO D 16 -0.63 -55.31 48.87
CA PRO D 16 0.40 -55.36 49.91
C PRO D 16 0.39 -54.15 50.83
N ASP D 17 0.87 -54.35 52.06
CA ASP D 17 0.81 -53.34 53.11
C ASP D 17 1.59 -52.10 52.69
N ASP D 18 2.60 -52.27 51.84
CA ASP D 18 3.51 -51.16 51.57
C ASP D 18 3.24 -50.57 50.18
N PHE D 19 2.13 -50.98 49.57
CA PHE D 19 1.83 -50.61 48.19
C PHE D 19 1.70 -49.10 48.04
N ILE D 20 2.25 -48.56 46.95
CA ILE D 20 2.30 -47.11 46.74
C ILE D 20 1.18 -46.73 45.76
N TRP D 21 0.23 -45.94 46.26
CA TRP D 21 -0.86 -45.44 45.43
C TRP D 21 -0.57 -44.03 45.00
N GLY D 22 -0.65 -43.77 43.68
CA GLY D 22 -0.28 -42.47 43.18
C GLY D 22 -1.20 -41.94 42.09
N ALA D 23 -0.88 -40.73 41.61
CA ALA D 23 -1.49 -40.13 40.44
C ALA D 23 -0.39 -39.38 39.71
N ALA D 24 -0.58 -39.16 38.40
CA ALA D 24 0.53 -38.66 37.60
C ALA D 24 0.08 -37.51 36.71
N THR D 25 1.00 -36.57 36.46
CA THR D 25 0.88 -35.52 35.47
C THR D 25 2.22 -35.33 34.75
N ALA D 26 2.26 -34.34 33.83
CA ALA D 26 3.48 -33.88 33.20
C ALA D 26 3.46 -32.36 33.02
N SER D 27 4.63 -31.76 33.03
CA SER D 27 4.84 -30.32 33.13
C SER D 27 4.08 -29.55 32.06
N TYR D 28 4.33 -29.86 30.78
CA TYR D 28 3.76 -29.02 29.72
C TYR D 28 2.24 -29.22 29.70
N GLN D 29 1.78 -30.33 30.27
CA GLN D 29 0.38 -30.70 30.14
C GLN D 29 -0.51 -29.93 31.14
N ILE D 30 0.07 -29.45 32.26
CA ILE D 30 -0.75 -28.83 33.29
C ILE D 30 -0.25 -27.43 33.70
N GLU D 31 1.08 -27.16 33.54
CA GLU D 31 1.68 -26.05 34.28
C GLU D 31 1.16 -24.70 33.78
N GLY D 32 1.12 -24.51 32.46
CA GLY D 32 0.95 -23.17 31.92
C GLY D 32 2.12 -22.29 32.35
N ALA D 33 1.83 -21.01 32.64
CA ALA D 33 2.88 -20.04 32.93
C ALA D 33 4.07 -20.26 31.99
N ALA D 34 3.75 -20.37 30.69
CA ALA D 34 4.74 -20.60 29.66
C ALA D 34 5.76 -19.45 29.54
N ASN D 35 5.39 -18.25 29.98
CA ASN D 35 6.17 -17.05 29.74
C ASN D 35 6.54 -16.39 31.07
N GLU D 36 6.72 -17.18 32.13
CA GLU D 36 7.05 -16.58 33.43
C GLU D 36 8.43 -17.02 33.90
N GLY D 37 9.14 -16.10 34.60
CA GLY D 37 10.40 -16.43 35.23
C GLY D 37 11.51 -16.73 34.23
N GLY D 38 11.33 -16.27 32.98
CA GLY D 38 12.34 -16.44 31.94
C GLY D 38 12.30 -17.77 31.20
N ARG D 39 11.18 -18.51 31.33
CA ARG D 39 11.07 -19.82 30.67
C ARG D 39 11.22 -19.66 29.15
N GLY D 40 12.07 -20.48 28.53
CA GLY D 40 12.24 -20.47 27.08
C GLY D 40 11.23 -21.43 26.43
N PRO D 41 10.98 -21.31 25.10
CA PRO D 41 10.07 -22.24 24.42
C PRO D 41 10.62 -23.66 24.37
N SER D 42 9.73 -24.64 24.52
CA SER D 42 10.04 -26.04 24.27
C SER D 42 9.59 -26.38 22.86
N ILE D 43 9.97 -27.57 22.39
CA ILE D 43 9.59 -28.09 21.09
C ILE D 43 8.07 -28.16 21.00
N TRP D 44 7.42 -28.29 22.15
CA TRP D 44 5.95 -28.38 22.21
C TRP D 44 5.29 -27.01 22.09
N ASP D 45 5.95 -25.94 22.57
CA ASP D 45 5.50 -24.57 22.30
C ASP D 45 5.51 -24.34 20.79
N THR D 46 6.66 -24.61 20.16
CA THR D 46 6.81 -24.44 18.71
C THR D 46 5.74 -25.23 17.94
N PHE D 47 5.58 -26.50 18.32
CA PHE D 47 4.76 -27.46 17.59
C PHE D 47 3.28 -27.08 17.73
N SER D 48 2.82 -26.83 18.96
CA SER D 48 1.43 -26.49 19.18
C SER D 48 1.05 -25.16 18.52
N LYS D 49 2.03 -24.25 18.40
CA LYS D 49 1.80 -22.95 17.79
C LYS D 49 1.91 -23.01 16.26
N THR D 50 2.20 -24.19 15.71
CA THR D 50 2.21 -24.41 14.27
C THR D 50 0.82 -24.81 13.79
N PRO D 51 0.20 -24.05 12.86
CA PRO D 51 -1.15 -24.37 12.40
C PRO D 51 -1.23 -25.82 11.90
N GLY D 52 -2.12 -26.60 12.51
CA GLY D 52 -2.44 -27.92 11.99
C GLY D 52 -1.86 -29.05 12.83
N LYS D 53 -0.96 -28.74 13.77
CA LYS D 53 -0.28 -29.78 14.51
C LYS D 53 -1.08 -30.25 15.72
N VAL D 54 -1.83 -29.33 16.36
CA VAL D 54 -2.65 -29.68 17.52
C VAL D 54 -4.11 -29.27 17.24
N LEU D 55 -5.07 -30.15 17.58
CA LEU D 55 -6.48 -29.86 17.39
C LEU D 55 -6.85 -28.48 17.93
N LEU D 56 -7.63 -27.72 17.13
CA LEU D 56 -8.17 -26.43 17.49
C LEU D 56 -7.07 -25.40 17.78
N GLY D 57 -5.82 -25.73 17.44
CA GLY D 57 -4.71 -24.81 17.70
C GLY D 57 -4.40 -24.66 19.18
N HIS D 58 -4.82 -25.61 20.01
CA HIS D 58 -4.61 -25.54 21.46
C HIS D 58 -3.10 -25.58 21.75
N THR D 59 -2.70 -24.90 22.83
CA THR D 59 -1.32 -24.90 23.27
C THR D 59 -1.28 -25.10 24.79
N GLY D 60 -0.07 -25.24 25.33
CA GLY D 60 0.14 -25.35 26.76
C GLY D 60 0.53 -24.01 27.40
N ASP D 61 0.15 -22.92 26.74
CA ASP D 61 0.42 -21.58 27.24
C ASP D 61 -0.20 -21.42 28.64
N VAL D 62 -1.43 -21.90 28.85
CA VAL D 62 -2.13 -21.73 30.12
C VAL D 62 -2.37 -23.10 30.75
N ALA D 63 -2.89 -24.05 29.95
CA ALA D 63 -3.22 -25.37 30.46
C ALA D 63 -4.09 -25.27 31.71
N CYS D 64 -3.67 -25.94 32.80
CA CYS D 64 -4.44 -25.94 34.05
C CYS D 64 -3.92 -24.87 35.01
N ASP D 65 -3.01 -24.02 34.53
CA ASP D 65 -2.47 -22.91 35.30
C ASP D 65 -1.94 -23.42 36.65
N HIS D 66 -1.39 -24.65 36.62
CA HIS D 66 -0.99 -25.35 37.85
C HIS D 66 0.24 -24.68 38.45
N PHE D 67 1.05 -24.03 37.61
CA PHE D 67 2.22 -23.30 38.11
C PHE D 67 1.80 -22.33 39.21
N HIS D 68 0.60 -21.76 39.08
CA HIS D 68 0.07 -20.77 40.00
C HIS D 68 -0.83 -21.42 41.06
N ARG D 69 -1.53 -22.51 40.71
CA ARG D 69 -2.60 -23.06 41.53
C ARG D 69 -2.17 -24.31 42.29
N TYR D 70 -0.85 -24.53 42.43
CA TYR D 70 -0.31 -25.79 42.95
C TYR D 70 -0.77 -26.05 44.38
N GLU D 71 -0.90 -24.97 45.19
CA GLU D 71 -1.26 -25.11 46.60
C GLU D 71 -2.63 -25.82 46.69
N SER D 72 -3.61 -25.31 45.96
CA SER D 72 -4.96 -25.84 45.95
C SER D 72 -4.97 -27.26 45.37
N ASP D 73 -4.16 -27.50 44.33
CA ASP D 73 -4.07 -28.81 43.71
C ASP D 73 -3.57 -29.84 44.72
N VAL D 74 -2.54 -29.49 45.50
CA VAL D 74 -1.95 -30.42 46.45
CA VAL D 74 -1.95 -30.42 46.45
C VAL D 74 -2.97 -30.74 47.55
N LYS D 75 -3.79 -29.76 47.93
CA LYS D 75 -4.85 -29.99 48.92
C LYS D 75 -5.83 -31.04 48.39
N LEU D 76 -6.12 -31.00 47.09
CA LEU D 76 -6.97 -32.04 46.50
C LEU D 76 -6.26 -33.40 46.54
N MET D 77 -4.92 -33.40 46.44
CA MET D 77 -4.15 -34.64 46.49
C MET D 77 -4.22 -35.23 47.89
N ALA D 78 -4.19 -34.35 48.92
CA ALA D 78 -4.28 -34.75 50.32
C ALA D 78 -5.65 -35.33 50.59
N ASP D 79 -6.69 -34.72 50.02
CA ASP D 79 -8.04 -35.22 50.14
C ASP D 79 -8.13 -36.62 49.51
N LEU D 80 -7.48 -36.79 48.34
CA LEU D 80 -7.48 -38.06 47.63
C LEU D 80 -6.79 -39.13 48.46
N GLY D 81 -5.67 -38.76 49.12
CA GLY D 81 -4.93 -39.67 49.95
C GLY D 81 -3.79 -40.38 49.24
N ILE D 82 -3.37 -39.90 48.05
CA ILE D 82 -2.24 -40.50 47.37
C ILE D 82 -0.98 -40.37 48.24
N LYS D 83 -0.14 -41.41 48.21
CA LYS D 83 1.08 -41.43 48.99
C LYS D 83 2.22 -40.86 48.18
N SER D 84 2.05 -40.84 46.84
CA SER D 84 3.04 -40.32 45.90
C SER D 84 2.37 -39.54 44.78
N TYR D 85 2.97 -38.42 44.39
CA TYR D 85 2.50 -37.65 43.24
C TYR D 85 3.64 -37.61 42.21
N ARG D 86 3.34 -38.14 41.02
CA ARG D 86 4.33 -38.10 39.94
C ARG D 86 4.06 -36.89 39.06
N PHE D 87 5.11 -36.08 38.86
CA PHE D 87 5.08 -34.90 38.00
C PHE D 87 6.41 -34.83 37.24
N SER D 88 6.53 -33.90 36.26
CA SER D 88 7.76 -33.78 35.48
C SER D 88 8.41 -32.39 35.66
N LEU D 89 9.70 -32.31 35.36
CA LEU D 89 10.45 -31.06 35.51
C LEU D 89 10.58 -30.37 34.15
N ALA D 90 10.29 -29.06 34.13
CA ALA D 90 10.35 -28.29 32.88
C ALA D 90 11.78 -27.82 32.62
N TRP D 91 12.52 -28.62 31.84
CA TRP D 91 13.81 -28.27 31.26
C TRP D 91 13.86 -26.81 30.76
N PRO D 92 12.86 -26.32 29.99
CA PRO D 92 12.88 -24.95 29.47
C PRO D 92 12.82 -23.83 30.50
N ARG D 93 12.45 -24.15 31.76
CA ARG D 93 12.46 -23.14 32.81
C ARG D 93 13.89 -22.98 33.34
N VAL D 94 14.76 -23.96 33.09
CA VAL D 94 16.08 -24.05 33.68
C VAL D 94 17.17 -23.76 32.66
N MET D 95 17.02 -24.28 31.43
CA MET D 95 17.93 -23.97 30.35
C MET D 95 17.15 -23.35 29.20
N PRO D 96 16.67 -22.08 29.34
CA PRO D 96 15.76 -21.47 28.38
C PRO D 96 16.38 -21.15 27.02
N GLU D 97 17.68 -20.83 27.01
CA GLU D 97 18.42 -20.56 25.79
C GLU D 97 19.81 -21.19 25.91
N LYS D 98 20.46 -21.42 24.77
CA LYS D 98 21.82 -21.95 24.72
C LYS D 98 22.70 -21.10 25.64
N GLY D 99 23.41 -21.76 26.55
CA GLY D 99 24.40 -21.09 27.39
C GLY D 99 23.79 -20.31 28.56
N ARG D 100 22.47 -20.40 28.74
CA ARG D 100 21.81 -19.70 29.84
C ARG D 100 21.24 -20.70 30.83
N TYR D 101 21.64 -20.57 32.10
CA TYR D 101 21.16 -21.43 33.19
C TYR D 101 20.46 -20.54 34.23
N LEU D 102 19.21 -20.90 34.54
CA LEU D 102 18.45 -20.22 35.59
C LEU D 102 18.31 -21.19 36.76
N GLU D 103 19.07 -20.92 37.84
CA GLU D 103 18.93 -21.66 39.09
C GLU D 103 17.49 -21.51 39.60
N SER D 104 16.93 -20.32 39.41
CA SER D 104 15.57 -20.00 39.80
C SER D 104 14.52 -20.88 39.11
N GLY D 105 14.90 -21.58 38.05
CA GLY D 105 13.94 -22.35 37.27
C GLY D 105 13.37 -23.54 38.03
N PHE D 106 14.06 -23.93 39.12
CA PHE D 106 13.61 -25.01 40.00
C PHE D 106 12.77 -24.48 41.17
N ASP D 107 12.55 -23.16 41.24
CA ASP D 107 11.81 -22.53 42.34
C ASP D 107 10.41 -23.10 42.47
N PHE D 108 9.69 -23.21 41.35
CA PHE D 108 8.35 -23.79 41.40
C PHE D 108 8.35 -25.17 42.06
N TYR D 109 9.30 -26.02 41.68
CA TYR D 109 9.37 -27.38 42.17
C TYR D 109 9.64 -27.39 43.66
N LYS D 110 10.43 -26.43 44.14
CA LYS D 110 10.69 -26.28 45.55
C LYS D 110 9.39 -25.94 46.30
N ARG D 111 8.58 -25.04 45.74
CA ARG D 111 7.31 -24.64 46.33
C ARG D 111 6.36 -25.84 46.34
N LEU D 112 6.29 -26.55 45.20
CA LEU D 112 5.41 -27.70 45.04
C LEU D 112 5.76 -28.76 46.07
N ILE D 113 7.07 -29.04 46.19
CA ILE D 113 7.58 -30.10 47.04
C ILE D 113 7.33 -29.76 48.50
N GLU D 114 7.40 -28.48 48.87
CA GLU D 114 7.09 -28.06 50.25
C GLU D 114 5.64 -28.40 50.58
N GLN D 115 4.73 -28.12 49.64
CA GLN D 115 3.32 -28.45 49.82
C GLN D 115 3.13 -29.97 49.94
N LEU D 116 3.85 -30.74 49.11
CA LEU D 116 3.74 -32.19 49.14
C LEU D 116 4.17 -32.71 50.51
N HIS D 117 5.33 -32.25 50.99
CA HIS D 117 5.88 -32.74 52.26
C HIS D 117 4.95 -32.33 53.41
N LYS D 118 4.35 -31.13 53.31
CA LYS D 118 3.43 -30.65 54.33
C LYS D 118 2.26 -31.61 54.48
N HIS D 119 1.87 -32.27 53.38
CA HIS D 119 0.70 -33.13 53.40
C HIS D 119 1.07 -34.62 53.42
N GLY D 120 2.35 -34.90 53.66
CA GLY D 120 2.87 -36.26 53.76
C GLY D 120 2.83 -37.03 52.45
N ILE D 121 2.92 -36.31 51.31
CA ILE D 121 2.98 -36.92 49.99
C ILE D 121 4.43 -36.95 49.53
N THR D 122 4.87 -38.13 49.02
CA THR D 122 6.20 -38.28 48.48
C THR D 122 6.21 -37.77 47.02
N PRO D 123 7.22 -36.96 46.64
CA PRO D 123 7.37 -36.56 45.24
C PRO D 123 7.98 -37.71 44.43
N ALA D 124 7.45 -37.90 43.22
CA ALA D 124 8.11 -38.72 42.22
C ALA D 124 8.33 -37.83 40.99
N ALA D 125 9.59 -37.51 40.70
CA ALA D 125 9.89 -36.52 39.66
C ALA D 125 10.41 -37.20 38.40
N THR D 126 9.75 -36.93 37.27
CA THR D 126 10.21 -37.33 35.96
C THR D 126 11.09 -36.22 35.41
N ILE D 127 12.32 -36.55 35.01
CA ILE D 127 13.29 -35.56 34.56
C ILE D 127 12.87 -35.02 33.20
N TYR D 128 12.56 -35.92 32.25
CA TYR D 128 12.21 -35.53 30.89
C TYR D 128 10.87 -36.16 30.50
N HIS D 129 9.86 -35.30 30.34
CA HIS D 129 8.55 -35.74 29.80
C HIS D 129 8.21 -34.82 28.62
N TRP D 130 9.20 -34.66 27.72
CA TRP D 130 9.02 -34.31 26.33
C TRP D 130 9.25 -32.83 26.02
N ASP D 131 9.39 -32.00 27.04
CA ASP D 131 9.49 -30.55 26.77
C ASP D 131 10.94 -30.16 26.52
N LEU D 132 11.53 -30.70 25.44
CA LEU D 132 12.90 -30.34 25.06
C LEU D 132 12.95 -28.86 24.70
N PRO D 133 13.91 -28.08 25.25
CA PRO D 133 14.10 -26.68 24.87
C PRO D 133 14.32 -26.56 23.36
N GLN D 134 13.64 -25.59 22.75
CA GLN D 134 13.66 -25.42 21.31
C GLN D 134 15.09 -25.24 20.80
N TRP D 135 15.92 -24.54 21.56
CA TRP D 135 17.28 -24.27 21.10
C TRP D 135 18.08 -25.57 20.87
N ILE D 136 17.77 -26.63 21.62
CA ILE D 136 18.45 -27.90 21.40
C ILE D 136 17.97 -28.56 20.10
N GLU D 137 16.64 -28.48 19.84
CA GLU D 137 16.11 -29.00 18.60
C GLU D 137 16.70 -28.25 17.41
N ASP D 138 16.97 -26.95 17.58
CA ASP D 138 17.60 -26.18 16.51
C ASP D 138 18.96 -26.76 16.15
N GLU D 139 19.56 -27.49 17.09
CA GLU D 139 20.84 -28.15 16.85
C GLU D 139 20.63 -29.63 16.60
N GLY D 140 19.45 -30.03 16.08
CA GLY D 140 19.25 -31.43 15.73
C GLY D 140 18.58 -32.27 16.84
N GLY D 141 18.34 -31.66 18.00
CA GLY D 141 17.55 -32.31 19.03
C GLY D 141 18.14 -33.65 19.45
N TRP D 142 17.28 -34.66 19.59
CA TRP D 142 17.67 -35.96 20.10
C TRP D 142 18.52 -36.75 19.09
N SER D 143 18.59 -36.29 17.82
CA SER D 143 19.41 -37.00 16.83
C SER D 143 20.88 -36.61 16.98
N ASN D 144 21.13 -35.49 17.68
CA ASN D 144 22.49 -35.00 17.86
C ASN D 144 23.05 -35.58 19.17
N ARG D 145 24.24 -36.18 19.10
CA ARG D 145 24.84 -36.80 20.28
C ARG D 145 25.04 -35.78 21.40
N ALA D 146 25.18 -34.50 21.02
CA ALA D 146 25.42 -33.42 21.97
C ALA D 146 24.27 -33.35 23.00
N VAL D 147 23.10 -33.88 22.59
CA VAL D 147 21.92 -33.84 23.45
C VAL D 147 22.18 -34.59 24.75
N VAL D 148 23.06 -35.61 24.70
CA VAL D 148 23.29 -36.46 25.85
C VAL D 148 23.92 -35.61 26.97
N ASP D 149 24.88 -34.76 26.59
CA ASP D 149 25.56 -33.90 27.54
C ASP D 149 24.61 -32.80 28.04
N TYR D 150 23.70 -32.33 27.17
CA TYR D 150 22.76 -31.30 27.59
C TYR D 150 21.83 -31.88 28.65
N TYR D 151 21.35 -33.09 28.42
CA TYR D 151 20.43 -33.73 29.34
C TYR D 151 21.16 -34.02 30.66
N LYS D 152 22.40 -34.54 30.56
CA LYS D 152 23.23 -34.78 31.73
C LYS D 152 23.36 -33.50 32.58
N GLU D 153 23.56 -32.36 31.92
CA GLU D 153 23.73 -31.09 32.59
C GLU D 153 22.44 -30.73 33.34
N PHE D 154 21.28 -30.96 32.72
CA PHE D 154 20.00 -30.68 33.34
C PHE D 154 19.77 -31.62 34.51
N ALA D 155 20.03 -32.91 34.30
CA ALA D 155 19.81 -33.91 35.35
C ALA D 155 20.70 -33.58 36.55
N GLU D 156 21.92 -33.14 36.29
CA GLU D 156 22.87 -32.79 37.34
C GLU D 156 22.32 -31.67 38.22
N GLN D 157 21.76 -30.63 37.57
CA GLN D 157 21.21 -29.49 38.28
C GLN D 157 19.93 -29.87 39.02
N ALA D 158 19.16 -30.81 38.46
CA ALA D 158 17.93 -31.26 39.10
C ALA D 158 18.28 -32.03 40.38
N PHE D 159 19.26 -32.91 40.28
CA PHE D 159 19.71 -33.71 41.41
C PHE D 159 20.26 -32.81 42.51
N LYS D 160 20.96 -31.73 42.11
CA LYS D 160 21.58 -30.83 43.07
C LYS D 160 20.51 -29.95 43.73
N ALA D 161 19.52 -29.52 42.94
CA ALA D 161 18.51 -28.60 43.44
C ALA D 161 17.49 -29.30 44.33
N LEU D 162 17.11 -30.54 43.96
CA LEU D 162 15.96 -31.20 44.56
C LEU D 162 16.38 -32.47 45.30
N GLY D 163 17.55 -33.02 44.96
CA GLY D 163 18.01 -34.31 45.43
C GLY D 163 17.32 -34.83 46.69
N ASP D 164 17.65 -34.19 47.80
CA ASP D 164 17.30 -34.59 49.15
C ASP D 164 15.80 -34.78 49.34
N ASP D 165 15.01 -34.04 48.56
CA ASP D 165 13.58 -33.91 48.82
C ASP D 165 12.78 -34.87 47.92
N VAL D 166 13.47 -35.43 46.92
CA VAL D 166 12.83 -36.32 45.96
C VAL D 166 13.43 -37.71 46.11
N PRO D 167 12.69 -38.69 46.73
CA PRO D 167 13.24 -40.03 46.90
C PRO D 167 13.08 -40.96 45.69
N PHE D 168 12.38 -40.48 44.64
CA PHE D 168 11.98 -41.36 43.55
C PHE D 168 12.07 -40.59 42.24
N TRP D 169 13.02 -40.98 41.38
CA TRP D 169 13.36 -40.27 40.16
C TRP D 169 13.08 -41.15 38.95
N ILE D 170 12.45 -40.57 37.93
CA ILE D 170 12.28 -41.22 36.65
C ILE D 170 13.05 -40.44 35.58
N THR D 171 14.01 -41.10 34.95
CA THR D 171 14.94 -40.45 34.03
C THR D 171 14.19 -39.92 32.82
N HIS D 172 13.39 -40.80 32.20
CA HIS D 172 12.78 -40.53 30.92
C HIS D 172 11.38 -41.15 30.94
N ASN D 173 10.46 -40.39 30.35
CA ASN D 173 9.12 -40.89 30.13
C ASN D 173 8.95 -41.27 28.67
N GLU D 174 8.70 -42.57 28.44
CA GLU D 174 8.27 -43.09 27.15
C GLU D 174 9.25 -42.73 26.02
N PRO D 175 10.46 -43.31 26.02
CA PRO D 175 11.39 -43.13 24.89
C PRO D 175 10.75 -43.38 23.53
N TRP D 176 9.89 -44.41 23.43
CA TRP D 176 9.27 -44.71 22.15
C TRP D 176 8.56 -43.47 21.58
N CYS D 177 7.83 -42.73 22.42
CA CYS D 177 7.10 -41.55 21.98
C CYS D 177 8.04 -40.41 21.62
N ALA D 178 9.04 -40.18 22.46
CA ALA D 178 9.94 -39.05 22.26
C ALA D 178 10.82 -39.27 21.03
N SER D 179 11.00 -40.53 20.64
CA SER D 179 11.84 -40.82 19.48
C SER D 179 10.98 -41.16 18.26
N LEU D 180 10.42 -42.37 18.25
CA LEU D 180 9.76 -42.92 17.08
C LEU D 180 8.51 -42.12 16.72
N LEU D 181 7.71 -41.74 17.73
CA LEU D 181 6.47 -41.03 17.39
C LEU D 181 6.76 -39.59 17.00
N SER D 182 7.85 -39.02 17.54
CA SER D 182 8.17 -37.61 17.40
C SER D 182 8.98 -37.30 16.13
N TYR D 183 9.92 -38.20 15.80
CA TYR D 183 10.86 -37.94 14.71
C TYR D 183 10.60 -38.85 13.53
N GLY D 184 9.85 -39.94 13.74
CA GLY D 184 9.64 -40.95 12.72
C GLY D 184 8.24 -40.91 12.15
N ILE D 185 7.23 -40.96 13.04
CA ILE D 185 5.82 -40.92 12.66
C ILE D 185 5.39 -39.46 12.49
N GLY D 186 5.89 -38.57 13.35
CA GLY D 186 5.67 -37.14 13.25
C GLY D 186 4.39 -36.61 13.92
N GLU D 187 3.75 -37.41 14.78
CA GLU D 187 2.55 -36.96 15.47
C GLU D 187 2.84 -36.01 16.62
N HIS D 188 4.05 -36.15 17.22
CA HIS D 188 4.46 -35.36 18.38
C HIS D 188 5.69 -34.52 18.04
N ALA D 189 5.89 -33.45 18.83
CA ALA D 189 6.99 -32.54 18.65
C ALA D 189 8.32 -33.30 18.63
N PRO D 190 9.24 -32.98 17.70
CA PRO D 190 9.10 -31.86 16.77
C PRO D 190 8.40 -32.18 15.45
N GLY D 191 7.82 -33.37 15.34
CA GLY D 191 6.88 -33.67 14.26
C GLY D 191 7.59 -33.95 12.93
N LEU D 192 8.75 -34.59 12.98
CA LEU D 192 9.48 -34.95 11.76
C LEU D 192 9.14 -36.38 11.32
N LYS D 193 9.47 -36.71 10.07
CA LYS D 193 9.21 -38.02 9.50
C LYS D 193 10.49 -38.56 8.84
N ASP D 194 11.32 -39.23 9.65
CA ASP D 194 12.66 -39.62 9.26
C ASP D 194 13.10 -40.73 10.21
N TRP D 195 13.08 -41.99 9.73
CA TRP D 195 13.31 -43.13 10.60
C TRP D 195 14.74 -43.11 11.15
N ARG D 196 15.71 -42.73 10.32
CA ARG D 196 17.12 -42.72 10.75
C ARG D 196 17.24 -41.78 11.94
N ARG D 197 16.63 -40.59 11.80
CA ARG D 197 16.63 -39.54 12.81
C ARG D 197 15.98 -40.06 14.07
N ALA D 198 14.87 -40.80 13.93
CA ALA D 198 14.12 -41.33 15.05
C ALA D 198 14.91 -42.41 15.79
N TYR D 199 15.62 -43.26 15.07
CA TYR D 199 16.42 -44.32 15.69
C TYR D 199 17.64 -43.73 16.36
N ARG D 200 18.16 -42.63 15.82
CA ARG D 200 19.28 -41.93 16.45
C ARG D 200 18.78 -41.31 17.76
N ALA D 201 17.58 -40.75 17.72
CA ALA D 201 16.92 -40.19 18.88
C ALA D 201 16.72 -41.26 19.96
N ALA D 202 16.22 -42.44 19.59
CA ALA D 202 16.01 -43.54 20.53
C ALA D 202 17.31 -43.86 21.26
N HIS D 203 18.40 -44.00 20.51
CA HIS D 203 19.70 -44.35 21.07
C HIS D 203 20.16 -43.29 22.07
N HIS D 204 20.03 -42.01 21.71
CA HIS D 204 20.50 -40.94 22.58
C HIS D 204 19.63 -40.81 23.83
N ILE D 205 18.32 -41.05 23.71
CA ILE D 205 17.44 -41.06 24.86
C ILE D 205 17.88 -42.16 25.83
N LEU D 206 18.11 -43.36 25.30
CA LEU D 206 18.51 -44.50 26.12
C LEU D 206 19.86 -44.23 26.78
N LEU D 207 20.80 -43.65 26.02
CA LEU D 207 22.14 -43.35 26.53
C LEU D 207 22.06 -42.30 27.63
N SER D 208 21.21 -41.28 27.44
CA SER D 208 21.08 -40.21 28.42
C SER D 208 20.48 -40.73 29.73
N HIS D 209 19.49 -41.62 29.63
CA HIS D 209 18.99 -42.36 30.80
C HIS D 209 20.15 -42.95 31.60
N GLY D 210 21.02 -43.70 30.92
CA GLY D 210 22.11 -44.39 31.58
C GLY D 210 23.09 -43.41 32.22
N GLU D 211 23.34 -42.28 31.58
CA GLU D 211 24.25 -41.26 32.09
C GLU D 211 23.69 -40.69 33.39
N ALA D 212 22.36 -40.47 33.42
CA ALA D 212 21.70 -39.92 34.59
C ALA D 212 21.76 -40.91 35.76
N VAL D 213 21.57 -42.20 35.49
CA VAL D 213 21.63 -43.19 36.55
C VAL D 213 23.04 -43.21 37.13
N LYS D 214 24.04 -43.20 36.25
CA LYS D 214 25.44 -43.24 36.69
C LYS D 214 25.72 -42.03 37.57
N LEU D 215 25.27 -40.86 37.13
CA LEU D 215 25.46 -39.61 37.85
C LEU D 215 24.79 -39.68 39.21
N TYR D 216 23.62 -40.33 39.28
CA TYR D 216 22.86 -40.42 40.52
C TYR D 216 23.67 -41.20 41.56
N ARG D 217 24.30 -42.30 41.15
CA ARG D 217 25.11 -43.12 42.03
C ARG D 217 26.33 -42.32 42.49
N GLU D 218 26.93 -41.58 41.56
CA GLU D 218 28.18 -40.86 41.79
C GLU D 218 27.96 -39.73 42.79
N LEU D 219 26.75 -39.16 42.83
CA LEU D 219 26.45 -38.08 43.74
C LEU D 219 26.06 -38.63 45.11
N GLY D 220 25.90 -39.95 45.22
CA GLY D 220 25.66 -40.60 46.50
C GLY D 220 24.29 -40.27 47.08
N LEU D 221 23.30 -40.07 46.21
CA LEU D 221 21.93 -39.85 46.63
C LEU D 221 21.27 -41.16 47.03
N LYS D 222 20.33 -41.07 47.97
CA LYS D 222 19.88 -42.15 48.82
C LYS D 222 18.59 -42.82 48.28
N GLY D 223 17.97 -42.23 47.26
CA GLY D 223 16.64 -42.64 46.78
C GLY D 223 16.73 -43.67 45.65
N GLN D 224 15.71 -43.71 44.78
CA GLN D 224 15.58 -44.71 43.73
C GLN D 224 15.42 -44.03 42.37
N ILE D 225 16.02 -44.64 41.32
CA ILE D 225 15.99 -44.09 39.97
C ILE D 225 15.74 -45.22 38.98
N GLY D 226 14.96 -44.90 37.94
CA GLY D 226 14.58 -45.86 36.92
C GLY D 226 14.01 -45.14 35.70
N ILE D 227 13.78 -45.90 34.61
CA ILE D 227 13.15 -45.37 33.41
C ILE D 227 11.67 -45.73 33.41
N THR D 228 10.88 -44.97 32.66
CA THR D 228 9.48 -45.36 32.38
C THR D 228 9.31 -45.65 30.90
N LEU D 229 8.80 -46.85 30.57
CA LEU D 229 8.54 -47.24 29.19
C LEU D 229 7.05 -47.44 28.99
N ASN D 230 6.49 -46.87 27.92
CA ASN D 230 5.18 -47.30 27.47
C ASN D 230 5.33 -48.63 26.73
N LEU D 231 4.51 -49.60 27.12
CA LEU D 231 4.56 -50.91 26.46
C LEU D 231 3.17 -51.23 25.93
N THR D 232 3.09 -51.60 24.66
CA THR D 232 1.84 -51.96 24.01
C THR D 232 2.01 -53.40 23.52
N PRO D 233 1.57 -54.40 24.32
CA PRO D 233 1.66 -55.80 23.90
C PRO D 233 0.99 -55.96 22.53
N ALA D 234 1.65 -56.69 21.63
CA ALA D 234 1.12 -57.02 20.32
C ALA D 234 0.65 -58.46 20.32
N TYR D 235 -0.42 -58.73 19.55
CA TYR D 235 -1.01 -60.06 19.46
C TYR D 235 -1.21 -60.40 17.98
N PRO D 236 -0.97 -61.67 17.55
CA PRO D 236 -1.11 -62.05 16.14
C PRO D 236 -2.59 -62.18 15.76
N ALA D 237 -2.95 -61.74 14.55
CA ALA D 237 -4.32 -61.81 14.05
C ALA D 237 -4.77 -63.25 13.85
N SER D 238 -3.83 -64.17 13.59
CA SER D 238 -4.05 -65.61 13.49
C SER D 238 -2.77 -66.32 13.91
N ASP D 239 -2.81 -67.66 13.92
CA ASP D 239 -1.64 -68.46 14.31
C ASP D 239 -0.84 -68.93 13.09
N SER D 240 -1.08 -68.29 11.94
CA SER D 240 -0.26 -68.50 10.75
C SER D 240 1.19 -68.07 11.05
N PRO D 241 2.22 -68.77 10.53
CA PRO D 241 3.62 -68.36 10.77
C PRO D 241 3.89 -66.90 10.41
N GLU D 242 3.21 -66.42 9.36
CA GLU D 242 3.38 -65.06 8.87
C GLU D 242 2.82 -64.05 9.88
N ASP D 243 1.68 -64.41 10.48
CA ASP D 243 1.03 -63.53 11.45
C ASP D 243 1.81 -63.49 12.76
N ILE D 244 2.36 -64.63 13.17
CA ILE D 244 3.20 -64.73 14.36
C ILE D 244 4.45 -63.87 14.16
N ALA D 245 4.99 -63.91 12.94
CA ALA D 245 6.18 -63.13 12.60
C ALA D 245 5.85 -61.63 12.63
N ALA D 246 4.65 -61.25 12.16
CA ALA D 246 4.17 -59.88 12.17
C ALA D 246 4.06 -59.37 13.61
N GLN D 247 3.59 -60.24 14.51
CA GLN D 247 3.48 -59.92 15.92
C GLN D 247 4.88 -59.59 16.46
N GLN D 248 5.87 -60.40 16.05
CA GLN D 248 7.22 -60.27 16.55
C GLN D 248 7.83 -58.94 16.10
N ARG D 249 7.53 -58.54 14.85
CA ARG D 249 8.01 -57.29 14.29
C ARG D 249 7.42 -56.12 15.08
N GLN D 250 6.09 -56.14 15.26
CA GLN D 250 5.40 -55.09 16.02
C GLN D 250 5.97 -55.02 17.44
N ASP D 251 6.15 -56.17 18.08
CA ASP D 251 6.64 -56.25 19.44
C ASP D 251 8.06 -55.67 19.54
N ALA D 252 8.89 -55.95 18.52
CA ALA D 252 10.24 -55.39 18.49
C ALA D 252 10.17 -53.87 18.38
N PHE D 253 9.29 -53.39 17.50
CA PHE D 253 9.20 -51.98 17.19
C PHE D 253 8.72 -51.18 18.40
N SER D 254 7.73 -51.71 19.12
CA SER D 254 7.09 -50.98 20.20
C SER D 254 7.84 -51.18 21.51
N ASN D 255 8.27 -52.42 21.78
CA ASN D 255 8.56 -52.87 23.13
C ASN D 255 10.03 -53.30 23.29
N ARG D 256 10.47 -54.26 22.47
CA ARG D 256 11.79 -54.85 22.64
C ARG D 256 12.91 -53.87 22.29
N TRP D 257 12.61 -52.89 21.42
CA TRP D 257 13.62 -51.94 21.00
C TRP D 257 14.20 -51.21 22.21
N PHE D 258 13.39 -51.12 23.28
CA PHE D 258 13.75 -50.36 24.47
C PHE D 258 14.06 -51.32 25.62
N LEU D 259 13.28 -52.40 25.74
CA LEU D 259 13.50 -53.37 26.82
C LEU D 259 14.86 -54.06 26.67
N ASP D 260 15.20 -54.49 25.44
CA ASP D 260 16.40 -55.30 25.23
C ASP D 260 17.65 -54.51 25.61
N PRO D 261 17.84 -53.28 25.12
CA PRO D 261 19.00 -52.47 25.51
C PRO D 261 19.12 -52.21 27.01
N ILE D 262 17.98 -51.87 27.64
CA ILE D 262 17.94 -51.57 29.06
C ILE D 262 18.36 -52.81 29.85
N PHE D 263 17.83 -54.00 29.48
CA PHE D 263 17.98 -55.16 30.33
C PHE D 263 19.03 -56.15 29.82
N LYS D 264 19.25 -56.19 28.50
CA LYS D 264 20.13 -57.22 27.93
C LYS D 264 21.36 -56.58 27.29
N GLY D 265 21.38 -55.24 27.24
CA GLY D 265 22.52 -54.48 26.74
C GLY D 265 22.77 -54.69 25.24
N GLU D 266 21.71 -54.99 24.48
CA GLU D 266 21.77 -55.04 23.02
C GLU D 266 20.39 -54.78 22.43
N TYR D 267 20.34 -54.23 21.21
CA TYR D 267 19.10 -54.05 20.48
C TYR D 267 18.65 -55.42 19.96
N PRO D 268 17.32 -55.63 19.74
CA PRO D 268 16.84 -56.92 19.24
C PRO D 268 17.40 -57.24 17.85
N ALA D 269 18.17 -58.33 17.78
CA ALA D 269 18.92 -58.72 16.59
C ALA D 269 17.97 -59.10 15.45
N ASP D 270 16.74 -59.50 15.77
CA ASP D 270 15.79 -59.82 14.71
C ASP D 270 15.33 -58.56 13.98
N PHE D 271 15.34 -57.42 14.65
CA PHE D 271 14.72 -56.22 14.08
C PHE D 271 15.75 -55.24 13.57
N MET D 272 16.99 -55.29 14.11
CA MET D 272 18.00 -54.32 13.72
C MET D 272 18.24 -54.36 12.21
N PRO D 273 18.22 -55.54 11.53
CA PRO D 273 18.34 -55.57 10.07
C PRO D 273 17.27 -54.75 9.35
N ARG D 274 16.04 -54.78 9.87
CA ARG D 274 14.95 -54.00 9.30
C ARG D 274 15.23 -52.51 9.48
N VAL D 275 15.76 -52.16 10.65
CA VAL D 275 16.09 -50.77 10.93
C VAL D 275 17.13 -50.30 9.91
N GLU D 276 18.18 -51.10 9.73
CA GLU D 276 19.25 -50.71 8.81
C GLU D 276 18.75 -50.68 7.37
N ARG D 277 17.77 -51.53 7.05
CA ARG D 277 17.18 -51.53 5.73
C ARG D 277 16.51 -50.19 5.41
N PHE D 278 15.74 -49.65 6.37
CA PHE D 278 14.95 -48.46 6.09
C PHE D 278 15.66 -47.17 6.45
N CYS D 279 16.73 -47.26 7.25
CA CYS D 279 17.38 -46.03 7.70
C CYS D 279 18.77 -45.87 7.08
N GLY D 280 19.33 -46.98 6.60
CA GLY D 280 20.75 -47.04 6.32
C GLY D 280 21.50 -47.10 7.63
N ASP D 281 22.81 -46.90 7.57
CA ASP D 281 23.66 -46.88 8.75
C ASP D 281 23.26 -45.74 9.68
N LEU D 282 23.00 -46.09 10.97
CA LEU D 282 22.60 -45.10 11.96
C LEU D 282 23.82 -44.26 12.37
N ASN D 283 25.02 -44.85 12.27
CA ASN D 283 26.25 -44.16 12.66
C ASN D 283 26.05 -43.50 14.03
N VAL D 284 25.53 -44.25 15.00
CA VAL D 284 25.12 -43.66 16.27
C VAL D 284 25.70 -44.44 17.45
N ILE D 285 25.93 -45.74 17.31
CA ILE D 285 26.34 -46.57 18.45
C ILE D 285 27.86 -46.47 18.63
N GLN D 286 28.30 -45.94 19.77
CA GLN D 286 29.73 -45.77 20.01
C GLN D 286 30.17 -46.73 21.12
N PRO D 287 31.47 -47.10 21.20
CA PRO D 287 31.92 -48.06 22.22
C PRO D 287 31.58 -47.53 23.61
N GLY D 288 31.04 -48.41 24.47
CA GLY D 288 30.66 -48.03 25.81
C GLY D 288 29.15 -47.77 25.94
N ASP D 289 28.51 -47.37 24.83
CA ASP D 289 27.12 -46.95 24.84
C ASP D 289 26.20 -48.02 25.44
N MET D 290 26.29 -49.25 24.94
CA MET D 290 25.31 -50.27 25.32
C MET D 290 25.47 -50.63 26.80
N GLU D 291 26.72 -50.56 27.28
CA GLU D 291 27.01 -50.79 28.69
C GLU D 291 26.37 -49.70 29.56
N THR D 292 26.46 -48.44 29.11
CA THR D 292 25.91 -47.31 29.85
C THR D 292 24.38 -47.40 29.87
N ILE D 293 23.78 -47.82 28.76
CA ILE D 293 22.32 -47.94 28.67
C ILE D 293 21.81 -48.99 29.67
N SER D 294 22.61 -50.04 29.89
CA SER D 294 22.18 -51.18 30.69
C SER D 294 22.64 -51.11 32.15
N VAL D 295 23.07 -49.95 32.64
CA VAL D 295 23.44 -49.78 34.03
C VAL D 295 22.27 -50.17 34.94
N PRO D 296 22.51 -50.85 36.09
CA PRO D 296 21.42 -51.31 36.94
C PRO D 296 20.55 -50.17 37.50
N GLN D 297 19.22 -50.35 37.34
CA GLN D 297 18.26 -49.39 37.87
C GLN D 297 17.74 -49.89 39.22
N ASP D 298 16.95 -49.04 39.88
CA ASP D 298 16.28 -49.41 41.13
C ASP D 298 14.92 -50.03 40.85
N PHE D 299 14.28 -49.61 39.76
CA PHE D 299 12.96 -50.10 39.42
C PHE D 299 12.75 -49.93 37.92
N LEU D 300 11.70 -50.57 37.40
CA LEU D 300 11.20 -50.30 36.08
C LEU D 300 9.83 -49.65 36.21
N GLY D 301 9.64 -48.52 35.52
CA GLY D 301 8.32 -47.93 35.40
C GLY D 301 7.68 -48.35 34.08
N ILE D 302 6.40 -48.74 34.14
CA ILE D 302 5.70 -49.08 32.92
C ILE D 302 4.41 -48.25 32.82
N ASN D 303 4.14 -47.80 31.59
CA ASN D 303 2.89 -47.12 31.28
C ASN D 303 2.09 -48.08 30.41
N PHE D 304 0.88 -48.44 30.84
CA PHE D 304 0.08 -49.39 30.08
C PHE D 304 -1.30 -48.81 29.84
N TYR D 305 -1.81 -48.99 28.61
CA TYR D 305 -3.09 -48.45 28.22
C TYR D 305 -3.90 -49.47 27.43
N THR D 306 -3.25 -50.16 26.47
CA THR D 306 -3.97 -50.97 25.49
C THR D 306 -3.02 -52.00 24.86
N ARG D 307 -3.55 -52.78 23.91
CA ARG D 307 -2.77 -53.75 23.16
C ARG D 307 -2.98 -53.51 21.66
N SER D 308 -2.22 -54.21 20.81
CA SER D 308 -2.56 -54.19 19.40
C SER D 308 -2.67 -55.61 18.85
N VAL D 309 -3.53 -55.79 17.84
CA VAL D 309 -3.64 -57.04 17.10
C VAL D 309 -3.16 -56.76 15.67
N VAL D 310 -2.23 -57.57 15.19
CA VAL D 310 -1.57 -57.24 13.94
C VAL D 310 -1.55 -58.46 13.01
N LYS D 311 -1.64 -58.18 11.70
CA LYS D 311 -1.51 -59.22 10.67
C LYS D 311 -0.38 -58.82 9.73
N ASP D 312 0.21 -59.83 9.06
CA ASP D 312 1.31 -59.63 8.13
C ASP D 312 0.87 -58.71 6.99
N ASP D 313 1.78 -57.78 6.64
CA ASP D 313 1.68 -57.10 5.36
C ASP D 313 2.69 -57.74 4.42
N PRO D 314 2.27 -58.64 3.50
CA PRO D 314 3.21 -59.35 2.62
C PRO D 314 4.01 -58.43 1.70
N ALA D 315 3.56 -57.18 1.54
CA ALA D 315 4.28 -56.25 0.68
C ALA D 315 5.75 -56.06 1.12
N ASP D 316 6.04 -56.12 2.42
CA ASP D 316 7.38 -56.06 2.96
C ASP D 316 8.11 -54.82 2.48
N ASP D 317 7.41 -53.70 2.37
CA ASP D 317 7.96 -52.46 1.83
C ASP D 317 7.90 -51.34 2.87
N SER D 318 7.65 -51.70 4.13
CA SER D 318 7.65 -50.73 5.21
C SER D 318 8.43 -51.27 6.41
N LEU D 319 8.76 -50.36 7.34
CA LEU D 319 9.66 -50.70 8.43
C LEU D 319 9.13 -51.91 9.22
N ILE D 320 7.85 -51.86 9.59
CA ILE D 320 7.28 -52.92 10.44
C ILE D 320 6.55 -53.95 9.56
N SER D 321 6.04 -53.50 8.42
CA SER D 321 5.36 -54.35 7.46
C SER D 321 4.22 -55.11 8.12
N VAL D 322 3.31 -54.40 8.81
CA VAL D 322 2.16 -55.05 9.42
C VAL D 322 0.91 -54.22 9.15
N HIS D 323 -0.26 -54.85 9.33
CA HIS D 323 -1.53 -54.16 9.31
C HIS D 323 -2.21 -54.36 10.66
N GLY D 324 -2.57 -53.25 11.32
CA GLY D 324 -3.35 -53.32 12.55
C GLY D 324 -4.77 -53.79 12.24
N VAL D 325 -5.32 -54.63 13.12
CA VAL D 325 -6.70 -55.08 12.98
C VAL D 325 -7.57 -54.30 13.96
N PRO D 326 -8.49 -53.43 13.49
CA PRO D 326 -9.43 -52.76 14.40
C PRO D 326 -10.23 -53.78 15.20
N THR D 327 -10.56 -53.45 16.45
CA THR D 327 -11.30 -54.32 17.37
C THR D 327 -12.80 -54.01 17.32
N ASP D 328 -13.59 -55.02 17.67
CA ASP D 328 -15.03 -54.99 17.87
C ASP D 328 -15.34 -54.82 19.37
N ASN D 329 -14.31 -54.95 20.20
CA ASN D 329 -14.40 -54.99 21.66
C ASN D 329 -14.61 -53.59 22.20
N PRO D 330 -14.96 -53.44 23.51
CA PRO D 330 -15.19 -52.10 24.09
C PRO D 330 -13.95 -51.22 24.00
N VAL D 331 -14.16 -49.92 23.76
CA VAL D 331 -13.08 -48.96 23.60
C VAL D 331 -13.32 -47.76 24.52
N THR D 332 -12.23 -47.04 24.83
CA THR D 332 -12.28 -45.79 25.55
C THR D 332 -12.60 -44.65 24.57
N ASP D 333 -12.60 -43.42 25.09
CA ASP D 333 -12.96 -42.24 24.32
C ASP D 333 -11.85 -41.90 23.32
N MET D 334 -10.70 -42.59 23.42
CA MET D 334 -9.62 -42.45 22.46
C MET D 334 -9.81 -43.46 21.33
N GLY D 335 -10.75 -44.40 21.53
CA GLY D 335 -10.95 -45.49 20.59
C GLY D 335 -9.94 -46.62 20.79
N TRP D 336 -9.27 -46.67 21.96
CA TRP D 336 -8.38 -47.76 22.27
C TRP D 336 -9.13 -48.90 22.94
N GLU D 337 -8.79 -50.13 22.56
CA GLU D 337 -9.39 -51.33 23.13
C GLU D 337 -9.12 -51.36 24.64
N ILE D 338 -10.15 -51.73 25.40
CA ILE D 338 -10.01 -52.06 26.80
C ILE D 338 -9.69 -53.55 26.90
N TYR D 339 -8.48 -53.88 27.32
CA TYR D 339 -8.06 -55.28 27.36
C TYR D 339 -7.13 -55.52 28.55
N PRO D 340 -7.67 -55.59 29.78
CA PRO D 340 -6.85 -55.71 30.99
C PRO D 340 -5.98 -56.97 31.08
N ASP D 341 -6.35 -58.02 30.33
CA ASP D 341 -5.60 -59.27 30.32
C ASP D 341 -4.19 -59.00 29.76
N ALA D 342 -4.09 -58.01 28.85
CA ALA D 342 -2.80 -57.65 28.29
C ALA D 342 -1.86 -57.13 29.38
N LEU D 343 -2.41 -56.45 30.39
CA LEU D 343 -1.58 -55.92 31.46
C LEU D 343 -1.07 -57.06 32.32
N TYR D 344 -1.96 -58.03 32.62
CA TYR D 344 -1.60 -59.19 33.40
C TYR D 344 -0.48 -59.96 32.70
N ASP D 345 -0.68 -60.23 31.40
CA ASP D 345 0.29 -60.94 30.59
C ASP D 345 1.62 -60.17 30.57
N LEU D 346 1.56 -58.84 30.41
CA LEU D 346 2.75 -58.02 30.30
C LEU D 346 3.60 -58.11 31.57
N LEU D 347 2.97 -57.98 32.74
CA LEU D 347 3.68 -58.00 34.00
C LEU D 347 4.40 -59.34 34.17
N HIS D 348 3.71 -60.43 33.80
CA HIS D 348 4.31 -61.76 33.86
C HIS D 348 5.49 -61.84 32.87
N ARG D 349 5.34 -61.23 31.69
CA ARG D 349 6.42 -61.26 30.71
C ARG D 349 7.66 -60.56 31.26
N LEU D 350 7.45 -59.42 31.93
CA LEU D 350 8.56 -58.67 32.49
C LEU D 350 9.27 -59.49 33.56
N LYS D 351 8.47 -60.09 34.43
CA LYS D 351 8.97 -60.97 35.50
C LYS D 351 9.77 -62.12 34.91
N ASN D 352 9.22 -62.76 33.86
CA ASN D 352 9.74 -64.02 33.34
C ASN D 352 10.93 -63.82 32.42
N GLU D 353 10.96 -62.72 31.66
CA GLU D 353 11.94 -62.56 30.59
C GLU D 353 12.94 -61.44 30.86
N TYR D 354 12.61 -60.47 31.73
CA TYR D 354 13.41 -59.26 31.78
C TYR D 354 14.03 -58.96 33.15
N THR D 355 13.20 -58.93 34.21
CA THR D 355 13.67 -58.32 35.43
C THR D 355 12.92 -58.88 36.64
N ASP D 356 13.66 -58.96 37.75
CA ASP D 356 13.10 -59.27 39.04
C ASP D 356 13.05 -57.99 39.87
N LEU D 357 13.42 -56.84 39.26
CA LEU D 357 13.37 -55.56 39.95
C LEU D 357 11.93 -55.20 40.28
N PRO D 358 11.70 -54.33 41.29
CA PRO D 358 10.39 -53.73 41.51
C PRO D 358 9.86 -53.06 40.23
N ILE D 359 8.58 -53.36 39.91
CA ILE D 359 7.88 -52.72 38.81
C ILE D 359 6.89 -51.74 39.42
N TYR D 360 6.78 -50.55 38.81
CA TYR D 360 5.77 -49.56 39.18
C TYR D 360 4.98 -49.26 37.92
N ILE D 361 3.65 -49.33 38.02
CA ILE D 361 2.83 -48.82 36.94
C ILE D 361 2.79 -47.30 37.11
N THR D 362 3.63 -46.63 36.33
CA THR D 362 3.80 -45.18 36.44
C THR D 362 2.69 -44.45 35.72
N GLU D 363 1.91 -45.15 34.87
CA GLU D 363 0.70 -44.58 34.32
C GLU D 363 -0.24 -45.69 33.91
N ASN D 364 -1.54 -45.46 34.15
CA ASN D 364 -2.63 -46.26 33.61
C ASN D 364 -3.90 -45.43 33.76
N GLY D 365 -4.75 -45.43 32.75
CA GLY D 365 -5.92 -44.57 32.79
C GLY D 365 -6.69 -44.62 31.48
N ALA D 366 -7.71 -43.76 31.38
CA ALA D 366 -8.58 -43.81 30.20
C ALA D 366 -9.20 -42.45 29.96
N ALA D 367 -9.34 -42.11 28.66
CA ALA D 367 -10.14 -40.98 28.27
C ALA D 367 -11.62 -41.34 28.37
N ASN D 368 -12.43 -40.35 28.75
CA ASN D 368 -13.86 -40.48 28.89
C ASN D 368 -14.50 -39.17 28.44
N ALA D 369 -15.65 -39.26 27.78
CA ALA D 369 -16.39 -38.09 27.33
C ALA D 369 -17.10 -37.42 28.51
N ASP D 370 -16.33 -36.63 29.30
CA ASP D 370 -16.79 -36.14 30.58
C ASP D 370 -17.51 -34.81 30.44
N ALA D 371 -18.58 -34.61 31.22
CA ALA D 371 -19.30 -33.34 31.33
C ALA D 371 -19.75 -33.19 32.78
N ILE D 372 -19.82 -31.94 33.28
CA ILE D 372 -20.45 -31.65 34.55
C ILE D 372 -21.98 -31.58 34.37
N VAL D 373 -22.67 -32.46 35.09
CA VAL D 373 -24.12 -32.57 35.09
C VAL D 373 -24.53 -32.57 36.55
N ASN D 374 -25.30 -31.52 36.92
CA ASN D 374 -25.75 -31.25 38.28
C ASN D 374 -24.55 -31.14 39.22
N GLY D 375 -23.49 -30.45 38.78
CA GLY D 375 -22.32 -30.22 39.58
C GLY D 375 -21.52 -31.49 39.89
N GLU D 376 -21.76 -32.57 39.15
CA GLU D 376 -20.98 -33.80 39.30
C GLU D 376 -20.46 -34.27 37.93
N VAL D 377 -19.46 -35.15 37.96
CA VAL D 377 -19.01 -35.84 36.74
C VAL D 377 -19.07 -37.33 37.02
N GLU D 378 -20.04 -38.00 36.38
CA GLU D 378 -20.34 -39.39 36.65
C GLU D 378 -19.60 -40.27 35.64
N ASP D 379 -18.28 -40.44 35.85
CA ASP D 379 -17.41 -41.08 34.89
C ASP D 379 -17.28 -42.56 35.23
N THR D 380 -18.40 -43.27 35.20
CA THR D 380 -18.46 -44.68 35.57
C THR D 380 -17.50 -45.50 34.69
N PRO D 381 -17.44 -45.28 33.36
CA PRO D 381 -16.55 -46.06 32.49
C PRO D 381 -15.07 -45.95 32.91
N ARG D 382 -14.67 -44.77 33.41
CA ARG D 382 -13.30 -44.61 33.93
C ARG D 382 -13.08 -45.51 35.15
N ILE D 383 -14.04 -45.51 36.10
CA ILE D 383 -13.98 -46.38 37.27
C ILE D 383 -13.85 -47.83 36.82
N ASP D 384 -14.72 -48.25 35.89
CA ASP D 384 -14.74 -49.62 35.39
C ASP D 384 -13.37 -49.99 34.80
N TYR D 385 -12.74 -49.06 34.10
CA TYR D 385 -11.46 -49.31 33.44
C TYR D 385 -10.38 -49.53 34.49
N VAL D 386 -10.31 -48.64 35.48
CA VAL D 386 -9.28 -48.71 36.50
C VAL D 386 -9.47 -49.96 37.36
N ARG D 387 -10.72 -50.29 37.70
CA ARG D 387 -11.01 -51.49 38.48
C ARG D 387 -10.47 -52.74 37.77
N GLN D 388 -10.75 -52.87 36.48
CA GLN D 388 -10.31 -54.01 35.67
C GLN D 388 -8.78 -54.13 35.68
N HIS D 389 -8.08 -53.00 35.53
CA HIS D 389 -6.62 -53.01 35.48
C HIS D 389 -6.02 -53.31 36.85
N LEU D 390 -6.64 -52.82 37.92
CA LEU D 390 -6.15 -53.10 39.26
C LEU D 390 -6.38 -54.56 39.61
N ASP D 391 -7.45 -55.16 39.08
CA ASP D 391 -7.70 -56.58 39.29
C ASP D 391 -6.60 -57.40 38.62
N ALA D 392 -6.22 -56.99 37.40
CA ALA D 392 -5.15 -57.65 36.67
C ALA D 392 -3.84 -57.57 37.45
N ALA D 393 -3.55 -56.36 37.96
CA ALA D 393 -2.37 -56.11 38.79
C ALA D 393 -2.43 -56.97 40.06
N HIS D 394 -3.62 -57.07 40.68
CA HIS D 394 -3.73 -57.80 41.93
C HIS D 394 -3.40 -59.27 41.69
N ARG D 395 -3.86 -59.81 40.55
CA ARG D 395 -3.61 -61.21 40.22
C ARG D 395 -2.10 -61.47 40.06
N PHE D 396 -1.39 -60.53 39.41
CA PHE D 396 0.04 -60.63 39.23
C PHE D 396 0.75 -60.69 40.59
N ILE D 397 0.33 -59.81 41.51
CA ILE D 397 0.92 -59.74 42.85
C ILE D 397 0.70 -61.06 43.58
N GLN D 398 -0.50 -61.65 43.42
CA GLN D 398 -0.88 -62.87 44.12
C GLN D 398 -0.01 -64.04 43.64
N GLU D 399 0.46 -63.94 42.39
CA GLU D 399 1.27 -64.99 41.78
C GLU D 399 2.76 -64.64 41.91
N GLY D 400 3.12 -63.78 42.87
CA GLY D 400 4.51 -63.52 43.20
C GLY D 400 5.10 -62.32 42.45
N GLY D 401 4.26 -61.56 41.72
CA GLY D 401 4.76 -60.44 40.94
C GLY D 401 5.27 -59.28 41.82
N ASN D 402 6.44 -58.73 41.46
CA ASN D 402 7.09 -57.68 42.25
C ASN D 402 6.59 -56.29 41.83
N LEU D 403 5.27 -56.08 41.86
CA LEU D 403 4.64 -54.79 41.57
C LEU D 403 4.47 -54.00 42.86
N LYS D 404 5.05 -52.79 42.91
CA LYS D 404 5.18 -52.07 44.17
C LYS D 404 4.32 -50.80 44.20
N GLY D 405 3.75 -50.39 43.07
CA GLY D 405 3.02 -49.14 43.03
C GLY D 405 2.19 -48.96 41.77
N TYR D 406 1.21 -48.08 41.87
CA TYR D 406 0.30 -47.78 40.77
C TYR D 406 0.00 -46.30 40.76
N TYR D 407 0.22 -45.67 39.59
CA TYR D 407 -0.10 -44.27 39.45
C TYR D 407 -1.17 -44.13 38.36
N LEU D 408 -2.31 -43.53 38.75
CA LEU D 408 -3.40 -43.26 37.81
C LEU D 408 -3.05 -42.04 36.97
N TRP D 409 -3.09 -42.21 35.64
CA TRP D 409 -3.09 -41.07 34.72
C TRP D 409 -4.53 -40.67 34.43
N SER D 410 -4.94 -39.44 34.82
CA SER D 410 -4.12 -38.40 35.41
C SER D 410 -4.84 -37.83 36.64
N LEU D 411 -4.09 -37.10 37.46
CA LEU D 411 -4.71 -36.36 38.57
C LEU D 411 -5.81 -35.43 38.07
N MET D 412 -5.56 -34.73 36.96
CA MET D 412 -6.51 -33.75 36.45
C MET D 412 -6.52 -33.80 34.93
N ASP D 413 -7.65 -33.40 34.33
CA ASP D 413 -7.74 -33.16 32.90
C ASP D 413 -6.61 -32.23 32.50
N ASN D 414 -6.09 -32.39 31.26
CA ASN D 414 -4.90 -31.68 30.89
C ASN D 414 -4.74 -31.64 29.37
N PHE D 415 -3.66 -30.99 28.91
CA PHE D 415 -3.34 -30.89 27.50
C PHE D 415 -2.92 -32.25 26.96
N GLU D 416 -3.80 -32.87 26.17
CA GLU D 416 -3.61 -34.22 25.63
C GLU D 416 -2.83 -34.15 24.32
N TRP D 417 -1.64 -33.53 24.36
CA TRP D 417 -0.69 -33.48 23.26
C TRP D 417 -1.39 -33.08 21.95
N ALA D 418 -1.37 -33.96 20.93
CA ALA D 418 -1.88 -33.56 19.62
C ALA D 418 -3.39 -33.32 19.64
N PHE D 419 -4.07 -33.86 20.67
CA PHE D 419 -5.53 -33.71 20.78
C PHE D 419 -5.91 -32.47 21.58
N GLY D 420 -4.91 -31.73 22.11
CA GLY D 420 -5.22 -30.53 22.84
C GLY D 420 -6.09 -30.82 24.06
N TYR D 421 -7.04 -29.89 24.33
CA TYR D 421 -7.89 -30.03 25.52
C TYR D 421 -9.16 -30.83 25.18
N THR D 422 -9.15 -31.52 24.05
CA THR D 422 -10.36 -32.12 23.53
C THR D 422 -10.62 -33.49 24.16
N LYS D 423 -9.63 -34.00 24.88
CA LYS D 423 -9.73 -35.33 25.49
C LYS D 423 -9.40 -35.21 26.97
N ARG D 424 -10.10 -35.99 27.79
CA ARG D 424 -10.04 -35.82 29.24
C ARG D 424 -9.67 -37.16 29.87
N PHE D 425 -8.56 -37.18 30.61
CA PHE D 425 -8.06 -38.37 31.28
C PHE D 425 -8.07 -38.20 32.80
N GLY D 426 -8.48 -37.03 33.30
CA GLY D 426 -8.40 -36.74 34.72
C GLY D 426 -9.39 -37.51 35.59
N ILE D 427 -9.06 -37.66 36.88
CA ILE D 427 -10.01 -38.02 37.92
C ILE D 427 -10.56 -36.73 38.55
N ILE D 428 -9.99 -35.59 38.15
CA ILE D 428 -10.52 -34.27 38.47
C ILE D 428 -10.80 -33.53 37.16
N TYR D 429 -12.02 -33.01 37.04
CA TYR D 429 -12.42 -32.24 35.88
C TYR D 429 -11.85 -30.83 36.00
N VAL D 430 -11.40 -30.27 34.89
CA VAL D 430 -10.91 -28.89 34.88
C VAL D 430 -11.68 -28.11 33.82
N ASP D 431 -12.39 -27.08 34.26
CA ASP D 431 -12.97 -26.12 33.33
C ASP D 431 -11.88 -25.13 32.96
N TYR D 432 -11.52 -25.10 31.66
CA TYR D 432 -10.41 -24.28 31.21
C TYR D 432 -10.76 -22.79 31.19
N GLU D 433 -12.06 -22.48 31.12
CA GLU D 433 -12.52 -21.10 31.15
C GLU D 433 -12.36 -20.50 32.55
N THR D 434 -12.60 -21.31 33.59
CA THR D 434 -12.68 -20.78 34.96
C THR D 434 -11.52 -21.30 35.81
N GLN D 435 -10.88 -22.37 35.35
CA GLN D 435 -9.83 -23.09 36.06
C GLN D 435 -10.39 -23.82 37.29
N VAL D 436 -11.73 -23.92 37.42
CA VAL D 436 -12.33 -24.63 38.55
C VAL D 436 -12.07 -26.13 38.40
N ARG D 437 -11.62 -26.75 39.50
CA ARG D 437 -11.43 -28.18 39.63
C ARG D 437 -12.68 -28.83 40.26
N THR D 438 -13.20 -29.86 39.60
CA THR D 438 -14.34 -30.62 40.10
C THR D 438 -13.94 -32.09 40.16
N PRO D 439 -13.64 -32.65 41.36
CA PRO D 439 -13.36 -34.08 41.47
C PRO D 439 -14.50 -34.90 40.84
N LYS D 440 -14.13 -35.91 40.03
CA LYS D 440 -15.11 -36.75 39.37
C LYS D 440 -15.45 -37.92 40.29
N ALA D 441 -16.48 -38.71 39.89
CA ALA D 441 -16.82 -39.93 40.63
C ALA D 441 -15.59 -40.80 40.83
N SER D 442 -14.71 -40.84 39.81
CA SER D 442 -13.50 -41.64 39.84
C SER D 442 -12.55 -41.20 40.96
N PHE D 443 -12.53 -39.90 41.28
CA PHE D 443 -11.75 -39.39 42.39
C PHE D 443 -12.24 -40.00 43.70
N HIS D 444 -13.57 -39.98 43.92
CA HIS D 444 -14.16 -40.49 45.16
C HIS D 444 -13.96 -41.99 45.27
N TRP D 445 -14.04 -42.69 44.13
CA TRP D 445 -13.83 -44.14 44.10
C TRP D 445 -12.38 -44.49 44.43
N TYR D 446 -11.44 -43.78 43.80
CA TYR D 446 -10.02 -44.07 43.99
C TYR D 446 -9.60 -43.72 45.41
N ARG D 447 -10.22 -42.67 45.97
CA ARG D 447 -9.99 -42.30 47.37
C ARG D 447 -10.33 -43.50 48.27
N GLN D 448 -11.43 -44.20 47.94
CA GLN D 448 -11.86 -45.36 48.71
C GLN D 448 -10.88 -46.52 48.54
N VAL D 449 -10.44 -46.76 47.28
CA VAL D 449 -9.45 -47.78 46.97
C VAL D 449 -8.23 -47.57 47.87
N ILE D 450 -7.75 -46.32 47.95
CA ILE D 450 -6.57 -45.99 48.74
C ILE D 450 -6.84 -46.23 50.22
N GLU D 451 -7.99 -45.77 50.73
CA GLU D 451 -8.34 -45.91 52.13
C GLU D 451 -8.40 -47.39 52.52
N ASN D 452 -8.92 -48.24 51.63
CA ASN D 452 -9.13 -49.65 51.91
C ASN D 452 -7.90 -50.47 51.52
N ASN D 453 -6.93 -49.83 50.84
CA ASN D 453 -5.76 -50.48 50.26
C ASN D 453 -6.18 -51.60 49.32
N GLY D 454 -7.21 -51.37 48.52
CA GLY D 454 -7.59 -52.35 47.52
C GLY D 454 -9.02 -52.15 47.01
N LEU D 455 -9.45 -53.13 46.21
CA LEU D 455 -10.76 -53.15 45.56
C LEU D 455 -11.79 -53.81 46.49
N THR D 456 -12.98 -53.22 46.55
CA THR D 456 -14.01 -53.69 47.47
C THR D 456 -15.34 -53.82 46.74
N ASP D 457 -15.31 -53.73 45.40
CA ASP D 457 -16.53 -53.78 44.61
C ASP D 457 -16.37 -54.62 43.34
N LYS D 458 -17.49 -54.71 42.61
CA LYS D 458 -17.71 -55.50 41.40
C LYS D 458 -18.63 -54.69 40.51
N LEU D 459 -18.31 -54.58 39.21
CA LEU D 459 -19.06 -53.78 38.25
C LEU D 459 -20.56 -53.98 38.45
N GLY E 11 53.12 32.26 30.04
CA GLY E 11 51.97 32.19 29.09
C GLY E 11 51.18 30.90 29.21
N LYS E 12 49.94 30.95 28.70
CA LYS E 12 49.02 29.84 28.74
C LYS E 12 49.28 28.89 27.56
N ARG E 13 49.29 27.59 27.83
CA ARG E 13 49.33 26.60 26.75
C ARG E 13 47.92 26.03 26.58
N GLN E 14 47.21 26.58 25.58
CA GLN E 14 45.81 26.25 25.34
C GLN E 14 45.71 25.13 24.32
N PHE E 15 44.92 24.11 24.68
CA PHE E 15 44.69 22.95 23.84
C PHE E 15 43.60 23.27 22.84
N PRO E 16 43.44 22.47 21.76
CA PRO E 16 42.35 22.67 20.78
C PRO E 16 40.97 22.68 21.42
N ASP E 17 40.03 23.40 20.78
CA ASP E 17 38.70 23.62 21.34
C ASP E 17 38.00 22.31 21.69
N ASP E 18 38.31 21.25 20.92
CA ASP E 18 37.50 20.04 21.01
C ASP E 18 38.27 18.96 21.79
N PHE E 19 39.39 19.33 22.44
CA PHE E 19 40.28 18.37 23.05
C PHE E 19 39.57 17.60 24.17
N ILE E 20 39.82 16.29 24.23
CA ILE E 20 39.11 15.42 25.16
C ILE E 20 39.98 15.16 26.39
N TRP E 21 39.51 15.65 27.55
CA TRP E 21 40.22 15.44 28.82
C TRP E 21 39.58 14.28 29.56
N GLY E 22 40.40 13.32 30.00
CA GLY E 22 39.84 12.13 30.63
C GLY E 22 40.64 11.64 31.83
N ALA E 23 40.15 10.55 32.40
CA ALA E 23 40.83 9.78 33.43
C ALA E 23 40.52 8.32 33.16
N ALA E 24 41.39 7.42 33.64
CA ALA E 24 41.29 6.03 33.26
C ALA E 24 41.40 5.12 34.49
N THR E 25 40.67 3.99 34.43
CA THR E 25 40.78 2.87 35.36
C THR E 25 40.71 1.55 34.59
N ALA E 26 40.74 0.44 35.31
CA ALA E 26 40.51 -0.89 34.80
C ALA E 26 39.78 -1.76 35.82
N SER E 27 38.97 -2.69 35.31
CA SER E 27 37.95 -3.40 36.05
C SER E 27 38.49 -4.08 37.32
N TYR E 28 39.48 -4.95 37.17
CA TYR E 28 39.94 -5.75 38.30
C TYR E 28 40.60 -4.84 39.34
N GLN E 29 41.04 -3.67 38.88
CA GLN E 29 41.87 -2.81 39.72
C GLN E 29 41.02 -1.99 40.70
N ILE E 30 39.73 -1.76 40.39
CA ILE E 30 38.89 -0.92 41.24
C ILE E 30 37.59 -1.59 41.66
N GLU E 31 37.06 -2.52 40.86
CA GLU E 31 35.66 -2.92 40.99
C GLU E 31 35.38 -3.63 42.32
N GLY E 32 36.24 -4.57 42.71
CA GLY E 32 35.89 -5.51 43.77
C GLY E 32 34.65 -6.31 43.37
N ALA E 33 33.78 -6.61 44.34
CA ALA E 33 32.64 -7.47 44.08
C ALA E 33 33.05 -8.67 43.21
N ALA E 34 34.18 -9.28 43.55
CA ALA E 34 34.78 -10.35 42.75
C ALA E 34 33.94 -11.62 42.77
N ASN E 35 33.17 -11.85 43.84
CA ASN E 35 32.42 -13.10 43.94
CA ASN E 35 32.44 -13.09 43.98
C ASN E 35 30.93 -12.85 44.04
N GLU E 36 30.47 -11.78 43.42
CA GLU E 36 29.06 -11.40 43.48
C GLU E 36 28.46 -11.43 42.07
N GLY E 37 27.15 -11.68 42.00
CA GLY E 37 26.38 -11.60 40.76
C GLY E 37 26.79 -12.65 39.74
N GLY E 38 27.43 -13.73 40.21
CA GLY E 38 27.79 -14.86 39.37
C GLY E 38 29.15 -14.72 38.68
N ARG E 39 29.93 -13.70 39.03
CA ARG E 39 31.22 -13.49 38.41
C ARG E 39 32.13 -14.70 38.63
N GLY E 40 32.75 -15.20 37.55
CA GLY E 40 33.71 -16.30 37.68
C GLY E 40 35.12 -15.74 37.89
N PRO E 41 36.06 -16.56 38.38
CA PRO E 41 37.44 -16.09 38.57
C PRO E 41 38.15 -15.78 37.26
N SER E 42 38.93 -14.69 37.28
CA SER E 42 39.85 -14.36 36.22
C SER E 42 41.23 -14.91 36.58
N ILE E 43 42.15 -14.86 35.62
CA ILE E 43 43.53 -15.27 35.80
C ILE E 43 44.15 -14.47 36.94
N TRP E 44 43.64 -13.26 37.17
CA TRP E 44 44.16 -12.38 38.21
C TRP E 44 43.65 -12.75 39.61
N ASP E 45 42.43 -13.29 39.71
CA ASP E 45 41.94 -13.89 40.94
C ASP E 45 42.86 -15.05 41.35
N THR E 46 43.08 -15.97 40.40
CA THR E 46 43.93 -17.13 40.64
C THR E 46 45.34 -16.71 41.06
N PHE E 47 45.90 -15.75 40.32
CA PHE E 47 47.29 -15.34 40.45
C PHE E 47 47.49 -14.63 41.78
N SER E 48 46.62 -13.66 42.11
CA SER E 48 46.79 -12.90 43.34
C SER E 48 46.61 -13.79 44.57
N LYS E 49 45.78 -14.84 44.44
CA LYS E 49 45.51 -15.76 45.54
C LYS E 49 46.61 -16.83 45.68
N THR E 50 47.60 -16.81 44.78
CA THR E 50 48.73 -17.71 44.84
C THR E 50 49.85 -17.10 45.69
N PRO E 51 50.30 -17.79 46.76
CA PRO E 51 51.37 -17.28 47.61
C PRO E 51 52.58 -16.84 46.78
N GLY E 52 52.93 -15.56 46.91
CA GLY E 52 54.20 -15.07 46.39
C GLY E 52 54.04 -14.21 45.13
N LYS E 53 52.84 -14.21 44.52
CA LYS E 53 52.69 -13.59 43.22
C LYS E 53 52.41 -12.09 43.32
N VAL E 54 51.74 -11.63 44.38
CA VAL E 54 51.43 -10.22 44.58
C VAL E 54 51.92 -9.81 45.97
N LEU E 55 52.55 -8.62 46.07
CA LEU E 55 53.05 -8.12 47.36
C LEU E 55 51.98 -8.22 48.45
N LEU E 56 52.40 -8.71 49.63
CA LEU E 56 51.59 -8.78 50.84
C LEU E 56 50.35 -9.67 50.62
N GLY E 57 50.31 -10.44 49.52
CA GLY E 57 49.16 -11.29 49.25
C GLY E 57 47.89 -10.53 48.90
N HIS E 58 48.03 -9.27 48.47
CA HIS E 58 46.86 -8.46 48.11
C HIS E 58 46.10 -9.07 46.93
N THR E 59 44.78 -8.88 46.91
CA THR E 59 43.96 -9.35 45.80
C THR E 59 42.96 -8.25 45.42
N GLY E 60 42.24 -8.47 44.30
CA GLY E 60 41.22 -7.54 43.86
C GLY E 60 39.83 -7.94 44.32
N ASP E 61 39.76 -8.73 45.40
CA ASP E 61 38.50 -9.15 45.97
C ASP E 61 37.61 -7.95 46.30
N VAL E 62 38.19 -6.88 46.89
CA VAL E 62 37.41 -5.73 47.31
C VAL E 62 37.86 -4.49 46.53
N ALA E 63 39.20 -4.29 46.46
CA ALA E 63 39.76 -3.13 45.79
C ALA E 63 39.06 -1.85 46.29
N CYS E 64 38.53 -1.03 45.36
CA CYS E 64 37.91 0.24 45.71
C CYS E 64 36.39 0.09 45.84
N ASP E 65 35.91 -1.15 45.77
CA ASP E 65 34.50 -1.47 45.94
C ASP E 65 33.64 -0.63 44.99
N HIS E 66 34.20 -0.32 43.80
CA HIS E 66 33.62 0.61 42.85
C HIS E 66 32.35 0.02 42.24
N PHE E 67 32.27 -1.30 42.18
CA PHE E 67 31.08 -1.97 41.65
C PHE E 67 29.85 -1.47 42.40
N HIS E 68 30.03 -1.19 43.70
CA HIS E 68 28.95 -0.77 44.58
C HIS E 68 28.89 0.76 44.68
N ARG E 69 30.04 1.45 44.58
CA ARG E 69 30.15 2.84 44.94
C ARG E 69 30.19 3.77 43.70
N TYR E 70 29.79 3.24 42.53
CA TYR E 70 30.00 3.94 41.26
C TYR E 70 29.28 5.28 41.23
N GLU E 71 28.08 5.36 41.82
CA GLU E 71 27.31 6.59 41.79
C GLU E 71 28.12 7.76 42.38
N SER E 72 28.66 7.56 43.57
CA SER E 72 29.49 8.55 44.25
C SER E 72 30.76 8.85 43.47
N ASP E 73 31.35 7.81 42.86
CA ASP E 73 32.58 7.98 42.08
C ASP E 73 32.32 8.87 40.87
N VAL E 74 31.17 8.66 40.18
CA VAL E 74 30.85 9.45 39.00
C VAL E 74 30.62 10.91 39.39
N LYS E 75 30.05 11.15 40.59
CA LYS E 75 29.86 12.50 41.09
C LYS E 75 31.22 13.20 41.22
N LEU E 76 32.23 12.46 41.68
CA LEU E 76 33.58 13.00 41.75
C LEU E 76 34.13 13.32 40.35
N MET E 77 33.71 12.51 39.36
CA MET E 77 34.16 12.72 37.98
C MET E 77 33.54 14.01 37.43
N ALA E 78 32.27 14.25 37.79
CA ALA E 78 31.53 15.44 37.39
C ALA E 78 32.18 16.68 38.00
N ASP E 79 32.58 16.57 39.26
CA ASP E 79 33.27 17.65 39.95
CA ASP E 79 33.28 17.65 39.96
C ASP E 79 34.60 17.94 39.25
N LEU E 80 35.31 16.88 38.84
CA LEU E 80 36.59 17.01 38.15
C LEU E 80 36.40 17.71 36.81
N GLY E 81 35.32 17.36 36.10
CA GLY E 81 35.01 17.97 34.83
C GLY E 81 35.55 17.19 33.62
N ILE E 82 35.94 15.93 33.80
CA ILE E 82 36.38 15.13 32.66
C ILE E 82 35.24 14.99 31.65
N LYS E 83 35.58 15.02 30.36
CA LYS E 83 34.61 14.86 29.29
C LYS E 83 34.44 13.39 28.94
N SER E 84 35.44 12.56 29.31
CA SER E 84 35.44 11.13 29.03
C SER E 84 36.01 10.34 30.20
N TYR E 85 35.39 9.20 30.51
CA TYR E 85 35.91 8.30 31.52
C TYR E 85 36.24 6.96 30.86
N ARG E 86 37.51 6.58 30.92
CA ARG E 86 37.92 5.29 30.38
C ARG E 86 37.93 4.23 31.49
N PHE E 87 37.21 3.14 31.24
CA PHE E 87 37.13 2.00 32.15
C PHE E 87 37.16 0.72 31.30
N SER E 88 37.31 -0.46 31.95
CA SER E 88 37.34 -1.72 31.24
C SER E 88 36.14 -2.61 31.61
N LEU E 89 35.84 -3.59 30.74
CA LEU E 89 34.70 -4.47 30.94
C LEU E 89 35.19 -5.80 31.51
N ALA E 90 34.55 -6.28 32.57
CA ALA E 90 34.94 -7.54 33.22
C ALA E 90 34.34 -8.73 32.48
N TRP E 91 35.12 -9.29 31.54
CA TRP E 91 34.84 -10.54 30.87
C TRP E 91 34.31 -11.62 31.83
N PRO E 92 34.92 -11.85 33.00
CA PRO E 92 34.45 -12.88 33.94
C PRO E 92 33.06 -12.67 34.55
N ARG E 93 32.51 -11.44 34.45
CA ARG E 93 31.14 -11.22 34.90
C ARG E 93 30.14 -11.72 33.85
N VAL E 94 30.61 -11.88 32.62
CA VAL E 94 29.76 -12.19 31.47
C VAL E 94 29.94 -13.63 31.01
N MET E 95 31.19 -14.12 31.00
CA MET E 95 31.46 -15.50 30.65
CA MET E 95 31.46 -15.50 30.65
C MET E 95 32.18 -16.16 31.82
N PRO E 96 31.49 -16.43 32.94
CA PRO E 96 32.13 -16.89 34.17
C PRO E 96 32.68 -18.32 34.14
N GLU E 97 32.04 -19.19 33.36
CA GLU E 97 32.52 -20.56 33.17
C GLU E 97 32.32 -20.97 31.71
N LYS E 98 33.05 -22.00 31.28
CA LYS E 98 32.93 -22.54 29.93
C LYS E 98 31.46 -22.79 29.62
N GLY E 99 31.01 -22.25 28.49
CA GLY E 99 29.68 -22.50 27.95
C GLY E 99 28.58 -21.74 28.67
N ARG E 100 28.94 -20.85 29.62
CA ARG E 100 27.94 -20.10 30.35
C ARG E 100 28.04 -18.61 30.02
N TYR E 101 26.91 -18.02 29.61
CA TYR E 101 26.78 -16.58 29.37
C TYR E 101 25.76 -15.96 30.33
N LEU E 102 26.16 -14.87 31.00
CA LEU E 102 25.27 -14.10 31.84
C LEU E 102 25.03 -12.74 31.18
N GLU E 103 23.84 -12.55 30.61
CA GLU E 103 23.43 -11.25 30.07
C GLU E 103 23.49 -10.20 31.18
N SER E 104 23.13 -10.60 32.40
CA SER E 104 23.14 -9.72 33.55
C SER E 104 24.54 -9.15 33.86
N GLY E 105 25.60 -9.76 33.29
CA GLY E 105 26.95 -9.37 33.63
C GLY E 105 27.30 -7.96 33.15
N PHE E 106 26.51 -7.43 32.21
CA PHE E 106 26.68 -6.08 31.70
C PHE E 106 25.81 -5.07 32.44
N ASP E 107 25.04 -5.52 33.44
CA ASP E 107 24.12 -4.65 34.17
C ASP E 107 24.88 -3.49 34.83
N PHE E 108 25.99 -3.79 35.51
CA PHE E 108 26.79 -2.75 36.15
C PHE E 108 27.17 -1.65 35.15
N TYR E 109 27.63 -2.05 33.97
CA TYR E 109 28.12 -1.11 32.97
C TYR E 109 26.98 -0.23 32.49
N LYS E 110 25.78 -0.81 32.40
CA LYS E 110 24.61 -0.05 32.02
C LYS E 110 24.30 1.01 33.08
N ARG E 111 24.39 0.64 34.36
CA ARG E 111 24.13 1.56 35.46
C ARG E 111 25.19 2.66 35.47
N LEU E 112 26.47 2.27 35.28
CA LEU E 112 27.59 3.20 35.28
C LEU E 112 27.40 4.22 34.16
N ILE E 113 27.05 3.73 32.97
CA ILE E 113 26.93 4.53 31.77
C ILE E 113 25.76 5.51 31.90
N GLU E 114 24.69 5.10 32.60
CA GLU E 114 23.57 6.01 32.83
C GLU E 114 24.03 7.17 33.70
N GLN E 115 24.80 6.89 34.74
CA GLN E 115 25.38 7.92 35.60
C GLN E 115 26.28 8.85 34.79
N LEU E 116 27.09 8.28 33.89
CA LEU E 116 27.99 9.08 33.07
C LEU E 116 27.19 10.04 32.20
N HIS E 117 26.16 9.53 31.52
CA HIS E 117 25.37 10.34 30.60
C HIS E 117 24.61 11.42 31.38
N LYS E 118 24.17 11.08 32.60
CA LYS E 118 23.47 12.04 33.45
C LYS E 118 24.37 13.25 33.74
N HIS E 119 25.69 13.02 33.80
CA HIS E 119 26.63 14.09 34.17
C HIS E 119 27.38 14.62 32.95
N GLY E 120 26.93 14.24 31.75
CA GLY E 120 27.50 14.70 30.49
C GLY E 120 28.92 14.17 30.24
N ILE E 121 29.26 13.00 30.79
CA ILE E 121 30.54 12.35 30.56
C ILE E 121 30.37 11.24 29.52
N THR E 122 31.25 11.21 28.52
CA THR E 122 31.26 10.15 27.51
C THR E 122 32.00 8.92 28.02
N PRO E 123 31.44 7.70 27.84
CA PRO E 123 32.16 6.47 28.17
C PRO E 123 33.23 6.17 27.12
N ALA E 124 34.37 5.70 27.60
CA ALA E 124 35.36 5.05 26.75
C ALA E 124 35.65 3.68 27.33
N ALA E 125 35.19 2.63 26.63
CA ALA E 125 35.20 1.29 27.18
C ALA E 125 36.31 0.46 26.56
N THR E 126 37.20 -0.07 27.43
CA THR E 126 38.24 -1.01 27.05
C THR E 126 37.65 -2.41 27.18
N ILE E 127 37.72 -3.20 26.09
CA ILE E 127 37.09 -4.50 26.08
C ILE E 127 37.89 -5.46 26.95
N TYR E 128 39.21 -5.49 26.76
CA TYR E 128 40.08 -6.41 27.47
C TYR E 128 41.20 -5.64 28.16
N HIS E 129 41.17 -5.61 29.51
CA HIS E 129 42.25 -5.05 30.30
C HIS E 129 42.65 -6.11 31.34
N TRP E 130 42.85 -7.34 30.83
CA TRP E 130 43.71 -8.36 31.42
C TRP E 130 42.96 -9.40 32.25
N ASP E 131 41.68 -9.21 32.53
CA ASP E 131 40.95 -10.15 33.39
C ASP E 131 40.40 -11.29 32.57
N LEU E 132 41.29 -12.09 31.95
CA LEU E 132 40.85 -13.26 31.20
C LEU E 132 40.20 -14.27 32.16
N PRO E 133 39.00 -14.80 31.83
CA PRO E 133 38.37 -15.84 32.65
C PRO E 133 39.30 -17.04 32.79
N GLN E 134 39.41 -17.57 34.00
CA GLN E 134 40.40 -18.59 34.31
C GLN E 134 40.13 -19.83 33.45
N TRP E 135 38.85 -20.13 33.15
CA TRP E 135 38.55 -21.31 32.39
C TRP E 135 39.17 -21.27 30.98
N ILE E 136 39.37 -20.07 30.42
CA ILE E 136 40.03 -19.97 29.12
C ILE E 136 41.53 -20.23 29.26
N GLU E 137 42.13 -19.73 30.34
CA GLU E 137 43.55 -20.02 30.60
C GLU E 137 43.75 -21.52 30.78
N ASP E 138 42.77 -22.20 31.39
CA ASP E 138 42.88 -23.64 31.57
C ASP E 138 42.98 -24.35 30.21
N GLU E 139 42.52 -23.66 29.14
CA GLU E 139 42.59 -24.18 27.78
C GLU E 139 43.72 -23.51 27.03
N GLY E 140 44.76 -23.03 27.73
CA GLY E 140 45.92 -22.47 27.07
C GLY E 140 45.86 -20.95 26.93
N GLY E 141 44.73 -20.33 27.29
CA GLY E 141 44.66 -18.87 27.33
C GLY E 141 44.96 -18.27 25.96
N TRP E 142 45.80 -17.23 25.96
CA TRP E 142 46.09 -16.48 24.74
C TRP E 142 46.97 -17.27 23.77
N SER E 143 47.56 -18.38 24.19
CA SER E 143 48.39 -19.19 23.30
C SER E 143 47.51 -20.08 22.42
N ASN E 144 46.26 -20.27 22.83
CA ASN E 144 45.34 -21.11 22.06
C ASN E 144 44.57 -20.23 21.07
N ARG E 145 44.56 -20.63 19.78
CA ARG E 145 43.90 -19.86 18.75
C ARG E 145 42.41 -19.69 19.07
N ALA E 146 41.85 -20.63 19.81
CA ALA E 146 40.42 -20.62 20.15
C ALA E 146 40.07 -19.37 20.95
N VAL E 147 41.09 -18.74 21.55
CA VAL E 147 40.88 -17.54 22.36
C VAL E 147 40.31 -16.43 21.48
N VAL E 148 40.63 -16.44 20.17
CA VAL E 148 40.21 -15.38 19.28
C VAL E 148 38.67 -15.38 19.21
N ASP E 149 38.09 -16.58 19.08
CA ASP E 149 36.65 -16.72 19.01
C ASP E 149 36.00 -16.43 20.35
N TYR E 150 36.68 -16.76 21.45
CA TYR E 150 36.11 -16.48 22.76
C TYR E 150 36.02 -14.97 22.95
N TYR E 151 37.08 -14.25 22.57
CA TYR E 151 37.13 -12.82 22.69
C TYR E 151 36.06 -12.19 21.80
N LYS E 152 36.00 -12.67 20.56
CA LYS E 152 34.99 -12.21 19.62
C LYS E 152 33.57 -12.36 20.19
N GLU E 153 33.31 -13.47 20.86
CA GLU E 153 32.01 -13.75 21.48
C GLU E 153 31.72 -12.68 22.54
N PHE E 154 32.74 -12.34 23.36
CA PHE E 154 32.56 -11.36 24.40
C PHE E 154 32.36 -9.97 23.79
N ALA E 155 33.19 -9.63 22.79
CA ALA E 155 33.10 -8.33 22.14
C ALA E 155 31.72 -8.17 21.50
N GLU E 156 31.22 -9.26 20.90
CA GLU E 156 29.91 -9.24 20.23
C GLU E 156 28.80 -8.87 21.22
N GLN E 157 28.85 -9.49 22.41
CA GLN E 157 27.84 -9.25 23.43
C GLN E 157 28.00 -7.85 24.03
N ALA E 158 29.24 -7.35 24.09
CA ALA E 158 29.48 -6.02 24.62
C ALA E 158 28.91 -4.98 23.67
N PHE E 159 29.17 -5.17 22.37
CA PHE E 159 28.70 -4.26 21.34
C PHE E 159 27.16 -4.25 21.32
N LYS E 160 26.54 -5.42 21.55
CA LYS E 160 25.09 -5.55 21.52
C LYS E 160 24.48 -4.92 22.78
N ALA E 161 25.13 -5.13 23.92
CA ALA E 161 24.60 -4.66 25.19
C ALA E 161 24.76 -3.15 25.36
N LEU E 162 25.88 -2.58 24.89
CA LEU E 162 26.23 -1.20 25.19
C LEU E 162 26.21 -0.32 23.92
N GLY E 163 26.48 -0.97 22.78
CA GLY E 163 26.67 -0.29 21.50
C GLY E 163 26.61 1.23 21.50
N ASP E 164 25.46 1.82 21.12
CA ASP E 164 25.51 3.24 20.82
C ASP E 164 25.63 4.08 22.09
N ASP E 165 25.64 3.50 23.28
CA ASP E 165 25.83 4.35 24.46
C ASP E 165 27.33 4.55 24.74
N VAL E 166 28.16 3.77 24.05
CA VAL E 166 29.61 3.93 24.13
C VAL E 166 30.10 4.39 22.75
N PRO E 167 30.49 5.67 22.58
CA PRO E 167 30.99 6.17 21.29
C PRO E 167 32.46 5.88 21.00
N PHE E 168 33.18 5.28 21.99
CA PHE E 168 34.61 5.15 21.88
C PHE E 168 35.04 3.84 22.52
N TRP E 169 35.51 2.92 21.70
CA TRP E 169 35.83 1.54 22.10
C TRP E 169 37.34 1.29 21.93
N ILE E 170 37.94 0.69 22.97
CA ILE E 170 39.31 0.22 22.86
C ILE E 170 39.34 -1.30 22.95
N THR E 171 39.86 -1.94 21.90
CA THR E 171 39.79 -3.38 21.77
C THR E 171 40.62 -4.05 22.86
N HIS E 172 41.87 -3.60 23.00
CA HIS E 172 42.84 -4.26 23.84
C HIS E 172 43.69 -3.20 24.51
N ASN E 173 44.00 -3.46 25.78
CA ASN E 173 44.92 -2.61 26.52
C ASN E 173 46.26 -3.32 26.64
N GLU E 174 47.29 -2.73 26.04
CA GLU E 174 48.68 -3.11 26.25
C GLU E 174 48.92 -4.59 25.93
N PRO E 175 48.84 -5.02 24.65
CA PRO E 175 49.18 -6.38 24.27
C PRO E 175 50.54 -6.82 24.81
N TRP E 176 51.53 -5.90 24.82
CA TRP E 176 52.86 -6.28 25.31
C TRP E 176 52.78 -6.87 26.72
N CYS E 177 51.98 -6.26 27.60
CA CYS E 177 51.86 -6.73 28.98
C CYS E 177 51.09 -8.05 29.05
N ALA E 178 49.98 -8.13 28.31
CA ALA E 178 49.13 -9.31 28.36
C ALA E 178 49.85 -10.54 27.77
N SER E 179 50.82 -10.29 26.89
CA SER E 179 51.56 -11.39 26.28
C SER E 179 52.93 -11.57 26.93
N LEU E 180 53.86 -10.68 26.59
CA LEU E 180 55.27 -10.83 26.95
C LEU E 180 55.46 -10.78 28.47
N LEU E 181 54.80 -9.85 29.15
CA LEU E 181 55.03 -9.74 30.59
C LEU E 181 54.35 -10.86 31.36
N SER E 182 53.23 -11.37 30.81
CA SER E 182 52.36 -12.33 31.46
C SER E 182 52.82 -13.78 31.25
N TYR E 183 53.27 -14.09 30.03
CA TYR E 183 53.56 -15.46 29.66
C TYR E 183 55.06 -15.68 29.48
N GLY E 184 55.82 -14.60 29.31
CA GLY E 184 57.24 -14.69 29.00
C GLY E 184 58.12 -14.33 30.19
N ILE E 185 57.85 -13.16 30.77
CA ILE E 185 58.58 -12.67 31.94
C ILE E 185 57.98 -13.26 33.21
N GLY E 186 56.64 -13.38 33.25
CA GLY E 186 55.93 -14.04 34.34
C GLY E 186 55.59 -13.15 35.53
N GLU E 187 55.65 -11.81 35.37
CA GLU E 187 55.32 -10.90 36.46
C GLU E 187 53.81 -10.75 36.64
N HIS E 188 53.06 -10.91 35.54
CA HIS E 188 51.62 -10.74 35.53
C HIS E 188 50.91 -12.05 35.18
N ALA E 189 49.66 -12.16 35.60
CA ALA E 189 48.82 -13.33 35.36
C ALA E 189 48.83 -13.68 33.85
N PRO E 190 48.99 -14.96 33.46
CA PRO E 190 49.02 -16.08 34.40
C PRO E 190 50.38 -16.45 34.98
N GLY E 191 51.40 -15.62 34.71
CA GLY E 191 52.66 -15.70 35.42
C GLY E 191 53.54 -16.85 34.92
N LEU E 192 53.49 -17.15 33.61
CA LEU E 192 54.31 -18.21 33.04
C LEU E 192 55.61 -17.63 32.50
N LYS E 193 56.59 -18.53 32.25
CA LYS E 193 57.89 -18.11 31.72
C LYS E 193 58.24 -18.98 30.51
N ASP E 194 57.76 -18.57 29.33
CA ASP E 194 57.82 -19.36 28.11
C ASP E 194 57.62 -18.39 26.95
N TRP E 195 58.73 -18.06 26.27
CA TRP E 195 58.73 -17.03 25.25
C TRP E 195 57.85 -17.44 24.07
N ARG E 196 57.88 -18.73 23.70
CA ARG E 196 57.11 -19.19 22.55
C ARG E 196 55.64 -18.94 22.84
N ARG E 197 55.22 -19.30 24.06
CA ARG E 197 53.85 -19.15 24.54
C ARG E 197 53.47 -17.67 24.50
N ALA E 198 54.39 -16.80 24.93
CA ALA E 198 54.16 -15.37 24.99
C ALA E 198 54.00 -14.77 23.58
N TYR E 199 54.82 -15.23 22.62
CA TYR E 199 54.74 -14.72 21.25
C TYR E 199 53.48 -15.22 20.56
N ARG E 200 53.02 -16.42 20.93
CA ARG E 200 51.76 -16.93 20.42
C ARG E 200 50.60 -16.09 20.96
N ALA E 201 50.71 -15.72 22.25
CA ALA E 201 49.77 -14.84 22.90
C ALA E 201 49.71 -13.48 22.19
N ALA E 202 50.87 -12.88 21.90
CA ALA E 202 50.92 -11.59 21.21
C ALA E 202 50.13 -11.64 19.89
N HIS E 203 50.36 -12.71 19.11
CA HIS E 203 49.73 -12.88 17.82
C HIS E 203 48.20 -12.98 17.96
N HIS E 204 47.74 -13.77 18.94
CA HIS E 204 46.30 -13.96 19.12
C HIS E 204 45.62 -12.71 19.67
N ILE E 205 46.32 -11.95 20.50
CA ILE E 205 45.79 -10.68 20.99
C ILE E 205 45.59 -9.75 19.79
N LEU E 206 46.62 -9.65 18.94
CA LEU E 206 46.56 -8.77 17.77
C LEU E 206 45.45 -9.22 16.81
N LEU E 207 45.32 -10.53 16.60
CA LEU E 207 44.32 -11.09 15.69
C LEU E 207 42.91 -10.80 16.23
N SER E 208 42.74 -10.94 17.55
CA SER E 208 41.44 -10.72 18.18
C SER E 208 41.04 -9.25 18.07
N HIS E 209 41.99 -8.33 18.27
CA HIS E 209 41.77 -6.91 17.98
C HIS E 209 41.14 -6.74 16.60
N GLY E 210 41.76 -7.33 15.57
CA GLY E 210 41.31 -7.17 14.21
C GLY E 210 39.89 -7.73 13.99
N GLU E 211 39.60 -8.84 14.63
CA GLU E 211 38.28 -9.47 14.54
C GLU E 211 37.22 -8.55 15.16
N ALA E 212 37.57 -7.89 16.27
CA ALA E 212 36.64 -7.00 16.97
C ALA E 212 36.36 -5.77 16.12
N VAL E 213 37.38 -5.23 15.45
CA VAL E 213 37.17 -4.08 14.59
C VAL E 213 36.24 -4.47 13.45
N LYS E 214 36.48 -5.64 12.84
CA LYS E 214 35.67 -6.11 11.73
CA LYS E 214 35.67 -6.11 11.73
C LYS E 214 34.22 -6.23 12.18
N LEU E 215 34.02 -6.83 13.37
CA LEU E 215 32.70 -7.03 13.93
C LEU E 215 32.01 -5.69 14.17
N TYR E 216 32.79 -4.68 14.58
CA TYR E 216 32.25 -3.37 14.88
C TYR E 216 31.65 -2.75 13.63
N ARG E 217 32.36 -2.88 12.50
CA ARG E 217 31.90 -2.35 11.22
C ARG E 217 30.62 -3.09 10.80
N GLU E 218 30.62 -4.41 10.98
CA GLU E 218 29.55 -5.30 10.53
C GLU E 218 28.25 -4.97 11.27
N LEU E 219 28.37 -4.56 12.54
CA LEU E 219 27.21 -4.26 13.35
C LEU E 219 26.71 -2.84 13.10
N GLY E 220 27.47 -2.06 12.33
CA GLY E 220 27.02 -0.76 11.83
C GLY E 220 26.91 0.27 12.96
N LEU E 221 27.82 0.16 13.94
CA LEU E 221 27.85 1.09 15.06
C LEU E 221 28.54 2.37 14.61
N LYS E 222 28.16 3.49 15.23
CA LYS E 222 28.39 4.82 14.71
C LYS E 222 29.64 5.50 15.32
N GLY E 223 30.27 4.85 16.31
CA GLY E 223 31.37 5.45 17.08
C GLY E 223 32.75 5.14 16.51
N GLN E 224 33.77 5.13 17.40
CA GLN E 224 35.15 4.92 17.00
C GLN E 224 35.74 3.72 17.77
N ILE E 225 36.64 2.96 17.11
CA ILE E 225 37.32 1.82 17.70
C ILE E 225 38.81 1.84 17.33
N GLY E 226 39.64 1.43 18.28
CA GLY E 226 41.08 1.41 18.13
C GLY E 226 41.72 0.56 19.23
N ILE E 227 43.03 0.30 19.08
CA ILE E 227 43.80 -0.44 20.08
C ILE E 227 44.55 0.56 20.97
N THR E 228 44.91 0.12 22.18
CA THR E 228 45.83 0.87 23.03
C THR E 228 47.13 0.09 23.20
N LEU E 229 48.26 0.75 22.90
CA LEU E 229 49.58 0.13 23.04
C LEU E 229 50.36 0.92 24.09
N ASN E 230 50.98 0.20 25.03
CA ASN E 230 52.03 0.83 25.84
C ASN E 230 53.28 0.90 24.98
N LEU E 231 53.87 2.09 24.89
CA LEU E 231 55.07 2.27 24.09
C LEU E 231 56.13 2.90 24.99
N THR E 232 57.31 2.25 25.00
CA THR E 232 58.42 2.66 25.83
C THR E 232 59.58 2.96 24.89
N PRO E 233 59.74 4.22 24.44
CA PRO E 233 60.81 4.57 23.50
C PRO E 233 62.15 4.10 24.07
N ALA E 234 62.99 3.51 23.19
CA ALA E 234 64.30 3.04 23.59
C ALA E 234 65.37 3.99 23.06
N TYR E 235 66.43 4.18 23.84
CA TYR E 235 67.51 5.09 23.49
C TYR E 235 68.85 4.37 23.67
N PRO E 236 69.83 4.61 22.75
CA PRO E 236 71.13 3.94 22.86
C PRO E 236 71.96 4.57 23.96
N ALA E 237 72.73 3.73 24.68
CA ALA E 237 73.70 4.23 25.65
C ALA E 237 74.82 5.00 24.95
N PRO E 241 77.67 1.82 17.63
CA PRO E 241 77.12 0.95 16.57
C PRO E 241 76.53 -0.33 17.14
N GLU E 242 77.22 -0.92 18.12
CA GLU E 242 76.68 -2.00 18.94
C GLU E 242 75.53 -1.47 19.81
N ASP E 243 75.69 -0.25 20.33
CA ASP E 243 74.67 0.35 21.18
C ASP E 243 73.44 0.77 20.38
N ILE E 244 73.65 1.26 19.17
CA ILE E 244 72.57 1.61 18.25
C ILE E 244 71.79 0.35 17.89
N ALA E 245 72.51 -0.76 17.70
CA ALA E 245 71.90 -2.06 17.40
C ALA E 245 71.07 -2.56 18.59
N ALA E 246 71.58 -2.35 19.81
CA ALA E 246 70.91 -2.71 21.06
C ALA E 246 69.60 -1.94 21.18
N GLN E 247 69.63 -0.65 20.79
CA GLN E 247 68.46 0.20 20.81
C GLN E 247 67.40 -0.39 19.88
N GLN E 248 67.87 -0.87 18.70
CA GLN E 248 66.96 -1.39 17.69
C GLN E 248 66.28 -2.66 18.18
N ARG E 249 67.04 -3.51 18.88
CA ARG E 249 66.52 -4.75 19.45
C ARG E 249 65.44 -4.42 20.49
N GLN E 250 65.77 -3.53 21.42
CA GLN E 250 64.84 -3.11 22.47
C GLN E 250 63.58 -2.52 21.86
N ASP E 251 63.76 -1.65 20.84
CA ASP E 251 62.64 -0.96 20.21
C ASP E 251 61.72 -1.97 19.51
N ALA E 252 62.33 -3.00 18.89
CA ALA E 252 61.55 -4.05 18.25
C ALA E 252 60.74 -4.80 19.31
N PHE E 253 61.39 -5.13 20.42
CA PHE E 253 60.81 -5.97 21.46
C PHE E 253 59.61 -5.27 22.10
N SER E 254 59.77 -3.98 22.39
CA SER E 254 58.76 -3.26 23.16
C SER E 254 57.68 -2.70 22.24
N ASN E 255 58.07 -2.17 21.09
CA ASN E 255 57.27 -1.20 20.36
C ASN E 255 56.91 -1.68 18.95
N ARG E 256 57.93 -2.02 18.14
CA ARG E 256 57.68 -2.37 16.75
C ARG E 256 56.95 -3.70 16.62
N TRP E 257 57.11 -4.59 17.62
CA TRP E 257 56.48 -5.90 17.56
C TRP E 257 54.96 -5.77 17.41
N PHE E 258 54.42 -4.65 17.91
CA PHE E 258 53.00 -4.40 17.93
C PHE E 258 52.62 -3.34 16.89
N LEU E 259 53.45 -2.30 16.75
CA LEU E 259 53.16 -1.22 15.81
C LEU E 259 53.19 -1.74 14.37
N ASP E 260 54.22 -2.52 14.03
CA ASP E 260 54.43 -2.94 12.64
C ASP E 260 53.22 -3.78 12.17
N PRO E 261 52.78 -4.81 12.90
CA PRO E 261 51.60 -5.60 12.47
C PRO E 261 50.32 -4.76 12.32
N ILE E 262 50.09 -3.86 13.29
CA ILE E 262 48.89 -3.02 13.28
C ILE E 262 48.89 -2.12 12.04
N PHE E 263 50.04 -1.51 11.73
CA PHE E 263 50.07 -0.47 10.72
C PHE E 263 50.63 -0.93 9.37
N LYS E 264 51.53 -1.91 9.41
CA LYS E 264 52.25 -2.29 8.20
C LYS E 264 51.91 -3.73 7.79
N GLY E 265 51.16 -4.43 8.65
CA GLY E 265 50.74 -5.80 8.39
C GLY E 265 51.90 -6.80 8.30
N GLU E 266 52.99 -6.52 9.03
CA GLU E 266 54.09 -7.46 9.16
C GLU E 266 54.78 -7.31 10.52
N TYR E 267 55.35 -8.41 11.04
CA TYR E 267 56.23 -8.33 12.20
C TYR E 267 57.56 -7.75 11.77
N PRO E 268 58.33 -7.08 12.66
CA PRO E 268 59.64 -6.54 12.28
C PRO E 268 60.61 -7.64 11.87
N ALA E 269 61.03 -7.59 10.60
CA ALA E 269 61.85 -8.63 9.98
C ALA E 269 63.22 -8.72 10.65
N ASP E 270 63.68 -7.62 11.24
CA ASP E 270 64.97 -7.64 11.90
C ASP E 270 64.92 -8.44 13.19
N PHE E 271 63.74 -8.55 13.82
CA PHE E 271 63.66 -9.14 15.15
C PHE E 271 63.09 -10.56 15.12
N MET E 272 62.29 -10.87 14.11
CA MET E 272 61.64 -12.18 14.04
C MET E 272 62.67 -13.31 14.10
N PRO E 273 63.86 -13.20 13.46
CA PRO E 273 64.89 -14.24 13.61
C PRO E 273 65.32 -14.48 15.06
N ARG E 274 65.37 -13.41 15.87
CA ARG E 274 65.73 -13.56 17.26
C ARG E 274 64.61 -14.30 18.00
N VAL E 275 63.37 -13.98 17.62
CA VAL E 275 62.23 -14.63 18.24
C VAL E 275 62.32 -16.13 17.96
N GLU E 276 62.55 -16.48 16.68
CA GLU E 276 62.59 -17.88 16.29
C GLU E 276 63.78 -18.59 16.92
N ARG E 277 64.86 -17.83 17.16
CA ARG E 277 66.03 -18.40 17.82
C ARG E 277 65.69 -18.88 19.23
N PHE E 278 64.96 -18.07 20.00
CA PHE E 278 64.74 -18.36 21.41
C PHE E 278 63.43 -19.11 21.66
N CYS E 279 62.54 -19.15 20.67
CA CYS E 279 61.26 -19.82 20.90
C CYS E 279 61.17 -21.11 20.08
N GLY E 280 61.97 -21.21 19.02
CA GLY E 280 61.69 -22.16 17.96
C GLY E 280 60.49 -21.66 17.16
N ASP E 281 59.93 -22.53 16.32
CA ASP E 281 58.84 -22.15 15.44
C ASP E 281 57.60 -21.79 16.26
N LEU E 282 57.01 -20.62 16.00
CA LEU E 282 55.81 -20.19 16.72
C LEU E 282 54.59 -20.98 16.21
N ASN E 283 54.65 -21.34 14.92
CA ASN E 283 53.58 -22.10 14.29
C ASN E 283 52.24 -21.47 14.64
N VAL E 284 52.13 -20.14 14.45
CA VAL E 284 50.97 -19.41 14.93
C VAL E 284 50.35 -18.55 13.83
N ILE E 285 51.15 -18.10 12.88
CA ILE E 285 50.70 -17.19 11.84
C ILE E 285 50.01 -17.99 10.73
N GLN E 286 48.72 -17.72 10.53
CA GLN E 286 47.97 -18.43 9.50
C GLN E 286 47.64 -17.46 8.37
N PRO E 287 47.44 -17.94 7.11
CA PRO E 287 47.15 -17.03 6.00
C PRO E 287 45.92 -16.18 6.30
N GLY E 288 46.03 -14.86 6.05
CA GLY E 288 44.91 -13.96 6.31
C GLY E 288 45.09 -13.20 7.62
N ASP E 289 45.85 -13.77 8.56
CA ASP E 289 46.00 -13.20 9.90
C ASP E 289 46.52 -11.78 9.85
N MET E 290 47.62 -11.54 9.12
CA MET E 290 48.29 -10.25 9.18
C MET E 290 47.38 -9.17 8.56
N GLU E 291 46.58 -9.56 7.57
CA GLU E 291 45.60 -8.68 6.95
C GLU E 291 44.52 -8.30 7.97
N THR E 292 44.05 -9.27 8.75
CA THR E 292 43.02 -9.04 9.75
CA THR E 292 43.03 -9.03 9.75
C THR E 292 43.55 -8.12 10.87
N ILE E 293 44.83 -8.33 11.26
CA ILE E 293 45.45 -7.52 12.29
C ILE E 293 45.53 -6.06 11.86
N SER E 294 45.74 -5.83 10.55
CA SER E 294 45.99 -4.48 10.04
C SER E 294 44.73 -3.80 9.46
N VAL E 295 43.54 -4.29 9.82
CA VAL E 295 42.29 -3.65 9.43
C VAL E 295 42.30 -2.18 9.90
N PRO E 296 41.78 -1.22 9.10
CA PRO E 296 41.80 0.19 9.47
C PRO E 296 41.07 0.50 10.77
N GLN E 297 41.75 1.20 11.68
CA GLN E 297 41.16 1.66 12.94
C GLN E 297 40.68 3.09 12.79
N ASP E 298 39.98 3.58 13.81
CA ASP E 298 39.54 4.97 13.86
C ASP E 298 40.59 5.85 14.56
N PHE E 299 41.36 5.27 15.47
CA PHE E 299 42.36 6.04 16.22
C PHE E 299 43.42 5.08 16.74
N LEU E 300 44.54 5.60 17.21
CA LEU E 300 45.51 4.85 17.99
C LEU E 300 45.52 5.38 19.43
N GLY E 301 45.40 4.46 20.40
CA GLY E 301 45.61 4.81 21.79
C GLY E 301 47.03 4.47 22.21
N ILE E 302 47.66 5.41 22.93
CA ILE E 302 48.98 5.13 23.46
C ILE E 302 49.00 5.34 24.98
N ASN E 303 49.68 4.44 25.67
CA ASN E 303 49.93 4.58 27.10
C ASN E 303 51.42 4.87 27.24
N PHE E 304 51.74 6.01 27.84
CA PHE E 304 53.14 6.45 27.90
C PHE E 304 53.46 6.76 29.36
N TYR E 305 54.64 6.29 29.81
CA TYR E 305 55.07 6.47 31.18
C TYR E 305 56.53 6.89 31.23
N THR E 306 57.37 6.23 30.43
CA THR E 306 58.82 6.32 30.60
C THR E 306 59.54 5.90 29.32
N ARG E 307 60.87 5.90 29.36
CA ARG E 307 61.69 5.44 28.24
C ARG E 307 62.68 4.41 28.77
N SER E 308 63.42 3.75 27.86
CA SER E 308 64.52 2.91 28.32
C SER E 308 65.81 3.31 27.61
N VAL E 309 66.91 3.20 28.33
CA VAL E 309 68.24 3.46 27.79
C VAL E 309 68.99 2.14 27.88
N VAL E 310 69.53 1.70 26.72
CA VAL E 310 70.05 0.34 26.68
C VAL E 310 71.47 0.35 26.09
N LYS E 311 72.30 -0.55 26.62
CA LYS E 311 73.60 -0.86 26.03
C LYS E 311 73.63 -2.33 25.60
N ASP E 312 74.48 -2.62 24.60
CA ASP E 312 74.66 -3.98 24.09
C ASP E 312 75.11 -4.91 25.22
N ASP E 313 74.52 -6.11 25.23
CA ASP E 313 75.07 -7.22 25.98
C ASP E 313 75.79 -8.14 25.00
N PRO E 314 77.14 -8.07 24.90
CA PRO E 314 77.87 -8.89 23.93
C PRO E 314 77.71 -10.41 24.12
N ALA E 315 77.25 -10.83 25.30
CA ALA E 315 76.82 -12.22 25.50
C ALA E 315 75.44 -12.26 24.88
N ASP E 316 75.42 -12.70 23.66
CA ASP E 316 74.23 -12.63 22.81
C ASP E 316 73.46 -13.92 23.11
N ASP E 317 73.10 -14.16 24.37
CA ASP E 317 72.51 -15.41 24.82
CA ASP E 317 72.49 -15.40 24.80
C ASP E 317 71.12 -15.17 25.42
N SER E 318 70.53 -13.99 25.14
CA SER E 318 69.16 -13.74 25.57
C SER E 318 68.37 -13.11 24.42
N LEU E 319 67.03 -13.10 24.56
CA LEU E 319 66.16 -12.66 23.48
C LEU E 319 66.50 -11.26 23.01
N ILE E 320 66.68 -10.31 23.95
CA ILE E 320 66.93 -8.93 23.58
C ILE E 320 68.44 -8.64 23.62
N SER E 321 69.15 -9.36 24.49
CA SER E 321 70.59 -9.25 24.63
C SER E 321 71.01 -7.80 24.87
N VAL E 322 70.43 -7.17 25.90
CA VAL E 322 70.76 -5.80 26.23
C VAL E 322 70.95 -5.68 27.74
N HIS E 323 71.63 -4.60 28.18
CA HIS E 323 71.63 -4.18 29.57
C HIS E 323 70.98 -2.80 29.68
N GLY E 324 70.04 -2.67 30.62
CA GLY E 324 69.49 -1.35 30.94
C GLY E 324 70.54 -0.47 31.62
N VAL E 325 70.56 0.82 31.24
CA VAL E 325 71.47 1.77 31.87
C VAL E 325 70.68 2.58 32.92
N ASN E 329 68.43 10.47 35.60
CA ASN E 329 67.43 11.54 35.80
C ASN E 329 66.53 11.23 37.00
N PRO E 330 65.68 12.19 37.44
CA PRO E 330 64.69 11.94 38.49
C PRO E 330 63.74 10.81 38.12
N VAL E 331 63.26 10.10 39.14
CA VAL E 331 62.35 8.97 38.97
C VAL E 331 61.07 9.14 39.81
N THR E 332 60.02 8.40 39.43
CA THR E 332 58.79 8.33 40.17
C THR E 332 58.92 7.32 41.32
N ASP E 333 57.81 7.08 42.02
CA ASP E 333 57.80 6.20 43.18
C ASP E 333 57.90 4.74 42.73
N MET E 334 57.82 4.50 41.42
CA MET E 334 58.04 3.17 40.85
C MET E 334 59.52 3.00 40.51
N GLY E 335 60.28 4.11 40.56
CA GLY E 335 61.65 4.10 40.10
C GLY E 335 61.80 4.20 38.59
N TRP E 336 60.75 4.65 37.90
CA TRP E 336 60.84 4.88 36.45
C TRP E 336 61.30 6.30 36.19
N GLU E 337 62.18 6.46 35.19
CA GLU E 337 62.69 7.77 34.79
C GLU E 337 61.54 8.66 34.33
N ILE E 338 61.57 9.93 34.75
CA ILE E 338 60.70 10.97 34.24
C ILE E 338 61.39 11.58 33.02
N TYR E 339 60.82 11.35 31.83
CA TYR E 339 61.48 11.83 30.61
C TYR E 339 60.45 12.26 29.58
N PRO E 340 59.81 13.45 29.77
CA PRO E 340 58.73 13.89 28.90
C PRO E 340 59.10 14.10 27.42
N ASP E 341 60.40 14.30 27.14
CA ASP E 341 60.87 14.49 25.78
C ASP E 341 60.61 13.22 24.96
N ALA E 342 60.63 12.07 25.64
CA ALA E 342 60.34 10.80 24.99
C ALA E 342 58.91 10.79 24.45
N LEU E 343 57.98 11.46 25.16
CA LEU E 343 56.60 11.48 24.73
C LEU E 343 56.47 12.33 23.46
N TYR E 344 57.16 13.48 23.48
CA TYR E 344 57.18 14.40 22.34
C TYR E 344 57.73 13.67 21.11
N ASP E 345 58.88 13.02 21.29
CA ASP E 345 59.53 12.28 20.22
C ASP E 345 58.62 11.16 19.72
N LEU E 346 57.96 10.45 20.64
CA LEU E 346 57.12 9.30 20.27
C LEU E 346 55.96 9.75 19.39
N LEU E 347 55.28 10.83 19.78
CA LEU E 347 54.13 11.32 19.03
C LEU E 347 54.57 11.69 17.60
N HIS E 348 55.73 12.34 17.48
CA HIS E 348 56.28 12.70 16.18
C HIS E 348 56.59 11.44 15.39
N ARG E 349 57.11 10.41 16.07
CA ARG E 349 57.47 9.18 15.39
C ARG E 349 56.23 8.52 14.81
N LEU E 350 55.13 8.53 15.58
CA LEU E 350 53.89 7.92 15.14
C LEU E 350 53.38 8.67 13.91
N LYS E 351 53.38 10.00 13.98
CA LYS E 351 52.97 10.87 12.89
C LYS E 351 53.80 10.60 11.63
N ASN E 352 55.12 10.51 11.81
CA ASN E 352 56.07 10.49 10.69
CA ASN E 352 56.06 10.48 10.69
C ASN E 352 56.17 9.10 10.06
N GLU E 353 56.07 8.02 10.88
CA GLU E 353 56.39 6.68 10.41
C GLU E 353 55.17 5.76 10.32
N TYR E 354 54.08 6.06 11.06
CA TYR E 354 53.05 5.06 11.23
C TYR E 354 51.66 5.50 10.74
N THR E 355 51.19 6.67 11.19
CA THR E 355 49.78 6.96 11.05
C THR E 355 49.49 8.45 11.04
N ASP E 356 48.47 8.84 10.28
CA ASP E 356 47.95 10.19 10.35
C ASP E 356 46.60 10.14 11.06
N LEU E 357 46.24 8.97 11.61
CA LEU E 357 45.02 8.81 12.41
C LEU E 357 45.11 9.69 13.65
N PRO E 358 43.94 10.05 14.25
CA PRO E 358 43.93 10.62 15.58
C PRO E 358 44.66 9.74 16.60
N ILE E 359 45.51 10.36 17.40
CA ILE E 359 46.18 9.70 18.53
C ILE E 359 45.51 10.20 19.81
N TYR E 360 45.27 9.26 20.75
CA TYR E 360 44.78 9.59 22.08
C TYR E 360 45.79 9.02 23.08
N ILE E 361 46.23 9.85 24.04
CA ILE E 361 46.98 9.30 25.14
C ILE E 361 45.97 8.70 26.11
N THR E 362 45.81 7.38 26.03
CA THR E 362 44.81 6.65 26.80
C THR E 362 45.28 6.43 28.23
N GLU E 363 46.58 6.62 28.49
CA GLU E 363 47.06 6.62 29.87
C GLU E 363 48.36 7.42 29.94
N ASN E 364 48.52 8.15 31.04
CA ASN E 364 49.78 8.78 31.46
C ASN E 364 49.62 9.17 32.93
N GLY E 365 50.65 8.97 33.75
CA GLY E 365 50.51 9.24 35.17
C GLY E 365 51.76 8.81 35.93
N ALA E 366 51.70 8.87 37.27
CA ALA E 366 52.89 8.54 38.05
C ALA E 366 52.49 8.04 39.43
N ALA E 367 53.28 7.08 39.93
CA ALA E 367 53.18 6.69 41.34
C ALA E 367 53.87 7.74 42.20
N ASN E 368 53.29 7.98 43.38
CA ASN E 368 53.79 8.92 44.37
C ASN E 368 53.55 8.31 45.74
N ALA E 369 54.49 8.53 46.66
CA ALA E 369 54.36 8.02 48.02
C ALA E 369 53.40 8.93 48.79
N ASP E 370 52.09 8.72 48.59
CA ASP E 370 51.06 9.66 49.04
C ASP E 370 50.66 9.35 50.49
N ALA E 371 50.47 10.42 51.27
CA ALA E 371 50.06 10.30 52.66
C ALA E 371 49.03 11.39 52.94
N ILE E 372 47.98 11.00 53.66
CA ILE E 372 46.90 11.92 54.00
C ILE E 372 47.30 12.59 55.30
N VAL E 373 47.46 13.91 55.26
CA VAL E 373 47.79 14.70 56.44
C VAL E 373 46.75 15.81 56.55
N ASN E 374 45.96 15.75 57.64
CA ASN E 374 44.84 16.66 57.90
C ASN E 374 43.83 16.64 56.76
N GLY E 375 43.51 15.43 56.29
CA GLY E 375 42.52 15.25 55.24
C GLY E 375 42.96 15.81 53.89
N GLU E 376 44.26 16.07 53.71
CA GLU E 376 44.77 16.52 52.42
C GLU E 376 45.95 15.68 51.97
N VAL E 377 46.11 15.58 50.64
CA VAL E 377 47.19 14.82 50.03
C VAL E 377 47.92 15.75 49.07
N GLU E 378 49.14 16.17 49.46
CA GLU E 378 49.88 17.20 48.74
C GLU E 378 50.86 16.54 47.77
N ASP E 379 50.34 16.02 46.66
CA ASP E 379 51.12 15.24 45.70
C ASP E 379 51.68 16.15 44.62
N THR E 380 52.55 17.11 45.03
CA THR E 380 53.11 18.06 44.09
C THR E 380 53.88 17.35 42.97
N PRO E 381 54.69 16.31 43.28
CA PRO E 381 55.45 15.59 42.24
C PRO E 381 54.57 15.02 41.13
N ARG E 382 53.36 14.55 41.50
CA ARG E 382 52.41 14.09 40.50
C ARG E 382 51.97 15.22 39.57
N ILE E 383 51.64 16.39 40.15
CA ILE E 383 51.29 17.58 39.38
C ILE E 383 52.43 17.90 38.40
N ASP E 384 53.66 17.96 38.93
CA ASP E 384 54.83 18.29 38.13
C ASP E 384 54.98 17.33 36.97
N TYR E 385 54.70 16.03 37.20
CA TYR E 385 54.88 15.01 36.17
C TYR E 385 53.87 15.23 35.05
N VAL E 386 52.60 15.45 35.40
CA VAL E 386 51.54 15.60 34.42
C VAL E 386 51.73 16.89 33.64
N ARG E 387 52.14 17.97 34.33
CA ARG E 387 52.40 19.23 33.66
C ARG E 387 53.47 19.08 32.56
N GLN E 388 54.56 18.39 32.89
CA GLN E 388 55.65 18.16 31.94
C GLN E 388 55.18 17.39 30.71
N HIS E 389 54.34 16.37 30.93
CA HIS E 389 53.86 15.53 29.83
C HIS E 389 52.86 16.30 28.96
N LEU E 390 52.01 17.12 29.60
CA LEU E 390 51.04 17.90 28.84
C LEU E 390 51.74 18.98 28.02
N ASP E 391 52.87 19.50 28.54
CA ASP E 391 53.64 20.48 27.78
C ASP E 391 54.22 19.82 26.52
N ALA E 392 54.72 18.58 26.68
CA ALA E 392 55.25 17.82 25.56
C ALA E 392 54.16 17.58 24.52
N ALA E 393 52.97 17.18 24.99
CA ALA E 393 51.80 16.98 24.13
C ALA E 393 51.42 18.29 23.43
N HIS E 394 51.47 19.41 24.18
CA HIS E 394 51.07 20.68 23.60
C HIS E 394 51.99 21.04 22.45
N ARG E 395 53.30 20.78 22.62
CA ARG E 395 54.28 21.08 21.59
C ARG E 395 54.01 20.29 20.30
N PHE E 396 53.66 19.01 20.45
CA PHE E 396 53.33 18.16 19.33
C PHE E 396 52.14 18.73 18.55
N ILE E 397 51.10 19.16 19.28
CA ILE E 397 49.89 19.71 18.70
CA ILE E 397 49.90 19.72 18.70
C ILE E 397 50.24 20.99 17.93
N GLN E 398 51.14 21.82 18.49
CA GLN E 398 51.53 23.09 17.90
C GLN E 398 52.24 22.86 16.57
N GLU E 399 52.90 21.69 16.45
CA GLU E 399 53.65 21.36 15.25
C GLU E 399 52.81 20.48 14.32
N GLY E 400 51.48 20.54 14.46
CA GLY E 400 50.58 19.87 13.53
C GLY E 400 50.16 18.46 13.95
N GLY E 401 50.55 18.04 15.17
CA GLY E 401 50.23 16.69 15.62
C GLY E 401 48.74 16.44 15.84
N ASN E 402 48.26 15.29 15.37
CA ASN E 402 46.83 14.94 15.45
C ASN E 402 46.51 14.22 16.76
N LEU E 403 46.86 14.86 17.90
CA LEU E 403 46.54 14.36 19.24
C LEU E 403 45.20 14.96 19.69
N LYS E 404 44.24 14.09 20.02
CA LYS E 404 42.86 14.52 20.19
C LYS E 404 42.39 14.40 21.64
N GLY E 405 43.16 13.73 22.51
CA GLY E 405 42.69 13.50 23.87
C GLY E 405 43.79 12.99 24.80
N TYR E 406 43.56 13.16 26.10
CA TYR E 406 44.50 12.77 27.13
C TYR E 406 43.75 12.20 28.32
N TYR E 407 44.14 10.99 28.72
CA TYR E 407 43.53 10.38 29.90
C TYR E 407 44.60 10.17 30.96
N LEU E 408 44.39 10.74 32.15
CA LEU E 408 45.26 10.59 33.29
C LEU E 408 45.01 9.23 33.94
N TRP E 409 46.08 8.43 34.07
CA TRP E 409 46.05 7.25 34.94
C TRP E 409 46.53 7.65 36.34
N SER E 410 45.68 7.56 37.37
CA SER E 410 44.33 7.00 37.31
C SER E 410 43.38 7.95 38.04
N LEU E 411 42.08 7.75 37.85
CA LEU E 411 41.07 8.49 38.59
C LEU E 411 41.27 8.30 40.10
N MET E 412 41.55 7.06 40.52
CA MET E 412 41.68 6.75 41.93
C MET E 412 42.80 5.74 42.15
N ASP E 413 43.40 5.79 43.35
CA ASP E 413 44.30 4.74 43.80
C ASP E 413 43.63 3.39 43.63
N ASN E 414 44.43 2.35 43.33
CA ASN E 414 43.82 1.08 42.95
C ASN E 414 44.82 -0.06 43.11
N PHE E 415 44.36 -1.28 42.79
CA PHE E 415 45.21 -2.47 42.84
C PHE E 415 46.26 -2.41 41.72
N GLU E 416 47.52 -2.15 42.12
CA GLU E 416 48.62 -1.98 41.20
C GLU E 416 49.26 -3.33 40.86
N TRP E 417 48.43 -4.24 40.32
CA TRP E 417 48.83 -5.55 39.82
C TRP E 417 49.77 -6.24 40.80
N ALA E 418 51.03 -6.52 40.37
CA ALA E 418 51.91 -7.32 41.20
C ALA E 418 52.32 -6.58 42.49
N PHE E 419 52.13 -5.26 42.52
CA PHE E 419 52.49 -4.46 43.68
C PHE E 419 51.32 -4.34 44.66
N GLY E 420 50.16 -4.85 44.30
CA GLY E 420 49.02 -4.75 45.20
C GLY E 420 48.67 -3.30 45.50
N TYR E 421 48.26 -3.04 46.75
CA TYR E 421 47.81 -1.73 47.15
C TYR E 421 48.98 -0.92 47.72
N THR E 422 50.21 -1.34 47.39
CA THR E 422 51.40 -0.72 47.95
C THR E 422 51.81 0.51 47.14
N LYS E 423 51.19 0.70 45.98
CA LYS E 423 51.60 1.81 45.11
C LYS E 423 50.37 2.61 44.68
N ARG E 424 50.49 3.94 44.61
CA ARG E 424 49.35 4.78 44.40
C ARG E 424 49.57 5.68 43.17
N PHE E 425 48.64 5.59 42.21
CA PHE E 425 48.68 6.33 40.96
C PHE E 425 47.50 7.30 40.84
N GLY E 426 46.59 7.29 41.82
CA GLY E 426 45.37 8.08 41.72
C GLY E 426 45.58 9.59 41.83
N ILE E 427 44.63 10.36 41.29
CA ILE E 427 44.44 11.75 41.62
C ILE E 427 43.42 11.86 42.76
N ILE E 428 42.81 10.72 43.13
CA ILE E 428 41.97 10.60 44.31
C ILE E 428 42.55 9.51 45.20
N TYR E 429 42.78 9.85 46.47
CA TYR E 429 43.29 8.91 47.45
C TYR E 429 42.14 8.00 47.89
N VAL E 430 42.44 6.71 48.08
CA VAL E 430 41.45 5.79 48.59
C VAL E 430 42.00 5.11 49.84
N ASP E 431 41.32 5.31 50.97
CA ASP E 431 41.59 4.53 52.17
C ASP E 431 40.86 3.21 52.01
N TYR E 432 41.63 2.12 51.96
CA TYR E 432 41.04 0.81 51.71
C TYR E 432 40.28 0.27 52.92
N GLU E 433 40.61 0.78 54.11
CA GLU E 433 39.94 0.38 55.34
C GLU E 433 38.54 0.96 55.42
N THR E 434 38.35 2.18 54.89
CA THR E 434 37.09 2.90 55.09
C THR E 434 36.38 3.09 53.75
N GLN E 435 37.13 2.95 52.65
CA GLN E 435 36.65 3.21 51.29
C GLN E 435 36.40 4.70 51.06
N VAL E 436 36.87 5.57 51.97
CA VAL E 436 36.73 7.00 51.79
C VAL E 436 37.64 7.45 50.65
N ARG E 437 37.08 8.27 49.74
CA ARG E 437 37.80 8.95 48.67
C ARG E 437 38.19 10.36 49.11
N THR E 438 39.48 10.70 48.96
CA THR E 438 39.95 12.05 49.24
C THR E 438 40.66 12.57 47.98
N PRO E 439 40.04 13.51 47.21
CA PRO E 439 40.74 14.14 46.09
C PRO E 439 42.09 14.72 46.53
N LYS E 440 43.14 14.45 45.75
CA LYS E 440 44.48 14.94 46.07
C LYS E 440 44.65 16.33 45.45
N ALA E 441 45.78 17.01 45.77
CA ALA E 441 46.10 18.28 45.15
C ALA E 441 46.02 18.17 43.62
N SER E 442 46.47 17.01 43.10
CA SER E 442 46.48 16.76 41.67
C SER E 442 45.07 16.82 41.06
N PHE E 443 44.07 16.37 41.82
CA PHE E 443 42.67 16.46 41.39
C PHE E 443 42.29 17.93 41.16
N HIS E 444 42.59 18.79 42.14
CA HIS E 444 42.23 20.20 42.08
C HIS E 444 42.96 20.91 40.94
N TRP E 445 44.24 20.52 40.74
CA TRP E 445 45.05 21.08 39.67
C TRP E 445 44.51 20.68 38.29
N TYR E 446 44.20 19.38 38.12
CA TYR E 446 43.74 18.86 36.83
C TYR E 446 42.37 19.44 36.51
N ARG E 447 41.54 19.64 37.57
CA ARG E 447 40.24 20.27 37.40
C ARG E 447 40.42 21.63 36.74
N GLN E 448 41.47 22.37 37.16
CA GLN E 448 41.72 23.70 36.65
C GLN E 448 42.19 23.61 35.19
N VAL E 449 43.10 22.64 34.91
CA VAL E 449 43.57 22.39 33.56
C VAL E 449 42.37 22.21 32.63
N ILE E 450 41.42 21.38 33.06
CA ILE E 450 40.24 21.08 32.25
C ILE E 450 39.39 22.34 32.06
N GLU E 451 39.15 23.08 33.14
CA GLU E 451 38.33 24.28 33.09
C GLU E 451 38.93 25.31 32.13
N ASN E 452 40.28 25.42 32.12
CA ASN E 452 40.96 26.42 31.32
C ASN E 452 41.29 25.89 29.93
N ASN E 453 41.07 24.58 29.72
CA ASN E 453 41.44 23.87 28.50
C ASN E 453 42.94 24.04 28.22
N GLY E 454 43.74 23.94 29.28
CA GLY E 454 45.18 23.99 29.09
C GLY E 454 45.94 24.31 30.36
N LEU E 455 47.26 24.48 30.20
CA LEU E 455 48.18 24.78 31.28
C LEU E 455 48.27 26.30 31.48
N THR E 456 48.31 26.72 32.76
CA THR E 456 48.29 28.14 33.09
C THR E 456 49.33 28.43 34.15
N ASP E 457 50.22 27.47 34.39
CA ASP E 457 51.28 27.62 35.39
C ASP E 457 52.59 27.05 34.87
N LYS E 458 53.68 27.18 35.65
CA LYS E 458 55.02 27.09 35.09
C LYS E 458 55.93 26.24 35.98
N LEU E 459 55.39 25.77 37.10
CA LEU E 459 56.17 25.09 38.11
C LEU E 459 56.73 23.77 37.55
N GLY F 11 73.70 -69.99 46.35
CA GLY F 11 73.38 -70.67 45.08
C GLY F 11 72.52 -69.81 44.15
N LYS F 12 71.65 -70.48 43.39
CA LYS F 12 70.89 -69.87 42.32
C LYS F 12 69.61 -69.26 42.87
N ARG F 13 69.29 -68.04 42.45
CA ARG F 13 67.99 -67.46 42.75
C ARG F 13 67.12 -67.55 41.49
N GLN F 14 66.29 -68.59 41.46
CA GLN F 14 65.48 -68.91 40.28
C GLN F 14 64.10 -68.26 40.44
N PHE F 15 63.69 -67.58 39.38
CA PHE F 15 62.42 -66.87 39.32
C PHE F 15 61.33 -67.87 38.90
N PRO F 16 60.03 -67.50 39.06
CA PRO F 16 58.91 -68.34 38.63
C PRO F 16 59.00 -68.75 37.16
N ASP F 17 58.41 -69.91 36.85
CA ASP F 17 58.53 -70.53 35.55
C ASP F 17 58.05 -69.61 34.44
N ASP F 18 57.09 -68.74 34.77
CA ASP F 18 56.41 -67.99 33.72
C ASP F 18 56.88 -66.54 33.72
N PHE F 19 57.97 -66.24 34.45
CA PHE F 19 58.42 -64.87 34.69
C PHE F 19 58.78 -64.18 33.37
N ILE F 20 58.39 -62.91 33.25
CA ILE F 20 58.57 -62.18 31.99
CA ILE F 20 58.57 -62.19 32.00
C ILE F 20 59.80 -61.29 32.12
N TRP F 21 60.83 -61.58 31.32
CA TRP F 21 62.05 -60.79 31.30
C TRP F 21 62.00 -59.83 30.11
N GLY F 22 62.23 -58.55 30.37
CA GLY F 22 62.09 -57.56 29.32
C GLY F 22 63.16 -56.48 29.34
N ALA F 23 63.04 -55.56 28.39
CA ALA F 23 63.84 -54.35 28.32
C ALA F 23 62.93 -53.27 27.79
N ALA F 24 63.24 -52.01 28.13
CA ALA F 24 62.29 -50.94 27.85
C ALA F 24 62.98 -49.76 27.17
N THR F 25 62.20 -49.07 26.32
CA THR F 25 62.57 -47.79 25.72
C THR F 25 61.34 -46.88 25.69
N ALA F 26 61.50 -45.70 25.12
CA ALA F 26 60.41 -44.78 24.83
C ALA F 26 60.66 -44.06 23.49
N SER F 27 59.55 -43.72 22.80
CA SER F 27 59.56 -43.25 21.43
C SER F 27 60.51 -42.07 21.20
N TYR F 28 60.33 -40.97 21.94
CA TYR F 28 61.11 -39.78 21.62
C TYR F 28 62.59 -40.01 21.93
N GLN F 29 62.84 -40.99 22.82
CA GLN F 29 64.18 -41.18 23.35
C GLN F 29 65.08 -41.94 22.38
N ILE F 30 64.49 -42.75 21.47
CA ILE F 30 65.29 -43.56 20.57
C ILE F 30 64.94 -43.37 19.09
N GLU F 31 63.70 -42.98 18.76
CA GLU F 31 63.21 -43.16 17.39
C GLU F 31 63.95 -42.27 16.38
N GLY F 32 64.13 -40.99 16.71
CA GLY F 32 64.51 -40.01 15.69
C GLY F 32 63.46 -39.96 14.58
N ALA F 33 63.90 -39.80 13.32
CA ALA F 33 62.98 -39.55 12.20
C ALA F 33 61.86 -38.61 12.63
N ALA F 34 62.25 -37.51 13.27
CA ALA F 34 61.32 -36.55 13.81
C ALA F 34 60.53 -35.80 12.73
N ASN F 35 61.08 -35.71 11.50
CA ASN F 35 60.47 -34.91 10.45
C ASN F 35 60.07 -35.76 9.24
N GLU F 36 59.83 -37.06 9.48
CA GLU F 36 59.47 -37.94 8.37
C GLU F 36 58.04 -38.46 8.56
N GLY F 37 57.41 -38.78 7.42
CA GLY F 37 56.12 -39.44 7.41
C GLY F 37 54.99 -38.55 7.92
N GLY F 38 55.22 -37.24 8.00
CA GLY F 38 54.21 -36.29 8.41
C GLY F 38 54.09 -36.09 9.92
N ARG F 39 55.08 -36.59 10.67
CA ARG F 39 55.08 -36.41 12.12
C ARG F 39 55.07 -34.92 12.49
N GLY F 40 54.16 -34.53 13.39
CA GLY F 40 54.16 -33.18 13.94
C GLY F 40 55.08 -33.06 15.15
N PRO F 41 55.44 -31.83 15.57
CA PRO F 41 56.24 -31.65 16.79
C PRO F 41 55.50 -32.05 18.06
N SER F 42 56.23 -32.68 18.99
CA SER F 42 55.74 -32.92 20.34
C SER F 42 56.25 -31.80 21.25
N ILE F 43 55.76 -31.77 22.49
CA ILE F 43 56.18 -30.80 23.50
C ILE F 43 57.68 -30.93 23.72
N TRP F 44 58.22 -32.13 23.47
CA TRP F 44 59.64 -32.39 23.68
C TRP F 44 60.50 -31.87 22.53
N ASP F 45 59.97 -31.84 21.30
CA ASP F 45 60.61 -31.15 20.18
C ASP F 45 60.77 -29.67 20.54
N THR F 46 59.65 -29.04 20.92
CA THR F 46 59.63 -27.61 21.28
C THR F 46 60.63 -27.33 22.40
N PHE F 47 60.58 -28.16 23.46
CA PHE F 47 61.33 -27.94 24.69
C PHE F 47 62.83 -28.09 24.43
N SER F 48 63.22 -29.19 23.76
CA SER F 48 64.64 -29.44 23.51
C SER F 48 65.24 -28.38 22.58
N LYS F 49 64.41 -27.85 21.67
CA LYS F 49 64.85 -26.84 20.72
C LYS F 49 64.85 -25.43 21.32
N THR F 50 64.45 -25.31 22.60
CA THR F 50 64.53 -24.06 23.33
C THR F 50 65.89 -23.94 24.02
N PRO F 51 66.71 -22.92 23.72
CA PRO F 51 68.02 -22.76 24.34
C PRO F 51 67.90 -22.81 25.86
N GLY F 52 68.62 -23.76 26.47
CA GLY F 52 68.78 -23.77 27.92
C GLY F 52 67.99 -24.88 28.60
N LYS F 53 67.08 -25.53 27.86
CA LYS F 53 66.20 -26.52 28.49
C LYS F 53 66.85 -27.90 28.56
N VAL F 54 67.69 -28.25 27.56
CA VAL F 54 68.36 -29.56 27.53
C VAL F 54 69.87 -29.37 27.46
N LEU F 55 70.63 -30.13 28.24
CA LEU F 55 72.10 -29.99 28.26
C LEU F 55 72.64 -30.06 26.82
N LEU F 56 73.60 -29.15 26.53
CA LEU F 56 74.32 -29.07 25.26
C LEU F 56 73.36 -28.82 24.09
N GLY F 57 72.10 -28.44 24.37
CA GLY F 57 71.15 -28.18 23.31
C GLY F 57 70.70 -29.45 22.54
N HIS F 58 70.90 -30.62 23.14
CA HIS F 58 70.56 -31.89 22.49
C HIS F 58 69.06 -31.98 22.23
N THR F 59 68.69 -32.68 21.15
CA THR F 59 67.28 -32.94 20.81
C THR F 59 67.10 -34.39 20.40
N GLY F 60 65.83 -34.81 20.24
CA GLY F 60 65.52 -36.15 19.77
C GLY F 60 65.29 -36.21 18.25
N ASP F 61 65.86 -35.25 17.53
CA ASP F 61 65.73 -35.22 16.09
C ASP F 61 66.20 -36.52 15.45
N VAL F 62 67.33 -37.06 15.93
CA VAL F 62 67.93 -38.28 15.39
C VAL F 62 67.92 -39.38 16.44
N ALA F 63 68.31 -39.05 17.69
CA ALA F 63 68.42 -40.02 18.76
C ALA F 63 69.20 -41.26 18.30
N CYS F 64 68.60 -42.45 18.41
CA CYS F 64 69.25 -43.71 18.05
C CYS F 64 68.85 -44.14 16.64
N ASP F 65 68.14 -43.27 15.93
CA ASP F 65 67.71 -43.50 14.56
C ASP F 65 66.97 -44.84 14.46
N HIS F 66 66.26 -45.20 15.53
CA HIS F 66 65.65 -46.52 15.67
C HIS F 66 64.49 -46.68 14.69
N PHE F 67 63.85 -45.57 14.33
CA PHE F 67 62.77 -45.59 13.36
C PHE F 67 63.24 -46.30 12.09
N HIS F 68 64.52 -46.13 11.75
CA HIS F 68 65.12 -46.70 10.55
C HIS F 68 65.81 -48.03 10.83
N ARG F 69 66.37 -48.18 12.03
CA ARG F 69 67.27 -49.28 12.34
C ARG F 69 66.60 -50.38 13.14
N TYR F 70 65.26 -50.42 13.18
CA TYR F 70 64.51 -51.30 14.06
C TYR F 70 64.81 -52.77 13.78
N GLU F 71 65.00 -53.13 12.50
CA GLU F 71 65.23 -54.53 12.14
C GLU F 71 66.46 -55.06 12.88
N SER F 72 67.58 -54.33 12.76
CA SER F 72 68.83 -54.71 13.41
C SER F 72 68.68 -54.68 14.93
N ASP F 73 67.93 -53.70 15.45
CA ASP F 73 67.71 -53.59 16.89
C ASP F 73 66.98 -54.81 17.42
N VAL F 74 65.94 -55.27 16.68
CA VAL F 74 65.16 -56.41 17.14
C VAL F 74 66.02 -57.67 17.12
N LYS F 75 66.95 -57.78 16.16
CA LYS F 75 67.88 -58.90 16.12
C LYS F 75 68.73 -58.93 17.39
N LEU F 76 69.14 -57.76 17.87
CA LEU F 76 69.86 -57.68 19.14
C LEU F 76 68.97 -58.12 20.30
N MET F 77 67.66 -57.85 20.20
CA MET F 77 66.70 -58.25 21.24
C MET F 77 66.58 -59.77 21.27
N ALA F 78 66.58 -60.39 20.08
CA ALA F 78 66.49 -61.84 19.92
C ALA F 78 67.74 -62.48 20.49
N ASP F 79 68.91 -61.87 20.24
CA ASP F 79 70.17 -62.36 20.78
C ASP F 79 70.12 -62.29 22.30
N LEU F 80 69.55 -61.20 22.85
CA LEU F 80 69.42 -61.01 24.29
C LEU F 80 68.52 -62.08 24.89
N GLY F 81 67.43 -62.40 24.19
CA GLY F 81 66.48 -63.40 24.64
C GLY F 81 65.33 -62.83 25.47
N ILE F 82 65.08 -61.50 25.42
CA ILE F 82 63.94 -60.94 26.12
C ILE F 82 62.66 -61.56 25.56
N LYS F 83 61.69 -61.83 26.45
CA LYS F 83 60.41 -62.38 26.03
C LYS F 83 59.44 -61.25 25.69
N SER F 84 59.73 -60.04 26.20
CA SER F 84 58.89 -58.87 25.99
C SER F 84 59.75 -57.62 25.76
N TYR F 85 59.33 -56.79 24.79
CA TYR F 85 59.99 -55.52 24.58
C TYR F 85 58.97 -54.39 24.82
N ARG F 86 59.28 -53.54 25.79
CA ARG F 86 58.41 -52.42 26.08
C ARG F 86 58.92 -51.18 25.35
N PHE F 87 58.01 -50.57 24.59
CA PHE F 87 58.27 -49.36 23.82
C PHE F 87 57.04 -48.46 23.92
N SER F 88 57.13 -47.22 23.42
CA SER F 88 56.00 -46.30 23.49
C SER F 88 55.55 -45.88 22.08
N LEU F 89 54.29 -45.39 22.00
CA LEU F 89 53.73 -44.97 20.71
C LEU F 89 53.84 -43.46 20.58
N ALA F 90 54.29 -43.01 19.41
CA ALA F 90 54.44 -41.58 19.14
C ALA F 90 53.12 -41.00 18.66
N TRP F 91 52.34 -40.46 19.62
CA TRP F 91 51.15 -39.66 19.38
C TRP F 91 51.35 -38.66 18.22
N PRO F 92 52.45 -37.88 18.17
CA PRO F 92 52.66 -36.92 17.08
C PRO F 92 52.80 -37.47 15.66
N ARG F 93 53.03 -38.78 15.52
CA ARG F 93 53.06 -39.41 14.20
C ARG F 93 51.64 -39.66 13.71
N VAL F 94 50.67 -39.68 14.63
CA VAL F 94 49.29 -40.08 14.35
C VAL F 94 48.34 -38.87 14.36
N MET F 95 48.55 -37.95 15.32
CA MET F 95 47.76 -36.73 15.38
C MET F 95 48.71 -35.54 15.30
N PRO F 96 49.32 -35.27 14.13
CA PRO F 96 50.41 -34.28 14.04
C PRO F 96 49.96 -32.82 14.17
N GLU F 97 48.72 -32.53 13.78
CA GLU F 97 48.15 -31.20 13.91
C GLU F 97 46.69 -31.33 14.31
N LYS F 98 46.11 -30.27 14.90
CA LYS F 98 44.70 -30.25 15.26
CA LYS F 98 44.70 -30.25 15.26
C LYS F 98 43.89 -30.65 14.03
N GLY F 99 42.99 -31.64 14.21
CA GLY F 99 42.06 -32.02 13.14
C GLY F 99 42.70 -32.86 12.03
N ARG F 100 43.95 -33.28 12.22
CA ARG F 100 44.61 -34.17 11.27
C ARG F 100 44.87 -35.53 11.94
N TYR F 101 44.38 -36.60 11.31
CA TYR F 101 44.68 -37.99 11.69
C TYR F 101 45.39 -38.69 10.53
N LEU F 102 46.55 -39.31 10.84
CA LEU F 102 47.29 -40.10 9.87
C LEU F 102 47.22 -41.55 10.31
N GLU F 103 46.42 -42.36 9.60
CA GLU F 103 46.37 -43.80 9.84
C GLU F 103 47.77 -44.37 9.63
N SER F 104 48.50 -43.85 8.64
CA SER F 104 49.85 -44.28 8.31
C SER F 104 50.83 -44.07 9.48
N GLY F 105 50.44 -43.29 10.50
CA GLY F 105 51.34 -42.98 11.60
C GLY F 105 51.67 -44.20 12.47
N PHE F 106 50.85 -45.26 12.34
CA PHE F 106 51.08 -46.51 13.05
C PHE F 106 51.88 -47.51 12.20
N ASP F 107 52.28 -47.12 10.98
CA ASP F 107 53.02 -47.99 10.07
C ASP F 107 54.31 -48.52 10.71
N PHE F 108 55.11 -47.62 11.29
CA PHE F 108 56.35 -48.05 11.94
C PHE F 108 56.09 -49.14 12.97
N TYR F 109 55.05 -48.97 13.80
CA TYR F 109 54.74 -49.90 14.88
C TYR F 109 54.35 -51.26 14.30
N LYS F 110 53.68 -51.23 13.15
CA LYS F 110 53.30 -52.47 12.46
C LYS F 110 54.57 -53.20 11.99
N ARG F 111 55.54 -52.45 11.46
CA ARG F 111 56.79 -53.03 10.98
C ARG F 111 57.58 -53.59 12.17
N LEU F 112 57.64 -52.81 13.27
CA LEU F 112 58.36 -53.20 14.46
C LEU F 112 57.78 -54.50 15.01
N ILE F 113 56.44 -54.53 15.11
CA ILE F 113 55.72 -55.64 15.70
C ILE F 113 55.89 -56.90 14.84
N GLU F 114 55.96 -56.74 13.52
CA GLU F 114 56.20 -57.91 12.66
C GLU F 114 57.57 -58.53 12.98
N GLN F 115 58.59 -57.68 13.15
CA GLN F 115 59.91 -58.16 13.52
C GLN F 115 59.89 -58.84 14.89
N LEU F 116 59.13 -58.28 15.84
CA LEU F 116 59.05 -58.83 17.19
C LEU F 116 58.44 -60.23 17.12
N HIS F 117 57.31 -60.37 16.40
CA HIS F 117 56.62 -61.64 16.32
C HIS F 117 57.49 -62.67 15.60
N LYS F 118 58.26 -62.21 14.60
CA LYS F 118 59.16 -63.08 13.85
C LYS F 118 60.16 -63.73 14.80
N HIS F 119 60.55 -63.02 15.87
CA HIS F 119 61.59 -63.48 16.76
C HIS F 119 61.02 -63.99 18.07
N GLY F 120 59.70 -64.14 18.14
CA GLY F 120 59.02 -64.68 19.31
C GLY F 120 59.07 -63.74 20.53
N ILE F 121 59.16 -62.42 20.27
CA ILE F 121 59.13 -61.42 21.33
C ILE F 121 57.73 -60.80 21.39
N THR F 122 57.17 -60.72 22.60
CA THR F 122 55.86 -60.11 22.81
C THR F 122 56.01 -58.58 22.93
N PRO F 123 55.17 -57.80 22.22
CA PRO F 123 55.18 -56.34 22.36
C PRO F 123 54.49 -55.94 23.66
N ALA F 124 55.08 -54.95 24.34
CA ALA F 124 54.40 -54.24 25.41
C ALA F 124 54.40 -52.76 25.05
N ALA F 125 53.23 -52.21 24.73
CA ALA F 125 53.16 -50.86 24.21
C ALA F 125 52.65 -49.89 25.29
N THR F 126 53.45 -48.85 25.55
CA THR F 126 53.04 -47.71 26.34
C THR F 126 52.37 -46.68 25.43
N ILE F 127 51.14 -46.27 25.78
CA ILE F 127 50.37 -45.38 24.94
C ILE F 127 50.97 -43.98 25.00
N TYR F 128 51.22 -43.48 26.21
CA TYR F 128 51.73 -42.14 26.41
C TYR F 128 53.00 -42.19 27.24
N HIS F 129 54.14 -41.86 26.61
CA HIS F 129 55.40 -41.70 27.32
C HIS F 129 55.96 -40.32 26.95
N TRP F 130 55.10 -39.30 27.07
CA TRP F 130 55.45 -37.91 27.28
C TRP F 130 55.44 -37.08 26.01
N ASP F 131 55.35 -37.69 24.83
CA ASP F 131 55.47 -36.91 23.60
C ASP F 131 54.10 -36.38 23.21
N LEU F 132 53.52 -35.51 24.05
CA LEU F 132 52.26 -34.85 23.73
C LEU F 132 52.46 -33.97 22.49
N PRO F 133 51.56 -34.08 21.48
CA PRO F 133 51.61 -33.19 20.30
C PRO F 133 51.54 -31.73 20.76
N GLN F 134 52.38 -30.90 20.15
CA GLN F 134 52.52 -29.51 20.59
C GLN F 134 51.19 -28.78 20.48
N TRP F 135 50.38 -29.12 19.46
CA TRP F 135 49.13 -28.41 19.26
C TRP F 135 48.17 -28.58 20.44
N ILE F 136 48.27 -29.70 21.17
CA ILE F 136 47.43 -29.89 22.34
C ILE F 136 47.92 -29.01 23.49
N GLU F 137 49.26 -28.90 23.64
CA GLU F 137 49.82 -28.02 24.66
C GLU F 137 49.42 -26.58 24.38
N ASP F 138 49.34 -26.22 23.09
CA ASP F 138 48.94 -24.85 22.75
C ASP F 138 47.53 -24.56 23.28
N GLU F 139 46.75 -25.63 23.52
CA GLU F 139 45.41 -25.49 24.07
C GLU F 139 45.40 -25.85 25.56
N GLY F 140 46.55 -25.65 26.24
CA GLY F 140 46.60 -25.86 27.67
C GLY F 140 47.06 -27.27 28.07
N GLY F 141 47.26 -28.16 27.09
CA GLY F 141 47.88 -29.44 27.39
C GLY F 141 47.09 -30.24 28.41
N TRP F 142 47.80 -30.82 29.40
CA TRP F 142 47.17 -31.70 30.38
C TRP F 142 46.30 -30.94 31.38
N SER F 143 46.37 -29.59 31.40
CA SER F 143 45.53 -28.80 32.30
CA SER F 143 45.53 -28.80 32.30
C SER F 143 44.11 -28.67 31.74
N ASN F 144 43.97 -28.90 30.43
CA ASN F 144 42.69 -28.76 29.77
C ASN F 144 41.95 -30.09 29.78
N ARG F 145 40.70 -30.09 30.25
CA ARG F 145 39.92 -31.32 30.33
C ARG F 145 39.78 -31.98 28.96
N ALA F 146 39.83 -31.17 27.90
CA ALA F 146 39.68 -31.64 26.53
C ALA F 146 40.77 -32.66 26.19
N VAL F 147 41.88 -32.62 26.95
CA VAL F 147 42.99 -33.53 26.72
C VAL F 147 42.53 -34.98 26.89
N VAL F 148 41.54 -35.21 27.76
CA VAL F 148 41.08 -36.56 28.06
C VAL F 148 40.49 -37.19 26.80
N ASP F 149 39.70 -36.41 26.06
CA ASP F 149 39.10 -36.87 24.82
C ASP F 149 40.14 -37.01 23.72
N TYR F 150 41.17 -36.17 23.73
CA TYR F 150 42.19 -36.28 22.70
C TYR F 150 42.95 -37.58 22.91
N TYR F 151 43.28 -37.88 24.18
CA TYR F 151 44.01 -39.08 24.52
C TYR F 151 43.15 -40.30 24.17
N LYS F 152 41.88 -40.25 24.56
CA LYS F 152 40.94 -41.33 24.25
CA LYS F 152 40.95 -41.33 24.26
C LYS F 152 40.92 -41.60 22.75
N GLU F 153 40.92 -40.54 21.93
CA GLU F 153 40.90 -40.67 20.49
C GLU F 153 42.15 -41.41 20.00
N PHE F 154 43.31 -41.04 20.56
CA PHE F 154 44.56 -41.68 20.18
C PHE F 154 44.57 -43.14 20.64
N ALA F 155 44.15 -43.38 21.88
CA ALA F 155 44.16 -44.73 22.43
C ALA F 155 43.23 -45.62 21.60
N GLU F 156 42.10 -45.06 21.18
CA GLU F 156 41.11 -45.79 20.39
C GLU F 156 41.73 -46.26 19.07
N GLN F 157 42.48 -45.38 18.41
CA GLN F 157 43.10 -45.68 17.12
C GLN F 157 44.26 -46.66 17.33
N ALA F 158 44.94 -46.58 18.48
CA ALA F 158 46.04 -47.49 18.77
C ALA F 158 45.48 -48.90 18.98
N PHE F 159 44.40 -49.00 19.76
CA PHE F 159 43.74 -50.27 20.03
C PHE F 159 43.24 -50.89 18.73
N LYS F 160 42.74 -50.06 17.81
CA LYS F 160 42.18 -50.52 16.55
C LYS F 160 43.29 -50.95 15.60
N ALA F 161 44.39 -50.20 15.58
CA ALA F 161 45.48 -50.47 14.65
C ALA F 161 46.30 -51.69 15.08
N LEU F 162 46.53 -51.84 16.39
CA LEU F 162 47.53 -52.76 16.90
C LEU F 162 46.90 -53.83 17.77
N GLY F 163 45.70 -53.58 18.30
CA GLY F 163 45.01 -54.45 19.24
C GLY F 163 45.52 -55.89 19.29
N ASP F 164 45.22 -56.64 18.25
CA ASP F 164 45.38 -58.08 18.16
C ASP F 164 46.84 -58.50 18.42
N ASP F 165 47.78 -57.60 18.11
CA ASP F 165 49.19 -57.95 18.06
C ASP F 165 49.90 -57.56 19.35
N VAL F 166 49.23 -56.74 20.17
CA VAL F 166 49.79 -56.26 21.42
C VAL F 166 48.99 -56.84 22.59
N PRO F 167 49.51 -57.84 23.33
CA PRO F 167 48.79 -58.40 24.47
C PRO F 167 48.92 -57.62 25.79
N PHE F 168 49.76 -56.58 25.80
CA PHE F 168 50.12 -55.94 27.06
C PHE F 168 50.25 -54.43 26.84
N TRP F 169 49.32 -53.68 27.44
CA TRP F 169 49.17 -52.25 27.20
C TRP F 169 49.42 -51.47 28.48
N ILE F 170 50.23 -50.41 28.37
CA ILE F 170 50.41 -49.47 29.48
C ILE F 170 49.83 -48.13 29.08
N THR F 171 48.83 -47.67 29.85
CA THR F 171 48.10 -46.46 29.51
C THR F 171 49.02 -45.25 29.56
N HIS F 172 49.72 -45.10 30.68
CA HIS F 172 50.49 -43.90 30.96
C HIS F 172 51.77 -44.31 31.64
N ASN F 173 52.84 -43.59 31.28
CA ASN F 173 54.11 -43.75 31.93
C ASN F 173 54.35 -42.56 32.85
N GLU F 174 54.44 -42.84 34.15
CA GLU F 174 54.91 -41.89 35.17
C GLU F 174 54.10 -40.60 35.17
N PRO F 175 52.82 -40.65 35.59
CA PRO F 175 52.03 -39.42 35.75
C PRO F 175 52.74 -38.33 36.57
N TRP F 176 53.44 -38.72 37.63
CA TRP F 176 54.15 -37.74 38.44
C TRP F 176 55.06 -36.86 37.58
N CYS F 177 55.81 -37.48 36.66
CA CYS F 177 56.73 -36.74 35.81
C CYS F 177 55.99 -35.86 34.80
N ALA F 178 54.95 -36.43 34.17
CA ALA F 178 54.23 -35.72 33.12
C ALA F 178 53.45 -34.54 33.71
N SER F 179 53.13 -34.61 35.00
CA SER F 179 52.36 -33.55 35.62
C SER F 179 53.27 -32.66 36.48
N LEU F 180 53.66 -33.16 37.66
CA LEU F 180 54.33 -32.35 38.65
C LEU F 180 55.71 -31.90 38.19
N LEU F 181 56.47 -32.80 37.53
CA LEU F 181 57.82 -32.40 37.15
C LEU F 181 57.79 -31.47 35.92
N SER F 182 56.74 -31.61 35.10
CA SER F 182 56.62 -30.95 33.80
C SER F 182 55.98 -29.59 33.92
N TYR F 183 54.95 -29.47 34.78
CA TYR F 183 54.15 -28.25 34.82
C TYR F 183 54.35 -27.51 36.13
N GLY F 184 54.90 -28.20 37.15
CA GLY F 184 55.07 -27.61 38.46
C GLY F 184 56.53 -27.25 38.76
N ILE F 185 57.43 -28.23 38.59
CA ILE F 185 58.85 -28.04 38.82
C ILE F 185 59.51 -27.41 37.60
N GLY F 186 59.07 -27.84 36.41
CA GLY F 186 59.49 -27.26 35.15
C GLY F 186 60.77 -27.87 34.54
N GLU F 187 61.21 -29.04 35.02
CA GLU F 187 62.42 -29.67 34.48
C GLU F 187 62.17 -30.35 33.13
N HIS F 188 60.93 -30.81 32.93
CA HIS F 188 60.53 -31.54 31.73
C HIS F 188 59.43 -30.77 30.96
N ALA F 189 59.32 -31.10 29.67
CA ALA F 189 58.36 -30.47 28.77
C ALA F 189 56.95 -30.57 29.35
N PRO F 190 56.13 -29.50 29.34
CA PRO F 190 56.48 -28.26 28.66
C PRO F 190 57.25 -27.22 29.49
N GLY F 191 57.69 -27.61 30.68
CA GLY F 191 58.66 -26.82 31.43
C GLY F 191 58.05 -25.61 32.13
N LEU F 192 56.80 -25.73 32.59
CA LEU F 192 56.14 -24.63 33.28
C LEU F 192 56.32 -24.75 34.79
N LYS F 193 56.02 -23.65 35.51
CA LYS F 193 56.14 -23.63 36.97
C LYS F 193 54.87 -23.08 37.59
N ASP F 194 53.87 -23.95 37.80
CA ASP F 194 52.53 -23.55 38.18
C ASP F 194 51.87 -24.77 38.80
N TRP F 195 51.77 -24.76 40.14
CA TRP F 195 51.34 -25.97 40.85
C TRP F 195 49.87 -26.29 40.51
N ARG F 196 49.04 -25.26 40.35
CA ARG F 196 47.63 -25.48 40.07
C ARG F 196 47.52 -26.23 38.75
N ARG F 197 48.28 -25.75 37.76
CA ARG F 197 48.32 -26.31 36.41
C ARG F 197 48.79 -27.76 36.49
N ALA F 198 49.81 -28.03 37.33
CA ALA F 198 50.39 -29.36 37.49
C ALA F 198 49.39 -30.32 38.13
N TYR F 199 48.63 -29.85 39.13
CA TYR F 199 47.67 -30.71 39.81
C TYR F 199 46.46 -30.96 38.92
N ARG F 200 46.13 -30.00 38.04
CA ARG F 200 45.08 -30.20 37.05
C ARG F 200 45.54 -31.28 36.05
N ALA F 201 46.80 -31.19 35.66
CA ALA F 201 47.43 -32.16 34.78
C ALA F 201 47.41 -33.56 35.41
N ALA F 202 47.78 -33.68 36.69
CA ALA F 202 47.77 -34.98 37.37
C ALA F 202 46.39 -35.63 37.27
N HIS F 203 45.35 -34.83 37.57
CA HIS F 203 43.99 -35.34 37.56
C HIS F 203 43.57 -35.82 36.16
N HIS F 204 43.90 -35.03 35.12
CA HIS F 204 43.50 -35.40 33.76
C HIS F 204 44.28 -36.60 33.24
N ILE F 205 45.56 -36.74 33.64
CA ILE F 205 46.33 -37.92 33.28
C ILE F 205 45.66 -39.15 33.89
N LEU F 206 45.33 -39.06 35.19
CA LEU F 206 44.70 -40.18 35.88
C LEU F 206 43.35 -40.51 35.26
N LEU F 207 42.56 -39.49 34.93
CA LEU F 207 41.22 -39.67 34.35
C LEU F 207 41.33 -40.31 32.97
N SER F 208 42.33 -39.89 32.18
CA SER F 208 42.53 -40.43 30.84
C SER F 208 42.94 -41.90 30.89
N HIS F 209 43.80 -42.26 31.84
CA HIS F 209 44.07 -43.67 32.13
C HIS F 209 42.78 -44.47 32.29
N GLY F 210 41.89 -43.99 33.15
CA GLY F 210 40.66 -44.71 33.45
C GLY F 210 39.77 -44.86 32.23
N GLU F 211 39.72 -43.82 31.39
CA GLU F 211 38.94 -43.84 30.18
C GLU F 211 39.48 -44.90 29.22
N ALA F 212 40.79 -45.00 29.13
CA ALA F 212 41.44 -45.94 28.22
C ALA F 212 41.20 -47.37 28.69
N VAL F 213 41.24 -47.62 30.00
CA VAL F 213 40.97 -48.97 30.50
C VAL F 213 39.53 -49.34 30.15
N LYS F 214 38.59 -48.40 30.38
CA LYS F 214 37.18 -48.67 30.10
C LYS F 214 37.00 -48.98 28.62
N LEU F 215 37.65 -48.20 27.76
CA LEU F 215 37.59 -48.36 26.32
C LEU F 215 38.13 -49.72 25.92
N TYR F 216 39.18 -50.18 26.62
CA TYR F 216 39.81 -51.45 26.31
C TYR F 216 38.82 -52.58 26.53
N ARG F 217 38.08 -52.53 27.64
CA ARG F 217 37.09 -53.55 27.97
C ARG F 217 35.96 -53.53 26.93
N GLU F 218 35.54 -52.32 26.55
CA GLU F 218 34.40 -52.11 25.68
C GLU F 218 34.69 -52.63 24.27
N LEU F 219 35.96 -52.60 23.86
CA LEU F 219 36.35 -53.07 22.54
C LEU F 219 36.57 -54.58 22.55
N GLY F 220 36.55 -55.20 23.74
CA GLY F 220 36.60 -56.64 23.87
C GLY F 220 37.95 -57.23 23.46
N LEU F 221 39.04 -56.49 23.71
CA LEU F 221 40.37 -57.02 23.48
C LEU F 221 40.82 -58.02 24.55
N GLY F 223 43.87 -59.01 25.91
CA GLY F 223 45.13 -58.85 26.65
C GLY F 223 44.97 -58.16 28.00
N GLN F 224 46.06 -57.49 28.45
CA GLN F 224 46.10 -56.87 29.77
C GLN F 224 46.45 -55.39 29.65
N ILE F 225 45.88 -54.56 30.56
CA ILE F 225 46.09 -53.12 30.55
C ILE F 225 46.26 -52.63 31.99
N GLY F 226 47.17 -51.66 32.15
CA GLY F 226 47.48 -51.11 33.46
C GLY F 226 48.24 -49.79 33.30
N ILE F 227 48.46 -49.11 34.43
CA ILE F 227 49.26 -47.87 34.43
C ILE F 227 50.67 -48.21 34.90
N THR F 228 51.64 -47.34 34.57
CA THR F 228 52.98 -47.39 35.16
C THR F 228 53.21 -46.14 36.00
N LEU F 229 53.58 -46.34 37.29
CA LEU F 229 53.90 -45.25 38.19
C LEU F 229 55.38 -45.32 38.57
N ASN F 230 56.07 -44.18 38.53
CA ASN F 230 57.38 -44.10 39.16
C ASN F 230 57.15 -43.90 40.66
N LEU F 231 57.78 -44.73 41.48
CA LEU F 231 57.64 -44.61 42.92
C LEU F 231 59.02 -44.42 43.54
N THR F 232 59.15 -43.37 44.36
CA THR F 232 60.39 -43.08 45.06
C THR F 232 60.08 -43.13 46.55
N PRO F 233 60.30 -44.30 47.22
CA PRO F 233 60.02 -44.40 48.65
C PRO F 233 60.80 -43.31 49.38
N ALA F 234 60.11 -42.65 50.33
CA ALA F 234 60.72 -41.64 51.17
C ALA F 234 60.98 -42.24 52.55
N TYR F 235 62.07 -41.79 53.19
CA TYR F 235 62.46 -42.26 54.49
C TYR F 235 62.76 -41.05 55.38
N PRO F 236 62.39 -41.10 56.69
CA PRO F 236 62.65 -39.98 57.59
C PRO F 236 64.13 -39.91 57.97
N ALA F 237 64.66 -38.69 58.06
CA ALA F 237 66.06 -38.49 58.44
C ALA F 237 66.33 -38.93 59.89
N SER F 238 65.29 -38.91 60.73
CA SER F 238 65.30 -39.38 62.11
C SER F 238 63.88 -39.79 62.49
N ASP F 239 63.68 -40.35 63.70
CA ASP F 239 62.36 -40.78 64.12
C ASP F 239 61.67 -39.71 65.00
N SER F 240 62.17 -38.47 64.93
CA SER F 240 61.46 -37.30 65.46
C SER F 240 60.09 -37.19 64.79
N PRO F 241 59.02 -36.78 65.53
CA PRO F 241 57.68 -36.65 64.94
C PRO F 241 57.67 -35.73 63.70
N GLU F 242 58.52 -34.71 63.72
CA GLU F 242 58.60 -33.73 62.64
C GLU F 242 59.19 -34.40 61.39
N ASP F 243 60.19 -35.27 61.59
CA ASP F 243 60.85 -35.92 60.47
C ASP F 243 59.94 -36.99 59.86
N ILE F 244 59.18 -37.70 60.71
CA ILE F 244 58.21 -38.69 60.27
C ILE F 244 57.13 -37.99 59.44
N ALA F 245 56.73 -36.79 59.88
CA ALA F 245 55.73 -35.99 59.19
C ALA F 245 56.26 -35.53 57.82
N ALA F 246 57.54 -35.17 57.77
CA ALA F 246 58.22 -34.75 56.53
C ALA F 246 58.24 -35.92 55.53
N GLN F 247 58.47 -37.13 56.04
CA GLN F 247 58.46 -38.33 55.22
C GLN F 247 57.08 -38.49 54.61
N GLN F 248 56.04 -38.24 55.41
CA GLN F 248 54.66 -38.44 55.01
C GLN F 248 54.30 -37.45 53.90
N ARG F 249 54.78 -36.20 54.02
CA ARG F 249 54.54 -35.16 53.02
C ARG F 249 55.20 -35.56 51.70
N GLN F 250 56.49 -35.93 51.76
CA GLN F 250 57.24 -36.37 50.59
C GLN F 250 56.52 -37.56 49.92
N ASP F 251 56.11 -38.53 50.74
CA ASP F 251 55.47 -39.75 50.25
C ASP F 251 54.15 -39.44 49.57
N ALA F 252 53.40 -38.48 50.14
CA ALA F 252 52.14 -38.07 49.54
C ALA F 252 52.40 -37.44 48.19
N PHE F 253 53.44 -36.57 48.14
CA PHE F 253 53.72 -35.78 46.95
C PHE F 253 54.15 -36.68 45.80
N SER F 254 55.01 -37.67 46.11
CA SER F 254 55.65 -38.48 45.09
C SER F 254 54.78 -39.67 44.71
N ASN F 255 54.16 -40.30 45.72
CA ASN F 255 53.69 -41.69 45.60
C ASN F 255 52.18 -41.80 45.82
N ARG F 256 51.68 -41.31 46.96
CA ARG F 256 50.29 -41.51 47.34
C ARG F 256 49.34 -40.68 46.48
N TRP F 257 49.85 -39.55 45.94
CA TRP F 257 49.00 -38.69 45.12
C TRP F 257 48.43 -39.48 43.92
N PHE F 258 49.15 -40.53 43.51
CA PHE F 258 48.79 -41.33 42.35
C PHE F 258 48.24 -42.69 42.78
N LEU F 259 48.86 -43.30 43.80
CA LEU F 259 48.42 -44.61 44.24
C LEU F 259 47.01 -44.55 44.83
N ASP F 260 46.74 -43.54 45.68
CA ASP F 260 45.48 -43.46 46.39
C ASP F 260 44.31 -43.36 45.41
N PRO F 261 44.32 -42.44 44.42
CA PRO F 261 43.23 -42.37 43.45
C PRO F 261 43.02 -43.65 42.64
N ILE F 262 44.11 -44.27 42.21
CA ILE F 262 44.06 -45.50 41.43
C ILE F 262 43.42 -46.62 42.26
N PHE F 263 43.81 -46.75 43.53
CA PHE F 263 43.44 -47.93 44.31
C PHE F 263 42.33 -47.64 45.33
N LYS F 264 42.23 -46.40 45.80
CA LYS F 264 41.29 -46.09 46.88
C LYS F 264 40.20 -45.12 46.39
N GLY F 265 40.35 -44.61 45.17
CA GLY F 265 39.40 -43.69 44.57
C GLY F 265 39.28 -42.36 45.33
N GLU F 266 40.38 -41.93 45.96
CA GLU F 266 40.45 -40.63 46.62
C GLU F 266 41.89 -40.12 46.62
N TYR F 267 42.06 -38.80 46.62
CA TYR F 267 43.37 -38.20 46.83
C TYR F 267 43.71 -38.25 48.32
N PRO F 268 45.01 -38.27 48.69
CA PRO F 268 45.39 -38.31 50.10
C PRO F 268 44.93 -37.06 50.86
N ALA F 269 44.04 -37.28 51.83
CA ALA F 269 43.36 -36.22 52.56
C ALA F 269 44.35 -35.42 53.41
N ASP F 270 45.46 -36.05 53.79
CA ASP F 270 46.45 -35.34 54.59
C ASP F 270 47.16 -34.27 53.76
N PHE F 271 47.24 -34.46 52.44
CA PHE F 271 48.09 -33.60 51.62
C PHE F 271 47.26 -32.61 50.81
N MET F 272 46.00 -32.96 50.53
CA MET F 272 45.16 -32.10 49.70
C MET F 272 45.08 -30.69 50.29
N PRO F 273 45.04 -30.48 51.63
CA PRO F 273 45.05 -29.12 52.18
C PRO F 273 46.29 -28.31 51.77
N ARG F 274 47.44 -28.99 51.66
CA ARG F 274 48.66 -28.33 51.24
C ARG F 274 48.53 -27.95 49.78
N VAL F 275 47.93 -28.84 48.99
CA VAL F 275 47.74 -28.56 47.57
C VAL F 275 46.86 -27.32 47.43
N GLU F 276 45.75 -27.27 48.17
CA GLU F 276 44.83 -26.14 48.05
C GLU F 276 45.50 -24.86 48.59
N ARG F 277 46.40 -25.00 49.54
CA ARG F 277 47.14 -23.85 50.06
C ARG F 277 47.98 -23.20 48.96
N PHE F 278 48.69 -24.00 48.16
CA PHE F 278 49.63 -23.46 47.19
C PHE F 278 48.98 -23.26 45.82
N CYS F 279 47.82 -23.86 45.56
CA CYS F 279 47.23 -23.78 44.22
C CYS F 279 45.95 -22.94 44.21
N GLY F 280 45.31 -22.85 45.37
CA GLY F 280 43.91 -22.47 45.44
C GLY F 280 43.03 -23.58 44.88
N ASP F 281 41.77 -23.25 44.54
CA ASP F 281 40.84 -24.27 44.05
C ASP F 281 41.31 -24.79 42.68
N LEU F 282 41.38 -26.11 42.55
CA LEU F 282 41.80 -26.73 41.29
C LEU F 282 40.67 -26.64 40.26
N ASN F 283 39.43 -26.63 40.73
CA ASN F 283 38.26 -26.61 39.86
CA ASN F 283 38.27 -26.59 39.85
C ASN F 283 38.41 -27.68 38.79
N VAL F 284 38.77 -28.91 39.21
CA VAL F 284 39.17 -29.93 38.23
C VAL F 284 38.37 -31.22 38.40
N ILE F 285 37.99 -31.53 39.64
CA ILE F 285 37.39 -32.82 39.94
C ILE F 285 35.89 -32.74 39.67
N GLN F 286 35.42 -33.56 38.72
CA GLN F 286 34.01 -33.53 38.36
C GLN F 286 33.36 -34.83 38.82
N PRO F 287 32.01 -34.87 39.02
CA PRO F 287 31.34 -36.10 39.44
C PRO F 287 31.64 -37.22 38.47
N GLY F 288 31.98 -38.41 39.02
CA GLY F 288 32.27 -39.56 38.17
C GLY F 288 33.78 -39.80 38.02
N ASP F 289 34.56 -38.73 38.14
CA ASP F 289 36.00 -38.76 37.85
C ASP F 289 36.70 -39.81 38.70
N MET F 290 36.49 -39.78 40.03
CA MET F 290 37.30 -40.60 40.92
C MET F 290 36.97 -42.08 40.69
N GLU F 291 35.70 -42.36 40.34
CA GLU F 291 35.27 -43.70 40.01
C GLU F 291 35.98 -44.19 38.75
N THR F 292 36.07 -43.32 37.72
CA THR F 292 36.70 -43.68 36.47
C THR F 292 38.19 -43.93 36.68
N ILE F 293 38.84 -43.12 37.53
CA ILE F 293 40.27 -43.28 37.79
C ILE F 293 40.55 -44.62 38.45
N SER F 294 39.62 -45.10 39.28
CA SER F 294 39.81 -46.30 40.09
C SER F 294 39.22 -47.57 39.44
N VAL F 295 38.94 -47.54 38.14
CA VAL F 295 38.51 -48.72 37.41
C VAL F 295 39.55 -49.83 37.59
N PRO F 296 39.10 -51.11 37.76
CA PRO F 296 40.05 -52.22 37.93
C PRO F 296 40.97 -52.41 36.72
N GLN F 297 42.27 -52.49 37.01
CA GLN F 297 43.30 -52.75 36.01
C GLN F 297 43.63 -54.24 36.02
N ASP F 298 44.44 -54.67 35.05
CA ASP F 298 44.93 -56.05 35.00
C ASP F 298 46.23 -56.19 35.80
N PHE F 299 47.01 -55.11 35.87
CA PHE F 299 48.27 -55.16 36.57
C PHE F 299 48.65 -53.74 36.99
N LEU F 300 49.63 -53.63 37.89
CA LEU F 300 50.28 -52.36 38.17
C LEU F 300 51.71 -52.42 37.67
N GLY F 301 52.12 -51.41 36.90
CA GLY F 301 53.50 -51.26 36.50
C GLY F 301 54.19 -50.28 37.44
N ILE F 302 55.41 -50.65 37.87
CA ILE F 302 56.17 -49.73 38.71
C ILE F 302 57.55 -49.50 38.09
N ASN F 303 57.99 -48.25 38.18
CA ASN F 303 59.34 -47.88 37.78
C ASN F 303 60.08 -47.50 39.05
N PHE F 304 61.19 -48.18 39.35
CA PHE F 304 61.91 -47.97 40.58
C PHE F 304 63.37 -47.73 40.27
N TYR F 305 63.96 -46.73 40.95
CA TYR F 305 65.36 -46.40 40.73
C TYR F 305 66.08 -46.13 42.04
N THR F 306 65.42 -45.42 42.97
CA THR F 306 66.10 -44.91 44.16
C THR F 306 65.08 -44.61 45.26
N ARG F 307 65.57 -44.09 46.38
CA ARG F 307 64.73 -43.64 47.48
C ARG F 307 65.13 -42.20 47.83
N SER F 308 64.35 -41.57 48.71
CA SER F 308 64.83 -40.31 49.27
C SER F 308 64.83 -40.38 50.80
N VAL F 309 65.78 -39.67 51.42
CA VAL F 309 65.77 -39.41 52.85
C VAL F 309 65.48 -37.93 53.06
N VAL F 310 64.46 -37.64 53.87
CA VAL F 310 64.03 -36.26 54.01
C VAL F 310 63.98 -35.88 55.48
N LYS F 311 64.30 -34.60 55.74
CA LYS F 311 64.10 -34.00 57.06
C LYS F 311 63.14 -32.82 56.94
N ASP F 312 62.46 -32.50 58.05
CA ASP F 312 61.52 -31.40 58.11
C ASP F 312 62.18 -30.08 57.68
N ASP F 313 61.45 -29.29 56.89
CA ASP F 313 61.79 -27.90 56.73
C ASP F 313 60.81 -27.07 57.58
N PRO F 314 61.20 -26.61 58.79
CA PRO F 314 60.29 -25.87 59.66
C PRO F 314 59.77 -24.54 59.07
N ALA F 315 60.42 -24.04 58.00
CA ALA F 315 59.93 -22.84 57.34
C ALA F 315 58.46 -22.94 56.89
N ASP F 316 58.01 -24.13 56.46
CA ASP F 316 56.64 -24.38 56.07
C ASP F 316 56.15 -23.39 55.01
N ASP F 317 57.03 -23.02 54.07
CA ASP F 317 56.70 -22.00 53.07
C ASP F 317 56.73 -22.56 51.65
N SER F 318 56.76 -23.89 51.52
CA SER F 318 56.77 -24.56 50.24
C SER F 318 55.79 -25.73 50.26
N LEU F 319 55.47 -26.26 49.05
CA LEU F 319 54.41 -27.24 48.94
C LEU F 319 54.71 -28.46 49.82
N ILE F 320 55.94 -28.97 49.76
CA ILE F 320 56.30 -30.21 50.46
C ILE F 320 56.98 -29.87 51.78
N SER F 321 57.66 -28.72 51.82
CA SER F 321 58.33 -28.24 53.02
C SER F 321 59.25 -29.31 53.61
N VAL F 322 60.20 -29.84 52.82
CA VAL F 322 61.18 -30.80 53.31
C VAL F 322 62.57 -30.44 52.79
N HIS F 323 63.61 -31.01 53.42
CA HIS F 323 64.97 -30.94 52.92
C HIS F 323 65.48 -32.34 52.66
N GLY F 324 65.99 -32.60 51.44
CA GLY F 324 66.63 -33.86 51.14
C GLY F 324 67.95 -33.99 51.89
N VAL F 325 68.24 -35.19 52.41
CA VAL F 325 69.48 -35.42 53.12
C VAL F 325 70.47 -36.17 52.22
N ASP F 328 75.52 -40.56 51.70
CA ASP F 328 76.94 -40.98 51.87
C ASP F 328 77.17 -42.39 51.32
N ASN F 329 76.07 -43.09 51.01
CA ASN F 329 76.11 -44.43 50.45
C ASN F 329 76.52 -44.40 48.97
N PRO F 330 76.80 -45.55 48.34
CA PRO F 330 77.13 -45.60 46.90
C PRO F 330 76.01 -45.03 46.04
N VAL F 331 76.40 -44.35 44.95
CA VAL F 331 75.47 -43.71 44.02
C VAL F 331 75.82 -44.11 42.59
N THR F 332 74.82 -43.96 41.70
CA THR F 332 74.99 -44.16 40.27
C THR F 332 75.54 -42.87 39.65
N ASP F 333 75.67 -42.88 38.31
CA ASP F 333 76.27 -41.78 37.57
C ASP F 333 75.31 -40.58 37.54
N MET F 334 74.07 -40.79 38.02
CA MET F 334 73.13 -39.69 38.17
C MET F 334 73.28 -39.06 39.56
N GLY F 335 74.04 -39.73 40.42
CA GLY F 335 74.17 -39.33 41.81
C GLY F 335 73.00 -39.79 42.67
N TRP F 336 72.23 -40.79 42.18
CA TRP F 336 71.15 -41.35 42.98
C TRP F 336 71.67 -42.50 43.81
N GLU F 337 71.20 -42.57 45.07
CA GLU F 337 71.58 -43.64 45.99
C GLU F 337 71.17 -44.99 45.42
N ILE F 338 72.08 -45.96 45.56
CA ILE F 338 71.76 -47.36 45.32
C ILE F 338 71.26 -47.95 46.63
N TYR F 339 69.96 -48.27 46.69
CA TYR F 339 69.35 -48.78 47.90
C TYR F 339 68.28 -49.81 47.56
N PRO F 340 68.68 -51.06 47.19
CA PRO F 340 67.75 -52.10 46.77
C PRO F 340 66.70 -52.50 47.81
N ASP F 341 67.00 -52.26 49.10
CA ASP F 341 66.04 -52.57 50.17
C ASP F 341 64.77 -51.75 50.00
N ALA F 342 64.89 -50.56 49.41
CA ALA F 342 63.73 -49.73 49.13
C ALA F 342 62.80 -50.44 48.15
N LEU F 343 63.36 -51.20 47.21
CA LEU F 343 62.54 -51.88 46.22
C LEU F 343 61.78 -53.02 46.90
N TYR F 344 62.49 -53.76 47.75
CA TYR F 344 61.89 -54.84 48.53
C TYR F 344 60.75 -54.31 49.39
N ASP F 345 61.01 -53.24 50.13
CA ASP F 345 60.01 -52.61 50.99
C ASP F 345 58.82 -52.12 50.15
N LEU F 346 59.10 -51.52 48.99
CA LEU F 346 58.04 -50.95 48.15
C LEU F 346 57.08 -52.05 47.68
N LEU F 347 57.64 -53.16 47.19
CA LEU F 347 56.82 -54.25 46.68
C LEU F 347 55.91 -54.77 47.79
N HIS F 348 56.48 -54.92 49.00
CA HIS F 348 55.72 -55.37 50.15
C HIS F 348 54.62 -54.36 50.48
N ARG F 349 54.94 -53.06 50.36
CA ARG F 349 53.97 -52.03 50.68
C ARG F 349 52.79 -52.13 49.71
N LEU F 350 53.07 -52.36 48.43
CA LEU F 350 52.03 -52.45 47.44
C LEU F 350 51.12 -53.65 47.75
N LYS F 351 51.76 -54.80 48.03
CA LYS F 351 51.07 -56.02 48.40
C LYS F 351 50.17 -55.79 49.63
N ASN F 352 50.73 -55.14 50.65
CA ASN F 352 50.13 -55.07 51.98
C ASN F 352 49.08 -53.98 52.06
N GLU F 353 49.23 -52.86 51.31
CA GLU F 353 48.26 -51.83 51.50
C GLU F 353 47.49 -51.42 50.26
N TYR F 354 47.86 -51.89 49.06
CA TYR F 354 47.21 -51.38 47.86
C TYR F 354 46.52 -52.45 47.03
N THR F 355 47.24 -53.53 46.66
CA THR F 355 46.73 -54.39 45.61
C THR F 355 47.29 -55.80 45.71
N ASP F 356 46.46 -56.77 45.30
CA ASP F 356 46.91 -58.14 45.14
C ASP F 356 47.08 -58.44 43.65
N LEU F 357 46.93 -57.41 42.80
CA LEU F 357 47.09 -57.57 41.36
C LEU F 357 48.54 -57.95 41.04
N PRO F 358 48.79 -58.57 39.87
CA PRO F 358 50.15 -58.72 39.35
C PRO F 358 50.88 -57.38 39.29
N ILE F 359 52.11 -57.36 39.79
CA ILE F 359 53.00 -56.21 39.68
C ILE F 359 54.05 -56.55 38.64
N TYR F 360 54.34 -55.58 37.75
CA TYR F 360 55.43 -55.69 36.80
C TYR F 360 56.38 -54.53 37.07
N ILE F 361 57.67 -54.81 37.21
CA ILE F 361 58.65 -53.73 37.22
C ILE F 361 58.87 -53.36 35.76
N THR F 362 58.20 -52.27 35.34
CA THR F 362 58.23 -51.81 33.96
C THR F 362 59.51 -51.03 33.66
N GLU F 363 60.24 -50.62 34.71
CA GLU F 363 61.57 -50.05 34.53
C GLU F 363 62.38 -50.20 35.81
N ASN F 364 63.69 -50.46 35.64
CA ASN F 364 64.71 -50.44 36.66
C ASN F 364 66.06 -50.44 35.97
N GLY F 365 67.02 -49.64 36.45
CA GLY F 365 68.28 -49.53 35.74
C GLY F 365 69.18 -48.46 36.37
N ALA F 366 70.34 -48.23 35.77
CA ALA F 366 71.26 -47.22 36.31
C ALA F 366 72.06 -46.56 35.20
N ALA F 367 72.35 -45.27 35.40
CA ALA F 367 73.33 -44.57 34.59
C ALA F 367 74.72 -44.98 35.03
N ASN F 368 75.63 -45.08 34.07
CA ASN F 368 77.03 -45.44 34.28
C ASN F 368 77.88 -44.62 33.31
N ALA F 369 79.05 -44.18 33.76
CA ALA F 369 79.96 -43.44 32.92
C ALA F 369 80.68 -44.40 31.95
N ASP F 370 79.99 -44.80 30.87
CA ASP F 370 80.41 -45.89 30.01
C ASP F 370 81.36 -45.38 28.92
N ALA F 371 82.39 -46.20 28.63
CA ALA F 371 83.34 -45.89 27.57
C ALA F 371 83.68 -47.18 26.83
N ILE F 372 83.86 -47.07 25.51
CA ILE F 372 84.48 -48.14 24.73
C ILE F 372 85.99 -47.97 24.87
N GLY F 375 87.73 -52.22 22.59
CA GLY F 375 86.45 -52.14 21.86
C GLY F 375 85.30 -52.78 22.65
N GLU F 376 85.34 -52.61 23.97
CA GLU F 376 84.36 -53.24 24.86
C GLU F 376 83.78 -52.22 25.84
N VAL F 377 82.62 -52.55 26.44
CA VAL F 377 82.07 -51.72 27.51
C VAL F 377 81.90 -52.57 28.77
N GLU F 378 82.81 -52.37 29.73
CA GLU F 378 82.83 -53.18 30.93
C GLU F 378 82.11 -52.45 32.05
N ASP F 379 80.76 -52.47 31.98
CA ASP F 379 79.91 -51.69 32.88
C ASP F 379 79.56 -52.56 34.09
N THR F 380 80.58 -52.93 34.88
CA THR F 380 80.40 -53.82 36.01
C THR F 380 79.41 -53.21 37.01
N PRO F 381 79.51 -51.88 37.33
CA PRO F 381 78.58 -51.24 38.27
C PRO F 381 77.11 -51.41 37.88
N ARG F 382 76.82 -51.38 36.58
CA ARG F 382 75.47 -51.62 36.10
C ARG F 382 75.02 -53.05 36.40
N ILE F 383 75.89 -54.03 36.15
CA ILE F 383 75.61 -55.42 36.47
C ILE F 383 75.31 -55.54 37.97
N ASP F 384 76.18 -54.94 38.80
CA ASP F 384 76.04 -55.01 40.25
C ASP F 384 74.71 -54.42 40.68
N TYR F 385 74.27 -53.33 40.03
CA TYR F 385 73.04 -52.63 40.39
C TYR F 385 71.85 -53.53 40.10
N VAL F 386 71.82 -54.13 38.90
CA VAL F 386 70.69 -54.93 38.47
C VAL F 386 70.63 -56.21 39.32
N ARG F 387 71.78 -56.81 39.59
CA ARG F 387 71.83 -58.01 40.42
C ARG F 387 71.21 -57.75 41.80
N GLN F 388 71.59 -56.63 42.44
CA GLN F 388 71.06 -56.25 43.75
C GLN F 388 69.53 -56.08 43.71
N HIS F 389 69.00 -55.45 42.66
CA HIS F 389 67.57 -55.19 42.56
C HIS F 389 66.81 -56.48 42.26
N LEU F 390 67.39 -57.37 41.43
CA LEU F 390 66.72 -58.63 41.15
C LEU F 390 66.73 -59.53 42.39
N ASP F 391 67.75 -59.39 43.24
CA ASP F 391 67.78 -60.15 44.50
C ASP F 391 66.65 -59.67 45.40
N ALA F 392 66.45 -58.34 45.45
CA ALA F 392 65.38 -57.76 46.25
C ALA F 392 64.01 -58.26 45.75
N ALA F 393 63.84 -58.25 44.43
CA ALA F 393 62.63 -58.76 43.77
C ALA F 393 62.45 -60.25 44.08
N HIS F 394 63.54 -61.01 44.04
CA HIS F 394 63.45 -62.45 44.26
C HIS F 394 62.95 -62.71 45.69
N ARG F 395 63.43 -61.92 46.65
CA ARG F 395 63.03 -62.07 48.04
C ARG F 395 61.53 -61.81 48.22
N PHE F 396 61.01 -60.78 47.52
CA PHE F 396 59.60 -60.47 47.56
C PHE F 396 58.78 -61.65 47.06
N ILE F 397 59.21 -62.25 45.94
CA ILE F 397 58.52 -63.37 45.33
C ILE F 397 58.50 -64.55 46.31
N GLN F 398 59.62 -64.76 47.01
CA GLN F 398 59.77 -65.88 47.93
C GLN F 398 58.80 -65.74 49.09
N GLU F 399 58.46 -64.49 49.43
CA GLU F 399 57.57 -64.20 50.54
C GLU F 399 56.15 -63.98 50.05
N GLY F 400 55.81 -64.53 48.88
CA GLY F 400 54.44 -64.51 48.40
C GLY F 400 54.09 -63.31 47.49
N GLY F 401 55.08 -62.51 47.13
CA GLY F 401 54.82 -61.35 46.28
C GLY F 401 54.40 -61.70 44.86
N ASN F 402 53.37 -61.00 44.35
CA ASN F 402 52.82 -61.28 43.03
C ASN F 402 53.53 -60.44 41.95
N LEU F 403 54.86 -60.59 41.87
CA LEU F 403 55.65 -59.91 40.83
C LEU F 403 55.81 -60.86 39.63
N LYS F 404 55.41 -60.38 38.44
CA LYS F 404 55.25 -61.26 37.29
C LYS F 404 56.27 -60.96 36.18
N GLY F 405 57.00 -59.84 36.29
CA GLY F 405 57.87 -59.44 35.20
C GLY F 405 58.84 -58.32 35.60
N TYR F 406 59.93 -58.21 34.84
CA TYR F 406 60.95 -57.20 35.08
C TYR F 406 61.46 -56.68 33.73
N TYR F 407 61.44 -55.36 33.58
CA TYR F 407 61.97 -54.74 32.37
C TYR F 407 63.14 -53.84 32.76
N LEU F 408 64.31 -54.12 32.18
CA LEU F 408 65.50 -53.32 32.39
C LEU F 408 65.41 -52.03 31.55
N TRP F 409 65.55 -50.88 32.22
CA TRP F 409 65.77 -49.63 31.52
C TRP F 409 67.30 -49.40 31.40
N SER F 410 67.83 -49.36 30.17
CA SER F 410 67.11 -49.41 28.91
C SER F 410 67.83 -50.41 27.99
N LEU F 411 67.13 -50.81 26.92
CA LEU F 411 67.73 -51.67 25.89
C LEU F 411 68.98 -51.02 25.33
N MET F 412 68.94 -49.71 25.08
CA MET F 412 70.07 -49.00 24.50
C MET F 412 70.20 -47.61 25.13
N ASP F 413 71.42 -47.07 25.11
CA ASP F 413 71.66 -45.67 25.44
C ASP F 413 70.73 -44.81 24.62
N ASN F 414 70.29 -43.68 25.16
CA ASN F 414 69.24 -42.91 24.50
C ASN F 414 69.21 -41.47 25.01
N PHE F 415 68.27 -40.68 24.47
CA PHE F 415 68.09 -39.29 24.88
C PHE F 415 67.52 -39.23 26.29
N GLU F 416 68.38 -38.83 27.24
CA GLU F 416 68.04 -38.82 28.67
C GLU F 416 67.36 -37.51 29.04
N TRP F 417 66.26 -37.18 28.34
CA TRP F 417 65.42 -36.04 28.61
C TRP F 417 66.26 -34.78 28.82
N ALA F 418 66.19 -34.16 30.02
CA ALA F 418 66.84 -32.87 30.21
C ALA F 418 68.37 -32.99 30.16
N PHE F 419 68.90 -34.21 30.32
CA PHE F 419 70.35 -34.43 30.29
C PHE F 419 70.84 -34.72 28.87
N GLY F 420 69.94 -34.83 27.91
CA GLY F 420 70.35 -35.13 26.54
C GLY F 420 71.12 -36.44 26.46
N TYR F 421 72.14 -36.48 25.60
CA TYR F 421 72.89 -37.69 25.35
C TYR F 421 74.07 -37.81 26.30
N THR F 422 74.04 -37.01 27.38
CA THR F 422 75.19 -36.92 28.26
CA THR F 422 75.19 -36.89 28.27
C THR F 422 75.16 -38.01 29.32
N LYS F 423 74.04 -38.77 29.40
CA LYS F 423 73.94 -39.84 30.38
C LYS F 423 73.53 -41.14 29.69
N ARG F 424 73.99 -42.29 30.19
CA ARG F 424 73.83 -43.55 29.49
C ARG F 424 73.22 -44.58 30.44
N PHE F 425 72.06 -45.14 30.07
CA PHE F 425 71.36 -46.14 30.86
C PHE F 425 71.28 -47.48 30.12
N GLY F 426 71.82 -47.56 28.91
CA GLY F 426 71.65 -48.76 28.09
C GLY F 426 72.44 -49.98 28.56
N ILE F 427 71.96 -51.16 28.15
CA ILE F 427 72.77 -52.38 28.17
C ILE F 427 73.43 -52.56 26.81
N ILE F 428 73.06 -51.68 25.85
CA ILE F 428 73.74 -51.58 24.56
C ILE F 428 74.26 -50.14 24.41
N TYR F 429 75.55 -50.00 24.12
CA TYR F 429 76.16 -48.70 23.92
C TYR F 429 75.80 -48.21 22.50
N VAL F 430 75.52 -46.92 22.37
CA VAL F 430 75.25 -46.34 21.06
C VAL F 430 76.21 -45.17 20.82
N ASP F 431 77.03 -45.29 19.77
CA ASP F 431 77.80 -44.14 19.29
C ASP F 431 76.87 -43.30 18.43
N TYR F 432 76.61 -42.06 18.86
CA TYR F 432 75.65 -41.22 18.16
C TYR F 432 76.19 -40.68 16.83
N GLU F 433 77.52 -40.67 16.69
CA GLU F 433 78.16 -40.23 15.46
C GLU F 433 77.98 -41.29 14.35
N THR F 434 78.02 -42.58 14.72
CA THR F 434 78.06 -43.64 13.72
C THR F 434 76.78 -44.47 13.76
N GLN F 435 76.05 -44.37 14.89
CA GLN F 435 74.87 -45.17 15.17
C GLN F 435 75.23 -46.64 15.42
N VAL F 436 76.53 -46.95 15.59
CA VAL F 436 76.93 -48.34 15.84
C VAL F 436 76.49 -48.72 17.26
N ARG F 437 75.87 -49.91 17.36
CA ARG F 437 75.47 -50.53 18.62
C ARG F 437 76.57 -51.48 19.11
N THR F 438 76.96 -51.32 20.39
CA THR F 438 77.93 -52.22 21.00
C THR F 438 77.30 -52.78 22.28
N PRO F 439 76.83 -54.04 22.29
CA PRO F 439 76.35 -54.65 23.54
C PRO F 439 77.39 -54.51 24.65
N LYS F 440 76.94 -54.10 25.84
CA LYS F 440 77.84 -53.95 26.97
C LYS F 440 77.95 -55.28 27.71
N ALA F 441 78.88 -55.36 28.66
CA ALA F 441 78.99 -56.53 29.54
C ALA F 441 77.62 -56.87 30.15
N SER F 442 76.86 -55.82 30.49
CA SER F 442 75.54 -55.99 31.12
C SER F 442 74.57 -56.74 30.19
N PHE F 443 74.68 -56.52 28.87
CA PHE F 443 73.89 -57.25 27.90
C PHE F 443 74.17 -58.76 28.01
N HIS F 444 75.46 -59.13 28.02
CA HIS F 444 75.88 -60.54 28.06
C HIS F 444 75.47 -61.18 29.39
N TRP F 445 75.54 -60.41 30.48
CA TRP F 445 75.15 -60.86 31.80
C TRP F 445 73.64 -61.09 31.87
N TYR F 446 72.87 -60.13 31.37
CA TYR F 446 71.40 -60.20 31.43
C TYR F 446 70.91 -61.33 30.53
N ARG F 447 71.61 -61.55 29.41
CA ARG F 447 71.31 -62.67 28.53
CA ARG F 447 71.31 -62.67 28.53
C ARG F 447 71.37 -63.97 29.33
N GLN F 448 72.39 -64.08 30.20
CA GLN F 448 72.58 -65.27 31.03
C GLN F 448 71.46 -65.38 32.07
N VAL F 449 71.12 -64.25 32.71
CA VAL F 449 70.02 -64.18 33.67
C VAL F 449 68.76 -64.76 33.03
N ILE F 450 68.46 -64.33 31.81
CA ILE F 450 67.27 -64.76 31.10
C ILE F 450 67.35 -66.25 30.79
N GLU F 451 68.50 -66.71 30.28
CA GLU F 451 68.67 -68.11 29.94
C GLU F 451 68.50 -69.02 31.17
N ASN F 452 68.97 -68.56 32.34
CA ASN F 452 68.93 -69.33 33.58
C ASN F 452 67.61 -69.11 34.32
N ASN F 453 66.83 -68.11 33.88
CA ASN F 453 65.64 -67.65 34.58
C ASN F 453 65.97 -67.24 36.03
N GLY F 454 67.12 -66.57 36.20
CA GLY F 454 67.44 -66.04 37.52
C GLY F 454 68.91 -65.68 37.68
N LEU F 455 69.30 -65.41 38.93
CA LEU F 455 70.66 -65.05 39.29
C LEU F 455 71.49 -66.30 39.59
N THR F 456 72.74 -66.30 39.15
CA THR F 456 73.66 -67.40 39.39
C THR F 456 75.00 -66.74 39.80
N GLY G 11 -59.22 -3.40 29.21
CA GLY G 11 -57.79 -3.11 29.09
C GLY G 11 -57.55 -1.79 28.36
N LYS G 12 -56.56 -1.01 28.85
CA LYS G 12 -56.02 0.12 28.12
C LYS G 12 -54.98 -0.37 27.10
N ARG G 13 -55.05 0.20 25.88
CA ARG G 13 -54.01 -0.05 24.90
C ARG G 13 -53.08 1.15 24.85
N GLN G 14 -51.95 1.05 25.55
CA GLN G 14 -50.99 2.15 25.67
C GLN G 14 -49.91 2.03 24.60
N PHE G 15 -49.66 3.15 23.92
CA PHE G 15 -48.68 3.26 22.86
C PHE G 15 -47.31 3.52 23.47
N PRO G 16 -46.20 3.32 22.72
CA PRO G 16 -44.86 3.67 23.20
C PRO G 16 -44.72 5.11 23.69
N ASP G 17 -43.80 5.33 24.65
CA ASP G 17 -43.68 6.60 25.34
C ASP G 17 -43.45 7.75 24.37
N ASP G 18 -42.79 7.46 23.25
CA ASP G 18 -42.33 8.52 22.38
C ASP G 18 -43.19 8.62 21.13
N PHE G 19 -44.34 7.91 21.13
CA PHE G 19 -45.18 7.80 19.93
C PHE G 19 -45.67 9.19 19.51
N ILE G 20 -45.69 9.42 18.18
CA ILE G 20 -46.02 10.73 17.66
C ILE G 20 -47.48 10.75 17.21
N TRP G 21 -48.28 11.58 17.88
CA TRP G 21 -49.69 11.73 17.55
C TRP G 21 -49.86 12.99 16.70
N GLY G 22 -50.53 12.86 15.57
CA GLY G 22 -50.65 14.00 14.68
C GLY G 22 -52.02 14.13 14.03
N ALA G 23 -52.14 15.18 13.21
CA ALA G 23 -53.28 15.40 12.33
C ALA G 23 -52.71 16.00 11.04
N ALA G 24 -53.44 15.80 9.94
CA ALA G 24 -52.90 16.13 8.64
C ALA G 24 -53.87 16.97 7.82
N THR G 25 -53.32 17.85 6.98
CA THR G 25 -54.03 18.61 5.95
C THR G 25 -53.18 18.68 4.69
N ALA G 26 -53.70 19.38 3.67
CA ALA G 26 -52.96 19.73 2.47
C ALA G 26 -53.34 21.13 1.98
N SER G 27 -52.38 21.81 1.36
CA SER G 27 -52.43 23.21 1.02
C SER G 27 -53.69 23.62 0.27
N TYR G 28 -53.96 23.00 -0.88
CA TYR G 28 -55.06 23.48 -1.71
C TYR G 28 -56.38 23.19 -1.02
N GLN G 29 -56.36 22.23 -0.09
CA GLN G 29 -57.59 21.74 0.51
C GLN G 29 -58.11 22.68 1.60
N ILE G 30 -57.23 23.47 2.23
CA ILE G 30 -57.63 24.31 3.35
C ILE G 30 -57.26 25.79 3.17
N GLU G 31 -56.20 26.09 2.40
CA GLU G 31 -55.56 27.40 2.52
C GLU G 31 -56.47 28.53 2.02
N GLY G 32 -57.11 28.33 0.87
CA GLY G 32 -57.72 29.46 0.15
C GLY G 32 -56.65 30.50 -0.18
N ALA G 33 -57.01 31.79 -0.11
CA ALA G 33 -56.13 32.87 -0.58
C ALA G 33 -55.43 32.47 -1.88
N ALA G 34 -56.23 31.93 -2.81
CA ALA G 34 -55.71 31.37 -4.06
C ALA G 34 -55.14 32.47 -4.97
N ASN G 35 -55.65 33.70 -4.85
CA ASN G 35 -55.28 34.75 -5.80
C ASN G 35 -54.64 35.92 -5.05
N GLU G 36 -53.98 35.63 -3.91
CA GLU G 36 -53.33 36.66 -3.12
C GLU G 36 -51.84 36.40 -3.07
N GLY G 37 -51.07 37.47 -2.84
CA GLY G 37 -49.64 37.42 -2.57
C GLY G 37 -48.82 36.88 -3.75
N GLY G 38 -49.41 36.95 -4.96
CA GLY G 38 -48.71 36.59 -6.18
C GLY G 38 -48.81 35.11 -6.55
N ARG G 39 -49.66 34.34 -5.84
CA ARG G 39 -49.80 32.93 -6.12
C ARG G 39 -50.28 32.72 -7.55
N GLY G 40 -49.62 31.82 -8.29
CA GLY G 40 -50.09 31.44 -9.61
C GLY G 40 -51.07 30.27 -9.53
N PRO G 41 -51.87 30.02 -10.59
CA PRO G 41 -52.79 28.88 -10.57
C PRO G 41 -52.05 27.54 -10.57
N SER G 42 -52.60 26.58 -9.81
CA SER G 42 -52.19 25.18 -9.89
C SER G 42 -53.12 24.45 -10.84
N ILE G 43 -52.77 23.19 -11.14
CA ILE G 43 -53.58 22.33 -12.00
C ILE G 43 -54.96 22.15 -11.38
N TRP G 44 -55.04 22.28 -10.05
CA TRP G 44 -56.29 22.13 -9.33
C TRP G 44 -57.20 23.36 -9.43
N ASP G 45 -56.60 24.56 -9.54
CA ASP G 45 -57.35 25.78 -9.86
C ASP G 45 -58.01 25.59 -11.22
N THR G 46 -57.20 25.24 -12.22
CA THR G 46 -57.70 25.04 -13.58
C THR G 46 -58.81 24.00 -13.61
N PHE G 47 -58.57 22.86 -12.95
CA PHE G 47 -59.44 21.69 -12.99
C PHE G 47 -60.77 21.99 -12.31
N SER G 48 -60.73 22.55 -11.11
CA SER G 48 -61.95 22.82 -10.36
C SER G 48 -62.80 23.88 -11.07
N LYS G 49 -62.14 24.81 -11.79
CA LYS G 49 -62.81 25.88 -12.50
CA LYS G 49 -62.81 25.88 -12.50
C LYS G 49 -63.32 25.41 -13.88
N THR G 50 -63.06 24.14 -14.23
CA THR G 50 -63.61 23.54 -15.43
C THR G 50 -64.97 22.92 -15.14
N PRO G 51 -66.05 23.36 -15.83
CA PRO G 51 -67.39 22.80 -15.58
C PRO G 51 -67.38 21.29 -15.70
N GLY G 52 -67.78 20.62 -14.62
CA GLY G 52 -68.05 19.19 -14.64
C GLY G 52 -66.99 18.37 -13.91
N LYS G 53 -65.88 19.01 -13.54
CA LYS G 53 -64.76 18.26 -12.97
C LYS G 53 -64.92 18.06 -11.46
N VAL G 54 -65.55 19.03 -10.77
CA VAL G 54 -65.73 18.95 -9.32
C VAL G 54 -67.22 19.13 -9.00
N LEU G 55 -67.76 18.32 -8.08
CA LEU G 55 -69.17 18.41 -7.69
C LEU G 55 -69.54 19.85 -7.35
N LEU G 56 -70.70 20.28 -7.86
CA LEU G 56 -71.29 21.59 -7.58
C LEU G 56 -70.38 22.74 -8.05
N GLY G 57 -69.34 22.43 -8.82
CA GLY G 57 -68.43 23.46 -9.30
C GLY G 57 -67.55 24.06 -8.21
N HIS G 58 -67.42 23.35 -7.06
CA HIS G 58 -66.63 23.85 -5.95
C HIS G 58 -65.17 24.03 -6.34
N THR G 59 -64.49 25.00 -5.72
CA THR G 59 -63.08 25.24 -5.94
C THR G 59 -62.38 25.49 -4.61
N GLY G 60 -61.05 25.57 -4.65
CA GLY G 60 -60.26 25.88 -3.46
C GLY G 60 -59.92 27.36 -3.35
N ASP G 61 -60.72 28.21 -4.01
CA ASP G 61 -60.52 29.65 -3.96
C ASP G 61 -60.47 30.16 -2.51
N VAL G 62 -61.40 29.67 -1.67
CA VAL G 62 -61.49 30.15 -0.29
C VAL G 62 -61.20 28.98 0.67
N ALA G 63 -61.80 27.82 0.41
CA ALA G 63 -61.66 26.65 1.27
C ALA G 63 -61.92 27.04 2.73
N CYS G 64 -60.96 26.74 3.62
CA CYS G 64 -61.11 27.01 5.05
C CYS G 64 -60.47 28.34 5.43
N ASP G 65 -60.02 29.09 4.41
CA ASP G 65 -59.42 30.40 4.60
C ASP G 65 -58.28 30.33 5.61
N HIS G 66 -57.59 29.18 5.63
CA HIS G 66 -56.58 28.88 6.64
C HIS G 66 -55.35 29.77 6.48
N PHE G 67 -55.09 30.20 5.25
CA PHE G 67 -53.97 31.11 4.99
C PHE G 67 -54.05 32.31 5.93
N HIS G 68 -55.29 32.74 6.22
CA HIS G 68 -55.56 33.92 7.03
C HIS G 68 -55.80 33.54 8.50
N ARG G 69 -56.38 32.36 8.74
CA ARG G 69 -56.91 32.00 10.04
C ARG G 69 -55.97 31.05 10.79
N TYR G 70 -54.71 30.94 10.38
CA TYR G 70 -53.79 29.92 10.87
C TYR G 70 -53.56 30.05 12.38
N GLU G 71 -53.50 31.29 12.90
CA GLU G 71 -53.25 31.50 14.31
C GLU G 71 -54.30 30.79 15.17
N SER G 72 -55.57 31.02 14.86
CA SER G 72 -56.69 30.40 15.56
C SER G 72 -56.67 28.88 15.39
N ASP G 73 -56.32 28.42 14.17
CA ASP G 73 -56.28 27.00 13.88
C ASP G 73 -55.22 26.32 14.74
N VAL G 74 -54.04 26.95 14.88
CA VAL G 74 -52.96 26.36 15.65
C VAL G 74 -53.35 26.27 17.12
N LYS G 75 -54.10 27.27 17.61
CA LYS G 75 -54.57 27.22 18.98
C LYS G 75 -55.49 26.01 19.20
N LEU G 76 -56.30 25.69 18.21
CA LEU G 76 -57.11 24.47 18.29
C LEU G 76 -56.23 23.22 18.29
N MET G 77 -55.07 23.28 17.61
CA MET G 77 -54.13 22.16 17.58
C MET G 77 -53.51 21.97 18.96
N ALA G 78 -53.21 23.09 19.63
CA ALA G 78 -52.64 23.09 20.97
C ALA G 78 -53.65 22.52 21.96
N ASP G 79 -54.92 22.89 21.79
CA ASP G 79 -55.99 22.36 22.62
C ASP G 79 -56.08 20.84 22.42
N LEU G 80 -55.97 20.40 21.16
CA LEU G 80 -56.03 18.98 20.82
C LEU G 80 -54.87 18.23 21.47
N GLY G 81 -53.68 18.85 21.45
CA GLY G 81 -52.49 18.25 22.04
C GLY G 81 -51.67 17.42 21.05
N ILE G 82 -51.87 17.58 19.74
CA ILE G 82 -51.02 16.88 18.78
C ILE G 82 -49.57 17.32 18.96
N LYS G 83 -48.64 16.37 18.80
CA LYS G 83 -47.22 16.66 18.90
C LYS G 83 -46.66 17.08 17.55
N SER G 84 -47.38 16.73 16.47
CA SER G 84 -46.96 17.02 15.10
C SER G 84 -48.15 17.42 14.24
N TYR G 85 -47.94 18.42 13.39
CA TYR G 85 -48.96 18.82 12.42
C TYR G 85 -48.39 18.64 11.01
N ARG G 86 -49.06 17.78 10.24
CA ARG G 86 -48.64 17.57 8.86
C ARG G 86 -49.46 18.47 7.95
N PHE G 87 -48.76 19.24 7.13
CA PHE G 87 -49.34 20.15 6.15
C PHE G 87 -48.48 20.09 4.88
N SER G 88 -48.95 20.71 3.78
CA SER G 88 -48.20 20.71 2.54
C SER G 88 -47.80 22.12 2.11
N LEU G 89 -46.79 22.21 1.23
CA LEU G 89 -46.30 23.49 0.75
C LEU G 89 -46.89 23.78 -0.62
N ALA G 90 -47.40 25.00 -0.80
CA ALA G 90 -48.00 25.41 -2.07
C ALA G 90 -46.91 25.88 -3.03
N TRP G 91 -46.43 24.94 -3.87
CA TRP G 91 -45.56 25.21 -5.01
C TRP G 91 -45.97 26.47 -5.78
N PRO G 92 -47.27 26.67 -6.14
CA PRO G 92 -47.69 27.85 -6.90
C PRO G 92 -47.54 29.20 -6.20
N ARG G 93 -47.32 29.21 -4.87
CA ARG G 93 -47.04 30.47 -4.18
C ARG G 93 -45.59 30.88 -4.37
N VAL G 94 -44.74 29.91 -4.76
CA VAL G 94 -43.30 30.10 -4.82
C VAL G 94 -42.80 30.17 -6.26
N MET G 95 -43.36 29.32 -7.14
CA MET G 95 -43.03 29.34 -8.55
C MET G 95 -44.31 29.60 -9.34
N PRO G 96 -44.87 30.83 -9.30
CA PRO G 96 -46.21 31.08 -9.86
C PRO G 96 -46.29 31.06 -11.38
N GLU G 97 -45.19 31.44 -12.04
CA GLU G 97 -45.10 31.43 -13.49
C GLU G 97 -43.71 30.94 -13.88
N LYS G 98 -43.57 30.45 -15.13
CA LYS G 98 -42.29 30.03 -15.68
C LYS G 98 -41.26 31.12 -15.43
N GLY G 99 -40.13 30.74 -14.84
CA GLY G 99 -38.98 31.63 -14.66
C GLY G 99 -39.16 32.68 -13.56
N ARG G 100 -40.25 32.54 -12.77
CA ARG G 100 -40.48 33.48 -11.67
C ARG G 100 -40.37 32.72 -10.35
N TYR G 101 -39.51 33.21 -9.44
CA TYR G 101 -39.41 32.73 -8.07
C TYR G 101 -39.78 33.86 -7.10
N LEU G 102 -40.70 33.55 -6.18
CA LEU G 102 -41.08 34.46 -5.10
C LEU G 102 -40.57 33.88 -3.79
N GLU G 103 -39.50 34.50 -3.25
CA GLU G 103 -39.01 34.13 -1.92
C GLU G 103 -40.10 34.32 -0.90
N SER G 104 -40.92 35.37 -1.08
CA SER G 104 -42.03 35.70 -0.19
C SER G 104 -43.07 34.58 -0.13
N GLY G 105 -43.03 33.63 -1.08
CA GLY G 105 -44.06 32.61 -1.15
C GLY G 105 -44.01 31.63 0.03
N PHE G 106 -42.87 31.63 0.75
CA PHE G 106 -42.69 30.80 1.94
C PHE G 106 -43.04 31.56 3.22
N ASP G 107 -43.46 32.83 3.10
CA ASP G 107 -43.79 33.67 4.24
C ASP G 107 -44.87 33.04 5.12
N PHE G 108 -45.95 32.55 4.50
CA PHE G 108 -47.02 31.95 5.27
C PHE G 108 -46.50 30.80 6.13
N TYR G 109 -45.66 29.95 5.53
CA TYR G 109 -45.15 28.76 6.20
C TYR G 109 -44.28 29.15 7.38
N LYS G 110 -43.54 30.26 7.22
CA LYS G 110 -42.72 30.77 8.31
C LYS G 110 -43.60 31.22 9.47
N ARG G 111 -44.72 31.90 9.16
CA ARG G 111 -45.66 32.37 10.18
C ARG G 111 -46.31 31.16 10.87
N LEU G 112 -46.74 30.17 10.06
CA LEU G 112 -47.40 28.98 10.56
C LEU G 112 -46.47 28.24 11.52
N ILE G 113 -45.21 28.08 11.09
CA ILE G 113 -44.22 27.32 11.83
C ILE G 113 -43.87 28.03 13.14
N GLU G 114 -43.88 29.37 13.14
CA GLU G 114 -43.64 30.11 14.38
C GLU G 114 -44.73 29.80 15.40
N GLN G 115 -45.99 29.79 14.94
CA GLN G 115 -47.12 29.46 15.78
C GLN G 115 -46.99 28.03 16.32
N LEU G 116 -46.56 27.09 15.45
CA LEU G 116 -46.41 25.71 15.84
C LEU G 116 -45.37 25.59 16.96
N HIS G 117 -44.21 26.23 16.75
CA HIS G 117 -43.11 26.12 17.72
CA HIS G 117 -43.10 26.16 17.71
C HIS G 117 -43.52 26.78 19.04
N LYS G 118 -44.31 27.88 18.95
CA LYS G 118 -44.78 28.57 20.13
C LYS G 118 -45.60 27.62 21.01
N HIS G 119 -46.30 26.66 20.38
CA HIS G 119 -47.21 25.79 21.10
C HIS G 119 -46.63 24.39 21.28
N GLY G 120 -45.33 24.24 20.99
CA GLY G 120 -44.60 22.99 21.15
C GLY G 120 -45.05 21.90 20.18
N ILE G 121 -45.54 22.30 18.99
CA ILE G 121 -45.94 21.36 17.94
C ILE G 121 -44.83 21.31 16.90
N THR G 122 -44.44 20.09 16.51
CA THR G 122 -43.43 19.88 15.48
C THR G 122 -44.07 19.95 14.10
N PRO G 123 -43.46 20.68 13.15
CA PRO G 123 -43.98 20.69 11.77
C PRO G 123 -43.57 19.42 11.03
N ALA G 124 -44.52 18.87 10.26
CA ALA G 124 -44.20 17.85 9.28
C ALA G 124 -44.68 18.35 7.92
N ALA G 125 -43.73 18.68 7.03
CA ALA G 125 -44.06 19.36 5.78
C ALA G 125 -43.99 18.38 4.61
N THR G 126 -45.12 18.28 3.88
CA THR G 126 -45.19 17.58 2.61
C THR G 126 -44.83 18.56 1.50
N ILE G 127 -43.84 18.20 0.67
CA ILE G 127 -43.35 19.10 -0.37
C ILE G 127 -44.39 19.22 -1.48
N TYR G 128 -44.90 18.08 -1.96
CA TYR G 128 -45.84 18.05 -3.08
C TYR G 128 -47.08 17.26 -2.67
N HIS G 129 -48.21 17.97 -2.54
CA HIS G 129 -49.51 17.34 -2.32
C HIS G 129 -50.46 17.86 -3.39
N TRP G 130 -49.99 17.80 -4.65
CA TRP G 130 -50.79 17.74 -5.85
C TRP G 130 -50.97 19.09 -6.55
N ASP G 131 -50.55 20.19 -5.91
CA ASP G 131 -50.83 21.50 -6.49
C ASP G 131 -49.72 21.89 -7.45
N LEU G 132 -49.55 21.12 -8.53
CA LEU G 132 -48.55 21.46 -9.54
C LEU G 132 -48.92 22.79 -10.20
N PRO G 133 -47.97 23.76 -10.31
CA PRO G 133 -48.22 25.01 -11.03
C PRO G 133 -48.67 24.71 -12.47
N GLN G 134 -49.70 25.43 -12.92
CA GLN G 134 -50.33 25.16 -14.20
C GLN G 134 -49.31 25.31 -15.33
N TRP G 135 -48.36 26.24 -15.18
CA TRP G 135 -47.40 26.48 -16.26
C TRP G 135 -46.54 25.24 -16.52
N ILE G 136 -46.31 24.39 -15.50
CA ILE G 136 -45.56 23.17 -15.71
C ILE G 136 -46.41 22.15 -16.47
N GLU G 137 -47.71 22.07 -16.13
CA GLU G 137 -48.60 21.18 -16.86
C GLU G 137 -48.68 21.60 -18.33
N ASP G 138 -48.62 22.92 -18.59
CA ASP G 138 -48.66 23.39 -19.97
C ASP G 138 -47.48 22.84 -20.75
N GLU G 139 -46.40 22.44 -20.04
CA GLU G 139 -45.24 21.84 -20.67
C GLU G 139 -45.24 20.33 -20.45
N GLY G 140 -46.43 19.72 -20.31
CA GLY G 140 -46.52 18.28 -20.22
C GLY G 140 -46.52 17.74 -18.78
N GLY G 141 -46.34 18.63 -17.79
CA GLY G 141 -46.51 18.23 -16.40
C GLY G 141 -45.58 17.10 -16.00
N TRP G 142 -46.12 16.09 -15.31
CA TRP G 142 -45.31 15.01 -14.76
C TRP G 142 -44.83 14.05 -15.86
N SER G 143 -45.36 14.16 -17.08
CA SER G 143 -44.92 13.30 -18.18
C SER G 143 -43.60 13.82 -18.76
N ASN G 144 -43.28 15.08 -18.49
CA ASN G 144 -42.08 15.70 -19.02
C ASN G 144 -40.94 15.51 -18.02
N ARG G 145 -39.80 14.99 -18.46
CA ARG G 145 -38.66 14.74 -17.60
C ARG G 145 -38.20 16.03 -16.92
N ALA G 146 -38.44 17.17 -17.58
CA ALA G 146 -38.02 18.46 -17.08
C ALA G 146 -38.66 18.75 -15.72
N VAL G 147 -39.78 18.05 -15.43
CA VAL G 147 -40.50 18.24 -14.17
C VAL G 147 -39.60 17.90 -12.99
N VAL G 148 -38.65 16.99 -13.19
CA VAL G 148 -37.79 16.53 -12.10
C VAL G 148 -36.94 17.70 -11.61
N ASP G 149 -36.39 18.47 -12.55
CA ASP G 149 -35.58 19.63 -12.21
C ASP G 149 -36.43 20.74 -11.61
N TYR G 150 -37.69 20.87 -12.07
CA TYR G 150 -38.54 21.92 -11.54
C TYR G 150 -38.84 21.61 -10.06
N TYR G 151 -39.14 20.32 -9.79
CA TYR G 151 -39.45 19.90 -8.44
C TYR G 151 -38.23 20.09 -7.55
N LYS G 152 -37.06 19.66 -8.06
CA LYS G 152 -35.80 19.80 -7.34
C LYS G 152 -35.58 21.27 -6.95
N GLU G 153 -35.87 22.19 -7.88
CA GLU G 153 -35.69 23.62 -7.64
C GLU G 153 -36.58 24.07 -6.47
N PHE G 154 -37.83 23.60 -6.46
CA PHE G 154 -38.78 23.97 -5.42
C PHE G 154 -38.33 23.37 -4.08
N ALA G 155 -37.94 22.08 -4.10
CA ALA G 155 -37.52 21.40 -2.88
C ALA G 155 -36.29 22.09 -2.31
N GLU G 156 -35.38 22.51 -3.18
CA GLU G 156 -34.15 23.21 -2.76
C GLU G 156 -34.49 24.48 -2.00
N GLN G 157 -35.44 25.27 -2.53
CA GLN G 157 -35.83 26.53 -1.90
C GLN G 157 -36.60 26.27 -0.60
N ALA G 158 -37.35 25.17 -0.55
CA ALA G 158 -38.08 24.83 0.67
C ALA G 158 -37.10 24.46 1.77
N PHE G 159 -36.11 23.63 1.42
CA PHE G 159 -35.09 23.20 2.36
C PHE G 159 -34.30 24.41 2.86
N LYS G 160 -34.04 25.38 2.00
CA LYS G 160 -33.25 26.56 2.35
C LYS G 160 -34.09 27.51 3.23
N ALA G 161 -35.39 27.64 2.91
CA ALA G 161 -36.24 28.58 3.61
C ALA G 161 -36.64 28.06 4.99
N LEU G 162 -36.89 26.75 5.11
CA LEU G 162 -37.50 26.18 6.30
C LEU G 162 -36.54 25.24 7.03
N GLY G 163 -35.60 24.66 6.28
CA GLY G 163 -34.78 23.54 6.70
C GLY G 163 -34.82 23.25 8.20
N ASP G 164 -34.08 24.02 8.99
CA ASP G 164 -33.82 23.55 10.35
C ASP G 164 -35.05 23.62 11.24
N ASP G 165 -36.13 24.26 10.78
CA ASP G 165 -37.33 24.41 11.60
C ASP G 165 -38.37 23.34 11.26
N VAL G 166 -38.10 22.57 10.20
CA VAL G 166 -38.91 21.40 9.90
C VAL G 166 -38.04 20.14 10.09
N PRO G 167 -38.24 19.36 11.17
CA PRO G 167 -37.47 18.12 11.37
C PRO G 167 -37.98 16.89 10.61
N PHE G 168 -39.10 17.02 9.90
CA PHE G 168 -39.74 15.87 9.29
C PHE G 168 -40.32 16.28 7.94
N TRP G 169 -39.75 15.72 6.87
CA TRP G 169 -40.09 16.11 5.49
C TRP G 169 -40.66 14.91 4.74
N ILE G 170 -41.78 15.15 4.04
CA ILE G 170 -42.34 14.17 3.14
C ILE G 170 -42.22 14.69 1.70
N THR G 171 -41.51 13.92 0.86
CA THR G 171 -41.20 14.37 -0.49
C THR G 171 -42.47 14.48 -1.32
N HIS G 172 -43.27 13.41 -1.31
CA HIS G 172 -44.40 13.27 -2.20
C HIS G 172 -45.53 12.61 -1.45
N ASN G 173 -46.75 13.10 -1.74
CA ASN G 173 -47.95 12.50 -1.20
C ASN G 173 -48.64 11.71 -2.29
N GLU G 174 -48.72 10.38 -2.09
CA GLU G 174 -49.54 9.50 -2.91
C GLU G 174 -49.20 9.59 -4.40
N PRO G 175 -48.01 9.12 -4.84
CA PRO G 175 -47.69 9.06 -6.26
C PRO G 175 -48.77 8.39 -7.10
N TRP G 176 -49.39 7.32 -6.58
CA TRP G 176 -50.44 6.64 -7.34
C TRP G 176 -51.53 7.62 -7.79
N CYS G 177 -51.96 8.52 -6.88
CA CYS G 177 -53.01 9.47 -7.20
C CYS G 177 -52.51 10.53 -8.19
N ALA G 178 -51.30 11.06 -7.96
CA ALA G 178 -50.79 12.13 -8.77
C ALA G 178 -50.48 11.65 -10.19
N SER G 179 -50.23 10.33 -10.34
CA SER G 179 -49.95 9.79 -11.65
CA SER G 179 -49.91 9.67 -11.60
C SER G 179 -51.17 9.08 -12.24
N LEU G 180 -51.47 7.89 -11.74
CA LEU G 180 -52.45 7.01 -12.35
C LEU G 180 -53.85 7.60 -12.28
N LEU G 181 -54.23 8.18 -11.14
CA LEU G 181 -55.59 8.69 -11.01
C LEU G 181 -55.75 10.00 -11.79
N SER G 182 -54.67 10.76 -11.93
CA SER G 182 -54.67 12.11 -12.50
C SER G 182 -54.52 12.10 -14.01
N TYR G 183 -53.67 11.21 -14.54
CA TYR G 183 -53.33 11.22 -15.95
C TYR G 183 -53.90 10.01 -16.68
N GLY G 184 -54.27 8.96 -15.92
CA GLY G 184 -54.70 7.71 -16.51
C GLY G 184 -56.21 7.51 -16.38
N ILE G 185 -56.73 7.64 -15.15
CA ILE G 185 -58.15 7.50 -14.87
C ILE G 185 -58.87 8.82 -15.14
N GLY G 186 -58.21 9.93 -14.79
CA GLY G 186 -58.71 11.28 -15.10
C GLY G 186 -59.67 11.88 -14.07
N GLU G 187 -59.74 11.31 -12.87
CA GLU G 187 -60.61 11.83 -11.82
C GLU G 187 -60.03 13.08 -11.16
N HIS G 188 -58.70 13.18 -11.13
CA HIS G 188 -57.98 14.27 -10.49
C HIS G 188 -57.16 15.07 -11.51
N ALA G 189 -56.86 16.32 -11.15
CA ALA G 189 -56.09 17.23 -11.98
C ALA G 189 -54.78 16.58 -12.41
N PRO G 190 -54.38 16.67 -13.69
CA PRO G 190 -55.06 17.50 -14.69
C PRO G 190 -56.19 16.81 -15.46
N GLY G 191 -56.55 15.60 -15.05
CA GLY G 191 -57.79 14.97 -15.51
C GLY G 191 -57.67 14.37 -16.91
N LEU G 192 -56.48 13.85 -17.24
CA LEU G 192 -56.27 13.23 -18.55
C LEU G 192 -56.53 11.72 -18.49
N LYS G 193 -56.68 11.11 -19.66
CA LYS G 193 -56.94 9.68 -19.76
C LYS G 193 -55.96 9.06 -20.77
N ASP G 194 -54.78 8.71 -20.31
CA ASP G 194 -53.66 8.32 -21.15
C ASP G 194 -52.69 7.52 -20.28
N TRP G 195 -52.72 6.19 -20.41
CA TRP G 195 -51.97 5.33 -19.50
C TRP G 195 -50.47 5.55 -19.66
N ARG G 196 -50.00 5.75 -20.91
CA ARG G 196 -48.59 5.93 -21.17
C ARG G 196 -48.12 7.16 -20.41
N ARG G 197 -48.91 8.24 -20.52
CA ARG G 197 -48.65 9.53 -19.89
C ARG G 197 -48.61 9.34 -18.37
N ALA G 198 -49.55 8.53 -17.83
CA ALA G 198 -49.67 8.29 -16.40
C ALA G 198 -48.46 7.51 -15.89
N TYR G 199 -47.98 6.52 -16.67
CA TYR G 199 -46.83 5.72 -16.25
C TYR G 199 -45.55 6.54 -16.33
N ARG G 200 -45.50 7.49 -17.28
CA ARG G 200 -44.38 8.40 -17.37
C ARG G 200 -44.36 9.30 -16.14
N ALA G 201 -45.55 9.77 -15.76
CA ALA G 201 -45.75 10.59 -14.58
C ALA G 201 -45.29 9.84 -13.31
N ALA G 202 -45.71 8.57 -13.16
CA ALA G 202 -45.30 7.78 -12.00
C ALA G 202 -43.78 7.74 -11.86
N HIS G 203 -43.10 7.48 -12.98
CA HIS G 203 -41.64 7.38 -13.02
C HIS G 203 -40.99 8.70 -12.57
N HIS G 204 -41.47 9.82 -13.12
CA HIS G 204 -40.87 11.11 -12.81
C HIS G 204 -41.16 11.55 -11.36
N ILE G 205 -42.34 11.18 -10.84
CA ILE G 205 -42.64 11.45 -9.44
C ILE G 205 -41.65 10.69 -8.55
N LEU G 206 -41.46 9.39 -8.85
CA LEU G 206 -40.56 8.56 -8.07
C LEU G 206 -39.12 9.09 -8.15
N LEU G 207 -38.70 9.50 -9.36
CA LEU G 207 -37.36 10.01 -9.60
C LEU G 207 -37.13 11.30 -8.83
N SER G 208 -38.16 12.18 -8.83
CA SER G 208 -38.05 13.47 -8.16
C SER G 208 -37.96 13.28 -6.64
N HIS G 209 -38.72 12.32 -6.09
CA HIS G 209 -38.54 11.90 -4.70
C HIS G 209 -37.07 11.64 -4.39
N GLY G 210 -36.44 10.80 -5.22
CA GLY G 210 -35.06 10.40 -4.97
C GLY G 210 -34.09 11.57 -5.05
N GLU G 211 -34.35 12.50 -5.97
CA GLU G 211 -33.52 13.69 -6.12
C GLU G 211 -33.60 14.57 -4.87
N ALA G 212 -34.82 14.67 -4.31
CA ALA G 212 -35.04 15.48 -3.11
C ALA G 212 -34.32 14.88 -1.90
N VAL G 213 -34.36 13.54 -1.78
CA VAL G 213 -33.67 12.88 -0.67
C VAL G 213 -32.17 13.13 -0.80
N LYS G 214 -31.64 12.99 -2.02
CA LYS G 214 -30.21 13.20 -2.25
C LYS G 214 -29.81 14.62 -1.86
N LEU G 215 -30.63 15.59 -2.28
CA LEU G 215 -30.39 16.99 -2.00
C LEU G 215 -30.39 17.23 -0.49
N TYR G 216 -31.30 16.54 0.22
CA TYR G 216 -31.45 16.73 1.65
C TYR G 216 -30.16 16.32 2.36
N ARG G 217 -29.57 15.19 1.95
CA ARG G 217 -28.33 14.70 2.54
C ARG G 217 -27.19 15.68 2.26
N GLU G 218 -27.17 16.20 1.03
CA GLU G 218 -26.08 17.04 0.56
C GLU G 218 -26.08 18.37 1.30
N LEU G 219 -27.25 18.84 1.74
CA LEU G 219 -27.35 20.09 2.45
C LEU G 219 -27.04 19.90 3.94
N GLY G 220 -26.92 18.64 4.38
CA GLY G 220 -26.49 18.31 5.72
C GLY G 220 -27.52 18.71 6.79
N LEU G 221 -28.80 18.60 6.42
CA LEU G 221 -29.89 18.89 7.34
C LEU G 221 -30.07 17.70 8.29
N LYS G 222 -30.54 17.98 9.50
CA LYS G 222 -30.42 17.06 10.64
C LYS G 222 -31.72 16.28 10.90
N GLY G 223 -32.77 16.56 10.13
CA GLY G 223 -34.06 15.89 10.31
C GLY G 223 -34.23 14.60 9.53
N GLN G 224 -35.47 14.23 9.23
CA GLN G 224 -35.83 12.97 8.57
C GLN G 224 -36.63 13.25 7.31
N ILE G 225 -36.44 12.42 6.28
CA ILE G 225 -37.11 12.56 4.99
C ILE G 225 -37.55 11.19 4.48
N GLY G 226 -38.72 11.16 3.87
CA GLY G 226 -39.33 9.94 3.35
C GLY G 226 -40.47 10.27 2.40
N ILE G 227 -41.00 9.24 1.75
CA ILE G 227 -42.16 9.38 0.87
C ILE G 227 -43.41 8.95 1.63
N THR G 228 -44.59 9.41 1.16
CA THR G 228 -45.85 8.87 1.61
C THR G 228 -46.57 8.17 0.46
N LEU G 229 -46.93 6.89 0.67
CA LEU G 229 -47.67 6.12 -0.32
C LEU G 229 -49.06 5.80 0.22
N ASN G 230 -50.09 6.01 -0.59
CA ASN G 230 -51.38 5.39 -0.31
C ASN G 230 -51.29 3.91 -0.73
N LEU G 231 -51.68 3.04 0.20
CA LEU G 231 -51.68 1.61 -0.10
C LEU G 231 -53.08 1.07 0.15
N THR G 232 -53.61 0.35 -0.84
CA THR G 232 -54.93 -0.26 -0.76
C THR G 232 -54.73 -1.76 -0.93
N PRO G 233 -54.58 -2.53 0.19
CA PRO G 233 -54.39 -3.97 0.09
C PRO G 233 -55.52 -4.57 -0.74
N ALA G 234 -55.15 -5.47 -1.66
CA ALA G 234 -56.12 -6.20 -2.48
C ALA G 234 -56.28 -7.61 -1.93
N TYR G 235 -57.50 -8.13 -2.05
CA TYR G 235 -57.84 -9.46 -1.59
C TYR G 235 -58.56 -10.21 -2.71
N PRO G 236 -58.34 -11.54 -2.87
CA PRO G 236 -59.03 -12.30 -3.93
C PRO G 236 -60.48 -12.55 -3.55
N ALA G 237 -61.38 -12.50 -4.54
CA ALA G 237 -62.79 -12.79 -4.33
C ALA G 237 -62.98 -14.28 -3.98
N SER G 240 -59.74 -19.48 -6.10
CA SER G 240 -59.45 -19.92 -7.49
C SER G 240 -58.11 -19.32 -7.95
N PRO G 241 -57.27 -20.07 -8.68
CA PRO G 241 -56.00 -19.53 -9.19
C PRO G 241 -56.16 -18.24 -9.98
N GLU G 242 -57.29 -18.12 -10.70
CA GLU G 242 -57.58 -16.95 -11.50
C GLU G 242 -57.83 -15.73 -10.61
N ASP G 243 -58.53 -15.96 -9.48
CA ASP G 243 -58.85 -14.87 -8.57
C ASP G 243 -57.61 -14.43 -7.80
N ILE G 244 -56.74 -15.38 -7.44
CA ILE G 244 -55.48 -15.09 -6.77
C ILE G 244 -54.60 -14.26 -7.71
N ALA G 245 -54.63 -14.60 -9.01
CA ALA G 245 -53.88 -13.88 -10.03
C ALA G 245 -54.42 -12.46 -10.20
N ALA G 246 -55.75 -12.30 -10.12
CA ALA G 246 -56.41 -11.00 -10.20
C ALA G 246 -55.98 -10.11 -9.03
N GLN G 247 -55.85 -10.73 -7.85
CA GLN G 247 -55.39 -10.04 -6.65
C GLN G 247 -53.99 -9.50 -6.91
N GLN G 248 -53.15 -10.33 -7.54
CA GLN G 248 -51.76 -9.99 -7.78
C GLN G 248 -51.64 -8.80 -8.74
N ARG G 249 -52.52 -8.79 -9.76
CA ARG G 249 -52.55 -7.72 -10.74
C ARG G 249 -52.94 -6.41 -10.04
N GLN G 250 -54.04 -6.45 -9.27
CA GLN G 250 -54.50 -5.29 -8.54
C GLN G 250 -53.43 -4.78 -7.60
N ASP G 251 -52.78 -5.69 -6.87
CA ASP G 251 -51.76 -5.35 -5.89
C ASP G 251 -50.56 -4.69 -6.58
N ALA G 252 -50.20 -5.18 -7.78
CA ALA G 252 -49.13 -4.57 -8.55
C ALA G 252 -49.53 -3.14 -8.94
N PHE G 253 -50.76 -2.98 -9.41
CA PHE G 253 -51.24 -1.73 -9.98
C PHE G 253 -51.29 -0.65 -8.89
N SER G 254 -51.79 -1.03 -7.70
CA SER G 254 -52.05 -0.06 -6.65
C SER G 254 -50.80 0.17 -5.81
N ASN G 255 -50.07 -0.91 -5.49
CA ASN G 255 -49.17 -0.92 -4.34
C ASN G 255 -47.72 -1.21 -4.75
N ARG G 256 -47.50 -2.34 -5.45
CA ARG G 256 -46.14 -2.77 -5.77
C ARG G 256 -45.49 -1.85 -6.79
N TRP G 257 -46.30 -1.19 -7.62
CA TRP G 257 -45.75 -0.31 -8.66
C TRP G 257 -44.86 0.76 -8.03
N PHE G 258 -45.16 1.10 -6.76
CA PHE G 258 -44.47 2.17 -6.05
C PHE G 258 -43.54 1.58 -4.99
N LEU G 259 -43.99 0.54 -4.28
CA LEU G 259 -43.17 -0.06 -3.24
C LEU G 259 -41.90 -0.68 -3.82
N ASP G 260 -42.02 -1.42 -4.93
CA ASP G 260 -40.90 -2.17 -5.48
C ASP G 260 -39.78 -1.23 -5.89
N PRO G 261 -40.03 -0.15 -6.68
CA PRO G 261 -38.97 0.79 -7.03
C PRO G 261 -38.29 1.45 -5.84
N ILE G 262 -39.09 1.87 -4.87
CA ILE G 262 -38.58 2.54 -3.66
C ILE G 262 -37.66 1.60 -2.89
N PHE G 263 -38.08 0.33 -2.73
CA PHE G 263 -37.37 -0.56 -1.82
C PHE G 263 -36.47 -1.57 -2.52
N LYS G 264 -36.83 -1.95 -3.74
CA LYS G 264 -36.11 -3.03 -4.43
C LYS G 264 -35.39 -2.51 -5.68
N GLY G 265 -35.64 -1.24 -6.03
CA GLY G 265 -35.00 -0.59 -7.16
C GLY G 265 -35.38 -1.20 -8.50
N GLU G 266 -36.59 -1.76 -8.60
CA GLU G 266 -37.13 -2.25 -9.87
C GLU G 266 -38.65 -2.19 -9.83
N TYR G 267 -39.28 -2.03 -11.00
CA TYR G 267 -40.72 -2.14 -11.14
C TYR G 267 -41.09 -3.62 -11.06
N PRO G 268 -42.33 -3.95 -10.64
CA PRO G 268 -42.77 -5.35 -10.60
C PRO G 268 -42.75 -5.99 -11.99
N ALA G 269 -41.90 -7.01 -12.15
CA ALA G 269 -41.66 -7.67 -13.42
C ALA G 269 -42.92 -8.38 -13.93
N ASP G 270 -43.80 -8.77 -13.00
CA ASP G 270 -45.02 -9.45 -13.42
C ASP G 270 -45.97 -8.48 -14.11
N PHE G 271 -45.90 -7.17 -13.78
CA PHE G 271 -46.91 -6.24 -14.25
C PHE G 271 -46.40 -5.37 -15.39
N MET G 272 -45.07 -5.17 -15.48
CA MET G 272 -44.52 -4.29 -16.48
C MET G 272 -44.93 -4.73 -17.90
N PRO G 273 -45.02 -6.04 -18.21
CA PRO G 273 -45.52 -6.48 -19.51
C PRO G 273 -46.93 -5.98 -19.83
N ARG G 274 -47.79 -5.92 -18.81
CA ARG G 274 -49.15 -5.44 -18.98
C ARG G 274 -49.10 -3.94 -19.27
N VAL G 275 -48.20 -3.24 -18.58
CA VAL G 275 -48.06 -1.81 -18.79
C VAL G 275 -47.66 -1.57 -20.25
N GLU G 276 -46.65 -2.31 -20.72
CA GLU G 276 -46.15 -2.08 -22.07
C GLU G 276 -47.20 -2.51 -23.09
N ARG G 277 -48.04 -3.49 -22.74
CA ARG G 277 -49.13 -3.90 -23.62
C ARG G 277 -50.10 -2.75 -23.87
N PHE G 278 -50.49 -2.01 -22.82
CA PHE G 278 -51.54 -1.01 -22.95
C PHE G 278 -50.99 0.37 -23.24
N CYS G 279 -49.68 0.60 -23.03
CA CYS G 279 -49.14 1.93 -23.23
C CYS G 279 -48.24 2.00 -24.46
N GLY G 280 -47.72 0.85 -24.87
CA GLY G 280 -46.57 0.80 -25.75
C GLY G 280 -45.33 1.24 -24.96
N ASP G 281 -44.25 1.57 -25.68
CA ASP G 281 -43.00 1.89 -25.01
C ASP G 281 -43.13 3.20 -24.22
N LEU G 282 -42.75 3.17 -22.95
CA LEU G 282 -42.82 4.36 -22.10
C LEU G 282 -41.71 5.35 -22.46
N ASN G 283 -40.59 4.82 -22.95
CA ASN G 283 -39.45 5.65 -23.31
C ASN G 283 -39.14 6.62 -22.16
N VAL G 284 -39.09 6.12 -20.91
CA VAL G 284 -39.01 7.02 -19.77
C VAL G 284 -37.86 6.65 -18.83
N ILE G 285 -37.52 5.36 -18.75
CA ILE G 285 -36.53 4.91 -17.77
CA ILE G 285 -36.54 4.89 -17.78
C ILE G 285 -35.13 5.13 -18.32
N GLN G 286 -34.34 5.96 -17.64
CA GLN G 286 -33.00 6.27 -18.12
C GLN G 286 -31.96 5.68 -17.17
N PRO G 287 -30.71 5.42 -17.61
CA PRO G 287 -29.71 4.81 -16.73
C PRO G 287 -29.51 5.67 -15.49
N GLY G 288 -29.48 5.02 -14.31
CA GLY G 288 -29.29 5.74 -13.07
C GLY G 288 -30.60 5.98 -12.32
N ASP G 289 -31.71 6.03 -13.06
CA ASP G 289 -33.01 6.38 -12.51
C ASP G 289 -33.40 5.47 -11.35
N MET G 290 -33.32 4.16 -11.54
CA MET G 290 -33.84 3.22 -10.55
C MET G 290 -33.00 3.29 -9.27
N GLU G 291 -31.71 3.56 -9.43
CA GLU G 291 -30.82 3.75 -8.30
C GLU G 291 -31.22 5.00 -7.50
N THR G 292 -31.54 6.09 -8.21
CA THR G 292 -31.92 7.34 -7.57
C THR G 292 -33.24 7.17 -6.83
N ILE G 293 -34.19 6.43 -7.42
CA ILE G 293 -35.49 6.20 -6.82
C ILE G 293 -35.34 5.43 -5.50
N SER G 294 -34.35 4.53 -5.43
CA SER G 294 -34.19 3.63 -4.29
C SER G 294 -33.17 4.11 -3.26
N VAL G 295 -32.81 5.41 -3.30
CA VAL G 295 -31.92 5.97 -2.29
C VAL G 295 -32.52 5.75 -0.89
N PRO G 296 -31.69 5.43 0.14
CA PRO G 296 -32.22 5.17 1.48
C PRO G 296 -32.98 6.36 2.09
N GLN G 297 -34.18 6.09 2.59
CA GLN G 297 -35.01 7.07 3.28
C GLN G 297 -34.82 6.93 4.79
N ASP G 298 -35.40 7.88 5.54
CA ASP G 298 -35.38 7.82 7.00
C ASP G 298 -36.60 7.06 7.53
N PHE G 299 -37.71 7.11 6.78
CA PHE G 299 -38.94 6.47 7.20
C PHE G 299 -39.79 6.21 5.96
N LEU G 300 -40.83 5.39 6.11
CA LEU G 300 -41.88 5.27 5.12
C LEU G 300 -43.18 5.82 5.71
N GLY G 301 -43.84 6.71 4.97
CA GLY G 301 -45.17 7.17 5.33
C GLY G 301 -46.21 6.36 4.56
N ILE G 302 -47.26 5.95 5.26
N ILE G 302 -47.27 5.94 5.26
CA ILE G 302 -48.34 5.21 4.60
CA ILE G 302 -48.35 5.22 4.61
C ILE G 302 -49.67 5.91 4.89
C ILE G 302 -49.68 5.91 4.90
N ASN G 303 -50.51 5.97 3.85
CA ASN G 303 -51.86 6.47 3.98
C ASN G 303 -52.76 5.27 3.78
N PHE G 304 -53.60 4.97 4.79
CA PHE G 304 -54.43 3.79 4.72
C PHE G 304 -55.88 4.19 4.98
N TYR G 305 -56.79 3.63 4.20
CA TYR G 305 -58.20 3.95 4.30
C TYR G 305 -59.05 2.70 4.22
N THR G 306 -58.72 1.81 3.26
CA THR G 306 -59.63 0.72 2.91
C THR G 306 -58.85 -0.40 2.20
N ARG G 307 -59.56 -1.43 1.75
CA ARG G 307 -59.00 -2.52 0.98
C ARG G 307 -59.85 -2.71 -0.27
N SER G 308 -59.38 -3.55 -1.19
CA SER G 308 -60.25 -3.94 -2.30
C SER G 308 -60.33 -5.46 -2.39
N VAL G 309 -61.49 -5.95 -2.84
CA VAL G 309 -61.67 -7.36 -3.14
C VAL G 309 -61.91 -7.46 -4.64
N VAL G 310 -61.12 -8.30 -5.32
CA VAL G 310 -61.16 -8.34 -6.77
C VAL G 310 -61.36 -9.76 -7.29
N LYS G 311 -62.10 -9.87 -8.40
CA LYS G 311 -62.24 -11.13 -9.13
C LYS G 311 -61.73 -10.94 -10.55
N ASP G 312 -61.41 -12.05 -11.23
CA ASP G 312 -61.01 -12.03 -12.63
C ASP G 312 -61.99 -11.15 -13.42
N ALA G 315 -62.03 -11.39 -19.70
CA ALA G 315 -61.86 -10.72 -21.01
C ALA G 315 -60.39 -10.41 -21.31
N ASP G 316 -59.57 -10.10 -20.29
CA ASP G 316 -58.16 -9.77 -20.45
C ASP G 316 -57.96 -8.65 -21.48
N ASP G 317 -58.86 -7.66 -21.47
CA ASP G 317 -58.87 -6.60 -22.46
C ASP G 317 -58.63 -5.22 -21.81
N SER G 318 -58.24 -5.21 -20.54
CA SER G 318 -57.96 -3.96 -19.83
C SER G 318 -56.67 -4.07 -19.04
N LEU G 319 -56.15 -2.93 -18.58
CA LEU G 319 -54.82 -2.87 -17.97
C LEU G 319 -54.71 -3.85 -16.80
N ILE G 320 -55.71 -3.82 -15.89
CA ILE G 320 -55.65 -4.62 -14.68
C ILE G 320 -56.47 -5.90 -14.88
N SER G 321 -57.51 -5.80 -15.73
CA SER G 321 -58.37 -6.93 -16.07
C SER G 321 -58.95 -7.56 -14.80
N VAL G 322 -59.59 -6.74 -13.96
CA VAL G 322 -60.24 -7.26 -12.76
C VAL G 322 -61.62 -6.61 -12.63
N HIS G 323 -62.47 -7.23 -11.82
CA HIS G 323 -63.73 -6.65 -11.39
C HIS G 323 -63.69 -6.51 -9.88
N GLY G 324 -63.89 -5.28 -9.38
CA GLY G 324 -64.05 -5.07 -7.96
C GLY G 324 -65.36 -5.67 -7.47
N VAL G 325 -65.34 -6.35 -6.31
CA VAL G 325 -66.58 -6.86 -5.75
C VAL G 325 -67.00 -5.95 -4.60
N PRO G 326 -68.11 -5.18 -4.74
CA PRO G 326 -68.57 -4.32 -3.65
C PRO G 326 -68.73 -5.07 -2.32
N ASN G 329 -71.16 -5.66 5.44
CA ASN G 329 -69.93 -5.02 4.90
C ASN G 329 -69.99 -3.52 5.19
N PRO G 330 -69.80 -3.07 6.46
CA PRO G 330 -70.03 -1.66 6.83
C PRO G 330 -69.08 -0.72 6.09
N VAL G 331 -69.60 0.46 5.73
CA VAL G 331 -68.88 1.43 4.91
C VAL G 331 -68.95 2.82 5.53
N THR G 332 -68.00 3.67 5.14
CA THR G 332 -67.98 5.08 5.50
C THR G 332 -68.89 5.88 4.56
N ASP G 333 -68.90 7.20 4.72
CA ASP G 333 -69.77 8.09 3.94
C ASP G 333 -69.23 8.21 2.51
N MET G 334 -68.05 7.66 2.25
CA MET G 334 -67.51 7.58 0.90
C MET G 334 -67.97 6.28 0.24
N GLY G 335 -68.53 5.37 1.05
CA GLY G 335 -68.90 4.05 0.59
C GLY G 335 -67.70 3.09 0.53
N TRP G 336 -66.62 3.40 1.26
CA TRP G 336 -65.48 2.51 1.35
C TRP G 336 -65.67 1.57 2.54
N GLU G 337 -65.28 0.31 2.34
CA GLU G 337 -65.34 -0.71 3.38
C GLU G 337 -64.47 -0.30 4.56
N ILE G 338 -65.00 -0.51 5.76
CA ILE G 338 -64.25 -0.42 7.00
C ILE G 338 -63.65 -1.80 7.27
N TYR G 339 -62.33 -1.92 7.16
CA TYR G 339 -61.68 -3.22 7.31
C TYR G 339 -60.31 -3.02 7.96
N PRO G 340 -60.26 -2.78 9.29
CA PRO G 340 -59.01 -2.49 9.99
C PRO G 340 -57.97 -3.62 9.96
N ASP G 341 -58.42 -4.86 9.72
CA ASP G 341 -57.51 -6.00 9.63
C ASP G 341 -56.56 -5.81 8.47
N ALA G 342 -57.01 -5.11 7.42
CA ALA G 342 -56.15 -4.83 6.28
C ALA G 342 -54.97 -3.97 6.71
N LEU G 343 -55.18 -3.07 7.68
CA LEU G 343 -54.10 -2.20 8.12
C LEU G 343 -53.08 -3.03 8.90
N TYR G 344 -53.58 -3.92 9.77
CA TYR G 344 -52.74 -4.81 10.56
C TYR G 344 -51.88 -5.67 9.64
N ASP G 345 -52.52 -6.30 8.66
CA ASP G 345 -51.85 -7.15 7.68
C ASP G 345 -50.82 -6.33 6.91
N LEU G 346 -51.18 -5.10 6.50
CA LEU G 346 -50.31 -4.29 5.67
C LEU G 346 -49.02 -3.94 6.42
N LEU G 347 -49.14 -3.53 7.69
CA LEU G 347 -47.97 -3.14 8.47
C LEU G 347 -47.02 -4.34 8.59
N HIS G 348 -47.60 -5.53 8.83
CA HIS G 348 -46.81 -6.75 8.91
C HIS G 348 -46.13 -7.03 7.57
N ARG G 349 -46.86 -6.78 6.47
CA ARG G 349 -46.32 -7.03 5.14
C ARG G 349 -45.10 -6.12 4.90
N LEU G 350 -45.21 -4.87 5.31
CA LEU G 350 -44.13 -3.91 5.12
C LEU G 350 -42.91 -4.36 5.91
N LYS G 351 -43.13 -4.73 7.16
CA LYS G 351 -42.09 -5.22 8.06
C LYS G 351 -41.40 -6.44 7.45
N ASN G 352 -42.21 -7.39 6.95
CA ASN G 352 -41.75 -8.72 6.56
C ASN G 352 -41.12 -8.72 5.18
N GLU G 353 -41.61 -7.87 4.25
CA GLU G 353 -41.22 -7.96 2.85
C GLU G 353 -40.42 -6.75 2.37
N TYR G 354 -40.53 -5.59 3.04
CA TYR G 354 -40.02 -4.37 2.43
C TYR G 354 -38.95 -3.65 3.27
N THR G 355 -39.23 -3.38 4.54
CA THR G 355 -38.41 -2.43 5.26
C THR G 355 -38.44 -2.66 6.76
N ASP G 356 -37.31 -2.38 7.40
CA ASP G 356 -37.21 -2.34 8.84
C ASP G 356 -37.19 -0.89 9.32
N LEU G 357 -37.35 0.06 8.36
CA LEU G 357 -37.38 1.47 8.69
C LEU G 357 -38.60 1.78 9.56
N PRO G 358 -38.56 2.89 10.32
CA PRO G 358 -39.75 3.44 10.97
C PRO G 358 -40.88 3.67 9.95
N ILE G 359 -42.09 3.19 10.30
CA ILE G 359 -43.29 3.46 9.52
C ILE G 359 -44.11 4.50 10.28
N TYR G 360 -44.66 5.47 9.53
CA TYR G 360 -45.59 6.46 10.08
C TYR G 360 -46.88 6.35 9.29
N ILE G 361 -48.02 6.24 9.99
CA ILE G 361 -49.28 6.38 9.31
C ILE G 361 -49.52 7.88 9.14
N THR G 362 -49.21 8.38 7.93
CA THR G 362 -49.28 9.80 7.62
C THR G 362 -50.69 10.23 7.33
N GLU G 363 -51.60 9.28 7.10
CA GLU G 363 -53.02 9.59 7.03
C GLU G 363 -53.83 8.34 7.34
N ASN G 364 -54.94 8.56 8.04
CA ASN G 364 -55.99 7.58 8.26
C ASN G 364 -57.21 8.33 8.77
N GLY G 365 -58.41 7.99 8.27
CA GLY G 365 -59.58 8.75 8.65
C GLY G 365 -60.81 8.28 7.91
N ALA G 366 -61.93 8.97 8.11
CA ALA G 366 -63.17 8.56 7.45
C ALA G 366 -64.06 9.76 7.20
N ALA G 367 -64.79 9.71 6.07
CA ALA G 367 -65.87 10.63 5.81
C ALA G 367 -67.09 10.21 6.63
N ASN G 368 -67.83 11.22 7.12
CA ASN G 368 -69.04 11.03 7.90
C ASN G 368 -70.01 12.13 7.50
N ALA G 369 -71.30 11.80 7.44
CA ALA G 369 -72.34 12.76 7.11
C ALA G 369 -72.62 13.64 8.34
N ASP G 370 -71.75 14.63 8.57
CA ASP G 370 -71.73 15.40 9.81
C ASP G 370 -72.72 16.58 9.76
N ALA G 371 -73.39 16.84 10.88
CA ALA G 371 -74.29 17.97 11.02
C ALA G 371 -74.11 18.56 12.42
N ILE G 372 -74.23 19.89 12.53
CA ILE G 372 -74.26 20.54 13.83
C ILE G 372 -75.67 20.45 14.39
N VAL G 373 -75.78 19.86 15.60
CA VAL G 373 -76.99 19.98 16.41
C VAL G 373 -76.60 20.58 17.76
N ASN G 374 -77.16 21.76 18.06
CA ASN G 374 -76.90 22.51 19.28
C ASN G 374 -75.41 22.82 19.45
N GLY G 375 -74.76 23.21 18.36
CA GLY G 375 -73.36 23.60 18.41
C GLY G 375 -72.42 22.41 18.67
N GLU G 376 -72.92 21.18 18.50
CA GLU G 376 -72.09 20.00 18.63
C GLU G 376 -72.24 19.09 17.41
N VAL G 377 -71.20 18.28 17.16
CA VAL G 377 -71.19 17.32 16.06
C VAL G 377 -70.88 15.95 16.64
N GLU G 378 -71.90 15.08 16.66
CA GLU G 378 -71.81 13.78 17.30
C GLU G 378 -71.41 12.72 16.26
N ASP G 379 -70.12 12.70 15.91
CA ASP G 379 -69.61 11.86 14.83
C ASP G 379 -69.08 10.55 15.42
N THR G 380 -69.99 9.78 16.05
CA THR G 380 -69.59 8.53 16.70
C THR G 380 -68.95 7.57 15.70
N PRO G 381 -69.51 7.41 14.48
CA PRO G 381 -68.92 6.51 13.47
C PRO G 381 -67.44 6.81 13.17
N ARG G 382 -67.09 8.11 13.15
CA ARG G 382 -65.70 8.49 12.97
C ARG G 382 -64.83 8.01 14.12
N ILE G 383 -65.30 8.20 15.36
CA ILE G 383 -64.59 7.70 16.55
C ILE G 383 -64.39 6.19 16.41
N ASP G 384 -65.47 5.47 16.09
CA ASP G 384 -65.43 4.02 15.96
C ASP G 384 -64.39 3.60 14.93
N TYR G 385 -64.29 4.35 13.83
CA TYR G 385 -63.36 4.01 12.76
C TYR G 385 -61.92 4.17 13.22
N VAL G 386 -61.62 5.30 13.86
CA VAL G 386 -60.25 5.59 14.29
C VAL G 386 -59.84 4.61 15.40
N ARG G 387 -60.76 4.32 16.32
CA ARG G 387 -60.48 3.37 17.39
C ARG G 387 -60.06 2.01 16.82
N GLN G 388 -60.82 1.50 15.85
CA GLN G 388 -60.54 0.22 15.21
C GLN G 388 -59.16 0.21 14.57
N HIS G 389 -58.79 1.31 13.88
CA HIS G 389 -57.50 1.37 13.20
C HIS G 389 -56.35 1.51 14.18
N LEU G 390 -56.55 2.26 15.27
CA LEU G 390 -55.50 2.40 16.26
C LEU G 390 -55.30 1.07 17.01
N ASP G 391 -56.37 0.27 17.15
CA ASP G 391 -56.24 -1.04 17.77
C ASP G 391 -55.39 -1.94 16.87
N ALA G 392 -55.63 -1.87 15.56
CA ALA G 392 -54.87 -2.64 14.59
C ALA G 392 -53.38 -2.25 14.68
N ALA G 393 -53.13 -0.94 14.71
CA ALA G 393 -51.78 -0.41 14.88
C ALA G 393 -51.17 -0.86 16.20
N HIS G 394 -51.96 -0.85 17.27
CA HIS G 394 -51.43 -1.22 18.58
C HIS G 394 -50.95 -2.68 18.55
N ARG G 395 -51.74 -3.54 17.90
CA ARG G 395 -51.40 -4.95 17.79
C ARG G 395 -50.06 -5.15 17.06
N PHE G 396 -49.86 -4.39 15.98
CA PHE G 396 -48.62 -4.45 15.20
C PHE G 396 -47.43 -4.07 16.09
N ILE G 397 -47.58 -3.00 16.87
CA ILE G 397 -46.52 -2.51 17.75
C ILE G 397 -46.19 -3.59 18.79
N GLN G 398 -47.22 -4.27 19.30
CA GLN G 398 -47.08 -5.27 20.35
C GLN G 398 -46.28 -6.47 19.82
N GLU G 399 -46.36 -6.69 18.51
CA GLU G 399 -45.70 -7.81 17.86
C GLU G 399 -44.38 -7.36 17.24
N GLY G 400 -43.82 -6.26 17.73
CA GLY G 400 -42.50 -5.81 17.33
C GLY G 400 -42.49 -4.85 16.14
N GLY G 401 -43.67 -4.39 15.71
CA GLY G 401 -43.74 -3.49 14.56
C GLY G 401 -43.14 -2.11 14.84
N ASN G 402 -42.35 -1.60 13.88
CA ASN G 402 -41.64 -0.33 14.01
C ASN G 402 -42.52 0.84 13.53
N LEU G 403 -43.73 0.97 14.11
CA LEU G 403 -44.64 2.07 13.82
C LEU G 403 -44.41 3.18 14.85
N LYS G 404 -44.11 4.40 14.36
CA LYS G 404 -43.59 5.45 15.22
C LYS G 404 -44.58 6.62 15.37
N GLY G 405 -45.65 6.65 14.55
CA GLY G 405 -46.52 7.80 14.57
C GLY G 405 -47.83 7.55 13.82
N TYR G 406 -48.85 8.35 14.15
CA TYR G 406 -50.15 8.27 13.52
C TYR G 406 -50.70 9.68 13.30
N TYR G 407 -51.08 9.96 12.06
CA TYR G 407 -51.70 11.25 11.75
C TYR G 407 -53.12 11.02 11.27
N LEU G 408 -54.10 11.62 11.97
CA LEU G 408 -55.51 11.55 11.61
C LEU G 408 -55.76 12.52 10.44
N TRP G 409 -56.32 11.98 9.36
CA TRP G 409 -56.89 12.81 8.30
C TRP G 409 -58.37 13.03 8.60
N SER G 410 -58.79 14.28 8.85
CA SER G 410 -58.01 15.49 8.76
C SER G 410 -58.25 16.34 10.01
N LEU G 411 -57.38 17.32 10.26
CA LEU G 411 -57.59 18.28 11.33
C LEU G 411 -58.96 18.96 11.20
N MET G 412 -59.31 19.35 9.96
CA MET G 412 -60.57 20.05 9.73
C MET G 412 -61.20 19.58 8.42
N ASP G 413 -62.53 19.71 8.33
CA ASP G 413 -63.25 19.53 7.07
C ASP G 413 -62.59 20.42 6.02
N ASN G 414 -62.61 19.98 4.76
CA ASN G 414 -61.82 20.65 3.74
C ASN G 414 -62.32 20.28 2.34
N PHE G 415 -61.68 20.86 1.32
CA PHE G 415 -62.00 20.59 -0.07
C PHE G 415 -61.60 19.17 -0.43
N GLU G 416 -62.61 18.30 -0.60
CA GLU G 416 -62.40 16.88 -0.86
C GLU G 416 -62.26 16.62 -2.36
N TRP G 417 -61.29 17.29 -2.97
CA TRP G 417 -60.90 17.10 -4.37
C TRP G 417 -62.13 17.07 -5.27
N ALA G 418 -62.37 15.94 -5.97
CA ALA G 418 -63.42 15.89 -6.96
C ALA G 418 -64.82 16.02 -6.32
N PHE G 419 -64.91 15.76 -5.02
CA PHE G 419 -66.18 15.82 -4.30
C PHE G 419 -66.45 17.21 -3.73
N GLY G 420 -65.48 18.12 -3.86
CA GLY G 420 -65.67 19.47 -3.34
C GLY G 420 -65.94 19.44 -1.83
N TYR G 421 -66.84 20.33 -1.37
CA TYR G 421 -67.11 20.49 0.05
C TYR G 421 -68.23 19.55 0.49
N THR G 422 -68.56 18.56 -0.36
CA THR G 422 -69.73 17.73 -0.12
C THR G 422 -69.41 16.58 0.84
N LYS G 423 -68.12 16.39 1.14
CA LYS G 423 -67.70 15.29 2.00
C LYS G 423 -66.80 15.86 3.09
N ARG G 424 -66.91 15.30 4.29
CA ARG G 424 -66.27 15.85 5.47
C ARG G 424 -65.45 14.76 6.15
N PHE G 425 -64.15 15.03 6.32
CA PHE G 425 -63.21 14.11 6.95
C PHE G 425 -62.64 14.68 8.24
N GLY G 426 -63.03 15.91 8.60
CA GLY G 426 -62.40 16.58 9.74
C GLY G 426 -62.80 16.00 11.10
N ILE G 427 -61.94 16.25 12.10
CA ILE G 427 -62.29 16.13 13.51
C ILE G 427 -62.76 17.50 14.02
N ILE G 428 -62.63 18.52 13.15
CA ILE G 428 -63.19 19.85 13.40
C ILE G 428 -64.13 20.16 12.23
N TYR G 429 -65.37 20.54 12.55
CA TYR G 429 -66.35 20.93 11.56
C TYR G 429 -66.03 22.35 11.10
N VAL G 430 -66.19 22.60 9.80
CA VAL G 430 -66.00 23.96 9.29
C VAL G 430 -67.27 24.35 8.55
N ASP G 431 -67.93 25.41 9.03
CA ASP G 431 -69.01 26.02 8.28
C ASP G 431 -68.39 26.95 7.25
N TYR G 432 -68.59 26.65 5.96
CA TYR G 432 -67.92 27.43 4.93
C TYR G 432 -68.56 28.81 4.74
N GLU G 433 -69.81 28.96 5.18
CA GLU G 433 -70.52 30.23 5.12
C GLU G 433 -69.96 31.20 6.16
N THR G 434 -69.54 30.70 7.33
CA THR G 434 -69.16 31.57 8.43
C THR G 434 -67.66 31.44 8.74
N GLN G 435 -67.07 30.32 8.29
CA GLN G 435 -65.69 29.94 8.61
C GLN G 435 -65.55 29.55 10.08
N VAL G 436 -66.66 29.37 10.81
CA VAL G 436 -66.57 28.97 12.21
C VAL G 436 -66.11 27.51 12.28
N ARG G 437 -65.14 27.25 13.16
CA ARG G 437 -64.65 25.92 13.49
C ARG G 437 -65.36 25.39 14.72
N THR G 438 -65.90 24.17 14.61
CA THR G 438 -66.55 23.52 15.74
C THR G 438 -65.90 22.15 15.91
N PRO G 439 -65.03 21.95 16.92
CA PRO G 439 -64.51 20.62 17.26
C PRO G 439 -65.64 19.61 17.38
N LYS G 440 -65.48 18.45 16.74
CA LYS G 440 -66.48 17.39 16.78
C LYS G 440 -66.22 16.51 18.01
N ALA G 441 -67.13 15.57 18.29
CA ALA G 441 -66.92 14.57 19.34
C ALA G 441 -65.58 13.88 19.15
N SER G 442 -65.21 13.63 17.87
CA SER G 442 -63.96 12.96 17.54
C SER G 442 -62.75 13.75 18.02
N PHE G 443 -62.84 15.09 17.97
CA PHE G 443 -61.75 15.94 18.48
C PHE G 443 -61.55 15.68 19.97
N HIS G 444 -62.64 15.68 20.75
CA HIS G 444 -62.58 15.51 22.20
C HIS G 444 -62.09 14.10 22.56
N TRP G 445 -62.50 13.11 21.76
CA TRP G 445 -62.07 11.73 21.96
C TRP G 445 -60.58 11.57 21.67
N TYR G 446 -60.12 12.14 20.54
CA TYR G 446 -58.73 12.00 20.14
C TYR G 446 -57.84 12.77 21.11
N ARG G 447 -58.33 13.89 21.64
CA ARG G 447 -57.62 14.66 22.64
C ARG G 447 -57.34 13.75 23.84
N GLN G 448 -58.32 12.91 24.21
CA GLN G 448 -58.18 11.99 25.33
C GLN G 448 -57.16 10.89 25.01
N VAL G 449 -57.26 10.35 23.79
CA VAL G 449 -56.30 9.36 23.30
C VAL G 449 -54.88 9.89 23.49
N ILE G 450 -54.65 11.13 23.06
CA ILE G 450 -53.34 11.74 23.13
C ILE G 450 -52.91 11.94 24.59
N GLU G 451 -53.81 12.45 25.43
CA GLU G 451 -53.52 12.68 26.84
C GLU G 451 -53.13 11.38 27.53
N ASN G 452 -53.81 10.28 27.18
CA ASN G 452 -53.61 8.98 27.83
C ASN G 452 -52.50 8.20 27.14
N ASN G 453 -52.06 8.67 25.96
CA ASN G 453 -51.14 7.98 25.09
C ASN G 453 -51.69 6.59 24.72
N GLY G 454 -52.99 6.52 24.46
CA GLY G 454 -53.56 5.26 24.02
C GLY G 454 -55.08 5.21 24.13
N LEU G 455 -55.62 4.03 23.82
CA LEU G 455 -57.04 3.74 23.82
C LEU G 455 -57.50 3.31 25.22
N THR G 456 -58.68 3.81 25.61
CA THR G 456 -59.22 3.54 26.93
C THR G 456 -60.70 3.26 26.77
N GLN H 14 -65.50 23.73 -69.02
CA GLN H 14 -64.05 23.93 -69.22
C GLN H 14 -63.47 24.94 -68.23
N PHE H 15 -62.41 24.55 -67.53
CA PHE H 15 -61.76 25.33 -66.51
C PHE H 15 -60.77 26.30 -67.16
N PRO H 16 -60.24 27.30 -66.41
CA PRO H 16 -59.22 28.22 -66.90
C PRO H 16 -58.00 27.52 -67.49
N ASP H 17 -57.36 28.24 -68.40
CA ASP H 17 -56.20 27.84 -69.16
C ASP H 17 -55.11 27.36 -68.20
N ASP H 18 -55.00 28.00 -67.02
CA ASP H 18 -53.82 27.79 -66.21
C ASP H 18 -54.16 26.92 -65.00
N PHE H 19 -55.37 26.35 -64.99
CA PHE H 19 -55.91 25.68 -63.80
C PHE H 19 -55.03 24.50 -63.40
N ILE H 20 -54.81 24.36 -62.09
CA ILE H 20 -53.89 23.34 -61.58
C ILE H 20 -54.73 22.17 -61.08
N TRP H 21 -54.55 21.02 -61.74
CA TRP H 21 -55.19 19.78 -61.36
C TRP H 21 -54.20 18.96 -60.53
N GLY H 22 -54.63 18.49 -59.37
CA GLY H 22 -53.72 17.79 -58.49
C GLY H 22 -54.36 16.59 -57.81
N ALA H 23 -53.54 15.92 -57.00
CA ALA H 23 -53.97 14.87 -56.10
C ALA H 23 -53.14 15.03 -54.82
N ALA H 24 -53.69 14.55 -53.71
CA ALA H 24 -53.07 14.84 -52.42
C ALA H 24 -52.93 13.55 -51.60
N THR H 25 -51.85 13.52 -50.81
CA THR H 25 -51.62 12.51 -49.77
C THR H 25 -51.03 13.20 -48.53
N ALA H 26 -50.71 12.38 -47.52
CA ALA H 26 -49.98 12.83 -46.34
C ALA H 26 -49.03 11.74 -45.87
N SER H 27 -47.93 12.16 -45.26
CA SER H 27 -46.77 11.35 -44.95
C SER H 27 -47.13 10.07 -44.18
N TYR H 28 -47.76 10.22 -43.02
CA TYR H 28 -47.95 9.05 -42.17
C TYR H 28 -48.97 8.12 -42.82
N GLN H 29 -49.76 8.65 -43.75
CA GLN H 29 -50.88 7.91 -44.31
C GLN H 29 -50.42 6.94 -45.40
N ILE H 30 -49.28 7.22 -46.05
CA ILE H 30 -48.86 6.41 -47.19
C ILE H 30 -47.42 5.89 -47.05
N GLU H 31 -46.54 6.58 -46.31
CA GLU H 31 -45.11 6.38 -46.48
C GLU H 31 -44.67 5.01 -45.98
N GLY H 32 -45.15 4.60 -44.80
CA GLY H 32 -44.55 3.48 -44.09
C GLY H 32 -43.07 3.79 -43.80
N ALA H 33 -42.22 2.76 -43.88
CA ALA H 33 -40.83 2.89 -43.46
C ALA H 33 -40.74 3.70 -42.17
N ALA H 34 -41.60 3.35 -41.20
CA ALA H 34 -41.71 4.08 -39.94
C ALA H 34 -40.47 3.92 -39.08
N ASN H 35 -39.73 2.81 -39.25
CA ASN H 35 -38.61 2.52 -38.38
C ASN H 35 -37.29 2.45 -39.15
N GLU H 36 -37.22 3.17 -40.28
CA GLU H 36 -36.03 3.14 -41.12
C GLU H 36 -35.42 4.54 -41.17
N GLY H 37 -34.09 4.57 -41.40
CA GLY H 37 -33.35 5.79 -41.66
C GLY H 37 -33.30 6.72 -40.45
N GLY H 38 -33.57 6.18 -39.25
CA GLY H 38 -33.45 6.96 -38.03
C GLY H 38 -34.71 7.72 -37.65
N ARG H 39 -35.84 7.43 -38.32
CA ARG H 39 -37.08 8.12 -38.01
C ARG H 39 -37.49 7.85 -36.57
N GLY H 40 -37.84 8.91 -35.82
CA GLY H 40 -38.38 8.76 -34.47
C GLY H 40 -39.90 8.60 -34.52
N PRO H 41 -40.55 8.09 -33.44
CA PRO H 41 -42.00 7.97 -33.43
C PRO H 41 -42.70 9.33 -33.42
N SER H 42 -43.82 9.39 -34.15
CA SER H 42 -44.73 10.53 -34.08
C SER H 42 -45.84 10.18 -33.07
N ILE H 43 -46.67 11.19 -32.76
CA ILE H 43 -47.82 11.02 -31.88
C ILE H 43 -48.75 9.97 -32.46
N TRP H 44 -48.71 9.81 -33.81
CA TRP H 44 -49.57 8.87 -34.49
C TRP H 44 -49.07 7.43 -34.38
N ASP H 45 -47.74 7.25 -34.31
CA ASP H 45 -47.15 5.94 -33.99
C ASP H 45 -47.66 5.51 -32.60
N THR H 46 -47.47 6.37 -31.61
CA THR H 46 -47.89 6.11 -30.24
C THR H 46 -49.39 5.76 -30.16
N PHE H 47 -50.20 6.59 -30.83
CA PHE H 47 -51.65 6.54 -30.73
C PHE H 47 -52.17 5.27 -31.40
N SER H 48 -51.70 4.98 -32.63
CA SER H 48 -52.19 3.82 -33.37
C SER H 48 -51.77 2.52 -32.66
N LYS H 49 -50.62 2.56 -31.96
CA LYS H 49 -50.10 1.39 -31.26
C LYS H 49 -50.77 1.20 -29.89
N THR H 50 -51.65 2.13 -29.51
CA THR H 50 -52.42 2.02 -28.28
C THR H 50 -53.72 1.25 -28.54
N PRO H 51 -53.96 0.11 -27.82
CA PRO H 51 -55.17 -0.66 -28.00
C PRO H 51 -56.42 0.22 -27.90
N GLY H 52 -57.22 0.23 -28.98
CA GLY H 52 -58.54 0.82 -28.94
C GLY H 52 -58.63 2.16 -29.68
N LYS H 53 -57.48 2.72 -30.08
CA LYS H 53 -57.49 4.05 -30.66
C LYS H 53 -57.79 4.04 -32.16
N VAL H 54 -57.35 2.98 -32.87
CA VAL H 54 -57.56 2.87 -34.31
C VAL H 54 -58.26 1.54 -34.62
N LEU H 55 -59.26 1.55 -35.51
CA LEU H 55 -59.97 0.34 -35.90
C LEU H 55 -58.99 -0.77 -36.26
N LEU H 56 -59.28 -1.98 -35.74
CA LEU H 56 -58.54 -3.20 -36.02
C LEU H 56 -57.07 -3.09 -35.59
N GLY H 57 -56.73 -2.06 -34.82
CA GLY H 57 -55.35 -1.89 -34.36
C GLY H 57 -54.38 -1.52 -35.49
N HIS H 58 -54.91 -0.99 -36.60
CA HIS H 58 -54.08 -0.62 -37.75
C HIS H 58 -53.10 0.48 -37.36
N THR H 59 -51.92 0.48 -38.00
CA THR H 59 -50.93 1.53 -37.81
C THR H 59 -50.36 1.95 -39.17
N GLY H 60 -49.55 3.00 -39.17
CA GLY H 60 -48.87 3.47 -40.37
C GLY H 60 -47.45 2.92 -40.51
N ASP H 61 -47.21 1.76 -39.89
CA ASP H 61 -45.90 1.15 -39.89
C ASP H 61 -45.45 0.88 -41.32
N VAL H 62 -46.38 0.36 -42.16
CA VAL H 62 -46.08 0.00 -43.54
C VAL H 62 -46.90 0.88 -44.48
N ALA H 63 -48.20 1.05 -44.18
CA ALA H 63 -49.10 1.80 -45.04
C ALA H 63 -48.96 1.35 -46.50
N CYS H 64 -48.70 2.30 -47.41
CA CYS H 64 -48.61 2.00 -48.84
C CYS H 64 -47.15 1.78 -49.26
N ASP H 65 -46.26 1.75 -48.28
CA ASP H 65 -44.84 1.50 -48.50
C ASP H 65 -44.29 2.47 -49.54
N HIS H 66 -44.86 3.69 -49.55
CA HIS H 66 -44.58 4.67 -50.60
C HIS H 66 -43.15 5.19 -50.48
N PHE H 67 -42.60 5.17 -49.25
CA PHE H 67 -41.23 5.60 -49.03
C PHE H 67 -40.30 4.85 -49.99
N HIS H 68 -40.65 3.58 -50.27
CA HIS H 68 -39.83 2.69 -51.09
C HIS H 68 -40.32 2.69 -52.54
N ARG H 69 -41.64 2.87 -52.74
CA ARG H 69 -42.26 2.63 -54.04
C ARG H 69 -42.54 3.93 -54.80
N TYR H 70 -41.90 5.03 -54.41
CA TYR H 70 -42.26 6.37 -54.89
C TYR H 70 -42.07 6.47 -56.41
N GLU H 71 -41.01 5.82 -56.95
CA GLU H 71 -40.72 5.93 -58.37
C GLU H 71 -41.92 5.46 -59.18
N SER H 72 -42.42 4.26 -58.87
CA SER H 72 -43.55 3.67 -59.55
C SER H 72 -44.82 4.50 -59.33
N ASP H 73 -44.98 5.05 -58.12
CA ASP H 73 -46.13 5.87 -57.80
C ASP H 73 -46.14 7.14 -58.65
N VAL H 74 -44.98 7.78 -58.82
CA VAL H 74 -44.89 9.00 -59.61
C VAL H 74 -45.21 8.71 -61.07
N LYS H 75 -44.82 7.53 -61.57
CA LYS H 75 -45.16 7.12 -62.92
CA LYS H 75 -45.16 7.15 -62.93
C LYS H 75 -46.68 7.04 -63.08
N LEU H 76 -47.38 6.56 -62.05
CA LEU H 76 -48.83 6.55 -62.09
C LEU H 76 -49.39 7.98 -62.08
N MET H 77 -48.67 8.91 -61.44
CA MET H 77 -49.08 10.31 -61.42
C MET H 77 -48.95 10.91 -62.82
N ALA H 78 -47.88 10.53 -63.52
CA ALA H 78 -47.60 10.99 -64.88
C ALA H 78 -48.68 10.45 -65.82
N ASP H 79 -49.08 9.19 -65.63
CA ASP H 79 -50.14 8.58 -66.41
C ASP H 79 -51.44 9.34 -66.16
N LEU H 80 -51.70 9.70 -64.90
CA LEU H 80 -52.89 10.45 -64.53
C LEU H 80 -52.90 11.83 -65.20
N GLY H 81 -51.73 12.47 -65.24
CA GLY H 81 -51.59 13.78 -65.85
C GLY H 81 -51.73 14.95 -64.88
N ILE H 82 -51.65 14.70 -63.57
CA ILE H 82 -51.72 15.80 -62.61
C ILE H 82 -50.54 16.76 -62.83
N LYS H 83 -50.79 18.05 -62.68
CA LYS H 83 -49.77 19.09 -62.86
C LYS H 83 -49.07 19.36 -61.53
N SER H 84 -49.73 19.00 -60.41
CA SER H 84 -49.17 19.19 -59.06
C SER H 84 -49.50 17.99 -58.18
N TYR H 85 -48.53 17.57 -57.35
CA TYR H 85 -48.75 16.55 -56.35
C TYR H 85 -48.54 17.14 -54.96
N ARG H 86 -49.59 17.09 -54.14
CA ARG H 86 -49.48 17.58 -52.78
C ARG H 86 -49.19 16.39 -51.86
N PHE H 87 -48.12 16.53 -51.08
CA PHE H 87 -47.69 15.56 -50.09
C PHE H 87 -47.24 16.33 -48.85
N SER H 88 -46.96 15.60 -47.74
CA SER H 88 -46.50 16.24 -46.51
C SER H 88 -45.11 15.77 -46.10
N LEU H 89 -44.43 16.56 -45.25
CA LEU H 89 -43.08 16.24 -44.82
C LEU H 89 -43.15 15.61 -43.43
N ALA H 90 -42.42 14.49 -43.26
CA ALA H 90 -42.36 13.80 -41.98
C ALA H 90 -41.34 14.46 -41.05
N TRP H 91 -41.83 15.39 -40.21
CA TRP H 91 -41.09 15.96 -39.08
C TRP H 91 -40.27 14.91 -38.33
N PRO H 92 -40.84 13.74 -37.94
CA PRO H 92 -40.08 12.73 -37.19
C PRO H 92 -38.90 12.07 -37.91
N ARG H 93 -38.79 12.24 -39.25
CA ARG H 93 -37.61 11.76 -39.97
C ARG H 93 -36.46 12.74 -39.79
N VAL H 94 -36.77 13.99 -39.41
CA VAL H 94 -35.80 15.07 -39.37
C VAL H 94 -35.43 15.44 -37.94
N MET H 95 -36.42 15.46 -37.04
CA MET H 95 -36.17 15.73 -35.63
C MET H 95 -36.67 14.53 -34.82
N PRO H 96 -35.97 13.36 -34.87
CA PRO H 96 -36.48 12.14 -34.28
C PRO H 96 -36.49 12.10 -32.75
N GLU H 97 -35.55 12.82 -32.12
CA GLU H 97 -35.47 12.91 -30.68
C GLU H 97 -35.09 14.35 -30.31
N LYS H 98 -35.39 14.72 -29.05
CA LYS H 98 -35.04 16.02 -28.51
C LYS H 98 -33.58 16.33 -28.80
N GLY H 99 -33.36 17.50 -29.42
CA GLY H 99 -32.02 18.03 -29.62
C GLY H 99 -31.27 17.37 -30.78
N ARG H 100 -31.91 16.44 -31.51
CA ARG H 100 -31.25 15.69 -32.56
C ARG H 100 -31.85 16.07 -33.93
N TYR H 101 -30.99 16.47 -34.85
CA TYR H 101 -31.36 16.88 -36.19
C TYR H 101 -30.63 16.02 -37.21
N GLY H 105 -33.31 12.38 -43.09
CA GLY H 105 -34.74 12.03 -43.26
C GLY H 105 -35.44 12.92 -44.29
N PHE H 106 -34.76 13.98 -44.76
CA PHE H 106 -35.21 14.81 -45.86
C PHE H 106 -34.77 14.27 -47.26
N ASP H 107 -33.95 13.21 -47.25
CA ASP H 107 -33.44 12.56 -48.43
C ASP H 107 -34.56 12.02 -49.31
N PHE H 108 -35.57 11.38 -48.68
CA PHE H 108 -36.67 10.84 -49.45
C PHE H 108 -37.34 11.93 -50.29
N TYR H 109 -37.54 13.13 -49.69
CA TYR H 109 -38.24 14.21 -50.38
C TYR H 109 -37.44 14.68 -51.58
N LYS H 110 -36.11 14.65 -51.45
CA LYS H 110 -35.24 15.00 -52.56
C LYS H 110 -35.41 14.01 -53.71
N ARG H 111 -35.48 12.70 -53.38
CA ARG H 111 -35.66 11.66 -54.37
C ARG H 111 -37.03 11.80 -55.04
N LEU H 112 -38.07 12.03 -54.21
CA LEU H 112 -39.44 12.17 -54.69
C LEU H 112 -39.53 13.33 -55.66
N ILE H 113 -38.93 14.46 -55.28
CA ILE H 113 -39.02 15.70 -56.04
C ILE H 113 -38.27 15.55 -57.37
N GLU H 114 -37.17 14.78 -57.38
CA GLU H 114 -36.47 14.53 -58.63
C GLU H 114 -37.38 13.79 -59.61
N GLN H 115 -38.09 12.78 -59.11
CA GLN H 115 -39.05 12.03 -59.91
C GLN H 115 -40.16 12.93 -60.43
N LEU H 116 -40.65 13.83 -59.56
CA LEU H 116 -41.72 14.75 -59.95
C LEU H 116 -41.26 15.64 -61.10
N HIS H 117 -40.07 16.25 -60.94
CA HIS H 117 -39.56 17.16 -61.95
C HIS H 117 -39.30 16.42 -63.26
N LYS H 118 -38.85 15.16 -63.16
CA LYS H 118 -38.59 14.34 -64.33
C LYS H 118 -39.87 14.18 -65.14
N HIS H 119 -41.03 14.17 -64.49
CA HIS H 119 -42.29 13.92 -65.15
C HIS H 119 -43.11 15.20 -65.34
N GLY H 120 -42.48 16.34 -65.10
CA GLY H 120 -43.11 17.65 -65.27
C GLY H 120 -44.24 17.93 -64.27
N ILE H 121 -44.17 17.31 -63.08
CA ILE H 121 -45.13 17.55 -62.01
C ILE H 121 -44.52 18.50 -60.98
N THR H 122 -45.30 19.53 -60.59
CA THR H 122 -44.88 20.48 -59.57
C THR H 122 -45.12 19.91 -58.16
N PRO H 123 -44.13 20.01 -57.24
CA PRO H 123 -44.37 19.62 -55.84
C PRO H 123 -45.19 20.67 -55.11
N ALA H 124 -46.14 20.23 -54.30
CA ALA H 124 -46.77 21.07 -53.30
C ALA H 124 -46.57 20.39 -51.94
N ALA H 125 -45.75 21.01 -51.08
CA ALA H 125 -45.34 20.36 -49.85
C ALA H 125 -46.05 20.98 -48.66
N THR H 126 -46.73 20.13 -47.88
CA THR H 126 -47.31 20.50 -46.60
C THR H 126 -46.28 20.26 -45.51
N ILE H 127 -45.99 21.29 -44.71
CA ILE H 127 -44.95 21.19 -43.69
C ILE H 127 -45.41 20.29 -42.56
N TYR H 128 -46.63 20.52 -42.04
CA TYR H 128 -47.16 19.78 -40.91
C TYR H 128 -48.51 19.20 -41.27
N HIS H 129 -48.58 17.86 -41.37
CA HIS H 129 -49.85 17.15 -41.56
C HIS H 129 -49.93 16.07 -40.48
N TRP H 130 -49.66 16.50 -39.23
CA TRP H 130 -50.14 15.87 -38.01
C TRP H 130 -49.13 14.96 -37.34
N ASP H 131 -48.01 14.66 -38.01
CA ASP H 131 -47.09 13.69 -37.43
C ASP H 131 -46.10 14.40 -36.51
N LEU H 132 -46.61 15.00 -35.42
CA LEU H 132 -45.76 15.65 -34.44
C LEU H 132 -44.85 14.60 -33.78
N PRO H 133 -43.52 14.84 -33.70
CA PRO H 133 -42.61 13.94 -33.00
C PRO H 133 -43.07 13.74 -31.55
N GLN H 134 -43.03 12.48 -31.10
CA GLN H 134 -43.58 12.12 -29.81
C GLN H 134 -42.87 12.89 -28.69
N TRP H 135 -41.57 13.16 -28.86
CA TRP H 135 -40.82 13.82 -27.81
C TRP H 135 -41.34 15.24 -27.54
N ILE H 136 -41.94 15.89 -28.56
CA ILE H 136 -42.52 17.21 -28.34
C ILE H 136 -43.81 17.09 -27.55
N GLU H 137 -44.63 16.06 -27.87
CA GLU H 137 -45.85 15.83 -27.11
C GLU H 137 -45.52 15.53 -25.65
N ASP H 138 -44.39 14.85 -25.41
CA ASP H 138 -43.99 14.56 -24.04
C ASP H 138 -43.75 15.86 -23.27
N GLU H 139 -43.50 16.96 -23.99
CA GLU H 139 -43.31 18.27 -23.39
C GLU H 139 -44.57 19.12 -23.56
N GLY H 140 -45.74 18.48 -23.69
CA GLY H 140 -46.99 19.23 -23.76
C GLY H 140 -47.45 19.51 -25.19
N GLY H 141 -46.64 19.14 -26.19
CA GLY H 141 -47.09 19.22 -27.57
C GLY H 141 -47.49 20.64 -27.97
N TRP H 142 -48.64 20.75 -28.65
CA TRP H 142 -49.09 22.02 -29.18
C TRP H 142 -49.56 22.98 -28.09
N SER H 143 -49.77 22.49 -26.85
CA SER H 143 -50.22 23.35 -25.76
C SER H 143 -49.04 24.15 -25.19
N ASN H 144 -47.82 23.69 -25.47
CA ASN H 144 -46.62 24.34 -24.96
C ASN H 144 -46.15 25.35 -26.00
N ARG H 145 -45.91 26.60 -25.57
CA ARG H 145 -45.49 27.67 -26.46
C ARG H 145 -44.19 27.31 -27.17
N ALA H 146 -43.37 26.48 -26.51
CA ALA H 146 -42.07 26.09 -27.04
C ALA H 146 -42.21 25.38 -28.39
N VAL H 147 -43.42 24.86 -28.65
CA VAL H 147 -43.70 24.14 -29.89
C VAL H 147 -43.49 25.08 -31.09
N VAL H 148 -43.70 26.39 -30.89
CA VAL H 148 -43.63 27.35 -31.98
C VAL H 148 -42.20 27.38 -32.52
N ASP H 149 -41.22 27.38 -31.62
CA ASP H 149 -39.81 27.40 -31.98
C ASP H 149 -39.40 26.07 -32.59
N TYR H 150 -39.99 24.96 -32.11
CA TYR H 150 -39.63 23.66 -32.65
C TYR H 150 -40.10 23.59 -34.10
N TYR H 151 -41.32 24.07 -34.35
CA TYR H 151 -41.89 24.04 -35.69
C TYR H 151 -41.05 24.96 -36.61
N LYS H 152 -40.75 26.15 -36.12
CA LYS H 152 -39.93 27.09 -36.85
C LYS H 152 -38.60 26.45 -37.27
N GLU H 153 -37.98 25.70 -36.36
CA GLU H 153 -36.71 25.03 -36.62
C GLU H 153 -36.88 24.02 -37.76
N PHE H 154 -37.99 23.27 -37.74
CA PHE H 154 -38.25 22.28 -38.78
C PHE H 154 -38.52 22.99 -40.11
N ALA H 155 -39.35 24.03 -40.07
CA ALA H 155 -39.71 24.76 -41.29
C ALA H 155 -38.45 25.38 -41.91
N GLU H 156 -37.55 25.88 -41.06
CA GLU H 156 -36.31 26.49 -41.51
C GLU H 156 -35.47 25.47 -42.29
N GLN H 157 -35.36 24.25 -41.76
CA GLN H 157 -34.57 23.21 -42.39
C GLN H 157 -35.26 22.71 -43.66
N ALA H 158 -36.60 22.74 -43.69
CA ALA H 158 -37.33 22.29 -44.87
C ALA H 158 -37.09 23.30 -45.99
N PHE H 159 -37.18 24.59 -45.67
CA PHE H 159 -36.97 25.66 -46.63
C PHE H 159 -35.55 25.61 -47.17
N LYS H 160 -34.58 25.27 -46.32
CA LYS H 160 -33.18 25.22 -46.71
C LYS H 160 -32.91 23.98 -47.58
N ALA H 161 -33.53 22.85 -47.21
CA ALA H 161 -33.28 21.59 -47.89
C ALA H 161 -33.96 21.53 -49.25
N LEU H 162 -35.17 22.10 -49.34
CA LEU H 162 -36.01 22.01 -50.53
C LEU H 162 -36.20 23.45 -51.04
N GLY H 163 -37.41 23.86 -51.48
CA GLY H 163 -37.74 25.28 -51.54
C GLY H 163 -37.33 25.94 -52.86
N ASP H 164 -36.10 25.84 -53.33
CA ASP H 164 -35.85 26.09 -54.74
C ASP H 164 -36.58 25.08 -55.65
N ASP H 165 -36.82 23.88 -55.11
CA ASP H 165 -37.46 22.82 -55.88
C ASP H 165 -38.96 22.76 -55.60
N VAL H 166 -39.39 23.44 -54.53
CA VAL H 166 -40.78 23.43 -54.14
C VAL H 166 -41.37 24.82 -54.33
N PRO H 167 -42.18 25.08 -55.37
CA PRO H 167 -42.76 26.41 -55.58
C PRO H 167 -44.01 26.72 -54.77
N PHE H 168 -44.52 25.73 -54.02
CA PHE H 168 -45.81 25.86 -53.38
C PHE H 168 -45.79 25.16 -52.02
N TRP H 169 -45.88 25.96 -50.96
CA TRP H 169 -45.71 25.50 -49.59
C TRP H 169 -47.00 25.70 -48.80
N ILE H 170 -47.40 24.65 -48.06
CA ILE H 170 -48.52 24.77 -47.13
C ILE H 170 -47.98 24.60 -45.71
N THR H 171 -48.17 25.63 -44.88
CA THR H 171 -47.59 25.67 -43.54
C THR H 171 -48.20 24.56 -42.68
N HIS H 172 -49.53 24.50 -42.65
CA HIS H 172 -50.26 23.65 -41.74
C HIS H 172 -51.47 23.09 -42.46
N ASN H 173 -51.75 21.81 -42.16
CA ASN H 173 -52.94 21.16 -42.66
C ASN H 173 -53.94 21.05 -41.52
N GLU H 174 -55.08 21.72 -41.69
CA GLU H 174 -56.26 21.54 -40.84
C GLU H 174 -55.94 21.77 -39.35
N PRO H 175 -55.68 23.03 -38.95
CA PRO H 175 -55.48 23.33 -37.52
C PRO H 175 -56.63 22.81 -36.64
N TRP H 176 -57.88 22.90 -37.13
CA TRP H 176 -59.01 22.45 -36.35
C TRP H 176 -58.81 21.00 -35.90
N CYS H 177 -58.33 20.12 -36.80
CA CYS H 177 -58.14 18.72 -36.48
C CYS H 177 -56.97 18.53 -35.52
N ALA H 178 -55.86 19.22 -35.78
CA ALA H 178 -54.65 19.05 -34.99
C ALA H 178 -54.85 19.59 -33.57
N SER H 179 -55.80 20.52 -33.41
CA SER H 179 -56.05 21.08 -32.09
C SER H 179 -57.31 20.49 -31.46
N LEU H 180 -58.47 20.93 -31.95
CA LEU H 180 -59.75 20.61 -31.32
C LEU H 180 -60.06 19.11 -31.39
N LEU H 181 -59.81 18.47 -32.53
CA LEU H 181 -60.17 17.06 -32.65
C LEU H 181 -59.18 16.18 -31.88
N SER H 182 -57.94 16.65 -31.75
CA SER H 182 -56.83 15.88 -31.21
C SER H 182 -56.71 16.02 -29.69
N TYR H 183 -56.96 17.23 -29.18
CA TYR H 183 -56.71 17.50 -27.77
C TYR H 183 -58.01 17.74 -27.01
N GLY H 184 -59.09 18.03 -27.75
CA GLY H 184 -60.36 18.37 -27.13
C GLY H 184 -61.37 17.23 -27.24
N ILE H 185 -61.59 16.73 -28.48
CA ILE H 185 -62.53 15.65 -28.73
C ILE H 185 -61.84 14.30 -28.48
N GLY H 186 -60.56 14.21 -28.84
CA GLY H 186 -59.73 13.05 -28.54
C GLY H 186 -59.80 11.91 -29.58
N GLU H 187 -60.33 12.16 -30.77
CA GLU H 187 -60.44 11.14 -31.80
C GLU H 187 -59.10 10.91 -32.49
N HIS H 188 -58.26 11.94 -32.55
CA HIS H 188 -56.97 11.91 -33.22
C HIS H 188 -55.83 12.14 -32.21
N ALA H 189 -54.63 11.69 -32.60
CA ALA H 189 -53.43 11.80 -31.78
C ALA H 189 -53.22 13.25 -31.37
N PRO H 190 -52.88 13.56 -30.09
CA PRO H 190 -52.58 12.53 -29.09
C PRO H 190 -53.76 11.99 -28.30
N GLY H 191 -54.98 12.37 -28.68
CA GLY H 191 -56.18 11.71 -28.19
C GLY H 191 -56.58 12.16 -26.79
N LEU H 192 -56.33 13.43 -26.45
CA LEU H 192 -56.69 13.95 -25.15
C LEU H 192 -58.06 14.61 -25.19
N LYS H 193 -58.64 14.84 -23.99
CA LYS H 193 -59.95 15.45 -23.87
C LYS H 193 -59.89 16.59 -22.87
N ASP H 194 -59.51 17.78 -23.36
CA ASP H 194 -59.17 18.92 -22.52
C ASP H 194 -59.28 20.17 -23.39
N TRP H 195 -60.39 20.92 -23.24
CA TRP H 195 -60.68 22.01 -24.17
C TRP H 195 -59.64 23.13 -24.02
N ARG H 196 -59.18 23.40 -22.80
CA ARG H 196 -58.23 24.46 -22.57
C ARG H 196 -56.96 24.13 -23.36
N ARG H 197 -56.52 22.87 -23.24
CA ARG H 197 -55.35 22.34 -23.92
C ARG H 197 -55.51 22.48 -25.42
N ALA H 198 -56.72 22.16 -25.92
CA ALA H 198 -57.02 22.21 -27.35
C ALA H 198 -57.00 23.66 -27.87
N TYR H 199 -57.52 24.60 -27.09
CA TYR H 199 -57.54 26.00 -27.52
C TYR H 199 -56.14 26.60 -27.46
N ARG H 200 -55.31 26.12 -26.53
CA ARG H 200 -53.92 26.54 -26.47
C ARG H 200 -53.19 26.03 -27.72
N ALA H 201 -53.49 24.78 -28.07
CA ALA H 201 -52.97 24.16 -29.27
C ALA H 201 -53.36 24.95 -30.53
N ALA H 202 -54.63 25.33 -30.65
CA ALA H 202 -55.09 26.10 -31.80
C ALA H 202 -54.27 27.37 -31.97
N HIS H 203 -54.07 28.10 -30.86
CA HIS H 203 -53.33 29.36 -30.88
C HIS H 203 -51.89 29.15 -31.34
N HIS H 204 -51.22 28.12 -30.81
CA HIS H 204 -49.84 27.87 -31.15
C HIS H 204 -49.67 27.38 -32.60
N ILE H 205 -50.65 26.61 -33.10
CA ILE H 205 -50.63 26.20 -34.49
C ILE H 205 -50.71 27.44 -35.38
N LEU H 206 -51.65 28.33 -35.06
CA LEU H 206 -51.85 29.54 -35.85
C LEU H 206 -50.60 30.43 -35.81
N LEU H 207 -50.00 30.56 -34.62
CA LEU H 207 -48.82 31.39 -34.41
C LEU H 207 -47.63 30.82 -35.22
N SER H 208 -47.50 29.48 -35.20
CA SER H 208 -46.40 28.83 -35.90
C SER H 208 -46.53 29.01 -37.42
N HIS H 209 -47.76 28.91 -37.94
CA HIS H 209 -48.04 29.28 -39.33
C HIS H 209 -47.45 30.65 -39.66
N GLY H 210 -47.76 31.66 -38.84
CA GLY H 210 -47.32 33.01 -39.10
C GLY H 210 -45.80 33.15 -39.09
N GLU H 211 -45.15 32.43 -38.17
CA GLU H 211 -43.71 32.45 -38.05
C GLU H 211 -43.07 31.87 -39.32
N ALA H 212 -43.68 30.80 -39.86
CA ALA H 212 -43.15 30.14 -41.04
C ALA H 212 -43.29 31.05 -42.26
N VAL H 213 -44.41 31.77 -42.38
CA VAL H 213 -44.58 32.68 -43.49
C VAL H 213 -43.52 33.77 -43.42
N LYS H 214 -43.32 34.33 -42.22
CA LYS H 214 -42.34 35.40 -42.04
C LYS H 214 -40.95 34.89 -42.46
N LEU H 215 -40.62 33.68 -42.01
CA LEU H 215 -39.33 33.06 -42.30
C LEU H 215 -39.16 32.88 -43.80
N TYR H 216 -40.25 32.53 -44.48
CA TYR H 216 -40.24 32.27 -45.92
C TYR H 216 -39.83 33.55 -46.66
N ARG H 217 -40.40 34.69 -46.26
CA ARG H 217 -40.12 35.97 -46.88
C ARG H 217 -38.66 36.34 -46.65
N GLU H 218 -38.17 36.09 -45.42
CA GLU H 218 -36.82 36.45 -45.03
C GLU H 218 -35.81 35.58 -45.83
N GLY H 223 -41.32 31.27 -54.39
CA GLY H 223 -42.59 30.54 -54.55
C GLY H 223 -43.73 31.13 -53.72
N GLN H 224 -44.73 30.30 -53.40
CA GLN H 224 -45.94 30.73 -52.72
C GLN H 224 -46.13 29.92 -51.42
N ILE H 225 -46.68 30.57 -50.38
CA ILE H 225 -46.93 29.95 -49.10
CA ILE H 225 -46.90 30.01 -49.04
C ILE H 225 -48.29 30.38 -48.57
N GLY H 226 -48.98 29.43 -47.93
CA GLY H 226 -50.31 29.63 -47.38
C GLY H 226 -50.65 28.53 -46.39
N ILE H 227 -51.77 28.69 -45.69
CA ILE H 227 -52.28 27.66 -44.78
C ILE H 227 -53.38 26.87 -45.51
N THR H 228 -53.65 25.64 -45.02
CA THR H 228 -54.82 24.89 -45.44
C THR H 228 -55.77 24.71 -44.26
N LEU H 229 -57.04 25.14 -44.45
CA LEU H 229 -58.08 25.00 -43.44
C LEU H 229 -59.14 24.02 -43.94
N ASN H 230 -59.52 23.06 -43.09
CA ASN H 230 -60.75 22.33 -43.34
C ASN H 230 -61.91 23.22 -42.92
N LEU H 231 -62.89 23.37 -43.82
CA LEU H 231 -64.05 24.19 -43.52
C LEU H 231 -65.29 23.33 -43.72
N THR H 232 -66.16 23.33 -42.71
CA THR H 232 -67.43 22.62 -42.77
C THR H 232 -68.54 23.66 -42.60
N PRO H 233 -69.09 24.20 -43.71
CA PRO H 233 -70.16 25.19 -43.62
C PRO H 233 -71.29 24.63 -42.76
N ALA H 234 -71.82 25.46 -41.85
CA ALA H 234 -72.93 25.11 -40.99
C ALA H 234 -74.19 25.79 -41.51
N TYR H 235 -75.32 25.11 -41.34
CA TYR H 235 -76.62 25.62 -41.79
C TYR H 235 -77.63 25.48 -40.66
N PRO H 236 -78.63 26.40 -40.56
CA PRO H 236 -79.61 26.37 -39.46
C PRO H 236 -80.49 25.11 -39.31
N ALA H 246 -77.52 29.04 -33.30
CA ALA H 246 -76.86 27.71 -33.24
C ALA H 246 -75.92 27.56 -34.44
N GLN H 247 -76.36 28.04 -35.61
CA GLN H 247 -75.56 28.02 -36.82
C GLN H 247 -74.30 28.84 -36.58
N GLN H 248 -74.46 30.00 -35.93
CA GLN H 248 -73.36 30.92 -35.71
C GLN H 248 -72.34 30.29 -34.77
N ARG H 249 -72.81 29.58 -33.74
CA ARG H 249 -71.96 28.90 -32.78
C ARG H 249 -71.13 27.82 -33.49
N GLN H 250 -71.81 26.97 -34.27
CA GLN H 250 -71.16 25.91 -35.02
C GLN H 250 -70.13 26.49 -35.98
N ASP H 251 -70.50 27.58 -36.69
CA ASP H 251 -69.65 28.22 -37.68
C ASP H 251 -68.42 28.80 -37.00
N ALA H 252 -68.58 29.35 -35.80
CA ALA H 252 -67.46 29.89 -35.03
C ALA H 252 -66.51 28.75 -34.66
N PHE H 253 -67.10 27.64 -34.19
CA PHE H 253 -66.34 26.53 -33.66
C PHE H 253 -65.49 25.87 -34.74
N SER H 254 -66.10 25.68 -35.92
CA SER H 254 -65.46 24.91 -36.98
C SER H 254 -64.58 25.81 -37.85
N ASN H 255 -65.07 27.01 -38.16
CA ASN H 255 -64.59 27.77 -39.30
C ASN H 255 -63.99 29.12 -38.90
N ARG H 256 -64.76 29.95 -38.18
CA ARG H 256 -64.34 31.31 -37.88
C ARG H 256 -63.19 31.33 -36.87
N TRP H 257 -63.09 30.29 -36.04
CA TRP H 257 -62.04 30.26 -35.03
C TRP H 257 -60.66 30.36 -35.68
N PHE H 258 -60.58 29.93 -36.95
CA PHE H 258 -59.34 29.88 -37.69
C PHE H 258 -59.31 30.97 -38.76
N LEU H 259 -60.44 31.18 -39.45
CA LEU H 259 -60.49 32.20 -40.50
C LEU H 259 -60.28 33.61 -39.95
N ASP H 260 -60.94 33.92 -38.82
CA ASP H 260 -60.91 35.27 -38.28
C ASP H 260 -59.49 35.68 -37.92
N PRO H 261 -58.74 34.86 -37.14
CA PRO H 261 -57.35 35.21 -36.81
C PRO H 261 -56.44 35.38 -38.02
N ILE H 262 -56.58 34.47 -39.00
CA ILE H 262 -55.76 34.50 -40.20
C ILE H 262 -56.01 35.79 -40.98
N PHE H 263 -57.29 36.16 -41.14
CA PHE H 263 -57.62 37.23 -42.06
C PHE H 263 -57.93 38.55 -41.36
N LYS H 264 -58.45 38.49 -40.13
CA LYS H 264 -58.90 39.71 -39.46
C LYS H 264 -58.08 40.01 -38.22
N GLY H 265 -57.17 39.10 -37.87
CA GLY H 265 -56.26 39.27 -36.75
C GLY H 265 -56.96 39.30 -35.39
N GLU H 266 -58.12 38.63 -35.27
CA GLU H 266 -58.80 38.47 -34.00
C GLU H 266 -59.60 37.16 -33.99
N TYR H 267 -59.76 36.57 -32.78
CA TYR H 267 -60.67 35.46 -32.60
C TYR H 267 -62.10 35.96 -32.63
N PRO H 268 -63.09 35.13 -33.04
CA PRO H 268 -64.48 35.57 -33.02
C PRO H 268 -64.97 35.91 -31.61
N ALA H 269 -65.32 37.19 -31.42
CA ALA H 269 -65.69 37.74 -30.14
C ALA H 269 -67.00 37.13 -29.64
N ASP H 270 -67.83 36.62 -30.55
CA ASP H 270 -69.08 36.00 -30.14
C ASP H 270 -68.82 34.66 -29.45
N PHE H 271 -67.70 33.99 -29.78
CA PHE H 271 -67.50 32.62 -29.31
C PHE H 271 -66.48 32.55 -28.18
N MET H 272 -65.57 33.54 -28.12
CA MET H 272 -64.53 33.51 -27.12
C MET H 272 -65.11 33.42 -25.71
N PRO H 273 -66.25 34.08 -25.37
CA PRO H 273 -66.84 33.92 -24.05
C PRO H 273 -67.21 32.47 -23.72
N ARG H 274 -67.67 31.72 -24.73
CA ARG H 274 -68.02 30.32 -24.53
C ARG H 274 -66.73 29.53 -24.26
N VAL H 275 -65.67 29.88 -24.99
CA VAL H 275 -64.39 29.21 -24.80
C VAL H 275 -63.94 29.43 -23.36
N GLU H 276 -63.99 30.68 -22.89
CA GLU H 276 -63.51 30.98 -21.55
C GLU H 276 -64.42 30.34 -20.50
N ARG H 277 -65.71 30.19 -20.83
CA ARG H 277 -66.62 29.51 -19.92
C ARG H 277 -66.19 28.06 -19.67
N PHE H 278 -65.82 27.33 -20.73
CA PHE H 278 -65.55 25.91 -20.60
C PHE H 278 -64.07 25.61 -20.34
N CYS H 279 -63.18 26.57 -20.57
CA CYS H 279 -61.75 26.30 -20.43
C CYS H 279 -61.15 27.04 -19.22
N GLY H 280 -61.83 28.13 -18.81
CA GLY H 280 -61.20 29.13 -17.98
C GLY H 280 -60.20 29.92 -18.81
N ASP H 281 -59.33 30.69 -18.14
CA ASP H 281 -58.34 31.50 -18.82
C ASP H 281 -57.37 30.61 -19.60
N LEU H 282 -57.19 30.92 -20.90
CA LEU H 282 -56.28 30.15 -21.75
C LEU H 282 -54.83 30.52 -21.42
N ASN H 283 -54.60 31.74 -20.95
CA ASN H 283 -53.27 32.22 -20.62
C ASN H 283 -52.34 31.94 -21.80
N VAL H 284 -52.76 32.24 -23.04
CA VAL H 284 -52.00 31.79 -24.20
C VAL H 284 -51.68 32.95 -25.15
N ILE H 285 -52.55 33.96 -25.21
CA ILE H 285 -52.38 35.03 -26.21
C ILE H 285 -51.39 36.07 -25.68
N GLN H 286 -50.27 36.24 -26.38
CA GLN H 286 -49.26 37.18 -25.94
C GLN H 286 -49.21 38.36 -26.92
N PRO H 287 -48.73 39.56 -26.50
CA PRO H 287 -48.68 40.71 -27.40
C PRO H 287 -47.85 40.37 -28.64
N GLY H 288 -48.36 40.74 -29.81
CA GLY H 288 -47.67 40.46 -31.06
C GLY H 288 -48.24 39.24 -31.78
N ASP H 289 -48.83 38.31 -31.03
CA ASP H 289 -49.27 37.04 -31.56
C ASP H 289 -50.26 37.22 -32.71
N MET H 290 -51.31 38.02 -32.50
CA MET H 290 -52.41 38.10 -33.46
C MET H 290 -51.91 38.74 -34.76
N GLU H 291 -50.94 39.67 -34.63
CA GLU H 291 -50.32 40.30 -35.78
C GLU H 291 -49.52 39.26 -36.58
N THR H 292 -48.78 38.39 -35.88
CA THR H 292 -47.97 37.37 -36.53
C THR H 292 -48.87 36.36 -37.25
N ILE H 293 -50.00 36.01 -36.63
CA ILE H 293 -50.94 35.04 -37.20
C ILE H 293 -51.51 35.58 -38.52
N SER H 294 -51.70 36.90 -38.60
CA SER H 294 -52.38 37.54 -39.72
C SER H 294 -51.43 38.10 -40.78
N VAL H 295 -50.16 37.65 -40.78
CA VAL H 295 -49.22 38.03 -41.83
C VAL H 295 -49.78 37.65 -43.21
N PRO H 296 -49.62 38.51 -44.25
CA PRO H 296 -50.18 38.21 -45.58
C PRO H 296 -49.62 36.93 -46.21
N GLN H 297 -50.53 36.08 -46.68
CA GLN H 297 -50.19 34.83 -47.37
C GLN H 297 -50.21 35.04 -48.87
N ASP H 298 -49.80 34.03 -49.63
CA ASP H 298 -49.88 34.04 -51.09
C ASP H 298 -51.20 33.45 -51.57
N PHE H 299 -51.79 32.55 -50.79
CA PHE H 299 -53.01 31.87 -51.19
C PHE H 299 -53.69 31.35 -49.93
N LEU H 300 -54.96 30.93 -50.06
CA LEU H 300 -55.63 30.13 -49.05
C LEU H 300 -55.90 28.74 -49.59
N GLY H 301 -55.53 27.71 -48.83
CA GLY H 301 -55.91 26.35 -49.15
C GLY H 301 -57.16 25.96 -48.35
N ILE H 302 -58.12 25.32 -49.04
CA ILE H 302 -59.30 24.84 -48.34
C ILE H 302 -59.50 23.35 -48.59
N ASN H 303 -59.87 22.63 -47.55
CA ASN H 303 -60.25 21.23 -47.64
C ASN H 303 -61.74 21.16 -47.40
N PHE H 304 -62.48 20.62 -48.38
CA PHE H 304 -63.93 20.63 -48.27
C PHE H 304 -64.45 19.22 -48.51
N TYR H 305 -65.41 18.80 -47.68
CA TYR H 305 -65.97 17.47 -47.78
C TYR H 305 -67.48 17.49 -47.66
N THR H 306 -68.01 18.27 -46.72
CA THR H 306 -69.41 18.18 -46.34
C THR H 306 -69.86 19.46 -45.64
N ARG H 307 -71.12 19.47 -45.20
CA ARG H 307 -71.67 20.58 -44.42
C ARG H 307 -72.28 20.03 -43.14
N SER H 308 -72.71 20.94 -42.23
CA SER H 308 -73.53 20.48 -41.11
C SER H 308 -74.84 21.26 -41.02
N VAL H 309 -75.80 20.70 -40.27
CA VAL H 309 -77.09 21.38 -40.05
C VAL H 309 -77.34 21.59 -38.55
N PRO H 330 -77.69 9.72 -50.36
CA PRO H 330 -77.07 11.04 -50.56
C PRO H 330 -75.94 11.26 -49.55
N VAL H 331 -75.33 10.15 -49.10
CA VAL H 331 -74.13 10.18 -48.27
C VAL H 331 -73.04 9.31 -48.89
N THR H 332 -71.78 9.59 -48.51
CA THR H 332 -70.64 8.77 -48.86
C THR H 332 -70.52 7.58 -47.90
N ASP H 333 -69.45 6.79 -48.07
CA ASP H 333 -69.22 5.60 -47.29
C ASP H 333 -68.79 5.97 -45.86
N MET H 334 -68.56 7.26 -45.62
CA MET H 334 -68.29 7.74 -44.26
C MET H 334 -69.61 8.14 -43.61
N GLY H 335 -70.68 8.19 -44.39
CA GLY H 335 -71.97 8.67 -43.94
C GLY H 335 -72.05 10.20 -43.91
N TRP H 336 -71.17 10.89 -44.64
CA TRP H 336 -71.23 12.34 -44.75
C TRP H 336 -72.13 12.73 -45.92
N GLU H 337 -72.94 13.77 -45.70
CA GLU H 337 -73.83 14.30 -46.70
C GLU H 337 -73.04 14.80 -47.89
N ILE H 338 -73.52 14.49 -49.09
CA ILE H 338 -73.04 15.08 -50.33
C ILE H 338 -73.89 16.32 -50.57
N TYR H 339 -73.26 17.49 -50.47
CA TYR H 339 -73.95 18.75 -50.64
C TYR H 339 -73.01 19.74 -51.32
N PRO H 340 -72.81 19.62 -52.65
CA PRO H 340 -71.85 20.45 -53.37
C PRO H 340 -72.17 21.95 -53.36
N ASP H 341 -73.43 22.32 -53.11
CA ASP H 341 -73.84 23.72 -53.02
C ASP H 341 -73.09 24.41 -51.89
N ALA H 342 -72.77 23.65 -50.84
CA ALA H 342 -72.01 24.17 -49.71
C ALA H 342 -70.63 24.65 -50.16
N LEU H 343 -70.04 23.94 -51.15
CA LEU H 343 -68.73 24.33 -51.61
C LEU H 343 -68.83 25.63 -52.41
N TYR H 344 -69.85 25.72 -53.25
CA TYR H 344 -70.11 26.91 -54.06
C TYR H 344 -70.30 28.12 -53.14
N ASP H 345 -71.17 27.97 -52.13
CA ASP H 345 -71.46 29.02 -51.17
C ASP H 345 -70.18 29.41 -50.42
N LEU H 346 -69.39 28.40 -50.02
CA LEU H 346 -68.18 28.66 -49.23
C LEU H 346 -67.20 29.51 -50.01
N LEU H 347 -66.94 29.15 -51.28
CA LEU H 347 -65.99 29.87 -52.11
C LEU H 347 -66.42 31.33 -52.25
N HIS H 348 -67.73 31.54 -52.45
CA HIS H 348 -68.27 32.90 -52.55
C HIS H 348 -68.07 33.65 -51.24
N ARG H 349 -68.27 32.94 -50.12
CA ARG H 349 -68.13 33.56 -48.81
C ARG H 349 -66.68 34.02 -48.61
N LEU H 350 -65.72 33.19 -49.02
CA LEU H 350 -64.32 33.51 -48.84
C LEU H 350 -63.98 34.74 -49.69
N LYS H 351 -64.43 34.73 -50.93
CA LYS H 351 -64.24 35.83 -51.87
C LYS H 351 -64.81 37.13 -51.29
N ASN H 352 -66.04 37.05 -50.76
CA ASN H 352 -66.82 38.21 -50.36
C ASN H 352 -66.39 38.76 -48.99
N GLU H 353 -66.02 37.88 -48.06
CA GLU H 353 -65.86 38.27 -46.66
C GLU H 353 -64.41 38.22 -46.17
N TYR H 354 -63.55 37.42 -46.83
CA TYR H 354 -62.25 37.14 -46.25
C TYR H 354 -61.07 37.58 -47.11
N THR H 355 -61.04 37.18 -48.39
CA THR H 355 -59.81 37.34 -49.15
C THR H 355 -60.07 37.45 -50.65
N ASP H 356 -59.20 38.20 -51.32
CA ASP H 356 -59.16 38.22 -52.77
C ASP H 356 -57.97 37.41 -53.27
N LEU H 357 -57.29 36.74 -52.35
CA LEU H 357 -56.17 35.87 -52.68
C LEU H 357 -56.66 34.70 -53.53
N PRO H 358 -55.75 34.09 -54.33
CA PRO H 358 -56.02 32.79 -54.94
C PRO H 358 -56.44 31.76 -53.91
N ILE H 359 -57.54 31.03 -54.21
CA ILE H 359 -57.98 29.92 -53.39
C ILE H 359 -57.63 28.63 -54.13
N TYR H 360 -57.14 27.64 -53.37
CA TYR H 360 -56.88 26.31 -53.91
C TYR H 360 -57.66 25.31 -53.08
N ILE H 361 -58.43 24.44 -53.73
CA ILE H 361 -59.02 23.34 -53.00
C ILE H 361 -57.93 22.29 -52.86
N THR H 362 -57.30 22.27 -51.67
CA THR H 362 -56.15 21.43 -51.40
C THR H 362 -56.60 20.00 -51.07
N GLU H 363 -57.89 19.80 -50.80
CA GLU H 363 -58.44 18.46 -50.69
C GLU H 363 -59.93 18.49 -50.98
N ASN H 364 -60.42 17.43 -51.65
CA ASN H 364 -61.82 17.12 -51.82
C ASN H 364 -61.93 15.68 -52.31
N GLY H 365 -62.88 14.91 -51.78
CA GLY H 365 -62.94 13.50 -52.15
C GLY H 365 -64.01 12.78 -51.34
N ALA H 366 -64.03 11.45 -51.41
CA ALA H 366 -65.17 10.70 -50.94
C ALA H 366 -64.79 9.26 -50.75
N ALA H 367 -65.14 8.67 -49.61
CA ALA H 367 -65.08 7.24 -49.44
C ALA H 367 -66.22 6.58 -50.22
N VAL H 373 -63.51 -6.37 -58.66
CA VAL H 373 -64.14 -7.51 -59.40
C VAL H 373 -63.88 -7.38 -60.91
N ASN H 374 -63.59 -8.52 -61.55
CA ASN H 374 -63.09 -8.62 -62.91
C ASN H 374 -61.83 -7.77 -63.10
N GLY H 375 -60.93 -7.75 -62.11
CA GLY H 375 -59.71 -6.98 -62.18
C GLY H 375 -59.92 -5.46 -62.22
N GLU H 376 -61.12 -4.99 -61.83
CA GLU H 376 -61.42 -3.56 -61.87
C GLU H 376 -62.02 -3.11 -60.53
N VAL H 377 -62.03 -1.78 -60.33
CA VAL H 377 -62.77 -1.14 -59.26
C VAL H 377 -63.71 -0.11 -59.87
N GLU H 378 -65.00 -0.42 -59.87
CA GLU H 378 -66.00 0.40 -60.53
C GLU H 378 -66.65 1.35 -59.52
N ASP H 379 -65.92 2.41 -59.16
CA ASP H 379 -66.31 3.32 -58.08
C ASP H 379 -67.12 4.50 -58.63
N THR H 380 -68.27 4.18 -59.23
CA THR H 380 -69.13 5.17 -59.86
C THR H 380 -69.55 6.27 -58.86
N PRO H 381 -69.95 5.90 -57.60
CA PRO H 381 -70.41 6.92 -56.65
C PRO H 381 -69.35 8.00 -56.38
N ARG H 382 -68.07 7.57 -56.36
CA ARG H 382 -66.99 8.48 -56.17
C ARG H 382 -66.87 9.45 -57.35
N ILE H 383 -66.99 8.94 -58.58
CA ILE H 383 -67.00 9.77 -59.78
C ILE H 383 -68.12 10.81 -59.67
N ASP H 384 -69.33 10.35 -59.33
CA ASP H 384 -70.47 11.23 -59.19
C ASP H 384 -70.19 12.35 -58.16
N TYR H 385 -69.51 12.02 -57.07
CA TYR H 385 -69.21 12.98 -56.02
C TYR H 385 -68.27 14.08 -56.54
N VAL H 386 -67.19 13.65 -57.21
CA VAL H 386 -66.17 14.58 -57.68
C VAL H 386 -66.75 15.47 -58.79
N ARG H 387 -67.56 14.86 -59.67
CA ARG H 387 -68.21 15.62 -60.74
C ARG H 387 -69.04 16.77 -60.16
N GLN H 388 -69.87 16.47 -59.16
CA GLN H 388 -70.73 17.45 -58.52
C GLN H 388 -69.91 18.60 -57.92
N HIS H 389 -68.78 18.28 -57.26
CA HIS H 389 -67.96 19.30 -56.62
C HIS H 389 -67.22 20.15 -57.64
N LEU H 390 -66.78 19.53 -58.74
CA LEU H 390 -66.10 20.31 -59.77
C LEU H 390 -67.09 21.23 -60.49
N ASP H 391 -68.37 20.81 -60.58
CA ASP H 391 -69.39 21.65 -61.17
C ASP H 391 -69.59 22.90 -60.29
N ALA H 392 -69.61 22.68 -58.97
CA ALA H 392 -69.76 23.77 -58.01
C ALA H 392 -68.59 24.75 -58.14
N ALA H 393 -67.38 24.20 -58.23
CA ALA H 393 -66.16 24.99 -58.43
C ALA H 393 -66.23 25.74 -59.76
N HIS H 394 -66.73 25.08 -60.81
CA HIS H 394 -66.77 25.70 -62.13
C HIS H 394 -67.68 26.92 -62.08
N ARG H 395 -68.81 26.80 -61.37
CA ARG H 395 -69.76 27.89 -61.26
C ARG H 395 -69.14 29.11 -60.56
N PHE H 396 -68.35 28.85 -59.51
CA PHE H 396 -67.66 29.91 -58.78
C PHE H 396 -66.71 30.65 -59.71
N ILE H 397 -65.95 29.89 -60.51
CA ILE H 397 -64.98 30.45 -61.45
C ILE H 397 -65.70 31.33 -62.48
N GLN H 398 -66.87 30.87 -62.94
CA GLN H 398 -67.64 31.55 -63.97
CA GLN H 398 -67.68 31.52 -63.96
C GLN H 398 -68.13 32.90 -63.46
N GLU H 399 -68.31 32.99 -62.13
CA GLU H 399 -68.80 34.19 -61.49
C GLU H 399 -67.62 35.00 -60.94
N ASN H 402 -61.70 33.45 -57.82
CA ASN H 402 -60.23 33.31 -57.95
C ASN H 402 -59.79 31.94 -57.43
N LEU H 403 -60.38 30.86 -57.96
CA LEU H 403 -60.00 29.49 -57.65
C LEU H 403 -59.00 29.02 -58.68
N LYS H 404 -57.82 28.59 -58.22
CA LYS H 404 -56.69 28.38 -59.12
C LYS H 404 -56.32 26.91 -59.24
N GLY H 405 -56.88 26.03 -58.38
CA GLY H 405 -56.45 24.65 -58.39
C GLY H 405 -57.37 23.75 -57.58
N TYR H 406 -57.30 22.45 -57.89
CA TYR H 406 -58.11 21.44 -57.22
C TYR H 406 -57.26 20.20 -57.03
N TYR H 407 -57.20 19.73 -55.78
CA TYR H 407 -56.48 18.51 -55.47
C TYR H 407 -57.46 17.47 -54.95
N LEU H 408 -57.54 16.33 -55.64
CA LEU H 408 -58.39 15.21 -55.24
C LEU H 408 -57.72 14.47 -54.08
N TRP H 409 -58.45 14.33 -52.98
CA TRP H 409 -58.06 13.40 -51.92
C TRP H 409 -58.73 12.05 -52.19
N SER H 410 -57.95 10.99 -52.44
CA SER H 410 -56.50 10.95 -52.41
C SER H 410 -56.00 10.24 -53.68
N LEU H 411 -54.70 10.39 -53.96
CA LEU H 411 -54.07 9.68 -55.07
C LEU H 411 -54.27 8.17 -54.91
N MET H 412 -54.11 7.67 -53.67
CA MET H 412 -54.21 6.24 -53.42
C MET H 412 -54.92 6.00 -52.09
N ASP H 413 -55.55 4.84 -51.96
CA ASP H 413 -56.06 4.37 -50.68
C ASP H 413 -54.93 4.43 -49.67
N ASN H 414 -55.27 4.69 -48.40
CA ASN H 414 -54.25 4.98 -47.41
C ASN H 414 -54.82 4.81 -46.01
N PHE H 415 -53.95 5.04 -45.02
CA PHE H 415 -54.32 4.94 -43.61
C PHE H 415 -55.26 6.09 -43.24
N GLU H 416 -56.54 5.77 -43.05
CA GLU H 416 -57.59 6.75 -42.79
C GLU H 416 -57.68 7.03 -41.29
N TRP H 417 -56.54 7.46 -40.69
CA TRP H 417 -56.45 7.88 -39.31
C TRP H 417 -57.16 6.89 -38.38
N ALA H 418 -58.21 7.34 -37.66
CA ALA H 418 -58.83 6.48 -36.65
C ALA H 418 -59.53 5.28 -37.27
N PHE H 419 -59.83 5.34 -38.58
CA PHE H 419 -60.51 4.25 -39.27
C PHE H 419 -59.53 3.24 -39.86
N GLY H 420 -58.22 3.52 -39.74
CA GLY H 420 -57.23 2.59 -40.28
C GLY H 420 -57.43 2.38 -41.79
N TYR H 421 -57.21 1.13 -42.23
CA TYR H 421 -57.26 0.82 -43.65
C TYR H 421 -58.67 0.39 -44.05
N THR H 422 -59.65 0.66 -43.19
CA THR H 422 -61.00 0.16 -43.38
CA THR H 422 -61.03 0.21 -43.32
C THR H 422 -61.80 1.09 -44.30
N LYS H 423 -61.25 2.28 -44.60
CA LYS H 423 -61.95 3.22 -45.44
C LYS H 423 -61.04 3.64 -46.58
N ARG H 424 -61.62 3.79 -47.77
CA ARG H 424 -60.85 3.97 -48.98
C ARG H 424 -61.30 5.25 -49.68
N PHE H 425 -60.35 6.17 -49.87
CA PHE H 425 -60.57 7.47 -50.49
C PHE H 425 -59.79 7.60 -51.79
N GLY H 426 -58.98 6.57 -52.13
CA GLY H 426 -58.12 6.68 -53.30
C GLY H 426 -58.86 6.65 -54.64
N ILE H 427 -58.19 7.19 -55.66
CA ILE H 427 -58.54 6.94 -57.05
C ILE H 427 -57.70 5.77 -57.57
N ILE H 428 -56.74 5.32 -56.73
CA ILE H 428 -55.98 4.10 -56.97
C ILE H 428 -56.21 3.16 -55.78
N TYR H 429 -56.61 1.93 -56.08
CA TYR H 429 -56.80 0.92 -55.05
C TYR H 429 -55.43 0.39 -54.63
N VAL H 430 -55.26 0.13 -53.33
CA VAL H 430 -54.02 -0.46 -52.85
C VAL H 430 -54.36 -1.72 -52.07
N ASP H 431 -53.85 -2.87 -52.55
CA ASP H 431 -53.87 -4.09 -51.76
C ASP H 431 -52.70 -4.03 -50.79
N TYR H 432 -52.99 -3.99 -49.49
CA TYR H 432 -51.94 -3.81 -48.49
C TYR H 432 -51.11 -5.08 -48.29
N GLU H 433 -51.66 -6.23 -48.68
CA GLU H 433 -50.94 -7.50 -48.59
C GLU H 433 -49.87 -7.60 -49.67
N THR H 434 -50.14 -7.04 -50.86
CA THR H 434 -49.26 -7.23 -52.00
C THR H 434 -48.58 -5.92 -52.40
N GLN H 435 -49.18 -4.80 -51.95
CA GLN H 435 -48.76 -3.46 -52.31
C GLN H 435 -49.06 -3.15 -53.79
N VAL H 436 -49.86 -4.01 -54.45
CA VAL H 436 -50.23 -3.77 -55.84
C VAL H 436 -51.19 -2.57 -55.88
N ARG H 437 -50.90 -1.64 -56.81
CA ARG H 437 -51.76 -0.50 -57.14
C ARG H 437 -52.66 -0.86 -58.33
N THR H 438 -53.97 -0.64 -58.17
CA THR H 438 -54.92 -0.83 -59.26
C THR H 438 -55.70 0.47 -59.43
N PRO H 439 -55.41 1.28 -60.49
CA PRO H 439 -56.23 2.46 -60.77
C PRO H 439 -57.70 2.11 -60.85
N LYS H 440 -58.55 2.92 -60.20
CA LYS H 440 -59.98 2.69 -60.18
C LYS H 440 -60.61 3.39 -61.39
N ALA H 441 -61.91 3.14 -61.64
CA ALA H 441 -62.63 3.86 -62.67
C ALA H 441 -62.44 5.38 -62.51
N SER H 442 -62.41 5.84 -61.26
CA SER H 442 -62.24 7.26 -60.93
C SER H 442 -60.91 7.80 -61.45
N PHE H 443 -59.86 6.97 -61.44
CA PHE H 443 -58.56 7.37 -61.99
C PHE H 443 -58.70 7.66 -63.49
N HIS H 444 -59.35 6.75 -64.22
CA HIS H 444 -59.51 6.89 -65.66
C HIS H 444 -60.39 8.08 -66.00
N TRP H 445 -61.42 8.32 -65.17
CA TRP H 445 -62.32 9.45 -65.34
C TRP H 445 -61.59 10.77 -65.09
N TYR H 446 -60.83 10.85 -64.00
CA TYR H 446 -60.14 12.08 -63.62
C TYR H 446 -59.05 12.38 -64.65
N ARG H 447 -58.42 11.32 -65.18
CA ARG H 447 -57.43 11.47 -66.24
C ARG H 447 -58.07 12.19 -67.42
N GLN H 448 -59.32 11.84 -67.73
CA GLN H 448 -60.06 12.46 -68.83
C GLN H 448 -60.40 13.90 -68.53
N VAL H 449 -60.85 14.16 -67.29
CA VAL H 449 -61.12 15.51 -66.81
C VAL H 449 -59.89 16.38 -67.07
N ILE H 450 -58.71 15.89 -66.70
CA ILE H 450 -57.47 16.64 -66.84
C ILE H 450 -57.16 16.86 -68.33
N GLU H 451 -57.28 15.81 -69.15
CA GLU H 451 -57.02 15.91 -70.57
C GLU H 451 -57.94 16.94 -71.24
N ASN H 452 -59.20 16.99 -70.81
CA ASN H 452 -60.22 17.86 -71.40
C ASN H 452 -60.23 19.23 -70.72
N ASN H 453 -59.48 19.36 -69.61
CA ASN H 453 -59.45 20.54 -68.75
C ASN H 453 -60.85 20.87 -68.25
N GLY H 454 -61.64 19.85 -67.90
CA GLY H 454 -62.99 20.09 -67.42
C GLY H 454 -63.89 18.88 -67.56
N LEU H 455 -65.17 19.09 -67.25
CA LEU H 455 -66.19 18.05 -67.22
C LEU H 455 -66.83 17.86 -68.60
N THR H 456 -67.10 16.61 -68.93
CA THR H 456 -67.72 16.27 -70.20
C THR H 456 -68.90 15.33 -69.98
N ASP H 457 -69.33 15.22 -68.71
CA ASP H 457 -70.59 14.70 -68.17
C ASP H 457 -70.78 13.20 -68.43
#